data_8FD2
#
_entry.id   8FD2
#
_cell.length_a   1.00
_cell.length_b   1.00
_cell.length_c   1.00
_cell.angle_alpha   90.00
_cell.angle_beta   90.00
_cell.angle_gamma   90.00
#
_symmetry.space_group_name_H-M   'P 1'
#
loop_
_entity.id
_entity.type
_entity.pdbx_description
1 polymer 'A        Type I-B CRISPR-associated protein Cas5'
2 polymer 'Type I-B CRISPR-associated protein Cas6'
3 polymer 'Type I-B CRISPR-associated protein Cas7'
4 polymer 'Type I-B CRISPR-associated protein Cas8'
5 polymer 'Type I-B CRISPR-associated protein Cas11'
6 polymer RNA
#
loop_
_entity_poly.entity_id
_entity_poly.type
_entity_poly.pdbx_seq_one_letter_code
_entity_poly.pdbx_strand_id
1 'polypeptide(L)'
;MIAPLILYLDVPFTTFRESHAREMGKTYPVPPPATVYGMLLSLVGETNVYRHCGVELAIAMLSSPKKSRILRQMRRFKNA
DFSHPENVIPCYQEILSNLKCLIWVRSDEEKIQPSLRERIQLAFDHPELVRRFGCLFLGESDQLIKTIKLAREDYLEGVR
QWAIRDNRGRLTLPYWVDHVGSRNTRFLRYRIEEMDRLSPPDLAWTMVQSPI
;
A
2 'polypeptide(L)'
;MTAILIQSEEYVDLTFKLRGAPIPLDNGYLTYAALSRICPPLHELKSIGIHPIAGIPTRNNLLELTAQSRLKIRIYHQQI
PLIYPYLAGQAFHIGQNFYQLDIPDYKPLISSESVYSRLVIIKGFQDSTNFIEAVQRQMDNLGIQGKIELLTRQDGTPQR
RQLTINKEGKQFKVRGFGVKISELNPEDSLTLQEQGIGGKRKMMCGIFVPATRSKEEEET
;
B
3 'polypeptide(L)'
;MMTQKKNDSNIPNYYLYGTVLTRYGLASLNHDIRRGNKTILQKGYWNNGKIHSFVGSSAIRWALRFYLQKQGYLVNRVWD
EEEHINRLTSEDFDPEKFYDDDIFGFALLESAETEEDTSTTKRKKKQTKTSTPNQRMGALGMNMAVSLTPYDGAVKLGAK
SGREKDSTSLHFTEYHATRYQYYFGIDATHLKDFSRILPMIDGIMNLPKVGGSSNIFNYPFCPDSLVFQWTNHFASYISY
CFEYCDPKSKEAKLSQEFIDEVECGQIDPSKLWIGGTIVKDLQQLDNFESSPLNKAHIYRNRNEMIEALKTVIKRDLGLE
ESK
;
C,D,E,F,G,H
4 'polypeptide(L)'
;MHHHHHHHHIVSTQPKISLSLHAADTTIMHRVGMTGLYMTLKRLEKQYPLSRQRGGHISWFLTADTIELFWEGSDFIALS
WLINESFQLDDTGLIHLVGLDNDRIDLRQKIHIHEGICGVFLRLNKFYQAGEIINTELRFEEKQVEYQYKSLTWYAHQTF
AEKLCEADTQQLRHDYIQITSWLYLGGIVRHARTQNTTKLEEKPEYALALLFVPVVCHYCLLHIPSEDLKERKPHRYLVV
IPEIKDFEDASQRRWRLQQLETKQFHVSSLGEAGLLYYSLDDIQPEVAYYQACQVWLYEKTNKASRQRTLMSIEEIKIDK
NILITYQQVQKYFKTNYQIIKYKQIFIKVNPIRSLIADNLVKGIHWWSNFWEKLVIEDSKEYLFNQLFSNREGFIIMAEN
SEEDKQYLIFIKVFQQAMKGNFAKIYAKTEEGKDPPIKKKVERLRAELNYCYDELSFKEYLSDFLVRGGLNKYFNEHQEE
IALLIKKSPWQEIRIWSLLAIASYKPKDKLTNRDDSSLSNNQKLEEVNDDSEEE
;
I
5 'polypeptide(L)'
;MAENSEEDKQYLIFIKVFQQAMKGNFAKIYAKTEEGKDPPIKKKVERLRAELNYCYDELSFKEYLSDFLVRGGLNKYFNE
HQEEIALLIKKSPWQEIRIWSLLAIASYKPKDKLTNRDDSSLSNNQKLEEVNDDSEEE
;
J,K,L
6 'polyribonucleotide' UUGCUCAAGAGAAGUCAUUUAAUAAGGCCACUGUUAAACGUAGGUGAGUCGUGGCUUUAUGCCGUUAGGCG M
#
# COMPACT_ATOMS: atom_id res chain seq x y z
N MET A 1 59.61 -18.97 -48.34
CA MET A 1 59.09 -17.67 -48.71
C MET A 1 58.56 -17.01 -47.42
N ILE A 2 58.68 -15.69 -47.32
CA ILE A 2 58.22 -14.98 -46.14
C ILE A 2 56.74 -15.21 -45.93
N ALA A 3 56.35 -15.46 -44.68
CA ALA A 3 54.96 -15.72 -44.36
C ALA A 3 54.10 -14.50 -44.69
N PRO A 4 52.91 -14.69 -45.24
CA PRO A 4 52.06 -13.54 -45.58
C PRO A 4 51.65 -12.76 -44.34
N LEU A 5 51.53 -11.46 -44.51
CA LEU A 5 51.10 -10.59 -43.43
C LEU A 5 49.62 -10.84 -43.11
N ILE A 6 49.28 -10.74 -41.84
CA ILE A 6 47.91 -10.93 -41.37
C ILE A 6 47.49 -9.69 -40.61
N LEU A 7 46.34 -9.11 -40.99
CA LEU A 7 45.79 -7.95 -40.32
C LEU A 7 44.41 -8.27 -39.77
N TYR A 8 44.15 -7.89 -38.54
CA TYR A 8 42.85 -8.06 -37.91
C TYR A 8 42.08 -6.75 -38.02
N LEU A 9 40.90 -6.81 -38.62
CA LEU A 9 40.08 -5.63 -38.85
C LEU A 9 38.82 -5.68 -37.99
N ASP A 10 38.41 -4.51 -37.50
CA ASP A 10 37.17 -4.38 -36.75
C ASP A 10 36.62 -3.00 -37.11
N VAL A 11 35.54 -2.97 -37.88
CA VAL A 11 34.91 -1.73 -38.31
C VAL A 11 33.46 -1.75 -37.83
N PRO A 12 33.04 -0.81 -36.98
CA PRO A 12 31.65 -0.83 -36.51
C PRO A 12 30.62 -0.72 -37.62
N PHE A 13 30.90 0.07 -38.66
CA PHE A 13 29.97 0.26 -39.77
C PHE A 13 30.74 0.33 -41.08
N THR A 14 30.19 -0.32 -42.11
CA THR A 14 30.81 -0.36 -43.42
C THR A 14 29.74 -0.23 -44.50
N THR A 15 30.17 0.26 -45.67
CA THR A 15 29.30 0.35 -46.85
C THR A 15 30.15 0.04 -48.07
N PHE A 16 30.05 -1.21 -48.56
CA PHE A 16 30.75 -1.58 -49.79
C PHE A 16 29.74 -1.55 -50.91
N ARG A 17 29.34 -0.36 -51.32
CA ARG A 17 28.33 -0.21 -52.38
C ARG A 17 28.62 -1.09 -53.60
N GLU A 18 27.57 -1.56 -54.26
CA GLU A 18 27.77 -2.36 -55.48
C GLU A 18 28.08 -1.46 -56.65
N SER A 19 28.86 -1.98 -57.59
CA SER A 19 29.26 -1.18 -58.75
C SER A 19 28.06 -0.67 -59.52
N HIS A 20 27.06 -1.53 -59.72
CA HIS A 20 25.87 -1.16 -60.48
C HIS A 20 24.75 -0.62 -59.61
N ALA A 21 24.96 -0.53 -58.30
CA ALA A 21 23.92 -0.04 -57.38
C ALA A 21 24.10 1.47 -57.22
N ARG A 22 23.51 2.22 -58.15
CA ARG A 22 23.57 3.67 -58.12
C ARG A 22 22.25 4.32 -57.71
N GLU A 23 21.11 3.71 -58.03
CA GLU A 23 19.83 4.25 -57.58
C GLU A 23 19.61 3.98 -56.09
N MET A 24 20.11 2.85 -55.58
CA MET A 24 20.00 2.50 -54.18
C MET A 24 21.34 1.99 -53.70
N GLY A 25 21.68 2.32 -52.45
CA GLY A 25 22.97 1.95 -51.91
C GLY A 25 23.07 0.53 -51.40
N LYS A 26 22.99 -0.44 -52.31
CA LYS A 26 23.16 -1.84 -51.93
C LYS A 26 24.63 -2.12 -51.64
N THR A 27 24.87 -2.95 -50.62
CA THR A 27 26.23 -3.21 -50.15
C THR A 27 26.60 -4.67 -50.37
N TYR A 28 27.90 -4.91 -50.56
CA TYR A 28 28.42 -6.26 -50.62
C TYR A 28 28.51 -6.86 -49.22
N PRO A 29 28.25 -8.17 -49.09
CA PRO A 29 28.42 -8.81 -47.78
C PRO A 29 29.84 -8.78 -47.26
N VAL A 30 30.83 -8.81 -48.15
CA VAL A 30 32.24 -8.88 -47.78
C VAL A 30 32.96 -7.73 -48.47
N PRO A 31 33.95 -7.10 -47.83
CA PRO A 31 34.71 -6.04 -48.49
C PRO A 31 35.36 -6.54 -49.76
N PRO A 32 35.19 -5.83 -50.87
CA PRO A 32 35.82 -6.24 -52.13
C PRO A 32 37.32 -6.11 -52.06
N PRO A 33 38.06 -6.86 -52.89
CA PRO A 33 39.51 -6.70 -52.91
C PRO A 33 39.95 -5.29 -53.26
N ALA A 34 39.20 -4.58 -54.11
CA ALA A 34 39.57 -3.20 -54.45
C ALA A 34 39.48 -2.29 -53.25
N THR A 35 38.42 -2.42 -52.44
CA THR A 35 38.27 -1.59 -51.26
C THR A 35 39.39 -1.87 -50.25
N VAL A 36 39.72 -3.14 -50.06
CA VAL A 36 40.81 -3.48 -49.14
C VAL A 36 42.14 -2.95 -49.65
N TYR A 37 42.35 -3.03 -50.97
CA TYR A 37 43.58 -2.50 -51.56
C TYR A 37 43.69 -1.00 -51.36
N GLY A 38 42.58 -0.28 -51.57
CA GLY A 38 42.58 1.15 -51.32
C GLY A 38 42.81 1.49 -49.85
N MET A 39 42.22 0.70 -48.96
CA MET A 39 42.44 0.92 -47.53
C MET A 39 43.91 0.72 -47.17
N LEU A 40 44.53 -0.33 -47.71
CA LEU A 40 45.95 -0.57 -47.44
C LEU A 40 46.82 0.53 -48.01
N LEU A 41 46.50 1.02 -49.21
CA LEU A 41 47.24 2.14 -49.78
C LEU A 41 47.12 3.39 -48.91
N SER A 42 45.92 3.64 -48.39
CA SER A 42 45.75 4.76 -47.46
C SER A 42 46.55 4.53 -46.18
N LEU A 43 46.59 3.27 -45.71
CA LEU A 43 47.33 2.95 -44.49
C LEU A 43 48.82 3.24 -44.66
N VAL A 44 49.39 2.87 -45.81
CA VAL A 44 50.79 3.14 -46.08
C VAL A 44 51.01 4.52 -46.68
N GLY A 45 49.95 5.30 -46.88
CA GLY A 45 50.06 6.63 -47.44
C GLY A 45 50.56 6.67 -48.87
N GLU A 46 50.06 5.78 -49.73
CA GLU A 46 50.45 5.71 -51.12
C GLU A 46 49.30 6.23 -51.97
N THR A 47 49.48 7.41 -52.58
CA THR A 47 48.43 8.00 -53.38
C THR A 47 48.30 7.32 -54.74
N ASN A 48 49.41 6.90 -55.33
CA ASN A 48 49.37 6.24 -56.63
C ASN A 48 48.74 4.86 -56.49
N VAL A 49 47.77 4.56 -57.35
CA VAL A 49 47.06 3.29 -57.27
C VAL A 49 47.77 2.19 -58.06
N TYR A 50 48.55 2.55 -59.07
CA TYR A 50 49.29 1.58 -59.86
C TYR A 50 50.60 1.15 -59.21
N ARG A 51 50.95 1.74 -58.07
CA ARG A 51 52.24 1.47 -57.45
C ARG A 51 52.35 0.03 -56.97
N HIS A 52 51.28 -0.50 -56.38
CA HIS A 52 51.31 -1.82 -55.74
C HIS A 52 50.45 -2.83 -56.47
N CYS A 53 50.43 -2.77 -57.80
CA CYS A 53 49.73 -3.78 -58.58
C CYS A 53 50.45 -5.11 -58.48
N GLY A 54 49.69 -6.18 -58.28
CA GLY A 54 50.25 -7.51 -58.12
C GLY A 54 50.15 -8.08 -56.73
N VAL A 55 49.76 -7.27 -55.73
CA VAL A 55 49.60 -7.78 -54.38
C VAL A 55 48.39 -8.68 -54.32
N GLU A 56 48.51 -9.78 -53.56
CA GLU A 56 47.44 -10.76 -53.41
C GLU A 56 46.84 -10.63 -52.02
N LEU A 57 45.51 -10.59 -51.95
CA LEU A 57 44.79 -10.40 -50.71
C LEU A 57 43.82 -11.55 -50.48
N ALA A 58 43.72 -12.00 -49.24
CA ALA A 58 42.75 -13.01 -48.82
C ALA A 58 41.99 -12.48 -47.61
N ILE A 59 40.66 -12.64 -47.65
CA ILE A 59 39.78 -12.10 -46.62
C ILE A 59 39.06 -13.27 -45.95
N ALA A 60 39.11 -13.31 -44.62
CA ALA A 60 38.42 -14.31 -43.82
C ALA A 60 37.45 -13.60 -42.89
N MET A 61 36.17 -13.92 -43.00
CA MET A 61 35.15 -13.28 -42.19
C MET A 61 35.09 -13.96 -40.83
N LEU A 62 35.36 -13.19 -39.77
CA LEU A 62 35.30 -13.75 -38.42
C LEU A 62 33.85 -13.93 -37.95
N SER A 63 32.92 -13.17 -38.52
CA SER A 63 31.51 -13.31 -38.18
C SER A 63 30.69 -12.74 -39.33
N SER A 64 29.43 -13.15 -39.39
CA SER A 64 28.53 -12.66 -40.43
C SER A 64 27.89 -11.35 -39.99
N PRO A 65 28.21 -10.22 -40.63
CA PRO A 65 27.61 -8.95 -40.23
C PRO A 65 26.14 -8.88 -40.63
N LYS A 66 25.41 -8.03 -39.90
CA LYS A 66 23.99 -7.82 -40.15
C LYS A 66 23.81 -6.62 -41.06
N LYS A 67 22.87 -6.74 -42.00
CA LYS A 67 22.62 -5.71 -42.99
C LYS A 67 21.48 -4.81 -42.52
N SER A 68 21.71 -3.49 -42.56
CA SER A 68 20.70 -2.52 -42.14
C SER A 68 20.64 -1.39 -43.16
N ARG A 69 19.47 -0.79 -43.28
CA ARG A 69 19.24 0.31 -44.21
C ARG A 69 19.05 1.61 -43.43
N ILE A 70 19.70 2.67 -43.90
CA ILE A 70 19.59 4.00 -43.30
C ILE A 70 19.24 5.00 -44.40
N LEU A 71 18.29 5.89 -44.11
CA LEU A 71 17.97 6.97 -45.02
C LEU A 71 19.06 8.03 -44.99
N ARG A 72 19.25 8.70 -46.11
CA ARG A 72 20.31 9.69 -46.24
C ARG A 72 19.92 10.72 -47.30
N GLN A 73 20.13 11.99 -46.98
CA GLN A 73 19.89 13.07 -47.94
C GLN A 73 21.17 13.35 -48.72
N MET A 74 21.54 12.37 -49.54
CA MET A 74 22.77 12.46 -50.31
C MET A 74 22.64 13.52 -51.40
N ARG A 75 23.73 14.24 -51.64
CA ARG A 75 23.76 15.27 -52.66
C ARG A 75 24.26 14.70 -53.99
N ARG A 76 24.02 15.45 -55.06
CA ARG A 76 24.49 15.06 -56.38
C ARG A 76 24.64 16.30 -57.24
N PHE A 77 25.37 16.15 -58.35
CA PHE A 77 25.60 17.24 -59.28
C PHE A 77 24.58 17.14 -60.41
N LYS A 78 23.38 17.64 -60.14
CA LYS A 78 22.30 17.67 -61.11
C LYS A 78 22.05 19.04 -61.71
N ASN A 79 22.11 20.09 -60.89
CA ASN A 79 21.90 21.45 -61.34
C ASN A 79 23.15 22.28 -61.09
N ALA A 80 23.35 23.29 -61.94
CA ALA A 80 24.51 24.17 -61.78
C ALA A 80 24.45 24.92 -60.46
N ASP A 81 23.26 25.38 -60.07
CA ASP A 81 23.11 26.08 -58.80
C ASP A 81 23.26 25.11 -57.64
N PHE A 82 24.11 25.47 -56.68
CA PHE A 82 24.31 24.60 -55.52
C PHE A 82 23.07 24.56 -54.63
N SER A 83 22.35 25.68 -54.53
CA SER A 83 21.19 25.77 -53.65
C SER A 83 19.92 25.24 -54.28
N HIS A 84 19.97 24.77 -55.51
CA HIS A 84 18.77 24.25 -56.16
C HIS A 84 18.29 23.00 -55.41
N PRO A 85 16.98 22.84 -55.20
CA PRO A 85 16.49 21.65 -54.49
C PRO A 85 16.76 20.35 -55.22
N GLU A 86 17.01 20.39 -56.53
CA GLU A 86 17.25 19.17 -57.30
C GLU A 86 18.55 18.48 -56.89
N ASN A 87 19.47 19.20 -56.24
CA ASN A 87 20.76 18.62 -55.89
C ASN A 87 20.70 17.67 -54.69
N VAL A 88 19.59 17.66 -53.96
CA VAL A 88 19.44 16.80 -52.79
C VAL A 88 18.39 15.74 -53.09
N ILE A 89 18.75 14.47 -52.91
CA ILE A 89 17.83 13.36 -53.16
C ILE A 89 17.85 12.43 -51.96
N PRO A 90 16.69 11.99 -51.48
CA PRO A 90 16.68 11.00 -50.39
C PRO A 90 16.77 9.58 -50.92
N CYS A 91 17.74 8.81 -50.44
CA CYS A 91 17.91 7.44 -50.90
C CYS A 91 18.46 6.59 -49.76
N TYR A 92 18.17 5.30 -49.80
CA TYR A 92 18.62 4.37 -48.77
C TYR A 92 20.03 3.90 -49.03
N GLN A 93 20.78 3.70 -47.95
CA GLN A 93 22.13 3.16 -48.01
C GLN A 93 22.22 1.99 -47.05
N GLU A 94 22.66 0.84 -47.55
CA GLU A 94 22.75 -0.37 -46.74
C GLU A 94 24.11 -0.45 -46.07
N ILE A 95 24.10 -0.64 -44.75
CA ILE A 95 25.33 -0.69 -43.96
C ILE A 95 25.46 -2.05 -43.31
N LEU A 96 26.70 -2.41 -42.96
CA LEU A 96 27.01 -3.62 -42.24
C LEU A 96 27.55 -3.25 -40.87
N SER A 97 27.03 -3.90 -39.82
CA SER A 97 27.36 -3.56 -38.45
C SER A 97 28.25 -4.62 -37.83
N ASN A 98 29.27 -4.18 -37.09
CA ASN A 98 30.18 -5.05 -36.35
C ASN A 98 30.88 -6.03 -37.29
N LEU A 99 31.68 -5.48 -38.20
CA LEU A 99 32.44 -6.27 -39.14
C LEU A 99 33.79 -6.61 -38.55
N LYS A 100 34.07 -7.90 -38.40
CA LYS A 100 35.37 -8.38 -37.95
C LYS A 100 35.91 -9.36 -38.99
N CYS A 101 37.15 -9.16 -39.41
CA CYS A 101 37.72 -10.00 -40.44
C CYS A 101 39.23 -9.99 -40.33
N LEU A 102 39.85 -11.01 -40.91
CA LEU A 102 41.30 -11.12 -41.01
C LEU A 102 41.71 -11.01 -42.46
N ILE A 103 42.73 -10.19 -42.73
CA ILE A 103 43.19 -9.94 -44.10
C ILE A 103 44.59 -10.47 -44.25
N TRP A 104 44.79 -11.33 -45.24
CA TRP A 104 46.11 -11.85 -45.57
C TRP A 104 46.69 -11.05 -46.72
N VAL A 105 47.93 -10.58 -46.55
CA VAL A 105 48.61 -9.79 -47.57
C VAL A 105 49.84 -10.57 -48.02
N ARG A 106 49.90 -10.87 -49.31
CA ARG A 106 51.03 -11.56 -49.92
C ARG A 106 51.51 -10.74 -51.10
N SER A 107 52.80 -10.42 -51.12
CA SER A 107 53.37 -9.50 -52.09
C SER A 107 54.49 -10.13 -52.89
N ASP A 108 54.28 -11.36 -53.35
CA ASP A 108 55.30 -12.05 -54.14
C ASP A 108 55.36 -11.55 -55.57
N GLU A 109 54.25 -11.09 -56.12
CA GLU A 109 54.15 -10.76 -57.53
C GLU A 109 54.43 -9.29 -57.83
N GLU A 110 54.83 -8.50 -56.83
CA GLU A 110 55.14 -7.10 -57.07
C GLU A 110 56.51 -6.94 -57.69
N LYS A 111 56.63 -6.00 -58.63
CA LYS A 111 57.89 -5.72 -59.32
C LYS A 111 58.56 -4.46 -58.82
N ILE A 112 57.95 -3.74 -57.88
CA ILE A 112 58.49 -2.48 -57.38
C ILE A 112 58.77 -2.64 -55.90
N GLN A 113 59.99 -2.29 -55.48
CA GLN A 113 60.39 -2.39 -54.09
C GLN A 113 60.42 -1.02 -53.42
N PRO A 114 60.03 -0.93 -52.13
CA PRO A 114 59.57 -2.02 -51.26
C PRO A 114 58.14 -2.43 -51.56
N SER A 115 57.79 -3.68 -51.26
CA SER A 115 56.47 -4.21 -51.55
C SER A 115 55.44 -3.68 -50.54
N LEU A 116 54.17 -3.90 -50.86
CA LEU A 116 53.10 -3.44 -49.98
C LEU A 116 53.17 -4.12 -48.62
N ARG A 117 53.48 -5.42 -48.59
CA ARG A 117 53.60 -6.13 -47.33
C ARG A 117 54.69 -5.52 -46.46
N GLU A 118 55.85 -5.25 -47.06
CA GLU A 118 56.95 -4.63 -46.32
C GLU A 118 56.56 -3.24 -45.82
N ARG A 119 55.85 -2.48 -46.66
CA ARG A 119 55.43 -1.14 -46.25
C ARG A 119 54.47 -1.20 -45.07
N ILE A 120 53.51 -2.13 -45.09
CA ILE A 120 52.58 -2.25 -43.98
C ILE A 120 53.31 -2.69 -42.72
N GLN A 121 54.24 -3.65 -42.85
CA GLN A 121 55.01 -4.10 -41.69
C GLN A 121 55.83 -2.97 -41.09
N LEU A 122 56.45 -2.15 -41.95
CA LEU A 122 57.25 -1.03 -41.46
C LEU A 122 56.37 0.03 -40.82
N ALA A 123 55.19 0.27 -41.39
CA ALA A 123 54.26 1.24 -40.81
C ALA A 123 53.79 0.81 -39.44
N PHE A 124 53.53 -0.48 -39.27
CA PHE A 124 53.13 -0.96 -37.95
C PHE A 124 54.30 -1.02 -36.99
N ASP A 125 55.52 -1.19 -37.50
CA ASP A 125 56.69 -1.24 -36.64
C ASP A 125 57.02 0.13 -36.07
N HIS A 126 57.00 1.16 -36.92
CA HIS A 126 57.30 2.54 -36.52
C HIS A 126 56.17 3.44 -36.99
N PRO A 127 55.08 3.52 -36.23
CA PRO A 127 53.94 4.35 -36.66
C PRO A 127 54.28 5.83 -36.75
N GLU A 128 55.33 6.30 -36.08
CA GLU A 128 55.69 7.71 -36.12
C GLU A 128 56.38 8.09 -37.42
N LEU A 129 56.78 7.13 -38.26
CA LEU A 129 57.44 7.41 -39.52
C LEU A 129 56.51 7.29 -40.72
N VAL A 130 55.21 7.12 -40.48
CA VAL A 130 54.23 6.99 -41.55
C VAL A 130 53.76 8.39 -41.96
N ARG A 131 53.86 8.70 -43.25
CA ARG A 131 53.45 9.99 -43.79
C ARG A 131 52.18 9.78 -44.59
N ARG A 132 51.04 10.10 -43.98
CA ARG A 132 49.74 9.92 -44.61
C ARG A 132 48.83 11.05 -44.17
N PHE A 133 47.65 11.13 -44.79
CA PHE A 133 46.69 12.18 -44.52
C PHE A 133 45.31 11.59 -44.30
N GLY A 134 44.51 12.27 -43.47
CA GLY A 134 43.18 11.81 -43.17
C GLY A 134 43.18 10.67 -42.17
N CYS A 135 41.98 10.19 -41.87
CA CYS A 135 41.76 9.10 -40.93
C CYS A 135 41.49 7.81 -41.68
N LEU A 136 42.03 6.71 -41.18
CA LEU A 136 41.85 5.41 -41.83
C LEU A 136 40.39 4.98 -41.75
N PHE A 137 39.84 4.57 -42.89
CA PHE A 137 38.45 4.14 -42.95
C PHE A 137 38.31 3.01 -43.97
N LEU A 138 37.24 2.25 -43.84
CA LEU A 138 36.90 1.17 -44.76
C LEU A 138 35.51 1.46 -45.32
N GLY A 139 35.45 1.75 -46.61
CA GLY A 139 34.19 2.11 -47.24
C GLY A 139 34.06 3.62 -47.40
N GLU A 140 33.12 4.22 -46.68
CA GLU A 140 32.93 5.66 -46.73
C GLU A 140 33.84 6.36 -45.73
N SER A 141 34.14 7.63 -46.02
CA SER A 141 35.10 8.38 -45.22
C SER A 141 34.66 8.51 -43.77
N ASP A 142 33.35 8.51 -43.52
CA ASP A 142 32.84 8.63 -42.16
C ASP A 142 32.85 7.30 -41.41
N GLN A 143 33.13 6.19 -42.10
CA GLN A 143 33.12 4.87 -41.46
C GLN A 143 34.55 4.51 -41.06
N LEU A 144 34.96 5.07 -39.93
CA LEU A 144 36.32 4.88 -39.44
C LEU A 144 36.55 3.44 -38.98
N ILE A 145 37.80 3.03 -38.99
CA ILE A 145 38.21 1.70 -38.57
C ILE A 145 38.43 1.71 -37.06
N LYS A 146 37.81 0.76 -36.36
CA LYS A 146 37.99 0.68 -34.92
C LYS A 146 39.34 0.06 -34.56
N THR A 147 39.58 -1.17 -35.00
CA THR A 147 40.80 -1.89 -34.66
C THR A 147 41.42 -2.44 -35.91
N ILE A 148 42.65 -2.04 -36.20
CA ILE A 148 43.48 -2.64 -37.22
C ILE A 148 44.85 -2.92 -36.61
N LYS A 149 45.27 -4.19 -36.62
CA LYS A 149 46.47 -4.58 -35.92
C LYS A 149 47.08 -5.80 -36.60
N LEU A 150 48.36 -6.02 -36.33
CA LEU A 150 49.03 -7.24 -36.77
C LEU A 150 48.59 -8.40 -35.89
N ALA A 151 48.14 -9.49 -36.51
CA ALA A 151 47.64 -10.65 -35.78
C ALA A 151 48.25 -11.92 -36.36
N ARG A 152 47.99 -13.03 -35.68
CA ARG A 152 48.48 -14.32 -36.10
C ARG A 152 47.35 -15.12 -36.75
N GLU A 153 47.66 -16.36 -37.15
CA GLU A 153 46.68 -17.20 -37.82
C GLU A 153 45.52 -17.61 -36.91
N ASP A 154 45.67 -17.47 -35.59
CA ASP A 154 44.66 -17.92 -34.63
C ASP A 154 44.32 -16.82 -33.64
N TYR A 155 44.03 -15.62 -34.14
CA TYR A 155 43.74 -14.50 -33.25
C TYR A 155 42.47 -14.77 -32.43
N LEU A 156 41.42 -15.27 -33.07
CA LEU A 156 40.25 -15.77 -32.36
C LEU A 156 40.23 -17.29 -32.30
N GLU A 157 41.17 -17.97 -32.96
CA GLU A 157 41.30 -19.42 -33.02
C GLU A 157 39.94 -20.11 -33.14
N GLY A 158 39.05 -19.53 -33.94
CA GLY A 158 37.71 -20.06 -34.09
C GLY A 158 37.48 -20.69 -35.45
N VAL A 159 36.33 -20.40 -36.06
CA VAL A 159 35.99 -20.91 -37.39
C VAL A 159 35.85 -19.71 -38.32
N ARG A 160 36.36 -19.85 -39.54
CA ARG A 160 36.53 -18.72 -40.46
C ARG A 160 35.63 -18.89 -41.67
N GLN A 161 35.00 -17.79 -42.10
CA GLN A 161 34.21 -17.76 -43.33
C GLN A 161 35.08 -17.15 -44.42
N TRP A 162 35.68 -18.02 -45.24
CA TRP A 162 36.58 -17.56 -46.30
C TRP A 162 35.80 -17.11 -47.52
N ALA A 163 36.43 -16.26 -48.32
CA ALA A 163 35.91 -15.84 -49.61
C ALA A 163 36.67 -16.58 -50.70
N ILE A 164 36.01 -17.55 -51.32
CA ILE A 164 36.64 -18.45 -52.28
C ILE A 164 36.25 -18.01 -53.69
N ARG A 165 37.23 -17.93 -54.58
CA ARG A 165 36.97 -17.59 -55.97
C ARG A 165 36.30 -18.77 -56.65
N ASP A 166 34.97 -18.72 -56.76
CA ASP A 166 34.19 -19.78 -57.38
C ASP A 166 33.44 -19.16 -58.56
N ASN A 167 33.58 -19.78 -59.73
CA ASN A 167 32.90 -19.28 -60.92
C ASN A 167 31.39 -19.42 -60.85
N ARG A 168 30.87 -20.24 -59.93
CA ARG A 168 29.44 -20.35 -59.71
C ARG A 168 28.99 -19.60 -58.46
N GLY A 169 29.86 -18.74 -57.92
CA GLY A 169 29.54 -18.05 -56.69
C GLY A 169 28.49 -16.97 -56.88
N ARG A 170 27.95 -16.53 -55.74
CA ARG A 170 26.91 -15.49 -55.76
C ARG A 170 27.51 -14.11 -55.91
N LEU A 171 28.45 -13.75 -55.05
CA LEU A 171 29.00 -12.41 -55.02
C LEU A 171 29.88 -12.14 -56.23
N THR A 172 29.82 -10.92 -56.73
CA THR A 172 30.66 -10.44 -57.82
C THR A 172 31.44 -9.24 -57.29
N LEU A 173 32.57 -9.51 -56.65
CA LEU A 173 33.34 -8.43 -56.05
C LEU A 173 34.40 -7.94 -57.03
N PRO A 174 34.62 -6.63 -57.12
CA PRO A 174 35.65 -6.10 -58.01
C PRO A 174 36.99 -5.95 -57.33
N TYR A 175 38.05 -6.35 -58.03
CA TYR A 175 39.41 -6.12 -57.57
C TYR A 175 40.03 -4.86 -58.17
N TRP A 176 39.36 -4.25 -59.14
CA TRP A 176 39.76 -2.95 -59.67
C TRP A 176 38.48 -2.17 -59.97
N VAL A 177 38.46 -0.90 -59.57
CA VAL A 177 37.25 -0.08 -59.63
C VAL A 177 37.53 1.13 -60.51
N ASP A 178 36.64 1.38 -61.46
CA ASP A 178 36.65 2.60 -62.26
C ASP A 178 35.60 3.52 -61.65
N HIS A 179 36.05 4.61 -61.04
CA HIS A 179 35.15 5.50 -60.32
C HIS A 179 34.38 6.44 -61.23
N VAL A 180 34.77 6.57 -62.50
CA VAL A 180 34.03 7.44 -63.42
C VAL A 180 32.81 6.71 -63.97
N GLY A 181 33.03 5.60 -64.66
CA GLY A 181 31.96 4.79 -65.17
C GLY A 181 32.08 3.35 -64.73
N SER A 182 32.12 2.43 -65.70
CA SER A 182 32.33 1.02 -65.39
C SER A 182 33.22 0.33 -66.42
N ARG A 183 33.88 1.08 -67.30
CA ARG A 183 34.68 0.48 -68.35
C ARG A 183 35.89 -0.26 -67.78
N ASN A 184 36.60 0.35 -66.85
CA ASN A 184 37.83 -0.22 -66.31
C ASN A 184 37.61 -1.06 -65.07
N THR A 185 36.38 -1.20 -64.60
CA THR A 185 36.11 -2.05 -63.45
C THR A 185 36.24 -3.51 -63.84
N ARG A 186 36.97 -4.28 -63.03
CA ARG A 186 37.20 -5.69 -63.27
C ARG A 186 36.61 -6.49 -62.13
N PHE A 187 35.90 -7.57 -62.46
CA PHE A 187 35.13 -8.32 -61.49
C PHE A 187 35.66 -9.75 -61.35
N LEU A 188 35.32 -10.37 -60.22
CA LEU A 188 35.57 -11.78 -59.98
C LEU A 188 34.45 -12.31 -59.10
N ARG A 189 34.07 -13.56 -59.31
CA ARG A 189 32.97 -14.18 -58.60
C ARG A 189 33.49 -14.94 -57.40
N TYR A 190 32.88 -14.72 -56.24
CA TYR A 190 33.31 -15.32 -54.99
C TYR A 190 32.16 -16.07 -54.34
N ARG A 191 32.51 -16.89 -53.35
CA ARG A 191 31.54 -17.54 -52.48
C ARG A 191 32.08 -17.53 -51.07
N ILE A 192 31.18 -17.63 -50.10
CA ILE A 192 31.54 -17.63 -48.70
C ILE A 192 31.39 -19.06 -48.20
N GLU A 193 32.51 -19.76 -48.05
CA GLU A 193 32.51 -21.13 -47.58
C GLU A 193 32.95 -21.14 -46.12
N GLU A 194 32.18 -21.80 -45.27
CA GLU A 194 32.51 -21.81 -43.84
C GLU A 194 33.63 -22.80 -43.59
N MET A 195 34.78 -22.32 -43.16
CA MET A 195 35.92 -23.20 -42.95
C MET A 195 36.99 -22.54 -42.08
N ASP A 196 37.13 -23.00 -40.84
CA ASP A 196 38.16 -22.47 -39.97
C ASP A 196 39.47 -22.39 -40.70
N ARG A 197 39.97 -23.54 -41.19
CA ARG A 197 41.26 -23.60 -41.89
C ARG A 197 42.03 -22.30 -41.79
N LEU A 198 42.68 -22.08 -40.65
CA LEU A 198 43.40 -20.83 -40.41
C LEU A 198 44.07 -20.21 -41.63
N SER A 199 44.72 -21.00 -42.48
CA SER A 199 45.45 -20.36 -43.56
C SER A 199 44.58 -20.35 -44.81
N PRO A 200 44.69 -19.31 -45.64
CA PRO A 200 43.82 -19.20 -46.81
C PRO A 200 44.08 -20.32 -47.80
N PRO A 201 43.04 -20.89 -48.38
CA PRO A 201 43.24 -21.84 -49.49
C PRO A 201 43.75 -21.13 -50.73
N ASP A 202 44.15 -21.93 -51.71
CA ASP A 202 44.73 -21.38 -52.92
C ASP A 202 43.76 -20.48 -53.67
N LEU A 203 42.48 -20.87 -53.71
CA LEU A 203 41.48 -20.09 -54.42
C LEU A 203 41.01 -18.87 -53.65
N ALA A 204 41.43 -18.69 -52.40
CA ALA A 204 41.04 -17.54 -51.62
C ALA A 204 41.89 -16.31 -51.89
N TRP A 205 42.95 -16.44 -52.67
CA TRP A 205 43.85 -15.33 -52.96
C TRP A 205 43.40 -14.61 -54.23
N THR A 206 43.31 -13.28 -54.14
CA THR A 206 42.96 -12.44 -55.27
C THR A 206 44.10 -11.45 -55.53
N MET A 207 44.58 -11.41 -56.76
CA MET A 207 45.66 -10.52 -57.14
C MET A 207 45.07 -9.24 -57.73
N VAL A 208 45.50 -8.09 -57.22
CA VAL A 208 45.03 -6.80 -57.71
C VAL A 208 45.89 -6.39 -58.89
N GLN A 209 45.29 -6.34 -60.08
CA GLN A 209 46.00 -5.98 -61.30
C GLN A 209 45.25 -4.86 -62.01
N SER A 210 45.97 -4.16 -62.86
CA SER A 210 45.36 -3.12 -63.68
C SER A 210 44.42 -3.74 -64.70
N PRO A 211 43.39 -3.00 -65.12
CA PRO A 211 42.46 -3.56 -66.11
C PRO A 211 43.10 -3.86 -67.46
N ILE A 212 44.25 -3.26 -67.75
CA ILE A 212 44.94 -3.50 -69.01
C ILE A 212 45.43 -4.95 -69.10
N LEU B 5 23.45 -4.32 66.19
CA LEU B 5 23.11 -5.75 66.20
C LEU B 5 22.05 -6.05 67.24
N ILE B 6 21.66 -5.03 67.99
CA ILE B 6 20.65 -5.15 69.03
C ILE B 6 19.38 -4.46 68.53
N GLN B 7 18.28 -5.19 68.47
CA GLN B 7 17.00 -4.62 68.08
C GLN B 7 16.34 -3.97 69.28
N SER B 8 16.07 -2.67 69.19
CA SER B 8 15.50 -1.94 70.32
C SER B 8 14.07 -2.39 70.56
N GLU B 9 13.73 -2.56 71.82
CA GLU B 9 12.36 -2.84 72.22
C GLU B 9 11.65 -1.54 72.61
N GLU B 10 10.32 -1.63 72.69
CA GLU B 10 9.45 -0.52 73.12
C GLU B 10 9.38 0.59 72.08
N TYR B 11 10.17 0.48 71.00
CA TYR B 11 10.16 1.48 69.94
C TYR B 11 10.17 0.77 68.60
N VAL B 12 9.27 1.18 67.71
CA VAL B 12 9.12 0.59 66.39
C VAL B 12 9.05 1.72 65.37
N ASP B 13 9.02 1.34 64.09
CA ASP B 13 8.90 2.28 62.99
C ASP B 13 7.67 1.89 62.18
N LEU B 14 6.58 2.64 62.36
CA LEU B 14 5.35 2.41 61.62
C LEU B 14 5.48 3.02 60.24
N THR B 15 5.53 2.18 59.21
CA THR B 15 5.78 2.61 57.84
C THR B 15 4.52 2.45 57.02
N PHE B 16 4.04 3.56 56.45
CA PHE B 16 2.90 3.57 55.55
C PHE B 16 3.39 3.86 54.13
N LYS B 17 3.01 3.00 53.18
CA LYS B 17 3.32 3.28 51.79
C LYS B 17 2.63 4.56 51.37
N LEU B 18 3.38 5.46 50.75
CA LEU B 18 2.91 6.80 50.41
C LEU B 18 2.85 6.96 48.89
N ARG B 19 1.73 7.48 48.41
CA ARG B 19 1.54 7.76 46.99
C ARG B 19 0.77 9.06 46.84
N GLY B 20 1.05 9.78 45.75
CA GLY B 20 0.35 11.02 45.49
C GLY B 20 1.17 11.91 44.58
N ALA B 21 0.72 13.17 44.52
CA ALA B 21 1.39 14.17 43.71
C ALA B 21 2.76 14.51 44.30
N PRO B 22 3.67 15.06 43.49
CA PRO B 22 4.96 15.49 44.03
C PRO B 22 4.78 16.53 45.13
N ILE B 23 5.65 16.47 46.12
CA ILE B 23 5.53 17.28 47.33
C ILE B 23 6.79 18.13 47.51
N PRO B 24 6.70 19.28 48.17
CA PRO B 24 7.91 20.06 48.44
C PRO B 24 8.92 19.27 49.24
N LEU B 25 10.20 19.51 48.94
CA LEU B 25 11.28 18.81 49.62
C LEU B 25 11.34 19.14 51.11
N ASP B 26 10.67 20.20 51.54
CA ASP B 26 10.70 20.64 52.93
C ASP B 26 9.32 20.54 53.53
N ASN B 27 8.68 19.37 53.37
CA ASN B 27 7.30 19.17 53.80
C ASN B 27 7.06 19.70 55.20
N GLY B 28 7.71 19.12 56.19
CA GLY B 28 7.68 19.63 57.55
C GLY B 28 6.30 19.94 58.07
N TYR B 29 6.02 21.25 58.21
CA TYR B 29 4.73 21.68 58.70
C TYR B 29 3.58 21.21 57.81
N LEU B 30 3.81 21.08 56.50
CA LEU B 30 2.76 20.59 55.62
C LEU B 30 2.28 19.21 56.05
N THR B 31 3.20 18.23 56.07
CA THR B 31 2.84 16.87 56.43
C THR B 31 2.35 16.80 57.88
N TYR B 32 3.00 17.54 58.78
CA TYR B 32 2.57 17.50 60.18
C TYR B 32 1.16 18.01 60.35
N ALA B 33 0.81 19.12 59.70
CA ALA B 33 -0.53 19.67 59.80
C ALA B 33 -1.55 18.75 59.14
N ALA B 34 -1.20 18.13 58.01
CA ALA B 34 -2.12 17.20 57.37
C ALA B 34 -2.42 16.02 58.29
N LEU B 35 -1.38 15.45 58.89
CA LEU B 35 -1.59 14.32 59.80
C LEU B 35 -2.36 14.74 61.05
N SER B 36 -2.07 15.93 61.57
CA SER B 36 -2.81 16.41 62.74
C SER B 36 -4.28 16.61 62.42
N ARG B 37 -4.59 17.15 61.24
CA ARG B 37 -5.97 17.26 60.82
C ARG B 37 -6.63 15.89 60.70
N ILE B 38 -5.91 14.92 60.14
CA ILE B 38 -6.44 13.57 60.08
C ILE B 38 -6.46 12.92 61.46
N CYS B 39 -5.40 13.08 62.23
CA CYS B 39 -5.27 12.46 63.55
C CYS B 39 -5.13 13.52 64.63
N PRO B 40 -6.23 13.90 65.29
CA PRO B 40 -6.13 14.88 66.39
C PRO B 40 -5.21 14.41 67.51
N PRO B 41 -5.20 13.11 67.88
CA PRO B 41 -4.29 12.70 68.96
C PRO B 41 -2.81 12.89 68.65
N LEU B 42 -2.44 13.03 67.38
CA LEU B 42 -1.03 13.19 67.04
C LEU B 42 -0.46 14.49 67.59
N HIS B 43 -1.31 15.51 67.77
CA HIS B 43 -0.84 16.80 68.24
C HIS B 43 -0.32 16.71 69.67
N GLU B 44 -0.98 15.93 70.52
CA GLU B 44 -0.66 15.89 71.94
C GLU B 44 0.36 14.82 72.31
N LEU B 45 0.83 14.04 71.35
CA LEU B 45 1.87 13.06 71.65
C LEU B 45 3.20 13.77 71.93
N LYS B 46 4.09 13.07 72.63
CA LYS B 46 5.37 13.65 73.02
C LYS B 46 6.55 12.95 72.36
N SER B 47 6.72 11.64 72.57
CA SER B 47 7.89 10.92 72.10
C SER B 47 7.58 10.21 70.78
N ILE B 48 7.33 11.02 69.75
CA ILE B 48 7.01 10.50 68.43
C ILE B 48 7.76 11.34 67.39
N GLY B 49 8.26 10.68 66.35
CA GLY B 49 8.96 11.37 65.27
C GLY B 49 8.53 10.87 63.91
N ILE B 50 8.53 11.76 62.92
CA ILE B 50 8.14 11.44 61.55
C ILE B 50 9.39 11.41 60.70
N HIS B 51 9.61 10.31 59.99
CA HIS B 51 10.81 10.16 59.18
C HIS B 51 10.77 11.07 57.96
N PRO B 52 11.93 11.53 57.49
CA PRO B 52 11.99 12.26 56.22
C PRO B 52 11.60 11.33 55.08
N ILE B 53 10.69 11.80 54.21
CA ILE B 53 10.20 10.96 53.13
C ILE B 53 11.33 10.64 52.16
N ALA B 54 11.38 9.39 51.73
CA ALA B 54 12.46 8.89 50.88
C ALA B 54 11.98 8.82 49.44
N GLY B 55 12.48 9.72 48.60
CA GLY B 55 12.16 9.73 47.19
C GLY B 55 13.22 10.52 46.45
N ILE B 56 13.29 10.29 45.14
CA ILE B 56 14.30 10.98 44.34
C ILE B 56 13.97 12.46 44.23
N PRO B 57 14.96 13.34 44.06
CA PRO B 57 14.66 14.76 43.91
C PRO B 57 14.22 15.10 42.50
N THR B 58 13.21 15.96 42.40
CA THR B 58 12.71 16.46 41.12
C THR B 58 13.00 17.96 41.03
N ARG B 59 12.50 18.59 39.97
CA ARG B 59 12.79 19.98 39.70
C ARG B 59 12.23 20.88 40.80
N ASN B 60 12.70 22.12 40.81
CA ASN B 60 12.40 23.11 41.85
C ASN B 60 12.85 22.51 43.19
N ASN B 61 12.14 22.84 44.27
CA ASN B 61 12.39 22.25 45.59
C ASN B 61 11.33 21.22 45.93
N LEU B 62 10.88 20.47 44.94
CA LEU B 62 9.86 19.45 45.12
C LEU B 62 10.49 18.07 45.27
N LEU B 63 9.67 17.12 45.72
CA LEU B 63 10.10 15.74 45.94
C LEU B 63 9.03 14.83 45.32
N GLU B 64 9.46 13.93 44.46
CA GLU B 64 8.55 13.01 43.78
C GLU B 64 8.45 11.70 44.55
N LEU B 65 7.24 11.21 44.71
CA LEU B 65 6.98 9.98 45.46
C LEU B 65 7.10 8.77 44.55
N THR B 66 7.93 7.81 44.96
CA THR B 66 8.12 6.57 44.23
C THR B 66 7.37 5.43 44.93
N ALA B 67 7.43 4.24 44.33
CA ALA B 67 6.84 3.08 44.98
C ALA B 67 7.54 2.72 46.28
N GLN B 68 8.80 3.10 46.42
CA GLN B 68 9.54 2.89 47.66
C GLN B 68 9.39 4.04 48.64
N SER B 69 8.75 5.14 48.23
CA SER B 69 8.50 6.25 49.13
C SER B 69 7.41 5.85 50.13
N ARG B 70 7.69 6.06 51.42
CA ARG B 70 6.77 5.65 52.46
C ARG B 70 6.84 6.60 53.64
N LEU B 71 5.68 6.86 54.25
CA LEU B 71 5.63 7.65 55.47
C LEU B 71 5.97 6.74 56.65
N LYS B 72 7.05 7.08 57.37
CA LYS B 72 7.55 6.27 58.46
C LYS B 72 7.46 7.05 59.75
N ILE B 73 6.93 6.43 60.80
CA ILE B 73 6.70 7.07 62.08
C ILE B 73 7.38 6.25 63.18
N ARG B 74 8.20 6.92 63.99
CA ARG B 74 8.85 6.30 65.13
C ARG B 74 8.02 6.62 66.37
N ILE B 75 7.53 5.58 67.05
CA ILE B 75 6.57 5.75 68.13
C ILE B 75 6.75 4.62 69.14
N TYR B 76 6.47 4.92 70.40
CA TYR B 76 6.38 3.90 71.43
C TYR B 76 5.37 2.85 71.01
N HIS B 77 5.78 1.57 71.09
CA HIS B 77 4.96 0.50 70.54
C HIS B 77 3.66 0.30 71.30
N GLN B 78 3.56 0.82 72.53
CA GLN B 78 2.30 0.79 73.26
C GLN B 78 1.38 1.96 72.92
N GLN B 79 1.89 2.98 72.23
CA GLN B 79 1.09 4.13 71.83
C GLN B 79 0.58 4.02 70.41
N ILE B 80 0.84 2.91 69.72
CA ILE B 80 0.29 2.72 68.38
C ILE B 80 -1.24 2.74 68.38
N PRO B 81 -1.94 2.06 69.29
CA PRO B 81 -3.42 2.11 69.26
C PRO B 81 -4.01 3.49 69.42
N LEU B 82 -3.21 4.53 69.63
CA LEU B 82 -3.71 5.90 69.70
C LEU B 82 -3.75 6.59 68.35
N ILE B 83 -2.95 6.15 67.39
CA ILE B 83 -2.92 6.77 66.06
C ILE B 83 -3.16 5.78 64.93
N TYR B 84 -3.12 4.47 65.17
CA TYR B 84 -3.34 3.51 64.10
C TYR B 84 -4.72 3.62 63.46
N PRO B 85 -5.83 3.66 64.20
CA PRO B 85 -7.14 3.73 63.53
C PRO B 85 -7.34 5.00 62.72
N TYR B 86 -6.60 6.07 63.02
CA TYR B 86 -6.76 7.33 62.30
C TYR B 86 -5.94 7.38 61.02
N LEU B 87 -4.86 6.61 60.93
CA LEU B 87 -3.95 6.64 59.80
C LEU B 87 -4.04 5.43 58.89
N ALA B 88 -4.21 4.24 59.44
CA ALA B 88 -4.20 3.01 58.65
C ALA B 88 -5.44 2.97 57.76
N GLY B 89 -5.22 3.07 56.45
CA GLY B 89 -6.30 3.02 55.48
C GLY B 89 -6.97 4.34 55.18
N GLN B 90 -6.60 5.42 55.87
CA GLN B 90 -7.20 6.71 55.64
C GLN B 90 -6.37 7.51 54.65
N ALA B 91 -6.84 8.72 54.34
CA ALA B 91 -6.19 9.59 53.36
C ALA B 91 -6.04 10.99 53.92
N PHE B 92 -4.93 11.64 53.58
CA PHE B 92 -4.65 13.01 53.96
C PHE B 92 -4.33 13.84 52.73
N HIS B 93 -4.57 15.15 52.83
CA HIS B 93 -4.37 16.05 51.70
C HIS B 93 -3.26 17.04 52.01
N ILE B 94 -2.29 17.14 51.11
CA ILE B 94 -1.26 18.16 51.16
C ILE B 94 -1.58 19.17 50.07
N GLY B 95 -1.87 20.41 50.47
CA GLY B 95 -2.32 21.39 49.51
C GLY B 95 -3.69 21.06 48.95
N GLN B 96 -3.73 20.63 47.69
CA GLN B 96 -4.99 20.27 47.03
C GLN B 96 -4.99 18.83 46.51
N ASN B 97 -3.94 18.07 46.76
CA ASN B 97 -3.84 16.70 46.29
C ASN B 97 -4.18 15.72 47.42
N PHE B 98 -4.76 14.58 47.05
CA PHE B 98 -5.14 13.55 48.00
C PHE B 98 -4.08 12.46 48.02
N TYR B 99 -3.61 12.09 49.20
CA TYR B 99 -2.62 11.04 49.39
C TYR B 99 -3.20 9.93 50.25
N GLN B 100 -2.95 8.69 49.86
CA GLN B 100 -3.55 7.52 50.47
C GLN B 100 -2.51 6.71 51.23
N LEU B 101 -2.89 6.26 52.42
CA LEU B 101 -2.06 5.37 53.24
C LEU B 101 -2.74 4.01 53.36
N ASP B 102 -1.95 2.95 53.24
CA ASP B 102 -2.45 1.59 53.38
C ASP B 102 -2.11 1.05 54.77
N ILE B 103 -2.34 -0.25 54.96
CA ILE B 103 -2.04 -0.91 56.22
C ILE B 103 -0.54 -0.83 56.48
N PRO B 104 -0.11 -0.26 57.60
CA PRO B 104 1.32 -0.07 57.83
C PRO B 104 2.02 -1.36 58.20
N ASP B 105 3.34 -1.34 58.07
CA ASP B 105 4.20 -2.44 58.49
C ASP B 105 5.14 -1.96 59.59
N TYR B 106 5.50 -2.87 60.48
CA TYR B 106 6.35 -2.56 61.61
C TYR B 106 7.80 -2.90 61.29
N LYS B 107 8.70 -1.97 61.61
CA LYS B 107 10.13 -2.18 61.40
C LYS B 107 10.84 -2.00 62.72
N PRO B 108 11.65 -2.96 63.16
CA PRO B 108 12.35 -2.82 64.43
C PRO B 108 13.46 -1.78 64.34
N LEU B 109 13.83 -1.25 65.50
CA LEU B 109 14.86 -0.23 65.60
C LEU B 109 16.21 -0.92 65.79
N ILE B 110 17.03 -0.92 64.75
CA ILE B 110 18.30 -1.64 64.74
C ILE B 110 19.39 -0.72 65.26
N SER B 111 20.36 -1.31 65.97
CA SER B 111 21.51 -0.55 66.45
C SER B 111 22.59 -0.46 65.38
N SER B 112 23.33 0.64 65.39
CA SER B 112 24.41 0.85 64.43
C SER B 112 25.48 1.71 65.09
N GLU B 113 26.74 1.39 64.77
CA GLU B 113 27.86 2.15 65.34
C GLU B 113 27.82 3.60 64.90
N SER B 114 27.51 3.85 63.63
CA SER B 114 27.43 5.20 63.08
C SER B 114 25.99 5.49 62.69
N VAL B 115 25.44 6.58 63.24
CA VAL B 115 24.06 6.98 63.00
C VAL B 115 24.06 8.36 62.37
N TYR B 116 22.98 8.68 61.65
CA TYR B 116 22.88 9.91 60.90
C TYR B 116 21.58 10.64 61.18
N SER B 117 21.63 11.97 61.14
CA SER B 117 20.43 12.80 61.22
C SER B 117 20.50 13.80 60.07
N ARG B 118 19.51 13.77 59.18
CA ARG B 118 19.50 14.66 58.03
C ARG B 118 19.30 16.11 58.44
N LEU B 119 18.77 16.37 59.63
CA LEU B 119 18.54 17.74 60.07
C LEU B 119 18.41 17.74 61.59
N VAL B 120 19.15 18.63 62.25
CA VAL B 120 19.06 18.83 63.69
C VAL B 120 18.87 20.31 63.96
N ILE B 121 17.86 20.64 64.75
CA ILE B 121 17.51 22.03 65.04
C ILE B 121 17.61 22.27 66.53
N ILE B 122 18.39 23.28 66.91
CA ILE B 122 18.49 23.73 68.29
C ILE B 122 18.22 25.23 68.32
N LYS B 123 17.35 25.65 69.23
CA LYS B 123 16.92 27.05 69.30
C LYS B 123 18.05 27.95 69.78
N GLY B 124 18.34 28.99 69.02
CA GLY B 124 19.31 30.00 69.41
C GLY B 124 20.74 29.70 69.06
N PHE B 125 21.03 28.57 68.42
CA PHE B 125 22.40 28.21 68.04
C PHE B 125 22.44 28.10 66.52
N GLN B 126 23.11 29.07 65.88
CA GLN B 126 23.21 29.11 64.43
C GLN B 126 24.60 28.85 63.90
N ASP B 127 25.65 29.20 64.66
CA ASP B 127 27.01 28.95 64.21
C ASP B 127 27.40 27.51 64.50
N SER B 128 28.47 27.07 63.83
CA SER B 128 28.88 25.66 63.91
C SER B 128 29.36 25.30 65.31
N THR B 129 30.18 26.14 65.92
CA THR B 129 30.79 25.79 67.21
C THR B 129 29.76 25.75 68.33
N ASN B 130 28.89 26.76 68.40
CA ASN B 130 27.83 26.76 69.40
C ASN B 130 26.89 25.58 69.20
N PHE B 131 26.57 25.27 67.94
CA PHE B 131 25.73 24.11 67.66
C PHE B 131 26.41 22.82 68.14
N ILE B 132 27.71 22.67 67.90
CA ILE B 132 28.41 21.46 68.28
C ILE B 132 28.44 21.31 69.80
N GLU B 133 28.73 22.41 70.51
CA GLU B 133 28.73 22.30 71.97
C GLU B 133 27.32 22.08 72.51
N ALA B 134 26.30 22.58 71.82
CA ALA B 134 24.92 22.31 72.23
C ALA B 134 24.57 20.84 72.07
N VAL B 135 24.98 20.23 70.95
CA VAL B 135 24.71 18.80 70.79
C VAL B 135 25.53 17.98 71.79
N GLN B 136 26.73 18.43 72.14
CA GLN B 136 27.49 17.75 73.19
C GLN B 136 26.76 17.83 74.53
N ARG B 137 26.22 19.00 74.86
CA ARG B 137 25.44 19.15 76.08
C ARG B 137 24.21 18.23 76.06
N GLN B 138 23.52 18.17 74.92
CA GLN B 138 22.34 17.32 74.81
C GLN B 138 22.71 15.86 74.98
N MET B 139 23.86 15.44 74.44
CA MET B 139 24.39 14.11 74.73
C MET B 139 24.59 13.93 76.23
N ASP B 140 25.13 14.96 76.90
CA ASP B 140 25.38 14.87 78.33
C ASP B 140 24.08 14.68 79.11
N ASN B 141 23.00 15.34 78.69
CA ASN B 141 21.73 15.15 79.39
C ASN B 141 21.24 13.71 79.30
N LEU B 142 21.36 13.10 78.12
CA LEU B 142 20.92 11.72 77.94
C LEU B 142 21.99 10.70 78.29
N GLY B 143 23.18 11.13 78.70
CA GLY B 143 24.23 10.21 79.04
C GLY B 143 24.73 9.37 77.88
N ILE B 144 24.96 9.99 76.74
CA ILE B 144 25.42 9.31 75.54
C ILE B 144 26.80 9.86 75.16
N GLN B 145 27.72 8.97 74.83
CA GLN B 145 29.08 9.33 74.48
C GLN B 145 29.34 9.00 73.02
N GLY B 146 29.90 9.95 72.29
CA GLY B 146 30.21 9.74 70.89
C GLY B 146 30.86 10.97 70.31
N LYS B 147 31.39 10.81 69.10
CA LYS B 147 32.05 11.88 68.38
C LYS B 147 31.08 12.50 67.37
N ILE B 148 31.01 13.82 67.37
CA ILE B 148 30.06 14.57 66.55
C ILE B 148 30.74 15.01 65.27
N GLU B 149 30.12 14.71 64.14
CA GLU B 149 30.61 15.14 62.83
C GLU B 149 29.45 15.78 62.07
N LEU B 150 29.77 16.81 61.29
CA LEU B 150 28.75 17.56 60.55
C LEU B 150 28.81 17.19 59.08
N LEU B 151 27.65 16.92 58.49
CA LEU B 151 27.58 16.59 57.07
C LEU B 151 27.99 17.81 56.24
N THR B 152 28.73 17.55 55.16
CA THR B 152 29.27 18.60 54.32
C THR B 152 28.81 18.42 52.89
N ARG B 153 28.72 19.54 52.17
CA ARG B 153 28.39 19.53 50.76
C ARG B 153 29.64 19.17 49.95
N GLN B 154 29.58 19.38 48.63
CA GLN B 154 30.73 19.13 47.79
C GLN B 154 31.90 20.07 48.11
N ASP B 155 31.62 21.22 48.71
CA ASP B 155 32.66 22.19 49.04
C ASP B 155 33.27 22.00 50.42
N GLY B 156 32.73 21.09 51.23
CA GLY B 156 33.25 20.83 52.56
C GLY B 156 32.64 21.68 53.67
N THR B 157 31.83 22.67 53.33
CA THR B 157 31.18 23.49 54.34
C THR B 157 30.16 22.63 55.10
N PRO B 158 30.01 22.84 56.41
CA PRO B 158 28.92 22.17 57.13
C PRO B 158 27.57 22.53 56.53
N GLN B 159 26.69 21.55 56.44
CA GLN B 159 25.43 21.68 55.73
C GLN B 159 24.36 22.27 56.66
N ARG B 160 23.63 23.26 56.15
CA ARG B 160 22.50 23.85 56.85
C ARG B 160 21.22 23.59 56.07
N ARG B 161 20.12 23.46 56.81
CA ARG B 161 18.79 23.30 56.24
C ARG B 161 17.83 24.24 56.94
N GLN B 162 16.68 24.49 56.31
CA GLN B 162 15.70 25.44 56.80
C GLN B 162 14.33 24.77 56.89
N LEU B 163 13.62 25.05 57.98
CA LEU B 163 12.26 24.56 58.18
C LEU B 163 11.30 25.74 58.11
N THR B 164 10.30 25.64 57.25
CA THR B 164 9.34 26.71 57.00
C THR B 164 8.03 26.35 57.69
N ILE B 165 7.71 27.08 58.76
CA ILE B 165 6.46 26.88 59.48
C ILE B 165 5.47 27.92 58.99
N ASN B 166 4.42 27.48 58.31
CA ASN B 166 3.41 28.37 57.76
C ASN B 166 2.25 28.58 58.74
N LYS B 167 2.59 29.00 59.96
CA LYS B 167 1.58 29.20 60.99
C LYS B 167 0.82 30.49 60.72
N GLU B 168 -0.49 30.36 60.52
CA GLU B 168 -1.38 31.49 60.23
C GLU B 168 -0.89 32.18 58.96
N GLY B 169 -1.10 33.50 58.86
CA GLY B 169 -0.70 34.22 57.66
C GLY B 169 0.80 34.27 57.48
N LYS B 170 1.54 34.52 58.56
CA LYS B 170 2.99 34.64 58.47
C LYS B 170 3.63 33.28 58.24
N GLN B 171 4.80 33.30 57.61
CA GLN B 171 5.61 32.11 57.42
C GLN B 171 6.90 32.26 58.23
N PHE B 172 7.33 31.19 58.86
CA PHE B 172 8.35 31.25 59.91
C PHE B 172 9.64 30.62 59.43
N LYS B 173 10.76 31.03 60.03
CA LYS B 173 12.09 30.56 59.66
C LYS B 173 12.72 29.86 60.85
N VAL B 174 12.89 28.54 60.74
CA VAL B 174 13.62 27.76 61.72
C VAL B 174 14.67 26.94 60.97
N ARG B 175 15.92 26.98 61.43
CA ARG B 175 17.03 26.42 60.67
C ARG B 175 17.91 25.58 61.58
N GLY B 176 18.68 24.68 60.97
CA GLY B 176 19.55 23.81 61.72
C GLY B 176 20.60 23.17 60.83
N PHE B 177 21.30 22.19 61.41
CA PHE B 177 22.37 21.48 60.75
C PHE B 177 22.01 20.01 60.58
N GLY B 178 22.83 19.31 59.79
CA GLY B 178 22.73 17.86 59.65
C GLY B 178 24.01 17.19 60.11
N VAL B 179 23.93 16.34 61.13
CA VAL B 179 25.11 15.82 61.82
C VAL B 179 25.26 14.34 61.53
N LYS B 180 26.50 13.86 61.63
CA LYS B 180 26.81 12.44 61.58
C LYS B 180 27.49 12.05 62.89
N ILE B 181 27.00 11.00 63.53
CA ILE B 181 27.46 10.63 64.87
C ILE B 181 27.89 9.16 64.85
N SER B 182 29.08 8.90 65.39
CA SER B 182 29.64 7.56 65.45
C SER B 182 30.21 7.32 66.84
N GLU B 183 30.83 6.15 67.02
CA GLU B 183 31.43 5.75 68.29
C GLU B 183 30.41 5.82 69.43
N LEU B 184 29.34 5.04 69.27
CA LEU B 184 28.20 5.12 70.17
C LEU B 184 27.94 3.85 70.96
N ASN B 185 28.35 2.68 70.45
CA ASN B 185 28.06 1.33 70.93
C ASN B 185 26.55 1.06 70.84
N PRO B 186 26.13 -0.20 70.68
CA PRO B 186 24.72 -0.45 70.33
C PRO B 186 23.71 0.11 71.33
N GLU B 187 23.99 0.06 72.63
CA GLU B 187 23.01 0.50 73.61
C GLU B 187 22.77 2.00 73.51
N ASP B 188 23.84 2.79 73.52
CA ASP B 188 23.68 4.24 73.39
C ASP B 188 23.21 4.61 71.99
N SER B 189 23.57 3.83 70.98
CA SER B 189 23.06 4.08 69.63
C SER B 189 21.54 3.94 69.59
N LEU B 190 21.01 2.88 70.20
CA LEU B 190 19.56 2.73 70.27
C LEU B 190 18.93 3.84 71.11
N THR B 191 19.58 4.21 72.22
CA THR B 191 19.04 5.28 73.05
C THR B 191 18.93 6.58 72.26
N LEU B 192 19.95 6.92 71.49
CA LEU B 192 19.92 8.14 70.69
C LEU B 192 18.90 8.02 69.55
N GLN B 193 18.77 6.83 68.96
CA GLN B 193 17.82 6.66 67.87
C GLN B 193 16.38 6.84 68.36
N GLU B 194 16.05 6.30 69.53
CA GLU B 194 14.71 6.49 70.08
C GLU B 194 14.51 7.93 70.55
N GLN B 195 15.43 8.44 71.37
CA GLN B 195 15.25 9.76 71.96
C GLN B 195 15.40 10.87 70.92
N GLY B 196 16.37 10.72 70.01
CA GLY B 196 16.69 11.78 69.08
C GLY B 196 17.44 12.90 69.77
N ILE B 197 17.71 13.96 69.00
CA ILE B 197 18.42 15.12 69.51
C ILE B 197 17.74 16.37 68.99
N GLY B 198 17.93 17.47 69.71
CA GLY B 198 17.31 18.71 69.29
C GLY B 198 15.80 18.68 69.53
N GLY B 199 15.12 19.59 68.86
CA GLY B 199 13.68 19.68 68.90
C GLY B 199 13.05 19.36 67.56
N LYS B 200 11.75 19.66 67.46
CA LYS B 200 11.00 19.52 66.22
C LYS B 200 11.04 18.09 65.70
N ARG B 201 10.91 17.12 66.62
CA ARG B 201 11.04 15.72 66.24
C ARG B 201 9.93 15.29 65.29
N LYS B 202 8.69 15.70 65.55
CA LYS B 202 7.60 15.42 64.64
C LYS B 202 7.71 16.19 63.33
N MET B 203 8.62 17.16 63.26
CA MET B 203 8.71 18.09 62.14
C MET B 203 9.62 17.58 61.04
N MET B 204 9.77 16.25 60.91
CA MET B 204 10.60 15.64 59.88
C MET B 204 12.06 16.05 60.02
N CYS B 205 12.53 16.22 61.25
CA CYS B 205 13.91 16.60 61.51
C CYS B 205 14.24 16.27 62.96
N GLY B 206 15.49 15.88 63.22
CA GLY B 206 15.97 15.61 64.56
C GLY B 206 16.08 14.14 64.90
N ILE B 207 15.41 13.27 64.15
CA ILE B 207 15.51 11.82 64.36
C ILE B 207 16.79 11.31 63.73
N PHE B 208 17.12 10.05 64.00
CA PHE B 208 18.37 9.48 63.51
C PHE B 208 18.10 8.26 62.64
N VAL B 209 19.17 7.80 61.98
CA VAL B 209 19.11 6.72 60.99
C VAL B 209 20.55 6.29 60.73
N PRO B 210 20.80 5.05 60.25
CA PRO B 210 22.17 4.64 59.92
C PRO B 210 22.94 5.60 59.01
N ALA B 211 24.27 5.44 58.98
CA ALA B 211 25.16 6.34 58.24
C ALA B 211 25.14 6.09 56.74
N THR B 212 24.50 5.03 56.26
CA THR B 212 24.32 4.88 54.83
C THR B 212 23.55 6.07 54.26
N ARG B 213 22.48 6.49 54.96
CA ARG B 213 21.79 7.71 54.57
C ARG B 213 22.70 8.93 54.69
N SER B 214 23.65 8.91 55.61
CA SER B 214 24.61 10.01 55.70
C SER B 214 25.42 10.14 54.42
N LYS B 215 25.97 9.02 53.95
CA LYS B 215 26.71 9.04 52.69
C LYS B 215 25.81 9.43 51.52
N GLU B 216 24.59 8.91 51.51
CA GLU B 216 23.65 9.21 50.43
C GLU B 216 23.32 10.70 50.38
N GLU B 217 23.09 11.31 51.54
CA GLU B 217 22.87 12.75 51.59
C GLU B 217 24.12 13.52 51.19
N GLU B 218 25.31 13.00 51.54
CA GLU B 218 26.55 13.63 51.13
C GLU B 218 26.70 13.64 49.61
N GLU B 219 26.20 12.60 48.94
CA GLU B 219 26.35 12.52 47.49
C GLU B 219 25.65 13.68 46.78
N THR B 220 24.45 14.02 47.22
CA THR B 220 23.71 15.12 46.61
C THR B 220 22.86 15.86 47.64
N PRO C 12 -40.49 -30.23 52.50
CA PRO C 12 -40.15 -28.90 51.99
C PRO C 12 -38.70 -28.53 52.27
N ASN C 13 -38.16 -27.58 51.51
CA ASN C 13 -36.79 -27.13 51.70
C ASN C 13 -36.72 -26.26 52.95
N TYR C 14 -35.83 -26.61 53.87
CA TYR C 14 -35.66 -25.88 55.12
C TYR C 14 -34.21 -25.43 55.24
N TYR C 15 -34.02 -24.20 55.67
CA TYR C 15 -32.68 -23.61 55.80
C TYR C 15 -32.54 -22.99 57.18
N LEU C 16 -31.34 -23.11 57.75
CA LEU C 16 -31.02 -22.53 59.04
C LEU C 16 -29.89 -21.52 58.84
N TYR C 17 -30.25 -20.24 58.82
CA TYR C 17 -29.29 -19.16 58.72
C TYR C 17 -29.03 -18.58 60.11
N GLY C 18 -27.79 -18.19 60.36
CA GLY C 18 -27.45 -17.65 61.66
C GLY C 18 -26.18 -16.84 61.70
N THR C 19 -26.19 -15.78 62.51
CA THR C 19 -25.00 -15.00 62.80
C THR C 19 -24.67 -15.15 64.27
N VAL C 20 -23.45 -15.58 64.58
CA VAL C 20 -23.03 -15.88 65.93
C VAL C 20 -21.91 -14.92 66.30
N LEU C 21 -21.99 -14.37 67.51
CA LEU C 21 -21.03 -13.40 68.02
C LEU C 21 -20.20 -14.04 69.13
N THR C 22 -18.88 -13.96 69.01
CA THR C 22 -17.99 -14.57 69.98
C THR C 22 -17.80 -13.66 71.19
N ARG C 23 -17.09 -14.15 72.19
CA ARG C 23 -16.86 -13.42 73.42
C ARG C 23 -15.63 -12.53 73.29
N TYR C 24 -15.63 -11.43 74.03
CA TYR C 24 -14.53 -10.48 73.97
C TYR C 24 -13.26 -11.07 74.58
N GLY C 25 -12.12 -10.75 73.99
CA GLY C 25 -10.85 -11.20 74.49
C GLY C 25 -9.76 -10.99 73.46
N LEU C 26 -8.53 -11.22 73.91
CA LEU C 26 -7.39 -11.13 73.02
C LEU C 26 -7.43 -12.24 71.99
N ALA C 27 -7.19 -11.90 70.73
CA ALA C 27 -7.31 -12.85 69.63
C ALA C 27 -6.10 -12.75 68.71
N SER C 28 -5.56 -13.92 68.34
CA SER C 28 -4.52 -14.01 67.31
C SER C 28 -4.75 -15.35 66.61
N LEU C 29 -5.52 -15.32 65.51
CA LEU C 29 -5.95 -16.53 64.83
C LEU C 29 -5.76 -16.36 63.33
N ASN C 30 -5.42 -17.48 62.68
CA ASN C 30 -5.32 -17.56 61.22
C ASN C 30 -4.45 -16.44 60.67
N HIS C 31 -3.19 -16.43 61.09
CA HIS C 31 -2.26 -15.38 60.69
C HIS C 31 -1.97 -15.45 59.20
N ASP C 32 -1.56 -14.30 58.66
CA ASP C 32 -1.22 -14.20 57.25
C ASP C 32 0.20 -14.73 57.04
N ILE C 33 0.79 -14.46 55.88
CA ILE C 33 2.13 -14.93 55.58
C ILE C 33 3.10 -14.40 56.63
N ARG C 34 3.85 -15.31 57.24
CA ARG C 34 4.77 -14.96 58.32
C ARG C 34 6.11 -14.50 57.72
N ARG C 35 6.03 -13.37 57.02
CA ARG C 35 7.19 -12.80 56.35
C ARG C 35 8.04 -12.03 57.36
N GLY C 36 9.34 -12.29 57.34
CA GLY C 36 10.24 -11.65 58.28
C GLY C 36 10.15 -12.29 59.66
N ASN C 37 10.16 -11.45 60.70
CA ASN C 37 9.99 -11.94 62.06
C ASN C 37 8.57 -11.76 62.58
N LYS C 38 7.77 -10.91 61.95
CA LYS C 38 6.45 -10.57 62.45
C LYS C 38 5.42 -11.63 62.05
N THR C 39 4.45 -11.84 62.93
CA THR C 39 3.27 -12.67 62.65
C THR C 39 2.08 -11.72 62.59
N ILE C 40 1.67 -11.37 61.37
CA ILE C 40 0.65 -10.36 61.15
C ILE C 40 -0.72 -11.01 61.07
N LEU C 41 -1.72 -10.33 61.63
CA LEU C 41 -3.08 -10.81 61.58
C LEU C 41 -3.66 -10.70 60.17
N GLN C 42 -4.68 -11.49 59.89
CA GLN C 42 -5.40 -11.39 58.63
C GLN C 42 -6.40 -10.25 58.73
N LYS C 43 -6.11 -9.14 58.06
CA LYS C 43 -6.92 -7.94 58.17
C LYS C 43 -7.23 -7.36 56.80
N GLY C 44 -8.33 -6.61 56.73
CA GLY C 44 -8.75 -5.99 55.51
C GLY C 44 -9.79 -4.92 55.80
N TYR C 45 -10.43 -4.44 54.73
CA TYR C 45 -11.42 -3.39 54.85
C TYR C 45 -12.79 -3.94 55.18
N TRP C 46 -13.56 -3.16 55.93
CA TRP C 46 -14.91 -3.51 56.34
C TRP C 46 -15.72 -2.22 56.31
N ASN C 47 -16.90 -2.23 56.95
CA ASN C 47 -17.76 -1.05 56.92
C ASN C 47 -17.03 0.17 57.47
N ASN C 48 -17.46 1.35 57.02
CA ASN C 48 -16.85 2.65 57.33
C ASN C 48 -15.43 2.78 56.81
N GLY C 49 -14.98 1.86 55.96
CA GLY C 49 -13.65 1.95 55.39
C GLY C 49 -12.53 1.87 56.41
N LYS C 50 -12.73 1.06 57.45
CA LYS C 50 -11.73 0.88 58.49
C LYS C 50 -11.22 -0.56 58.48
N ILE C 51 -10.00 -0.74 58.97
CA ILE C 51 -9.34 -2.03 58.91
C ILE C 51 -9.90 -2.93 60.01
N HIS C 52 -10.35 -4.11 59.64
CA HIS C 52 -10.86 -5.11 60.57
C HIS C 52 -10.09 -6.41 60.38
N SER C 53 -9.87 -7.12 61.48
CA SER C 53 -9.18 -8.40 61.45
C SER C 53 -10.17 -9.52 61.10
N PHE C 54 -9.75 -10.41 60.22
CA PHE C 54 -10.58 -11.50 59.74
C PHE C 54 -10.06 -12.84 60.24
N VAL C 55 -10.97 -13.80 60.35
CA VAL C 55 -10.64 -15.18 60.65
C VAL C 55 -11.24 -16.06 59.55
N GLY C 56 -10.41 -16.90 58.94
CA GLY C 56 -10.88 -17.69 57.82
C GLY C 56 -11.98 -18.65 58.25
N SER C 57 -12.94 -18.85 57.35
CA SER C 57 -14.03 -19.79 57.63
C SER C 57 -13.59 -21.24 57.54
N SER C 58 -12.49 -21.52 56.82
CA SER C 58 -11.98 -22.88 56.76
C SER C 58 -11.55 -23.36 58.13
N ALA C 59 -10.96 -22.47 58.93
CA ALA C 59 -10.58 -22.83 60.29
C ALA C 59 -11.80 -23.18 61.14
N ILE C 60 -12.88 -22.42 60.98
CA ILE C 60 -14.10 -22.71 61.74
C ILE C 60 -14.71 -24.02 61.30
N ARG C 61 -14.69 -24.30 60.00
CA ARG C 61 -15.19 -25.59 59.51
C ARG C 61 -14.36 -26.73 60.05
N TRP C 62 -13.03 -26.56 60.10
CA TRP C 62 -12.16 -27.57 60.68
C TRP C 62 -12.47 -27.79 62.16
N ALA C 63 -12.74 -26.69 62.89
CA ALA C 63 -13.09 -26.82 64.29
C ALA C 63 -14.40 -27.57 64.48
N LEU C 64 -15.38 -27.30 63.62
CA LEU C 64 -16.64 -28.03 63.70
C LEU C 64 -16.46 -29.51 63.39
N ARG C 65 -15.64 -29.82 62.38
CA ARG C 65 -15.35 -31.22 62.06
C ARG C 65 -14.62 -31.90 63.21
N PHE C 66 -13.70 -31.19 63.86
CA PHE C 66 -13.00 -31.75 65.01
C PHE C 66 -13.95 -32.00 66.17
N TYR C 67 -14.92 -31.11 66.38
CA TYR C 67 -15.94 -31.37 67.38
C TYR C 67 -16.72 -32.62 67.05
N LEU C 68 -17.10 -32.77 65.78
CA LEU C 68 -17.83 -33.97 65.37
C LEU C 68 -17.02 -35.22 65.64
N GLN C 69 -15.71 -35.18 65.36
CA GLN C 69 -14.85 -36.33 65.62
C GLN C 69 -14.75 -36.62 67.11
N LYS C 70 -14.56 -35.58 67.93
CA LYS C 70 -14.33 -35.77 69.36
C LYS C 70 -15.57 -36.31 70.06
N GLN C 71 -16.75 -35.87 69.65
CA GLN C 71 -17.99 -36.26 70.32
C GLN C 71 -18.32 -37.74 70.10
N GLY C 72 -17.63 -38.43 69.21
CA GLY C 72 -17.85 -39.83 68.95
C GLY C 72 -18.62 -40.14 67.69
N TYR C 73 -19.13 -39.13 67.00
CA TYR C 73 -19.83 -39.36 65.74
C TYR C 73 -18.87 -39.91 64.70
N LEU C 74 -19.36 -40.86 63.91
CA LEU C 74 -18.52 -41.50 62.90
C LEU C 74 -18.17 -40.50 61.80
N VAL C 75 -16.87 -40.25 61.63
CA VAL C 75 -16.37 -39.32 60.63
C VAL C 75 -15.29 -40.02 59.81
N ASN C 76 -15.25 -39.72 58.50
CA ASN C 76 -14.27 -40.34 57.63
C ASN C 76 -12.86 -39.84 57.95
N ARG C 77 -12.70 -38.53 58.09
CA ARG C 77 -11.40 -37.93 58.38
C ARG C 77 -11.19 -37.87 59.89
N VAL C 78 -10.06 -38.37 60.34
CA VAL C 78 -9.74 -38.46 61.76
C VAL C 78 -8.44 -37.71 62.02
N TRP C 79 -8.46 -36.83 63.03
CA TRP C 79 -7.29 -36.08 63.43
C TRP C 79 -6.50 -36.86 64.47
N ASP C 80 -5.20 -37.05 64.22
CA ASP C 80 -4.37 -37.84 65.12
C ASP C 80 -4.14 -37.12 66.44
N GLU C 81 -4.02 -35.80 66.40
CA GLU C 81 -3.80 -34.93 67.56
C GLU C 81 -2.40 -35.08 68.14
N GLU C 82 -1.64 -36.07 67.68
CA GLU C 82 -0.26 -36.25 68.09
C GLU C 82 0.72 -36.14 66.92
N GLU C 83 0.49 -36.89 65.84
CA GLU C 83 1.34 -36.76 64.65
C GLU C 83 0.94 -35.59 63.77
N HIS C 84 -0.20 -34.94 64.04
CA HIS C 84 -0.68 -33.81 63.25
C HIS C 84 -0.86 -34.20 61.79
N ILE C 85 -1.38 -35.40 61.54
CA ILE C 85 -1.63 -35.90 60.20
C ILE C 85 -3.09 -36.32 60.11
N ASN C 86 -3.75 -35.93 59.02
CA ASN C 86 -5.14 -36.30 58.78
C ASN C 86 -5.20 -37.62 58.04
N ARG C 87 -5.93 -38.58 58.62
CA ARG C 87 -6.07 -39.90 58.04
C ARG C 87 -7.52 -40.13 57.64
N LEU C 88 -7.71 -40.93 56.59
CA LEU C 88 -9.03 -41.23 56.06
C LEU C 88 -9.43 -42.64 56.45
N THR C 89 -10.59 -42.78 57.09
CA THR C 89 -11.08 -44.10 57.45
C THR C 89 -11.35 -44.94 56.21
N SER C 90 -11.99 -44.36 55.20
CA SER C 90 -12.29 -45.04 53.96
C SER C 90 -11.90 -44.14 52.78
N GLU C 91 -11.23 -44.74 51.79
CA GLU C 91 -10.86 -43.98 50.60
C GLU C 91 -12.09 -43.49 49.85
N ASP C 92 -13.10 -44.34 49.72
CA ASP C 92 -14.35 -43.94 49.09
C ASP C 92 -15.19 -43.13 50.07
N PHE C 93 -15.72 -42.02 49.59
CA PHE C 93 -16.53 -41.13 50.41
C PHE C 93 -17.98 -41.59 50.39
N ASP C 94 -18.55 -41.83 51.58
CA ASP C 94 -19.92 -42.29 51.72
C ASP C 94 -20.66 -41.33 52.64
N PRO C 95 -21.35 -40.33 52.07
CA PRO C 95 -22.10 -39.40 52.92
C PRO C 95 -23.23 -40.05 53.69
N GLU C 96 -23.71 -41.21 53.27
CA GLU C 96 -24.78 -41.89 54.00
C GLU C 96 -24.31 -42.33 55.38
N LYS C 97 -23.07 -42.80 55.48
CA LYS C 97 -22.55 -43.36 56.71
C LYS C 97 -21.71 -42.37 57.52
N PHE C 98 -20.95 -41.50 56.86
CA PHE C 98 -20.03 -40.60 57.54
C PHE C 98 -20.69 -39.24 57.75
N TYR C 99 -20.58 -38.72 58.98
CA TYR C 99 -21.06 -37.37 59.26
C TYR C 99 -20.24 -36.34 58.47
N ASP C 100 -18.93 -36.55 58.39
CA ASP C 100 -18.05 -35.61 57.70
C ASP C 100 -18.47 -35.44 56.24
N ASP C 101 -18.64 -36.56 55.54
CA ASP C 101 -18.97 -36.49 54.12
C ASP C 101 -20.38 -35.96 53.90
N ASP C 102 -21.31 -36.31 54.80
CA ASP C 102 -22.67 -35.81 54.69
C ASP C 102 -22.72 -34.30 54.87
N ILE C 103 -21.93 -33.76 55.80
CA ILE C 103 -22.05 -32.38 56.20
C ILE C 103 -21.14 -31.47 55.36
N PHE C 104 -19.84 -31.74 55.38
CA PHE C 104 -18.88 -30.82 54.76
C PHE C 104 -18.64 -31.12 53.29
N GLY C 105 -19.18 -32.22 52.76
CA GLY C 105 -18.93 -32.56 51.38
C GLY C 105 -17.54 -33.14 51.20
N PHE C 106 -17.20 -33.40 49.94
CA PHE C 106 -15.90 -33.96 49.60
C PHE C 106 -15.61 -33.68 48.14
N ALA C 107 -14.33 -33.81 47.78
CA ALA C 107 -13.89 -33.63 46.40
C ALA C 107 -12.52 -34.27 46.26
N LEU C 108 -12.39 -35.22 45.33
CA LEU C 108 -11.13 -35.92 45.14
C LEU C 108 -10.36 -35.41 43.93
N LEU C 109 -11.07 -35.02 42.87
CA LEU C 109 -10.46 -34.57 41.62
C LEU C 109 -9.44 -35.57 41.09
N PRO C 133 -20.78 -40.87 42.73
CA PRO C 133 -20.67 -39.50 43.25
C PRO C 133 -19.29 -39.20 43.82
N ASN C 134 -18.42 -38.62 42.99
CA ASN C 134 -17.07 -38.29 43.43
C ASN C 134 -17.00 -36.99 44.20
N GLN C 135 -18.08 -36.22 44.27
CA GLN C 135 -18.07 -34.95 44.96
C GLN C 135 -19.46 -34.68 45.54
N ARG C 136 -19.48 -33.88 46.60
CA ARG C 136 -20.72 -33.48 47.25
C ARG C 136 -20.59 -32.05 47.72
N MET C 137 -21.67 -31.27 47.55
CA MET C 137 -21.62 -29.85 47.90
C MET C 137 -21.46 -29.66 49.40
N GLY C 138 -22.28 -30.33 50.19
CA GLY C 138 -22.25 -30.15 51.63
C GLY C 138 -23.29 -29.17 52.11
N ALA C 139 -24.00 -29.51 53.18
CA ALA C 139 -25.08 -28.66 53.66
C ALA C 139 -24.54 -27.37 54.27
N LEU C 140 -23.39 -27.43 54.93
CA LEU C 140 -22.86 -26.28 55.65
C LEU C 140 -22.22 -25.29 54.68
N GLY C 141 -22.56 -24.01 54.85
CA GLY C 141 -21.94 -22.94 54.11
C GLY C 141 -21.68 -21.75 55.00
N MET C 142 -20.43 -21.28 55.05
CA MET C 142 -20.03 -20.28 56.02
C MET C 142 -19.34 -19.12 55.34
N ASN C 143 -19.12 -18.06 56.11
CA ASN C 143 -18.35 -16.90 55.70
C ASN C 143 -17.30 -16.60 56.76
N MET C 144 -16.33 -15.75 56.41
CA MET C 144 -15.25 -15.45 57.32
C MET C 144 -15.76 -14.71 58.55
N ALA C 145 -15.09 -14.95 59.67
CA ALA C 145 -15.38 -14.24 60.90
C ALA C 145 -14.73 -12.86 60.86
N VAL C 146 -15.51 -11.83 61.18
CA VAL C 146 -15.07 -10.45 61.09
C VAL C 146 -15.08 -9.84 62.48
N SER C 147 -13.99 -9.16 62.84
CA SER C 147 -13.91 -8.49 64.12
C SER C 147 -14.98 -7.40 64.22
N LEU C 148 -15.60 -7.28 65.39
CA LEU C 148 -16.63 -6.28 65.58
C LEU C 148 -16.06 -4.87 65.52
N THR C 149 -15.00 -4.62 66.26
CA THR C 149 -14.37 -3.30 66.29
C THR C 149 -13.21 -3.24 65.32
N PRO C 150 -12.90 -2.07 64.78
CA PRO C 150 -11.76 -1.94 63.87
C PRO C 150 -10.46 -2.25 64.59
N TYR C 151 -9.51 -2.78 63.83
CA TYR C 151 -8.22 -3.18 64.39
C TYR C 151 -7.47 -1.96 64.90
N ASP C 152 -7.08 -1.98 66.17
CA ASP C 152 -6.42 -0.84 66.78
C ASP C 152 -4.92 -0.78 66.50
N GLY C 153 -4.37 -1.82 65.86
CA GLY C 153 -2.96 -1.84 65.57
C GLY C 153 -2.05 -2.26 66.70
N ALA C 154 -2.61 -2.76 67.80
CA ALA C 154 -1.80 -3.18 68.93
C ALA C 154 -0.90 -4.35 68.53
N VAL C 155 0.35 -4.30 69.00
CA VAL C 155 1.33 -5.33 68.71
C VAL C 155 1.98 -5.75 70.02
N LYS C 156 2.46 -6.99 70.07
CA LYS C 156 3.07 -7.56 71.26
C LYS C 156 4.49 -8.00 70.95
N LEU C 157 5.40 -7.73 71.89
CA LEU C 157 6.80 -8.11 71.74
C LEU C 157 7.05 -9.46 72.38
N GLY C 158 7.67 -10.36 71.63
CA GLY C 158 7.98 -11.69 72.12
C GLY C 158 9.37 -12.12 71.72
N ALA C 159 10.01 -12.89 72.59
CA ALA C 159 11.36 -13.38 72.36
C ALA C 159 11.29 -14.88 72.07
N LYS C 160 11.59 -15.27 70.84
CA LYS C 160 11.58 -16.67 70.45
C LYS C 160 12.95 -17.30 70.66
N SER C 161 12.95 -18.61 70.87
CA SER C 161 14.18 -19.32 71.18
C SER C 161 15.11 -19.39 69.98
N GLY C 162 16.40 -19.51 70.26
CA GLY C 162 17.41 -19.62 69.23
C GLY C 162 18.60 -20.45 69.66
N ARG C 163 19.17 -21.22 68.73
CA ARG C 163 20.29 -22.09 69.04
C ARG C 163 21.64 -21.39 69.01
N GLU C 164 21.69 -20.15 68.54
CA GLU C 164 22.95 -19.42 68.42
C GLU C 164 23.38 -18.94 69.81
N LYS C 165 23.95 -19.86 70.57
CA LYS C 165 24.41 -19.60 71.94
C LYS C 165 23.27 -19.06 72.80
N ASP C 166 22.12 -19.74 72.75
CA ASP C 166 20.93 -19.37 73.52
C ASP C 166 20.50 -17.93 73.23
N SER C 167 20.57 -17.53 71.96
CA SER C 167 20.17 -16.20 71.57
C SER C 167 18.65 -16.08 71.54
N THR C 168 18.15 -14.89 71.89
CA THR C 168 16.73 -14.58 71.85
C THR C 168 16.52 -13.41 70.91
N SER C 169 15.72 -13.63 69.88
CA SER C 169 15.43 -12.60 68.89
C SER C 169 14.02 -12.08 69.11
N LEU C 170 13.88 -10.76 69.17
CA LEU C 170 12.58 -10.14 69.42
C LEU C 170 11.80 -10.09 68.11
N HIS C 171 10.59 -10.66 68.13
CA HIS C 171 9.72 -10.70 66.97
C HIS C 171 8.36 -10.18 67.37
N PHE C 172 7.60 -9.74 66.37
CA PHE C 172 6.34 -9.04 66.57
C PHE C 172 5.18 -9.98 66.32
N THR C 173 4.23 -10.01 67.24
CA THR C 173 2.99 -10.76 67.07
C THR C 173 1.82 -9.79 67.26
N GLU C 174 0.90 -9.77 66.29
CA GLU C 174 -0.27 -8.92 66.37
C GLU C 174 -1.38 -9.60 67.17
N TYR C 175 -2.03 -8.83 68.03
CA TYR C 175 -3.19 -9.32 68.77
C TYR C 175 -4.30 -8.28 68.70
N HIS C 176 -5.54 -8.76 68.64
CA HIS C 176 -6.71 -7.90 68.57
C HIS C 176 -7.66 -8.27 69.70
N ALA C 177 -8.02 -7.27 70.52
CA ALA C 177 -8.97 -7.47 71.60
C ALA C 177 -10.34 -7.09 71.08
N THR C 178 -11.11 -8.08 70.62
CA THR C 178 -12.38 -7.82 69.97
C THR C 178 -13.23 -9.08 70.01
N ARG C 179 -14.47 -8.93 69.57
CA ARG C 179 -15.39 -10.05 69.38
C ARG C 179 -15.56 -10.30 67.90
N TYR C 180 -15.49 -11.56 67.50
CA TYR C 180 -15.66 -11.94 66.10
C TYR C 180 -17.08 -12.42 65.84
N GLN C 181 -17.60 -12.09 64.66
CA GLN C 181 -18.91 -12.55 64.23
C GLN C 181 -18.79 -13.17 62.85
N TYR C 182 -19.45 -14.30 62.66
CA TYR C 182 -19.43 -14.99 61.37
C TYR C 182 -20.83 -15.45 61.01
N TYR C 183 -21.03 -15.62 59.71
CA TYR C 183 -22.33 -15.97 59.15
C TYR C 183 -22.24 -17.36 58.52
N PHE C 184 -23.20 -18.21 58.84
CA PHE C 184 -23.24 -19.57 58.33
C PHE C 184 -24.64 -19.87 57.81
N GLY C 185 -24.71 -20.80 56.86
CA GLY C 185 -25.98 -21.20 56.31
C GLY C 185 -26.10 -22.70 56.18
N ILE C 186 -27.20 -23.26 56.66
CA ILE C 186 -27.42 -24.70 56.68
C ILE C 186 -28.58 -25.05 55.77
N ASP C 187 -28.34 -25.98 54.84
CA ASP C 187 -29.40 -26.53 54.01
C ASP C 187 -29.79 -27.88 54.61
N ALA C 188 -30.82 -27.89 55.46
CA ALA C 188 -31.19 -29.11 56.18
C ALA C 188 -31.62 -30.21 55.23
N THR C 189 -32.36 -29.86 54.18
CA THR C 189 -32.83 -30.85 53.22
C THR C 189 -31.67 -31.54 52.52
N HIS C 190 -30.60 -30.80 52.22
CA HIS C 190 -29.47 -31.37 51.50
C HIS C 190 -28.77 -32.47 52.29
N LEU C 191 -28.97 -32.53 53.61
CA LEU C 191 -28.35 -33.58 54.41
C LEU C 191 -28.93 -34.94 54.05
N LYS C 192 -28.04 -35.93 53.94
CA LYS C 192 -28.50 -37.29 53.69
C LYS C 192 -29.33 -37.82 54.85
N ASP C 193 -28.91 -37.52 56.08
CA ASP C 193 -29.67 -37.83 57.28
C ASP C 193 -30.12 -36.52 57.91
N PHE C 194 -31.44 -36.36 58.06
CA PHE C 194 -31.98 -35.10 58.56
C PHE C 194 -31.64 -34.88 60.03
N SER C 195 -31.36 -35.96 60.77
CA SER C 195 -31.05 -35.84 62.19
C SER C 195 -29.65 -35.27 62.44
N ARG C 196 -28.83 -35.12 61.40
CA ARG C 196 -27.47 -34.64 61.58
C ARG C 196 -27.40 -33.14 61.82
N ILE C 197 -28.51 -32.42 61.70
CA ILE C 197 -28.49 -30.98 61.94
C ILE C 197 -28.26 -30.67 63.42
N LEU C 198 -28.82 -31.47 64.32
CA LEU C 198 -28.66 -31.22 65.75
C LEU C 198 -27.20 -31.29 66.21
N PRO C 199 -26.41 -32.30 65.84
CA PRO C 199 -24.98 -32.25 66.21
C PRO C 199 -24.27 -31.02 65.66
N MET C 200 -24.66 -30.54 64.48
CA MET C 200 -24.07 -29.32 63.94
C MET C 200 -24.36 -28.11 64.83
N ILE C 201 -25.61 -27.97 65.30
CA ILE C 201 -25.94 -26.87 66.19
C ILE C 201 -25.16 -26.99 67.50
N ASP C 202 -25.07 -28.21 68.04
CA ASP C 202 -24.31 -28.41 69.26
C ASP C 202 -22.85 -28.04 69.07
N GLY C 203 -22.27 -28.41 67.93
CA GLY C 203 -20.88 -28.05 67.66
C GLY C 203 -20.68 -26.56 67.48
N ILE C 204 -21.63 -25.89 66.83
CA ILE C 204 -21.55 -24.44 66.71
C ILE C 204 -21.57 -23.80 68.08
N MET C 205 -22.44 -24.30 68.98
CA MET C 205 -22.47 -23.79 70.34
C MET C 205 -21.18 -24.13 71.09
N ASN C 206 -20.79 -25.40 71.07
CA ASN C 206 -19.58 -25.84 71.76
C ASN C 206 -18.44 -26.02 70.75
N LEU C 207 -18.02 -24.90 70.19
CA LEU C 207 -16.94 -24.94 69.19
C LEU C 207 -15.60 -25.16 69.87
N PRO C 208 -14.78 -26.10 69.40
CA PRO C 208 -13.44 -26.29 69.98
C PRO C 208 -12.50 -25.16 69.64
N LYS C 209 -11.24 -25.29 70.05
CA LYS C 209 -10.25 -24.25 69.77
C LYS C 209 -10.03 -24.12 68.27
N VAL C 210 -10.06 -22.89 67.78
CA VAL C 210 -9.86 -22.59 66.36
C VAL C 210 -8.40 -22.22 66.14
N GLY C 211 -7.84 -22.69 65.04
CA GLY C 211 -6.45 -22.41 64.71
C GLY C 211 -5.45 -23.38 65.29
N GLY C 212 -5.67 -23.82 66.51
CA GLY C 212 -4.80 -24.81 67.14
C GLY C 212 -3.50 -24.19 67.64
N SER C 213 -2.38 -24.55 67.01
CA SER C 213 -1.09 -24.03 67.43
C SER C 213 -0.98 -22.54 67.16
N SER C 214 -1.54 -22.06 66.06
CA SER C 214 -1.45 -20.65 65.70
C SER C 214 -2.19 -19.76 66.70
N ASN C 215 -3.18 -20.31 67.42
CA ASN C 215 -3.91 -19.53 68.40
C ASN C 215 -3.06 -19.31 69.63
N ILE C 216 -2.26 -18.24 69.64
CA ILE C 216 -1.34 -17.98 70.75
C ILE C 216 -2.12 -17.80 72.05
N PHE C 217 -2.98 -16.78 72.09
CA PHE C 217 -3.89 -16.62 73.21
C PHE C 217 -5.12 -17.48 72.98
N ASN C 218 -5.47 -18.27 73.98
CA ASN C 218 -6.62 -19.19 73.85
C ASN C 218 -7.89 -18.36 73.74
N TYR C 219 -8.41 -18.25 72.52
CA TYR C 219 -9.57 -17.42 72.26
C TYR C 219 -10.80 -18.31 72.10
N PRO C 220 -11.73 -18.32 73.04
CA PRO C 220 -12.93 -19.15 72.88
C PRO C 220 -13.81 -18.61 71.77
N PHE C 221 -14.12 -19.48 70.81
CA PHE C 221 -14.96 -19.12 69.67
C PHE C 221 -16.41 -19.52 69.87
N CYS C 222 -16.77 -19.98 71.06
CA CYS C 222 -18.15 -20.31 71.35
C CYS C 222 -19.02 -19.05 71.30
N PRO C 223 -20.27 -19.17 70.85
CA PRO C 223 -21.12 -17.99 70.71
C PRO C 223 -21.39 -17.31 72.04
N ASP C 224 -21.46 -15.97 71.99
CA ASP C 224 -21.94 -15.17 73.10
C ASP C 224 -23.33 -14.60 72.86
N SER C 225 -23.66 -14.30 71.61
CA SER C 225 -24.99 -13.88 71.21
C SER C 225 -25.30 -14.50 69.86
N LEU C 226 -26.55 -14.95 69.70
CA LEU C 226 -26.96 -15.63 68.48
C LEU C 226 -28.16 -14.94 67.86
N VAL C 227 -28.19 -14.93 66.54
CA VAL C 227 -29.35 -14.48 65.76
C VAL C 227 -29.58 -15.56 64.71
N PHE C 228 -30.47 -16.50 65.00
CA PHE C 228 -30.75 -17.61 64.11
C PHE C 228 -32.06 -17.36 63.36
N GLN C 229 -32.26 -18.14 62.30
CA GLN C 229 -33.45 -18.00 61.47
C GLN C 229 -33.75 -19.35 60.84
N TRP C 230 -34.85 -19.97 61.24
CA TRP C 230 -35.28 -21.27 60.70
C TRP C 230 -36.45 -21.00 59.76
N THR C 231 -36.14 -20.86 58.47
CA THR C 231 -37.12 -20.51 57.46
C THR C 231 -37.01 -21.46 56.28
N ASN C 232 -37.95 -21.31 55.34
CA ASN C 232 -37.98 -22.13 54.14
C ASN C 232 -37.73 -21.31 52.87
N HIS C 233 -37.12 -20.14 53.01
CA HIS C 233 -36.82 -19.25 51.89
C HIS C 233 -35.32 -19.11 51.73
N PHE C 234 -34.89 -18.96 50.48
CA PHE C 234 -33.47 -18.74 50.21
C PHE C 234 -32.98 -17.40 50.73
N ALA C 235 -33.86 -16.42 50.86
CA ALA C 235 -33.46 -15.08 51.26
C ALA C 235 -33.21 -15.01 52.77
N SER C 236 -32.09 -14.42 53.16
CA SER C 236 -31.77 -14.20 54.55
C SER C 236 -31.24 -12.78 54.71
N TYR C 237 -31.73 -12.06 55.72
CA TYR C 237 -31.35 -10.69 55.99
C TYR C 237 -30.71 -10.55 57.37
N ILE C 238 -29.99 -11.59 57.80
CA ILE C 238 -29.35 -11.61 59.11
C ILE C 238 -27.88 -11.90 58.97
N SER C 239 -27.30 -11.50 57.83
CA SER C 239 -25.92 -11.86 57.51
C SER C 239 -24.96 -11.39 58.60
N TYR C 240 -24.85 -10.07 58.78
CA TYR C 240 -24.01 -9.48 59.82
C TYR C 240 -24.83 -8.41 60.53
N CYS C 241 -25.57 -8.84 61.55
CA CYS C 241 -26.53 -7.97 62.24
C CYS C 241 -25.96 -7.29 63.47
N PHE C 242 -24.71 -7.53 63.80
CA PHE C 242 -24.11 -6.95 64.99
C PHE C 242 -23.23 -5.75 64.63
N GLU C 243 -23.12 -4.81 65.57
CA GLU C 243 -22.31 -3.62 65.39
C GLU C 243 -21.92 -3.09 66.75
N TYR C 244 -20.94 -2.19 66.75
CA TYR C 244 -20.39 -1.63 67.99
C TYR C 244 -20.95 -0.23 68.22
N CYS C 245 -21.29 0.06 69.48
CA CYS C 245 -21.74 1.40 69.84
C CYS C 245 -20.59 2.39 69.74
N ASP C 246 -19.42 2.05 70.28
CA ASP C 246 -18.22 2.85 70.21
C ASP C 246 -17.08 1.99 69.68
N PRO C 247 -16.10 2.60 69.01
CA PRO C 247 -15.00 1.80 68.44
C PRO C 247 -14.18 1.06 69.48
N LYS C 248 -14.19 1.50 70.73
CA LYS C 248 -13.48 0.83 71.82
C LYS C 248 -14.50 0.47 72.90
N SER C 249 -15.12 -0.70 72.75
CA SER C 249 -16.11 -1.16 73.72
C SER C 249 -16.09 -2.68 73.76
N LYS C 250 -16.52 -3.22 74.90
CA LYS C 250 -16.62 -4.65 75.11
C LYS C 250 -18.05 -5.16 75.04
N GLU C 251 -18.99 -4.31 74.62
CA GLU C 251 -20.39 -4.69 74.47
C GLU C 251 -20.82 -4.48 73.02
N ALA C 252 -21.85 -5.21 72.61
CA ALA C 252 -22.31 -5.20 71.24
C ALA C 252 -23.77 -4.79 71.17
N LYS C 253 -24.15 -4.23 70.03
CA LYS C 253 -25.53 -3.82 69.76
C LYS C 253 -25.95 -4.34 68.39
N LEU C 254 -27.21 -4.73 68.28
CA LEU C 254 -27.75 -5.12 66.98
C LEU C 254 -27.79 -3.91 66.05
N SER C 255 -27.44 -4.14 64.78
CA SER C 255 -27.41 -3.05 63.82
C SER C 255 -28.80 -2.47 63.62
N GLN C 256 -28.86 -1.15 63.42
CA GLN C 256 -30.15 -0.50 63.21
C GLN C 256 -30.84 -1.02 61.95
N GLU C 257 -30.05 -1.47 60.96
CA GLU C 257 -30.64 -2.05 59.76
C GLU C 257 -31.43 -3.31 60.09
N PHE C 258 -30.88 -4.16 60.96
CA PHE C 258 -31.58 -5.38 61.35
C PHE C 258 -32.87 -5.06 62.11
N ILE C 259 -32.82 -4.08 63.00
CA ILE C 259 -34.00 -3.69 63.76
C ILE C 259 -35.07 -3.13 62.82
N ASP C 260 -34.65 -2.32 61.85
CA ASP C 260 -35.60 -1.80 60.87
C ASP C 260 -36.20 -2.93 60.04
N GLU C 261 -35.39 -3.91 59.65
CA GLU C 261 -35.89 -5.05 58.88
C GLU C 261 -36.91 -5.84 59.68
N VAL C 262 -36.67 -6.01 60.98
CA VAL C 262 -37.65 -6.70 61.81
C VAL C 262 -38.92 -5.87 61.95
N GLU C 263 -38.78 -4.56 62.15
CA GLU C 263 -39.94 -3.72 62.41
C GLU C 263 -40.83 -3.58 61.19
N CYS C 264 -40.24 -3.44 60.00
CA CYS C 264 -41.05 -3.24 58.80
C CYS C 264 -41.91 -4.46 58.50
N GLY C 265 -41.37 -5.65 58.72
CA GLY C 265 -42.12 -6.87 58.49
C GLY C 265 -41.43 -7.83 57.53
N GLN C 266 -40.24 -7.45 57.06
CA GLN C 266 -39.50 -8.29 56.15
C GLN C 266 -39.12 -9.61 56.81
N ILE C 267 -38.67 -9.55 58.05
CA ILE C 267 -38.27 -10.75 58.79
C ILE C 267 -39.45 -11.18 59.65
N ASP C 268 -39.91 -12.41 59.44
CA ASP C 268 -41.03 -12.93 60.21
C ASP C 268 -40.59 -13.20 61.64
N PRO C 269 -41.20 -12.57 62.64
CA PRO C 269 -40.77 -12.81 64.03
C PRO C 269 -40.88 -14.26 64.46
N SER C 270 -41.87 -15.01 63.95
CA SER C 270 -42.00 -16.41 64.31
C SER C 270 -40.82 -17.25 63.84
N LYS C 271 -40.08 -16.79 62.83
CA LYS C 271 -38.93 -17.50 62.32
C LYS C 271 -37.61 -16.98 62.87
N LEU C 272 -37.65 -15.99 63.77
CA LEU C 272 -36.45 -15.35 64.28
C LEU C 272 -36.13 -15.86 65.69
N TRP C 273 -34.86 -16.21 65.91
CA TRP C 273 -34.40 -16.71 67.19
C TRP C 273 -33.20 -15.89 67.63
N ILE C 274 -33.32 -15.24 68.78
CA ILE C 274 -32.26 -14.40 69.34
C ILE C 274 -31.98 -14.88 70.76
N GLY C 275 -30.72 -15.10 71.07
CA GLY C 275 -30.33 -15.54 72.40
C GLY C 275 -28.89 -15.14 72.69
N GLY C 276 -28.63 -14.89 73.98
CA GLY C 276 -27.29 -14.54 74.43
C GLY C 276 -27.29 -13.23 75.20
N THR C 277 -26.12 -12.58 75.22
CA THR C 277 -25.97 -11.33 75.94
C THR C 277 -26.75 -10.20 75.29
N ILE C 278 -26.90 -10.24 73.96
CA ILE C 278 -27.60 -9.17 73.25
C ILE C 278 -29.05 -9.07 73.69
N VAL C 279 -29.62 -10.18 74.21
CA VAL C 279 -31.00 -10.17 74.66
C VAL C 279 -31.16 -9.21 75.84
N LYS C 280 -30.18 -9.19 76.75
CA LYS C 280 -30.25 -8.29 77.90
C LYS C 280 -30.32 -6.84 77.46
N ASP C 281 -29.50 -6.46 76.48
CA ASP C 281 -29.54 -5.10 75.96
C ASP C 281 -30.85 -4.83 75.23
N LEU C 282 -31.34 -5.81 74.47
CA LEU C 282 -32.58 -5.62 73.72
C LEU C 282 -33.76 -5.37 74.64
N GLN C 283 -33.85 -6.14 75.74
CA GLN C 283 -35.00 -6.02 76.63
C GLN C 283 -35.03 -4.68 77.36
N GLN C 284 -33.90 -3.97 77.43
CA GLN C 284 -33.88 -2.67 78.08
C GLN C 284 -34.30 -1.53 77.16
N LEU C 285 -34.46 -1.80 75.86
CA LEU C 285 -34.87 -0.75 74.93
C LEU C 285 -36.31 -0.33 75.18
N ASP C 286 -36.57 0.95 74.94
CA ASP C 286 -37.92 1.47 75.10
C ASP C 286 -38.83 0.94 73.99
N ASN C 287 -40.12 0.85 74.30
CA ASN C 287 -41.15 0.35 73.39
C ASN C 287 -40.86 -1.07 72.92
N PHE C 288 -40.13 -1.84 73.72
CA PHE C 288 -39.80 -3.22 73.34
C PHE C 288 -41.06 -4.07 73.25
N GLU C 289 -41.98 -3.90 74.19
CA GLU C 289 -43.21 -4.70 74.19
C GLU C 289 -44.04 -4.41 72.95
N SER C 290 -44.15 -3.13 72.57
CA SER C 290 -44.91 -2.77 71.37
C SER C 290 -44.16 -3.10 70.09
N SER C 291 -42.83 -3.19 70.14
CA SER C 291 -42.06 -3.45 68.94
C SER C 291 -42.30 -4.87 68.42
N PRO C 292 -42.25 -5.08 67.11
CA PRO C 292 -42.38 -6.45 66.58
C PRO C 292 -41.26 -7.37 66.98
N LEU C 293 -40.15 -6.84 67.50
CA LEU C 293 -39.06 -7.69 67.95
C LEU C 293 -39.45 -8.54 69.15
N ASN C 294 -40.48 -8.13 69.91
CA ASN C 294 -40.86 -8.87 71.10
C ASN C 294 -41.43 -10.25 70.76
N LYS C 295 -42.27 -10.33 69.73
CA LYS C 295 -42.90 -11.60 69.40
C LYS C 295 -41.93 -12.61 68.80
N ALA C 296 -40.72 -12.19 68.45
CA ALA C 296 -39.70 -13.15 68.03
C ALA C 296 -39.26 -14.00 69.21
N HIS C 297 -38.74 -15.19 68.91
CA HIS C 297 -38.26 -16.09 69.95
C HIS C 297 -36.99 -15.52 70.55
N ILE C 298 -37.07 -14.98 71.76
CA ILE C 298 -35.96 -14.30 72.42
C ILE C 298 -35.77 -14.91 73.80
N TYR C 299 -34.54 -15.35 74.08
CA TYR C 299 -34.22 -15.99 75.35
C TYR C 299 -32.91 -15.43 75.88
N ARG C 300 -32.88 -15.08 77.17
CA ARG C 300 -31.63 -14.64 77.79
C ARG C 300 -30.59 -15.77 77.79
N ASN C 301 -31.03 -16.98 78.08
CA ASN C 301 -30.13 -18.13 78.13
C ASN C 301 -30.00 -18.74 76.74
N ARG C 302 -28.76 -18.95 76.30
CA ARG C 302 -28.51 -19.52 74.99
C ARG C 302 -29.01 -20.96 74.91
N ASN C 303 -28.85 -21.72 75.98
CA ASN C 303 -29.23 -23.14 75.96
C ASN C 303 -30.74 -23.30 75.79
N GLU C 304 -31.53 -22.45 76.44
CA GLU C 304 -32.98 -22.53 76.28
C GLU C 304 -33.40 -22.26 74.85
N MET C 305 -32.81 -21.24 74.22
CA MET C 305 -33.12 -20.95 72.83
C MET C 305 -32.71 -22.11 71.93
N ILE C 306 -31.54 -22.70 72.19
CA ILE C 306 -31.08 -23.82 71.38
C ILE C 306 -32.03 -24.99 71.52
N GLU C 307 -32.49 -25.28 72.75
CA GLU C 307 -33.42 -26.38 72.95
C GLU C 307 -34.74 -26.13 72.23
N ALA C 308 -35.27 -24.92 72.34
CA ALA C 308 -36.53 -24.60 71.66
C ALA C 308 -36.39 -24.71 70.14
N LEU C 309 -35.29 -24.19 69.61
CA LEU C 309 -35.07 -24.26 68.17
C LEU C 309 -34.90 -25.69 67.70
N LYS C 310 -34.21 -26.52 68.49
CA LYS C 310 -34.06 -27.92 68.13
C LYS C 310 -35.40 -28.65 68.17
N THR C 311 -36.25 -28.31 69.15
CA THR C 311 -37.60 -28.88 69.18
C THR C 311 -38.38 -28.50 67.93
N VAL C 312 -38.30 -27.23 67.53
CA VAL C 312 -39.01 -26.77 66.34
C VAL C 312 -38.47 -27.49 65.10
N ILE C 313 -37.15 -27.63 65.00
CA ILE C 313 -36.55 -28.29 63.85
C ILE C 313 -36.98 -29.76 63.79
N LYS C 314 -36.98 -30.44 64.93
CA LYS C 314 -37.40 -31.84 64.96
C LYS C 314 -38.86 -31.97 64.57
N ARG C 315 -39.70 -31.04 65.02
CA ARG C 315 -41.11 -31.07 64.62
C ARG C 315 -41.26 -30.86 63.12
N ASP C 316 -40.51 -29.91 62.55
CA ASP C 316 -40.65 -29.60 61.13
C ASP C 316 -39.99 -30.65 60.25
N LEU C 317 -38.87 -31.22 60.66
CA LEU C 317 -38.16 -32.20 59.86
C LEU C 317 -38.70 -33.61 60.03
N GLY C 318 -39.69 -33.81 60.90
CA GLY C 318 -40.26 -35.12 61.11
C GLY C 318 -39.29 -36.09 61.74
N LEU C 319 -38.54 -35.64 62.75
CA LEU C 319 -37.59 -36.50 63.44
C LEU C 319 -38.20 -37.10 64.70
N PRO D 12 -51.16 -5.10 25.08
CA PRO D 12 -50.08 -4.11 25.07
C PRO D 12 -48.75 -4.71 25.53
N ASN D 13 -47.67 -4.32 24.88
CA ASN D 13 -46.34 -4.81 25.25
C ASN D 13 -45.93 -4.25 26.60
N TYR D 14 -45.80 -5.11 27.59
CA TYR D 14 -45.44 -4.71 28.94
C TYR D 14 -44.06 -5.25 29.28
N TYR D 15 -43.22 -4.39 29.85
CA TYR D 15 -41.86 -4.75 30.21
C TYR D 15 -41.59 -4.42 31.66
N LEU D 16 -40.89 -5.32 32.35
CA LEU D 16 -40.50 -5.15 33.74
C LEU D 16 -39.00 -4.94 33.81
N TYR D 17 -38.57 -3.71 34.06
CA TYR D 17 -37.17 -3.39 34.21
C TYR D 17 -36.85 -3.23 35.70
N GLY D 18 -35.63 -3.62 36.08
CA GLY D 18 -35.25 -3.53 37.47
C GLY D 18 -33.76 -3.59 37.71
N THR D 19 -33.30 -2.82 38.69
CA THR D 19 -31.92 -2.88 39.17
C THR D 19 -31.93 -3.38 40.61
N VAL D 20 -31.12 -4.41 40.88
CA VAL D 20 -31.15 -5.10 42.16
C VAL D 20 -29.81 -4.88 42.85
N LEU D 21 -29.88 -4.46 44.11
CA LEU D 21 -28.69 -4.29 44.95
C LEU D 21 -28.69 -5.38 46.01
N THR D 22 -27.55 -6.03 46.19
CA THR D 22 -27.42 -7.14 47.13
C THR D 22 -26.93 -6.62 48.48
N ARG D 23 -26.86 -7.52 49.44
CA ARG D 23 -26.39 -7.17 50.77
C ARG D 23 -24.86 -7.14 50.82
N TYR D 24 -24.34 -6.50 51.87
CA TYR D 24 -22.91 -6.38 52.05
C TYR D 24 -22.33 -7.66 52.64
N GLY D 25 -21.19 -8.08 52.12
CA GLY D 25 -20.54 -9.27 52.64
C GLY D 25 -19.28 -9.56 51.84
N LEU D 26 -18.57 -10.60 52.28
CA LEU D 26 -17.37 -11.06 51.61
C LEU D 26 -17.76 -12.01 50.50
N ALA D 27 -17.40 -11.68 49.27
CA ALA D 27 -17.88 -12.39 48.10
C ALA D 27 -16.74 -12.85 47.23
N SER D 28 -16.78 -14.14 46.84
CA SER D 28 -15.92 -14.69 45.79
C SER D 28 -16.81 -15.62 44.98
N LEU D 29 -17.51 -15.06 43.98
CA LEU D 29 -18.55 -15.78 43.27
C LEU D 29 -18.10 -16.25 41.89
N ASN D 30 -17.63 -15.35 41.04
CA ASN D 30 -17.19 -15.69 39.71
C ASN D 30 -15.68 -15.47 39.60
N HIS D 31 -14.98 -16.48 39.12
CA HIS D 31 -13.54 -16.43 38.97
C HIS D 31 -13.16 -16.44 37.49
N ASP D 32 -11.96 -15.94 37.21
CA ASP D 32 -11.42 -15.95 35.86
C ASP D 32 -10.80 -17.31 35.57
N ILE D 33 -10.01 -17.41 34.51
CA ILE D 33 -9.34 -18.66 34.18
C ILE D 33 -8.48 -19.10 35.35
N ARG D 34 -8.66 -20.35 35.78
CA ARG D 34 -8.05 -20.87 36.99
C ARG D 34 -6.77 -21.64 36.63
N ARG D 35 -5.62 -21.07 36.97
CA ARG D 35 -4.34 -21.76 36.87
C ARG D 35 -3.32 -21.01 37.70
N GLY D 36 -2.47 -21.75 38.40
CA GLY D 36 -1.47 -21.15 39.27
C GLY D 36 -1.87 -21.14 40.73
N ASN D 37 -1.45 -20.11 41.46
CA ASN D 37 -1.76 -19.98 42.87
C ASN D 37 -3.02 -19.19 43.13
N LYS D 38 -3.21 -18.05 42.46
CA LYS D 38 -4.36 -17.19 42.70
C LYS D 38 -5.56 -17.66 41.90
N THR D 39 -6.72 -17.64 42.53
CA THR D 39 -7.99 -17.76 41.82
C THR D 39 -8.46 -16.34 41.53
N ILE D 40 -8.25 -15.90 40.29
CA ILE D 40 -8.46 -14.49 39.97
C ILE D 40 -9.96 -14.18 39.93
N LEU D 41 -10.37 -13.19 40.70
CA LEU D 41 -11.75 -12.73 40.66
C LEU D 41 -12.05 -12.11 39.31
N GLN D 42 -13.25 -12.38 38.79
CA GLN D 42 -13.67 -11.79 37.52
C GLN D 42 -13.87 -10.29 37.72
N LYS D 43 -12.92 -9.49 37.22
CA LYS D 43 -12.94 -8.06 37.46
C LYS D 43 -12.56 -7.32 36.19
N GLY D 44 -12.96 -6.05 36.14
CA GLY D 44 -12.64 -5.19 35.01
C GLY D 44 -12.93 -3.75 35.38
N TYR D 45 -12.78 -2.88 34.38
CA TYR D 45 -13.00 -1.46 34.60
C TYR D 45 -14.49 -1.15 34.68
N TRP D 46 -14.79 -0.04 35.35
CA TRP D 46 -16.16 0.42 35.53
C TRP D 46 -16.11 1.94 35.58
N ASN D 47 -17.17 2.56 36.10
CA ASN D 47 -17.23 4.01 36.18
C ASN D 47 -16.02 4.59 36.92
N ASN D 48 -15.72 5.85 36.62
CA ASN D 48 -14.60 6.62 37.17
C ASN D 48 -13.26 5.89 37.06
N GLY D 49 -13.17 4.91 36.17
CA GLY D 49 -11.90 4.29 35.82
C GLY D 49 -11.19 3.52 36.92
N LYS D 50 -11.92 2.74 37.70
CA LYS D 50 -11.33 1.90 38.72
C LYS D 50 -11.80 0.46 38.56
N ILE D 51 -10.97 -0.48 39.02
CA ILE D 51 -11.26 -1.89 38.82
C ILE D 51 -12.38 -2.33 39.74
N HIS D 52 -13.41 -2.93 39.15
CA HIS D 52 -14.55 -3.47 39.89
C HIS D 52 -14.68 -4.96 39.64
N SER D 53 -15.06 -5.69 40.66
CA SER D 53 -15.29 -7.12 40.53
C SER D 53 -16.67 -7.37 39.94
N PHE D 54 -16.75 -8.39 39.09
CA PHE D 54 -17.97 -8.66 38.33
C PHE D 54 -18.49 -10.06 38.65
N VAL D 55 -19.81 -10.21 38.50
CA VAL D 55 -20.47 -11.51 38.57
C VAL D 55 -21.25 -11.68 37.27
N GLY D 56 -20.97 -12.77 36.56
CA GLY D 56 -21.57 -12.97 35.26
C GLY D 56 -23.08 -13.15 35.34
N SER D 57 -23.77 -12.66 34.30
CA SER D 57 -25.22 -12.81 34.23
C SER D 57 -25.63 -14.25 33.97
N SER D 58 -24.75 -15.05 33.38
CA SER D 58 -25.07 -16.47 33.17
C SER D 58 -25.24 -17.20 34.49
N ALA D 59 -24.41 -16.85 35.49
CA ALA D 59 -24.56 -17.44 36.81
C ALA D 59 -25.89 -17.07 37.44
N ILE D 60 -26.33 -15.82 37.27
CA ILE D 60 -27.61 -15.40 37.82
C ILE D 60 -28.76 -16.10 37.12
N ARG D 61 -28.66 -16.27 35.79
CA ARG D 61 -29.68 -17.00 35.08
C ARG D 61 -29.73 -18.46 35.52
N TRP D 62 -28.56 -19.07 35.76
CA TRP D 62 -28.52 -20.43 36.28
C TRP D 62 -29.18 -20.50 37.65
N ALA D 63 -28.93 -19.51 38.50
CA ALA D 63 -29.55 -19.48 39.82
C ALA D 63 -31.07 -19.37 39.71
N LEU D 64 -31.55 -18.53 38.79
CA LEU D 64 -32.99 -18.40 38.59
C LEU D 64 -33.60 -19.71 38.12
N ARG D 65 -32.94 -20.38 37.16
CA ARG D 65 -33.43 -21.67 36.69
C ARG D 65 -33.41 -22.71 37.80
N PHE D 66 -32.39 -22.69 38.64
CA PHE D 66 -32.32 -23.61 39.78
C PHE D 66 -33.45 -23.33 40.76
N TYR D 67 -33.77 -22.06 40.99
CA TYR D 67 -34.91 -21.74 41.85
C TYR D 67 -36.19 -22.30 41.26
N LEU D 68 -36.38 -22.12 39.95
CA LEU D 68 -37.57 -22.67 39.30
C LEU D 68 -37.62 -24.18 39.46
N GLN D 69 -36.47 -24.84 39.39
CA GLN D 69 -36.43 -26.29 39.57
C GLN D 69 -36.80 -26.69 40.99
N LYS D 70 -36.25 -25.99 41.99
CA LYS D 70 -36.44 -26.39 43.39
C LYS D 70 -37.87 -26.18 43.86
N GLN D 71 -38.61 -25.25 43.23
CA GLN D 71 -39.98 -24.98 43.65
C GLN D 71 -40.99 -25.92 43.01
N GLY D 72 -40.54 -26.89 42.21
CA GLY D 72 -41.44 -27.85 41.61
C GLY D 72 -42.01 -27.47 40.27
N TYR D 73 -41.69 -26.29 39.75
CA TYR D 73 -42.15 -25.91 38.42
C TYR D 73 -41.53 -26.82 37.36
N LEU D 74 -42.31 -27.14 36.34
CA LEU D 74 -41.86 -28.04 35.29
C LEU D 74 -40.81 -27.35 34.43
N VAL D 75 -39.60 -27.90 34.40
CA VAL D 75 -38.51 -27.36 33.61
C VAL D 75 -37.88 -28.48 32.79
N ASN D 76 -37.23 -28.10 31.70
CA ASN D 76 -36.56 -29.05 30.82
C ASN D 76 -35.20 -29.45 31.37
N ARG D 77 -34.31 -28.47 31.55
CA ARG D 77 -33.01 -28.74 32.15
C ARG D 77 -33.14 -28.92 33.65
N VAL D 78 -32.55 -30.01 34.15
CA VAL D 78 -32.63 -30.36 35.57
C VAL D 78 -31.20 -30.50 36.09
N TRP D 79 -30.90 -29.78 37.18
CA TRP D 79 -29.62 -29.91 37.85
C TRP D 79 -29.62 -31.15 38.73
N ASP D 80 -28.64 -32.03 38.52
CA ASP D 80 -28.66 -33.33 39.20
C ASP D 80 -28.41 -33.19 40.70
N GLU D 81 -27.51 -32.28 41.10
CA GLU D 81 -27.08 -32.03 42.46
C GLU D 81 -26.27 -33.18 43.05
N GLU D 82 -26.15 -34.31 42.35
CA GLU D 82 -25.30 -35.41 42.77
C GLU D 82 -24.21 -35.70 41.75
N GLU D 83 -24.55 -35.81 40.48
CA GLU D 83 -23.56 -35.91 39.42
C GLU D 83 -23.04 -34.55 38.97
N HIS D 84 -23.68 -33.46 39.39
CA HIS D 84 -23.29 -32.11 39.02
C HIS D 84 -23.28 -31.94 37.50
N ILE D 85 -24.28 -32.50 36.84
CA ILE D 85 -24.45 -32.38 35.39
C ILE D 85 -25.86 -31.89 35.11
N ASN D 86 -26.07 -31.44 33.87
CA ASN D 86 -27.37 -30.94 33.43
C ASN D 86 -28.04 -32.00 32.56
N ARG D 87 -29.27 -32.35 32.94
CA ARG D 87 -30.06 -33.35 32.23
C ARG D 87 -31.27 -32.68 31.58
N LEU D 88 -31.56 -33.09 30.35
CA LEU D 88 -32.71 -32.56 29.60
C LEU D 88 -33.84 -33.58 29.65
N THR D 89 -34.98 -33.18 30.21
CA THR D 89 -36.13 -34.07 30.27
C THR D 89 -36.64 -34.41 28.88
N SER D 90 -36.68 -33.41 27.99
CA SER D 90 -37.12 -33.60 26.62
C SER D 90 -36.05 -33.08 25.68
N GLU D 91 -35.65 -33.90 24.71
CA GLU D 91 -34.65 -33.48 23.74
C GLU D 91 -35.15 -32.34 22.86
N ASP D 92 -36.46 -32.30 22.59
CA ASP D 92 -37.06 -31.24 21.81
C ASP D 92 -37.61 -30.17 22.75
N PHE D 93 -37.08 -28.96 22.66
CA PHE D 93 -37.53 -27.88 23.52
C PHE D 93 -38.97 -27.51 23.22
N ASP D 94 -39.76 -27.29 24.28
CA ASP D 94 -41.16 -26.93 24.15
C ASP D 94 -41.45 -25.79 25.11
N PRO D 95 -41.40 -24.55 24.64
CA PRO D 95 -41.65 -23.40 25.53
C PRO D 95 -43.06 -23.38 26.11
N GLU D 96 -44.02 -24.04 25.48
CA GLU D 96 -45.38 -24.04 26.01
C GLU D 96 -45.46 -24.79 27.34
N LYS D 97 -44.71 -25.87 27.48
CA LYS D 97 -44.79 -26.74 28.65
C LYS D 97 -43.74 -26.44 29.71
N PHE D 98 -42.50 -26.20 29.31
CA PHE D 98 -41.39 -26.07 30.24
C PHE D 98 -41.15 -24.60 30.58
N TYR D 99 -41.01 -24.32 31.88
CA TYR D 99 -40.78 -22.94 32.32
C TYR D 99 -39.44 -22.42 31.84
N ASP D 100 -38.38 -23.23 31.95
CA ASP D 100 -37.05 -22.76 31.59
C ASP D 100 -36.94 -22.44 30.10
N ASP D 101 -37.52 -23.29 29.25
CA ASP D 101 -37.49 -23.02 27.82
C ASP D 101 -38.26 -21.76 27.48
N ASP D 102 -39.40 -21.54 28.14
CA ASP D 102 -40.19 -20.35 27.89
C ASP D 102 -39.45 -19.08 28.34
N ILE D 103 -38.76 -19.15 29.47
CA ILE D 103 -38.19 -17.95 30.08
C ILE D 103 -36.81 -17.63 29.51
N PHE D 104 -35.90 -18.60 29.54
CA PHE D 104 -34.52 -18.35 29.14
C PHE D 104 -34.24 -18.66 27.67
N GLY D 105 -35.20 -19.21 26.95
CA GLY D 105 -34.96 -19.56 25.56
C GLY D 105 -34.07 -20.78 25.43
N PHE D 106 -33.69 -21.06 24.19
CA PHE D 106 -32.85 -22.20 23.90
C PHE D 106 -32.24 -22.04 22.51
N ALA D 107 -31.18 -22.80 22.25
CA ALA D 107 -30.54 -22.86 20.94
C ALA D 107 -30.01 -24.26 20.73
N LEU D 108 -30.38 -24.88 19.61
CA LEU D 108 -30.03 -26.27 19.35
C LEU D 108 -28.74 -26.38 18.53
N LEU D 109 -28.73 -25.81 17.33
CA LEU D 109 -27.58 -25.89 16.42
C LEU D 109 -27.20 -27.34 16.13
N PRO D 133 -39.42 -25.03 15.61
CA PRO D 133 -38.45 -23.99 15.97
C PRO D 133 -37.39 -24.50 16.94
N ASN D 134 -36.12 -24.29 16.62
CA ASN D 134 -35.01 -24.74 17.44
C ASN D 134 -34.33 -23.60 18.19
N GLN D 135 -34.86 -22.38 18.07
CA GLN D 135 -34.29 -21.23 18.77
C GLN D 135 -35.42 -20.43 19.40
N ARG D 136 -35.09 -19.73 20.49
CA ARG D 136 -36.04 -18.84 21.15
C ARG D 136 -35.26 -17.78 21.90
N MET D 137 -35.70 -16.53 21.78
CA MET D 137 -34.96 -15.42 22.37
C MET D 137 -35.15 -15.33 23.89
N GLY D 138 -36.20 -15.94 24.42
CA GLY D 138 -36.41 -15.89 25.86
C GLY D 138 -36.94 -14.57 26.35
N ALA D 139 -37.79 -14.60 27.37
CA ALA D 139 -38.40 -13.38 27.87
C ALA D 139 -37.51 -12.63 28.85
N LEU D 140 -36.45 -13.25 29.35
CA LEU D 140 -35.60 -12.66 30.36
C LEU D 140 -34.31 -12.15 29.74
N GLY D 141 -34.02 -10.86 29.96
CA GLY D 141 -32.75 -10.28 29.58
C GLY D 141 -32.07 -9.67 30.78
N MET D 142 -30.86 -10.15 31.10
CA MET D 142 -30.17 -9.76 32.32
C MET D 142 -28.75 -9.33 31.99
N ASN D 143 -28.29 -8.28 32.67
CA ASN D 143 -26.93 -7.80 32.51
C ASN D 143 -26.05 -8.28 33.66
N MET D 144 -24.75 -8.13 33.46
CA MET D 144 -23.76 -8.63 34.42
C MET D 144 -23.82 -7.82 35.72
N ALA D 145 -23.53 -8.49 36.83
CA ALA D 145 -23.57 -7.88 38.15
C ALA D 145 -22.25 -7.16 38.40
N VAL D 146 -22.33 -5.93 38.90
CA VAL D 146 -21.17 -5.07 39.10
C VAL D 146 -21.06 -4.76 40.59
N SER D 147 -19.86 -4.89 41.13
CA SER D 147 -19.61 -4.50 42.51
C SER D 147 -19.81 -3.01 42.68
N LEU D 148 -20.51 -2.62 43.75
CA LEU D 148 -20.75 -1.21 44.00
C LEU D 148 -19.45 -0.47 44.31
N THR D 149 -18.57 -1.07 45.08
CA THR D 149 -17.28 -0.66 45.61
C THR D 149 -16.15 -1.20 44.76
N PRO D 150 -15.13 -0.39 44.45
CA PRO D 150 -14.00 -0.89 43.68
C PRO D 150 -13.22 -1.96 44.44
N TYR D 151 -12.61 -2.87 43.68
CA TYR D 151 -11.85 -3.97 44.24
C TYR D 151 -10.41 -3.53 44.48
N ASP D 152 -9.98 -3.56 45.75
CA ASP D 152 -8.65 -3.09 46.11
C ASP D 152 -7.66 -4.22 46.37
N GLY D 153 -7.94 -5.07 47.35
CA GLY D 153 -7.01 -6.08 47.80
C GLY D 153 -7.68 -7.39 48.17
N ALA D 154 -7.45 -7.82 49.41
CA ALA D 154 -8.20 -8.90 50.05
C ALA D 154 -8.03 -10.23 49.29
N VAL D 155 -6.80 -10.72 49.32
CA VAL D 155 -6.49 -12.09 48.90
C VAL D 155 -6.48 -12.97 50.14
N LYS D 156 -6.88 -14.22 49.97
CA LYS D 156 -7.00 -15.16 51.08
C LYS D 156 -5.95 -16.27 50.98
N LEU D 157 -5.57 -16.80 52.13
CA LEU D 157 -4.55 -17.85 52.22
C LEU D 157 -5.24 -19.21 52.20
N GLY D 158 -4.75 -20.11 51.36
CA GLY D 158 -5.42 -21.37 51.13
C GLY D 158 -4.61 -22.62 51.37
N ALA D 159 -3.80 -22.64 52.43
CA ALA D 159 -3.04 -23.83 52.77
C ALA D 159 -3.96 -24.95 53.23
N LYS D 160 -3.48 -26.18 53.10
CA LYS D 160 -4.26 -27.38 53.41
C LYS D 160 -3.53 -28.19 54.48
N SER D 161 -3.87 -27.95 55.74
CA SER D 161 -3.36 -28.71 56.89
C SER D 161 -1.83 -28.61 56.92
N GLY D 162 -1.17 -29.69 57.35
CA GLY D 162 0.28 -29.71 57.42
C GLY D 162 0.90 -30.88 56.67
N ARG D 163 2.17 -30.74 56.30
CA ARG D 163 2.93 -31.74 55.57
C ARG D 163 2.33 -32.03 54.20
N GLU D 164 3.04 -32.82 53.39
CA GLU D 164 2.60 -33.20 52.05
C GLU D 164 2.24 -31.96 51.22
N LYS D 165 3.23 -31.08 51.04
CA LYS D 165 3.03 -29.83 50.32
C LYS D 165 3.00 -30.11 48.82
N ASP D 166 1.87 -30.65 48.38
CA ASP D 166 1.63 -30.97 46.98
C ASP D 166 1.00 -29.76 46.28
N SER D 167 0.43 -29.98 45.10
CA SER D 167 -0.28 -28.90 44.41
C SER D 167 -1.44 -28.36 45.23
N THR D 168 -1.97 -29.15 46.17
CA THR D 168 -3.01 -28.69 47.08
C THR D 168 -2.46 -27.86 48.25
N SER D 169 -1.17 -27.54 48.23
CA SER D 169 -0.52 -26.73 49.25
C SER D 169 -0.81 -25.25 49.02
N LEU D 170 0.02 -24.40 49.60
CA LEU D 170 -0.16 -22.95 49.70
C LEU D 170 -0.82 -22.37 48.45
N HIS D 171 -1.95 -21.68 48.65
CA HIS D 171 -2.79 -21.23 47.56
C HIS D 171 -3.39 -19.88 47.94
N PHE D 172 -3.81 -19.13 46.94
CA PHE D 172 -4.41 -17.81 47.15
C PHE D 172 -5.80 -17.76 46.53
N THR D 173 -6.72 -17.11 47.26
CA THR D 173 -8.08 -16.91 46.79
C THR D 173 -8.44 -15.44 46.95
N GLU D 174 -8.96 -14.84 45.88
CA GLU D 174 -9.38 -13.44 45.93
C GLU D 174 -10.83 -13.33 46.37
N TYR D 175 -11.08 -12.41 47.30
CA TYR D 175 -12.43 -12.13 47.76
C TYR D 175 -12.63 -10.63 47.81
N HIS D 176 -13.89 -10.21 47.73
CA HIS D 176 -14.25 -8.81 47.70
C HIS D 176 -15.36 -8.56 48.72
N ALA D 177 -15.19 -7.53 49.54
CA ALA D 177 -16.17 -7.14 50.55
C ALA D 177 -16.96 -5.97 49.99
N THR D 178 -18.07 -6.29 49.31
CA THR D 178 -18.90 -5.27 48.67
C THR D 178 -20.30 -5.82 48.49
N ARG D 179 -21.18 -4.99 47.95
CA ARG D 179 -22.53 -5.37 47.58
C ARG D 179 -22.66 -5.27 46.07
N TYR D 180 -23.05 -6.37 45.44
CA TYR D 180 -23.15 -6.40 43.98
C TYR D 180 -24.48 -5.82 43.52
N GLN D 181 -24.48 -5.34 42.28
CA GLN D 181 -25.65 -4.71 41.68
C GLN D 181 -25.77 -5.18 40.24
N TYR D 182 -26.97 -5.59 39.84
CA TYR D 182 -27.21 -6.05 38.48
C TYR D 182 -28.52 -5.52 37.97
N TYR D 183 -28.65 -5.47 36.65
CA TYR D 183 -29.80 -4.92 35.96
C TYR D 183 -30.41 -5.99 35.05
N PHE D 184 -31.72 -6.13 35.12
CA PHE D 184 -32.44 -7.13 34.34
C PHE D 184 -33.64 -6.50 33.67
N GLY D 185 -34.15 -7.16 32.64
CA GLY D 185 -35.34 -6.71 31.95
C GLY D 185 -36.16 -7.86 31.40
N ILE D 186 -37.45 -7.87 31.70
CA ILE D 186 -38.36 -8.94 31.29
C ILE D 186 -39.35 -8.40 30.28
N ASP D 187 -39.46 -9.06 29.14
CA ASP D 187 -40.49 -8.78 28.15
C ASP D 187 -41.67 -9.70 28.45
N ALA D 188 -42.65 -9.17 29.19
CA ALA D 188 -43.74 -10.02 29.68
C ALA D 188 -44.56 -10.60 28.55
N THR D 189 -44.82 -9.82 27.50
CA THR D 189 -45.64 -10.30 26.40
C THR D 189 -44.96 -11.43 25.63
N HIS D 190 -43.62 -11.50 25.70
CA HIS D 190 -42.91 -12.54 24.98
C HIS D 190 -43.07 -13.92 25.62
N LEU D 191 -43.55 -13.97 26.86
CA LEU D 191 -43.75 -15.25 27.53
C LEU D 191 -44.87 -16.04 26.85
N LYS D 192 -44.66 -17.34 26.70
CA LYS D 192 -45.72 -18.20 26.17
C LYS D 192 -46.90 -18.24 27.13
N ASP D 193 -46.63 -18.33 28.43
CA ASP D 193 -47.66 -18.25 29.47
C ASP D 193 -47.40 -16.98 30.27
N PHE D 194 -48.38 -16.07 30.26
CA PHE D 194 -48.19 -14.77 30.89
C PHE D 194 -48.04 -14.89 32.40
N SER D 195 -48.60 -15.93 33.00
CA SER D 195 -48.54 -16.10 34.45
C SER D 195 -47.14 -16.47 34.95
N ARG D 196 -46.22 -16.83 34.05
CA ARG D 196 -44.89 -17.26 34.46
C ARG D 196 -44.02 -16.11 34.95
N ILE D 197 -44.44 -14.86 34.78
CA ILE D 197 -43.64 -13.75 35.26
C ILE D 197 -43.58 -13.72 36.78
N LEU D 198 -44.66 -14.11 37.45
CA LEU D 198 -44.67 -14.10 38.91
C LEU D 198 -43.62 -15.03 39.51
N PRO D 199 -43.46 -16.28 39.08
CA PRO D 199 -42.34 -17.08 39.59
C PRO D 199 -40.98 -16.46 39.33
N MET D 200 -40.82 -15.74 38.22
CA MET D 200 -39.56 -15.04 37.97
C MET D 200 -39.30 -13.97 39.02
N ILE D 201 -40.32 -13.20 39.38
CA ILE D 201 -40.17 -12.18 40.42
C ILE D 201 -39.85 -12.84 41.75
N ASP D 202 -40.54 -13.95 42.07
CA ASP D 202 -40.26 -14.65 43.31
C ASP D 202 -38.83 -15.18 43.35
N GLY D 203 -38.34 -15.70 42.23
CA GLY D 203 -36.97 -16.17 42.18
C GLY D 203 -35.96 -15.06 42.31
N ILE D 204 -36.24 -13.90 41.70
CA ILE D 204 -35.38 -12.74 41.89
C ILE D 204 -35.34 -12.35 43.34
N MET D 205 -36.49 -12.42 44.03
CA MET D 205 -36.53 -12.18 45.46
C MET D 205 -35.67 -13.19 46.22
N ASN D 206 -36.03 -14.47 46.11
CA ASN D 206 -35.32 -15.53 46.82
C ASN D 206 -34.37 -16.25 45.88
N LEU D 207 -33.30 -15.57 45.52
CA LEU D 207 -32.33 -16.14 44.60
C LEU D 207 -31.45 -17.15 45.32
N PRO D 208 -31.28 -18.37 44.78
CA PRO D 208 -30.42 -19.36 45.42
C PRO D 208 -28.94 -19.02 45.29
N LYS D 209 -28.09 -19.97 45.68
CA LYS D 209 -26.65 -19.78 45.66
C LYS D 209 -26.16 -19.35 44.29
N VAL D 210 -25.47 -18.22 44.23
CA VAL D 210 -24.85 -17.70 43.01
C VAL D 210 -23.34 -17.78 43.20
N GLY D 211 -22.64 -18.28 42.19
CA GLY D 211 -21.20 -18.45 42.30
C GLY D 211 -20.83 -19.80 42.87
N GLY D 212 -19.54 -19.93 43.20
CA GLY D 212 -19.03 -21.21 43.63
C GLY D 212 -18.47 -21.33 45.03
N SER D 213 -17.84 -20.27 45.53
CA SER D 213 -17.13 -20.40 46.79
C SER D 213 -18.07 -20.27 47.98
N SER D 214 -19.15 -21.05 47.98
CA SER D 214 -20.13 -20.98 49.06
C SER D 214 -19.66 -21.68 50.34
N ASN D 215 -18.70 -22.59 50.24
CA ASN D 215 -18.23 -23.30 51.44
C ASN D 215 -17.50 -22.34 52.38
N ILE D 216 -16.71 -21.42 51.84
CA ILE D 216 -15.94 -20.50 52.65
C ILE D 216 -16.40 -19.06 52.52
N PHE D 217 -17.07 -18.70 51.42
CA PHE D 217 -17.61 -17.34 51.22
C PHE D 217 -19.10 -17.48 50.92
N ASN D 218 -19.91 -17.56 51.96
CA ASN D 218 -21.34 -17.69 51.80
C ASN D 218 -21.93 -16.30 51.57
N TYR D 219 -22.31 -16.02 50.33
CA TYR D 219 -22.80 -14.70 49.93
C TYR D 219 -24.24 -14.80 49.45
N PRO D 220 -25.22 -14.41 50.27
CA PRO D 220 -26.61 -14.41 49.81
C PRO D 220 -26.82 -13.32 48.76
N PHE D 221 -27.48 -13.69 47.67
CA PHE D 221 -27.71 -12.77 46.56
C PHE D 221 -29.13 -12.20 46.57
N CYS D 222 -29.86 -12.37 47.66
CA CYS D 222 -31.19 -11.80 47.74
C CYS D 222 -31.12 -10.27 47.77
N PRO D 223 -32.06 -9.58 47.11
CA PRO D 223 -32.00 -8.12 47.08
C PRO D 223 -32.25 -7.51 48.45
N ASP D 224 -31.53 -6.42 48.74
CA ASP D 224 -31.84 -5.59 49.89
C ASP D 224 -32.30 -4.19 49.49
N SER D 225 -32.12 -3.80 48.23
CA SER D 225 -32.66 -2.57 47.68
C SER D 225 -33.09 -2.84 46.25
N LEU D 226 -34.28 -2.37 45.88
CA LEU D 226 -34.85 -2.65 44.57
C LEU D 226 -35.36 -1.37 43.94
N VAL D 227 -35.20 -1.28 42.62
CA VAL D 227 -35.80 -0.22 41.82
C VAL D 227 -36.43 -0.87 40.59
N PHE D 228 -37.74 -1.07 40.64
CA PHE D 228 -38.47 -1.73 39.56
C PHE D 228 -39.28 -0.73 38.77
N GLN D 229 -39.47 -1.03 37.48
CA GLN D 229 -40.28 -0.19 36.60
C GLN D 229 -41.13 -1.09 35.73
N TRP D 230 -42.44 -0.98 35.89
CA TRP D 230 -43.41 -1.76 35.12
C TRP D 230 -44.08 -0.80 34.14
N THR D 231 -43.57 -0.75 32.91
CA THR D 231 -44.03 0.21 31.92
C THR D 231 -44.22 -0.51 30.58
N ASN D 232 -44.80 0.22 29.63
CA ASN D 232 -45.05 -0.29 28.28
C ASN D 232 -44.19 0.41 27.25
N HIS D 233 -42.97 0.79 27.62
CA HIS D 233 -42.03 1.44 26.72
C HIS D 233 -40.71 0.67 26.69
N PHE D 234 -40.05 0.68 25.54
CA PHE D 234 -38.75 0.06 25.40
C PHE D 234 -37.64 0.84 26.10
N ALA D 235 -37.90 2.08 26.48
CA ALA D 235 -36.90 2.94 27.09
C ALA D 235 -36.82 2.69 28.59
N SER D 236 -35.61 2.42 29.08
CA SER D 236 -35.36 2.20 30.49
C SER D 236 -34.25 3.12 30.96
N TYR D 237 -34.47 3.82 32.07
CA TYR D 237 -33.51 4.76 32.61
C TYR D 237 -33.15 4.44 34.05
N ILE D 238 -33.23 3.16 34.43
CA ILE D 238 -32.96 2.74 35.79
C ILE D 238 -31.82 1.74 35.88
N SER D 239 -31.07 1.57 34.79
CA SER D 239 -29.98 0.60 34.78
C SER D 239 -28.83 1.10 35.64
N TYR D 240 -28.47 0.33 36.66
CA TYR D 240 -27.36 0.63 37.56
C TYR D 240 -27.53 2.01 38.21
N CYS D 241 -28.63 2.14 38.95
CA CYS D 241 -28.99 3.42 39.56
C CYS D 241 -28.33 3.65 40.92
N PHE D 242 -27.72 2.62 41.51
CA PHE D 242 -27.11 2.75 42.82
C PHE D 242 -25.65 3.15 42.70
N GLU D 243 -25.15 3.82 43.73
CA GLU D 243 -23.76 4.24 43.79
C GLU D 243 -23.36 4.40 45.25
N TYR D 244 -22.05 4.40 45.50
CA TYR D 244 -21.52 4.44 46.84
C TYR D 244 -21.33 5.88 47.31
N CYS D 245 -21.40 6.08 48.62
CA CYS D 245 -21.09 7.37 49.22
C CYS D 245 -19.62 7.48 49.62
N ASP D 246 -19.01 6.35 49.98
CA ASP D 246 -17.60 6.31 50.37
C ASP D 246 -16.98 5.11 49.65
N PRO D 247 -15.89 5.30 48.91
CA PRO D 247 -15.31 4.21 48.11
C PRO D 247 -14.95 2.95 48.89
N LYS D 248 -15.04 2.98 50.22
CA LYS D 248 -14.70 1.81 51.02
C LYS D 248 -15.76 1.48 52.07
N SER D 249 -16.98 1.99 51.92
CA SER D 249 -18.04 1.78 52.88
C SER D 249 -19.15 0.92 52.29
N LYS D 250 -19.94 0.33 53.19
CA LYS D 250 -21.08 -0.48 52.79
C LYS D 250 -22.32 0.36 52.45
N GLU D 251 -22.30 1.65 52.75
CA GLU D 251 -23.45 2.49 52.49
C GLU D 251 -23.71 2.62 51.00
N ALA D 252 -24.98 2.61 50.63
CA ALA D 252 -25.39 2.74 49.24
C ALA D 252 -26.40 3.87 49.11
N LYS D 253 -26.40 4.51 47.94
CA LYS D 253 -27.23 5.67 47.71
C LYS D 253 -27.60 5.72 46.23
N LEU D 254 -28.86 6.05 45.95
CA LEU D 254 -29.29 6.22 44.57
C LEU D 254 -28.50 7.34 43.91
N SER D 255 -28.02 7.08 42.70
CA SER D 255 -27.19 8.06 42.01
C SER D 255 -27.96 9.35 41.75
N GLN D 256 -27.26 10.48 41.82
CA GLN D 256 -27.90 11.75 41.59
C GLN D 256 -28.49 11.84 40.18
N GLU D 257 -27.92 11.09 39.23
CA GLU D 257 -28.48 11.05 37.89
C GLU D 257 -29.89 10.48 37.89
N PHE D 258 -30.10 9.40 38.64
CA PHE D 258 -31.44 8.80 38.71
C PHE D 258 -32.45 9.74 39.36
N ILE D 259 -32.05 10.41 40.44
CA ILE D 259 -32.95 11.34 41.11
C ILE D 259 -33.27 12.53 40.19
N ASP D 260 -32.26 13.02 39.47
CA ASP D 260 -32.50 14.08 38.50
C ASP D 260 -33.43 13.62 37.39
N GLU D 261 -33.27 12.37 36.94
CA GLU D 261 -34.15 11.82 35.92
C GLU D 261 -35.59 11.77 36.40
N VAL D 262 -35.79 11.36 37.65
CA VAL D 262 -37.15 11.30 38.20
C VAL D 262 -37.72 12.71 38.35
N GLU D 263 -36.90 13.67 38.80
CA GLU D 263 -37.40 15.00 39.11
C GLU D 263 -37.68 15.80 37.84
N CYS D 264 -36.91 15.59 36.78
CA CYS D 264 -37.07 16.39 35.57
C CYS D 264 -38.42 16.17 34.92
N GLY D 265 -38.92 14.94 34.95
CA GLY D 265 -40.17 14.60 34.29
C GLY D 265 -40.12 13.24 33.65
N GLN D 266 -38.92 12.79 33.30
CA GLN D 266 -38.75 11.43 32.81
C GLN D 266 -39.01 10.44 33.94
N ILE D 267 -39.28 9.19 33.56
CA ILE D 267 -39.60 8.12 34.50
C ILE D 267 -40.86 8.49 35.28
N ASP D 268 -42.01 8.07 34.79
CA ASP D 268 -43.28 8.36 35.46
C ASP D 268 -43.27 7.73 36.86
N PRO D 269 -43.47 8.51 37.91
CA PRO D 269 -43.43 7.92 39.26
C PRO D 269 -44.46 6.84 39.48
N SER D 270 -45.62 6.91 38.82
CA SER D 270 -46.63 5.87 38.98
C SER D 270 -46.14 4.51 38.49
N LYS D 271 -45.18 4.47 37.59
CA LYS D 271 -44.60 3.23 37.11
C LYS D 271 -43.34 2.82 37.85
N LEU D 272 -42.90 3.61 38.83
CA LEU D 272 -41.65 3.35 39.54
C LEU D 272 -41.93 2.67 40.86
N TRP D 273 -41.20 1.59 41.13
CA TRP D 273 -41.33 0.82 42.37
C TRP D 273 -39.96 0.75 43.03
N ILE D 274 -39.82 1.41 44.17
CA ILE D 274 -38.57 1.46 44.92
C ILE D 274 -38.81 0.86 46.30
N GLY D 275 -37.93 -0.04 46.72
CA GLY D 275 -38.09 -0.65 48.01
C GLY D 275 -36.77 -1.23 48.52
N GLY D 276 -36.76 -1.48 49.82
CA GLY D 276 -35.57 -2.02 50.46
C GLY D 276 -34.99 -1.08 51.50
N THR D 277 -33.71 -1.26 51.83
CA THR D 277 -33.06 -0.37 52.79
C THR D 277 -32.76 1.00 52.21
N ILE D 278 -32.88 1.18 50.90
CA ILE D 278 -32.73 2.51 50.30
C ILE D 278 -33.93 3.40 50.61
N VAL D 279 -35.04 2.80 51.05
CA VAL D 279 -36.23 3.58 51.36
C VAL D 279 -35.96 4.56 52.50
N LYS D 280 -35.25 4.09 53.54
CA LYS D 280 -34.95 4.96 54.67
C LYS D 280 -34.11 6.16 54.22
N ASP D 281 -33.07 5.91 53.43
CA ASP D 281 -32.23 7.00 52.95
C ASP D 281 -33.01 7.95 52.04
N LEU D 282 -33.91 7.42 51.21
CA LEU D 282 -34.75 8.27 50.38
C LEU D 282 -35.65 9.16 51.22
N GLN D 283 -36.24 8.60 52.28
CA GLN D 283 -37.17 9.36 53.11
C GLN D 283 -36.45 10.37 53.99
N GLN D 284 -35.21 10.12 54.38
CA GLN D 284 -34.45 11.11 55.15
C GLN D 284 -34.00 12.30 54.30
N LEU D 285 -34.15 12.23 52.98
CA LEU D 285 -33.78 13.35 52.13
C LEU D 285 -34.68 14.55 52.40
N ASP D 286 -34.10 15.74 52.28
CA ASP D 286 -34.86 16.97 52.44
C ASP D 286 -35.80 17.15 51.25
N ASN D 287 -36.86 17.95 51.48
CA ASN D 287 -37.90 18.25 50.50
C ASN D 287 -38.41 17.00 49.78
N PHE D 288 -38.39 15.85 50.48
CA PHE D 288 -38.85 14.60 49.88
C PHE D 288 -40.32 14.66 49.56
N GLU D 289 -41.12 15.26 50.44
CA GLU D 289 -42.56 15.33 50.21
C GLU D 289 -42.89 16.11 48.95
N SER D 290 -42.19 17.23 48.72
CA SER D 290 -42.45 18.04 47.53
C SER D 290 -41.85 17.39 46.29
N SER D 291 -40.88 16.51 46.46
CA SER D 291 -40.21 15.90 45.32
C SER D 291 -41.16 14.94 44.59
N PRO D 292 -41.03 14.84 43.27
CA PRO D 292 -41.84 13.86 42.52
C PRO D 292 -41.55 12.42 42.90
N LEU D 293 -40.38 12.15 43.51
CA LEU D 293 -40.06 10.80 43.92
C LEU D 293 -41.02 10.29 44.98
N ASN D 294 -41.67 11.19 45.73
CA ASN D 294 -42.63 10.78 46.75
C ASN D 294 -43.84 10.09 46.14
N LYS D 295 -44.19 10.42 44.91
CA LYS D 295 -45.35 9.82 44.26
C LYS D 295 -45.09 8.41 43.76
N ALA D 296 -43.84 7.96 43.76
CA ALA D 296 -43.54 6.59 43.37
C ALA D 296 -43.94 5.62 44.47
N HIS D 297 -44.14 4.36 44.08
CA HIS D 297 -44.52 3.31 45.02
C HIS D 297 -43.30 2.94 45.84
N ILE D 298 -43.19 3.50 47.04
CA ILE D 298 -42.04 3.30 47.92
C ILE D 298 -42.49 2.48 49.11
N TYR D 299 -41.91 1.29 49.27
CA TYR D 299 -42.24 0.39 50.37
C TYR D 299 -40.96 -0.02 51.06
N ARG D 300 -40.88 0.19 52.37
CA ARG D 300 -39.72 -0.27 53.13
C ARG D 300 -39.63 -1.79 53.11
N ASN D 301 -40.78 -2.47 53.25
CA ASN D 301 -40.82 -3.92 53.21
C ASN D 301 -40.83 -4.38 51.76
N ARG D 302 -39.86 -5.23 51.40
CA ARG D 302 -39.79 -5.70 50.02
C ARG D 302 -40.97 -6.60 49.67
N ASN D 303 -41.46 -7.37 50.64
CA ASN D 303 -42.60 -8.25 50.39
C ASN D 303 -43.84 -7.45 50.03
N GLU D 304 -44.08 -6.33 50.71
CA GLU D 304 -45.22 -5.49 50.37
C GLU D 304 -45.10 -4.92 48.96
N MET D 305 -43.91 -4.47 48.59
CA MET D 305 -43.70 -3.99 47.23
C MET D 305 -43.98 -5.08 46.22
N ILE D 306 -43.48 -6.29 46.49
CA ILE D 306 -43.65 -7.39 45.56
C ILE D 306 -45.12 -7.75 45.42
N GLU D 307 -45.86 -7.76 46.54
CA GLU D 307 -47.29 -8.06 46.48
C GLU D 307 -48.03 -7.01 45.67
N ALA D 308 -47.76 -5.73 45.91
CA ALA D 308 -48.44 -4.68 45.18
C ALA D 308 -48.10 -4.72 43.68
N LEU D 309 -46.82 -4.93 43.36
CA LEU D 309 -46.40 -4.99 41.98
C LEU D 309 -47.01 -6.20 41.27
N LYS D 310 -47.09 -7.34 41.97
CA LYS D 310 -47.72 -8.51 41.36
C LYS D 310 -49.21 -8.30 41.17
N THR D 311 -49.87 -7.59 42.08
CA THR D 311 -51.27 -7.25 41.87
C THR D 311 -51.44 -6.39 40.62
N VAL D 312 -50.56 -5.39 40.46
CA VAL D 312 -50.63 -4.52 39.29
C VAL D 312 -50.37 -5.33 38.01
N ILE D 313 -49.39 -6.22 38.05
CA ILE D 313 -49.04 -7.02 36.88
C ILE D 313 -50.19 -7.95 36.51
N LYS D 314 -50.81 -8.59 37.50
CA LYS D 314 -51.94 -9.47 37.23
C LYS D 314 -53.13 -8.68 36.68
N ARG D 315 -53.34 -7.46 37.17
CA ARG D 315 -54.41 -6.63 36.62
C ARG D 315 -54.13 -6.26 35.18
N ASP D 316 -52.88 -5.91 34.86
CA ASP D 316 -52.54 -5.45 33.52
C ASP D 316 -52.49 -6.59 32.50
N LEU D 317 -52.04 -7.78 32.91
CA LEU D 317 -51.90 -8.91 32.01
C LEU D 317 -53.13 -9.80 31.97
N GLY D 318 -54.17 -9.45 32.72
CA GLY D 318 -55.40 -10.24 32.74
C GLY D 318 -55.22 -11.64 33.31
N LEU D 319 -54.49 -11.74 34.42
CA LEU D 319 -54.29 -13.03 35.07
C LEU D 319 -55.34 -13.28 36.14
N PRO E 12 -40.40 23.32 0.96
CA PRO E 12 -38.96 23.40 1.25
C PRO E 12 -38.36 22.03 1.56
N ASN E 13 -37.03 21.95 1.56
CA ASN E 13 -36.32 20.71 1.82
C ASN E 13 -35.85 20.72 3.27
N TYR E 14 -36.59 20.06 4.15
CA TYR E 14 -36.31 20.03 5.57
C TYR E 14 -35.60 18.73 5.92
N TYR E 15 -34.50 18.85 6.68
CA TYR E 15 -33.74 17.69 7.12
C TYR E 15 -33.60 17.73 8.64
N LEU E 16 -33.78 16.56 9.27
CA LEU E 16 -33.63 16.42 10.71
C LEU E 16 -32.36 15.60 10.97
N TYR E 17 -31.28 16.29 11.32
CA TYR E 17 -30.05 15.64 11.73
C TYR E 17 -30.02 15.47 13.23
N GLY E 18 -29.24 14.51 13.70
CA GLY E 18 -29.15 14.27 15.12
C GLY E 18 -28.08 13.29 15.54
N THR E 19 -27.47 13.56 16.69
CA THR E 19 -26.52 12.65 17.31
C THR E 19 -27.05 12.30 18.70
N VAL E 20 -27.23 11.01 18.95
CA VAL E 20 -27.83 10.51 20.17
C VAL E 20 -26.78 9.70 20.94
N LEU E 21 -26.70 9.93 22.24
CA LEU E 21 -25.76 9.24 23.11
C LEU E 21 -26.53 8.27 24.01
N THR E 22 -26.08 7.03 24.08
CA THR E 22 -26.77 6.01 24.85
C THR E 22 -26.34 6.09 26.32
N ARG E 23 -26.77 5.12 27.11
CA ARG E 23 -26.45 5.06 28.53
C ARG E 23 -25.25 4.16 28.78
N TYR E 24 -24.62 4.37 29.93
CA TYR E 24 -23.47 3.56 30.30
C TYR E 24 -23.89 2.14 30.68
N GLY E 25 -23.11 1.16 30.24
CA GLY E 25 -23.45 -0.21 30.55
C GLY E 25 -22.61 -1.20 29.79
N LEU E 26 -22.58 -2.43 30.27
CA LEU E 26 -21.82 -3.46 29.59
C LEU E 26 -22.48 -3.75 28.27
N ALA E 27 -21.73 -3.64 27.18
CA ALA E 27 -22.33 -3.83 25.87
C ALA E 27 -21.56 -4.79 24.99
N SER E 28 -22.24 -5.79 24.48
CA SER E 28 -21.62 -6.73 23.56
C SER E 28 -22.58 -6.81 22.42
N LEU E 29 -23.03 -5.65 21.94
CA LEU E 29 -24.06 -5.63 20.91
C LEU E 29 -23.71 -6.19 19.55
N ASN E 30 -22.66 -5.68 18.91
CA ASN E 30 -22.41 -6.12 17.54
C ASN E 30 -21.11 -6.92 17.51
N HIS E 31 -21.19 -8.13 16.99
CA HIS E 31 -20.05 -9.04 16.96
C HIS E 31 -19.50 -9.14 15.54
N ASP E 32 -18.42 -9.89 15.41
CA ASP E 32 -17.71 -10.09 14.15
C ASP E 32 -17.74 -11.57 13.78
N ILE E 33 -16.94 -11.93 12.78
CA ILE E 33 -16.83 -13.30 12.29
C ILE E 33 -16.58 -14.24 13.47
N ARG E 34 -17.14 -15.46 13.39
CA ARG E 34 -17.14 -16.39 14.51
C ARG E 34 -15.74 -16.62 15.07
N ARG E 35 -14.74 -16.76 14.18
CA ARG E 35 -13.36 -17.03 14.58
C ARG E 35 -13.28 -18.37 15.30
N GLY E 36 -12.75 -18.39 16.51
CA GLY E 36 -12.63 -19.61 17.27
C GLY E 36 -13.70 -19.78 18.33
N ASN E 37 -13.29 -19.92 19.58
CA ASN E 37 -14.23 -20.02 20.70
C ASN E 37 -14.58 -18.67 21.28
N LYS E 38 -14.00 -17.59 20.78
CA LYS E 38 -14.16 -16.26 21.35
C LYS E 38 -14.93 -15.40 20.36
N THR E 39 -16.06 -14.84 20.81
CA THR E 39 -16.85 -13.92 20.00
C THR E 39 -16.33 -12.50 20.23
N ILE E 40 -15.84 -11.88 19.17
CA ILE E 40 -15.21 -10.58 19.27
C ILE E 40 -16.20 -9.51 18.82
N LEU E 41 -15.99 -8.30 19.32
CA LEU E 41 -16.81 -7.17 18.93
C LEU E 41 -16.35 -6.60 17.59
N GLN E 42 -17.20 -5.78 16.99
CA GLN E 42 -16.83 -5.04 15.79
C GLN E 42 -16.09 -3.79 16.23
N LYS E 43 -14.76 -3.78 16.07
CA LYS E 43 -13.94 -2.71 16.58
C LYS E 43 -12.95 -2.25 15.51
N GLY E 44 -12.53 -0.99 15.65
CA GLY E 44 -11.57 -0.40 14.74
C GLY E 44 -11.09 0.91 15.30
N TYR E 45 -10.07 1.46 14.64
CA TYR E 45 -9.50 2.73 15.09
C TYR E 45 -10.48 3.87 14.83
N TRP E 46 -10.71 4.69 15.86
CA TRP E 46 -11.65 5.81 15.76
C TRP E 46 -10.97 7.15 15.96
N ASN E 47 -10.28 7.34 17.08
CA ASN E 47 -9.65 8.61 17.37
C ASN E 47 -8.35 8.37 18.14
N ASN E 48 -7.39 9.26 17.93
CA ASN E 48 -6.09 9.22 18.60
C ASN E 48 -5.37 7.89 18.41
N GLY E 49 -5.73 7.13 17.38
CA GLY E 49 -5.12 5.84 17.16
C GLY E 49 -5.55 4.78 18.15
N LYS E 50 -6.64 5.01 18.88
CA LYS E 50 -7.16 4.05 19.83
C LYS E 50 -8.31 3.28 19.20
N ILE E 51 -8.50 2.05 19.68
CA ILE E 51 -9.49 1.15 19.10
C ILE E 51 -10.79 1.26 19.89
N HIS E 52 -11.86 1.64 19.20
CA HIS E 52 -13.19 1.73 19.77
C HIS E 52 -14.06 0.61 19.24
N SER E 53 -15.11 0.28 19.98
CA SER E 53 -16.06 -0.74 19.57
C SER E 53 -17.21 -0.09 18.82
N PHE E 54 -17.67 -0.74 17.77
CA PHE E 54 -18.70 -0.19 16.88
C PHE E 54 -19.96 -1.04 16.92
N VAL E 55 -21.09 -0.38 16.71
CA VAL E 55 -22.37 -1.04 16.50
C VAL E 55 -22.87 -0.65 15.12
N GLY E 56 -23.12 -1.64 14.27
CA GLY E 56 -23.50 -1.35 12.91
C GLY E 56 -24.81 -0.60 12.81
N SER E 57 -24.89 0.28 11.81
CA SER E 57 -26.13 1.03 11.58
C SER E 57 -27.25 0.13 11.08
N SER E 58 -26.93 -0.99 10.46
CA SER E 58 -27.96 -1.94 10.08
C SER E 58 -28.68 -2.50 11.30
N ALA E 59 -27.96 -2.66 12.41
CA ALA E 59 -28.61 -3.09 13.65
C ALA E 59 -29.64 -2.07 14.12
N ILE E 60 -29.29 -0.79 14.09
CA ILE E 60 -30.21 0.24 14.53
C ILE E 60 -31.39 0.34 13.57
N ARG E 61 -31.14 0.17 12.27
CA ARG E 61 -32.23 0.18 11.30
C ARG E 61 -33.18 -0.99 11.54
N TRP E 62 -32.63 -2.17 11.84
CA TRP E 62 -33.47 -3.32 12.18
C TRP E 62 -34.29 -3.05 13.44
N ALA E 63 -33.67 -2.42 14.44
CA ALA E 63 -34.40 -2.08 15.66
C ALA E 63 -35.54 -1.10 15.36
N LEU E 64 -35.29 -0.12 14.50
CA LEU E 64 -36.34 0.83 14.14
C LEU E 64 -37.47 0.12 13.38
N ARG E 65 -37.13 -0.80 12.48
CA ARG E 65 -38.14 -1.58 11.78
C ARG E 65 -38.97 -2.40 12.77
N PHE E 66 -38.31 -3.01 13.74
CA PHE E 66 -39.03 -3.79 14.75
C PHE E 66 -39.94 -2.90 15.58
N TYR E 67 -39.49 -1.70 15.93
CA TYR E 67 -40.36 -0.77 16.65
C TYR E 67 -41.59 -0.43 15.82
N LEU E 68 -41.39 -0.15 14.53
CA LEU E 68 -42.52 0.18 13.66
C LEU E 68 -43.50 -0.99 13.58
N GLN E 69 -42.97 -2.22 13.53
CA GLN E 69 -43.85 -3.38 13.49
C GLN E 69 -44.61 -3.56 14.78
N LYS E 70 -43.95 -3.39 15.93
CA LYS E 70 -44.59 -3.68 17.21
C LYS E 70 -45.73 -2.70 17.49
N GLN E 71 -45.54 -1.42 17.22
CA GLN E 71 -46.56 -0.41 17.49
C GLN E 71 -47.56 -0.31 16.34
N GLY E 72 -48.16 -1.43 15.99
CA GLY E 72 -49.10 -1.43 14.87
C GLY E 72 -48.41 -1.10 13.58
N TYR E 73 -48.95 -0.10 12.88
CA TYR E 73 -48.40 0.40 11.61
C TYR E 73 -48.39 -0.67 10.53
N LEU E 74 -48.13 -0.27 9.29
CA LEU E 74 -48.07 -1.17 8.15
C LEU E 74 -46.62 -1.28 7.70
N VAL E 75 -46.05 -2.48 7.82
CA VAL E 75 -44.69 -2.75 7.42
C VAL E 75 -44.69 -3.93 6.46
N ASN E 76 -44.02 -3.78 5.32
CA ASN E 76 -43.92 -4.86 4.35
C ASN E 76 -43.17 -6.05 4.94
N ARG E 77 -42.05 -5.79 5.61
CA ARG E 77 -41.31 -6.85 6.29
C ARG E 77 -41.90 -7.06 7.68
N VAL E 78 -42.28 -8.30 7.97
CA VAL E 78 -42.84 -8.67 9.27
C VAL E 78 -41.90 -9.68 9.91
N TRP E 79 -41.31 -9.31 11.04
CA TRP E 79 -40.45 -10.22 11.78
C TRP E 79 -41.32 -11.25 12.49
N ASP E 80 -41.04 -12.53 12.25
CA ASP E 80 -41.87 -13.59 12.82
C ASP E 80 -41.80 -13.59 14.34
N GLU E 81 -40.61 -13.39 14.90
CA GLU E 81 -40.37 -13.33 16.34
C GLU E 81 -40.58 -14.68 17.00
N GLU E 82 -41.00 -15.67 16.22
CA GLU E 82 -41.15 -17.04 16.70
C GLU E 82 -40.27 -18.02 15.94
N GLU E 83 -40.29 -17.97 14.61
CA GLU E 83 -39.41 -18.77 13.78
C GLU E 83 -38.16 -18.01 13.34
N HIS E 84 -38.00 -16.77 13.79
CA HIS E 84 -36.87 -15.92 13.42
C HIS E 84 -36.74 -15.83 11.89
N ILE E 85 -37.87 -15.57 11.24
CA ILE E 85 -37.93 -15.50 9.78
C ILE E 85 -38.56 -14.17 9.40
N ASN E 86 -38.26 -13.73 8.18
CA ASN E 86 -38.80 -12.49 7.64
C ASN E 86 -39.78 -12.80 6.52
N ARG E 87 -41.00 -12.28 6.64
CA ARG E 87 -42.04 -12.47 5.66
C ARG E 87 -42.42 -11.12 5.04
N LEU E 88 -42.66 -11.12 3.73
CA LEU E 88 -43.07 -9.93 3.01
C LEU E 88 -44.56 -10.03 2.73
N THR E 89 -45.33 -9.07 3.24
CA THR E 89 -46.76 -9.08 3.01
C THR E 89 -47.10 -8.94 1.54
N SER E 90 -46.38 -8.07 0.83
CA SER E 90 -46.54 -7.90 -0.60
C SER E 90 -45.18 -8.07 -1.27
N GLU E 91 -45.13 -8.91 -2.30
CA GLU E 91 -43.87 -9.14 -3.01
C GLU E 91 -43.41 -7.90 -3.76
N ASP E 92 -44.34 -7.02 -4.11
CA ASP E 92 -44.02 -5.76 -4.78
C ASP E 92 -43.99 -4.65 -3.74
N PHE E 93 -42.84 -4.00 -3.58
CA PHE E 93 -42.70 -2.95 -2.59
C PHE E 93 -43.56 -1.75 -2.95
N ASP E 94 -44.31 -1.25 -1.97
CA ASP E 94 -45.21 -0.11 -2.16
C ASP E 94 -44.92 0.92 -1.08
N PRO E 95 -44.03 1.88 -1.36
CA PRO E 95 -43.71 2.90 -0.36
C PRO E 95 -44.89 3.76 0.03
N GLU E 96 -45.93 3.86 -0.81
CA GLU E 96 -47.10 4.65 -0.46
C GLU E 96 -47.83 4.06 0.73
N LYS E 97 -47.92 2.74 0.81
CA LYS E 97 -48.71 2.07 1.83
C LYS E 97 -47.89 1.67 3.05
N PHE E 98 -46.75 1.00 2.83
CA PHE E 98 -45.98 0.44 3.93
C PHE E 98 -45.02 1.47 4.51
N TYR E 99 -44.92 1.48 5.84
CA TYR E 99 -44.02 2.41 6.50
C TYR E 99 -42.55 2.07 6.24
N ASP E 100 -42.21 0.78 6.34
CA ASP E 100 -40.81 0.38 6.22
C ASP E 100 -40.27 0.64 4.82
N ASP E 101 -41.08 0.36 3.78
CA ASP E 101 -40.64 0.65 2.41
C ASP E 101 -40.46 2.15 2.20
N ASP E 102 -41.36 2.95 2.76
CA ASP E 102 -41.25 4.40 2.62
C ASP E 102 -39.99 4.94 3.31
N ILE E 103 -39.69 4.42 4.49
CA ILE E 103 -38.63 4.98 5.32
C ILE E 103 -37.25 4.43 4.94
N PHE E 104 -37.11 3.11 4.93
CA PHE E 104 -35.80 2.48 4.77
C PHE E 104 -35.49 2.15 3.31
N GLY E 105 -36.44 2.29 2.40
CA GLY E 105 -36.21 1.96 1.01
C GLY E 105 -36.20 0.46 0.77
N PHE E 106 -35.88 0.10 -0.47
CA PHE E 106 -35.85 -1.30 -0.87
C PHE E 106 -35.01 -1.42 -2.13
N ALA E 107 -34.66 -2.67 -2.46
CA ALA E 107 -33.88 -2.95 -3.67
C ALA E 107 -34.21 -4.37 -4.12
N LEU E 108 -35.05 -4.48 -5.15
CA LEU E 108 -35.42 -5.77 -5.72
C LEU E 108 -34.57 -5.98 -6.97
N LEU E 109 -33.48 -6.72 -6.82
CA LEU E 109 -32.54 -6.91 -7.92
C LEU E 109 -32.82 -8.16 -8.74
N GLU E 110 -33.49 -9.15 -8.17
CA GLU E 110 -33.68 -10.42 -8.85
C GLU E 110 -34.45 -10.21 -10.15
N SER E 111 -33.92 -10.78 -11.23
CA SER E 111 -34.53 -10.64 -12.55
C SER E 111 -34.05 -11.73 -13.49
N THR E 132 -44.41 0.45 -10.48
CA THR E 132 -43.62 1.14 -9.47
C THR E 132 -42.14 0.78 -9.61
N PRO E 133 -41.24 1.69 -9.27
CA PRO E 133 -39.81 1.37 -9.35
C PRO E 133 -39.43 0.27 -8.38
N ASN E 134 -38.42 -0.52 -8.77
CA ASN E 134 -37.95 -1.62 -7.95
C ASN E 134 -36.98 -1.18 -6.86
N GLN E 135 -36.53 0.08 -6.88
CA GLN E 135 -35.53 0.56 -5.95
C GLN E 135 -35.98 1.89 -5.36
N ARG E 136 -35.55 2.15 -4.12
CA ARG E 136 -35.87 3.39 -3.44
C ARG E 136 -34.74 3.72 -2.47
N MET E 137 -34.39 5.01 -2.39
CA MET E 137 -33.27 5.44 -1.57
C MET E 137 -33.61 5.60 -0.10
N GLY E 138 -34.89 5.61 0.26
CA GLY E 138 -35.27 5.74 1.66
C GLY E 138 -35.03 7.12 2.22
N ALA E 139 -35.78 7.49 3.26
CA ALA E 139 -35.67 8.81 3.85
C ALA E 139 -34.77 8.85 5.08
N LEU E 140 -34.22 7.71 5.50
CA LEU E 140 -33.40 7.63 6.71
C LEU E 140 -31.97 7.27 6.35
N GLY E 141 -31.03 8.05 6.85
CA GLY E 141 -29.62 7.77 6.66
C GLY E 141 -28.88 7.72 7.99
N MET E 142 -28.32 6.58 8.33
CA MET E 142 -27.69 6.36 9.62
C MET E 142 -26.19 6.12 9.45
N ASN E 143 -25.47 6.26 10.56
CA ASN E 143 -24.06 5.93 10.63
C ASN E 143 -23.81 5.00 11.80
N MET E 144 -22.70 4.26 11.72
CA MET E 144 -22.37 3.27 12.73
C MET E 144 -22.20 3.93 14.10
N ALA E 145 -22.72 3.28 15.13
CA ALA E 145 -22.58 3.77 16.49
C ALA E 145 -21.17 3.52 16.99
N VAL E 146 -20.55 4.56 17.53
CA VAL E 146 -19.16 4.50 17.99
C VAL E 146 -19.14 4.59 19.50
N SER E 147 -18.42 3.67 20.14
CA SER E 147 -18.28 3.72 21.58
C SER E 147 -17.52 4.97 21.99
N LEU E 148 -18.04 5.68 22.99
CA LEU E 148 -17.40 6.90 23.45
C LEU E 148 -16.07 6.64 24.13
N THR E 149 -15.85 5.42 24.62
CA THR E 149 -14.66 5.06 25.37
C THR E 149 -13.85 4.02 24.61
N PRO E 150 -12.52 4.14 24.57
CA PRO E 150 -11.70 3.13 23.90
C PRO E 150 -11.87 1.76 24.55
N TYR E 151 -11.83 0.73 23.72
CA TYR E 151 -12.02 -0.64 24.16
C TYR E 151 -10.66 -1.26 24.50
N ASP E 152 -10.42 -1.50 25.78
CA ASP E 152 -9.12 -2.01 26.19
C ASP E 152 -9.06 -3.53 26.37
N GLY E 153 -9.81 -4.05 27.34
CA GLY E 153 -9.80 -5.47 27.64
C GLY E 153 -11.16 -6.12 27.54
N ALA E 154 -11.73 -6.44 28.70
CA ALA E 154 -13.14 -6.80 28.84
C ALA E 154 -13.53 -8.00 27.98
N VAL E 155 -12.95 -9.14 28.32
CA VAL E 155 -13.36 -10.43 27.79
C VAL E 155 -13.96 -11.23 28.93
N LYS E 156 -15.15 -11.79 28.72
CA LYS E 156 -15.89 -12.49 29.76
C LYS E 156 -15.82 -13.99 29.51
N LEU E 157 -15.34 -14.72 30.52
CA LEU E 157 -15.27 -16.17 30.43
C LEU E 157 -16.67 -16.78 30.47
N GLY E 158 -16.90 -17.75 29.61
CA GLY E 158 -18.18 -18.44 29.56
C GLY E 158 -18.03 -19.95 29.53
N ALA E 159 -18.78 -20.64 30.39
CA ALA E 159 -18.68 -22.08 30.50
C ALA E 159 -20.05 -22.73 30.37
N LYS E 160 -20.10 -23.86 29.67
CA LYS E 160 -21.32 -24.64 29.58
C LYS E 160 -21.64 -25.36 30.89
N SER E 161 -20.70 -25.35 31.85
CA SER E 161 -20.89 -25.91 33.18
C SER E 161 -21.10 -27.42 33.16
N GLY E 162 -21.61 -27.95 34.26
CA GLY E 162 -21.69 -29.39 34.43
C GLY E 162 -20.33 -29.97 34.76
N ARG E 163 -20.29 -31.30 34.84
CA ARG E 163 -19.03 -32.00 35.02
C ARG E 163 -18.45 -32.49 33.70
N GLU E 164 -19.31 -32.93 32.78
CA GLU E 164 -18.86 -33.32 31.45
C GLU E 164 -18.36 -32.10 30.69
N LYS E 165 -17.31 -32.30 29.91
CA LYS E 165 -16.76 -31.27 29.05
C LYS E 165 -16.83 -31.73 27.60
N ASP E 166 -16.90 -30.78 26.70
CA ASP E 166 -16.88 -31.07 25.27
C ASP E 166 -16.32 -29.85 24.54
N SER E 167 -16.39 -29.88 23.21
CA SER E 167 -15.88 -28.75 22.42
C SER E 167 -16.65 -27.48 22.72
N THR E 168 -17.98 -27.58 22.86
CA THR E 168 -18.82 -26.42 23.15
C THR E 168 -18.98 -26.22 24.66
N SER E 169 -17.87 -26.15 25.37
CA SER E 169 -17.87 -25.99 26.82
C SER E 169 -17.24 -24.67 27.26
N LEU E 170 -16.03 -24.38 26.79
CA LEU E 170 -15.29 -23.20 27.23
C LEU E 170 -15.29 -22.19 26.08
N HIS E 171 -15.99 -21.07 26.28
CA HIS E 171 -16.08 -20.01 25.29
C HIS E 171 -15.86 -18.66 25.97
N PHE E 172 -15.48 -17.67 25.17
CA PHE E 172 -15.22 -16.33 25.66
C PHE E 172 -16.06 -15.33 24.87
N THR E 173 -16.55 -14.31 25.56
CA THR E 173 -17.36 -13.27 24.95
C THR E 173 -16.79 -11.91 25.32
N GLU E 174 -16.54 -11.07 24.31
CA GLU E 174 -16.07 -9.71 24.56
C GLU E 174 -17.23 -8.80 24.92
N TYR E 175 -17.01 -7.94 25.90
CA TYR E 175 -17.97 -6.91 26.27
C TYR E 175 -17.23 -5.58 26.35
N HIS E 176 -17.97 -4.52 26.69
CA HIS E 176 -17.39 -3.19 26.72
C HIS E 176 -18.28 -2.28 27.56
N ALA E 177 -17.73 -1.75 28.66
CA ALA E 177 -18.46 -0.83 29.52
C ALA E 177 -18.27 0.58 28.99
N THR E 178 -19.21 1.04 28.18
CA THR E 178 -19.08 2.34 27.54
C THR E 178 -20.45 2.83 27.10
N ARG E 179 -20.53 4.12 26.79
CA ARG E 179 -21.66 4.72 26.12
C ARG E 179 -21.46 4.61 24.61
N TYR E 180 -22.56 4.56 23.87
CA TYR E 180 -22.51 4.53 22.41
C TYR E 180 -23.15 5.79 21.85
N GLN E 181 -22.67 6.20 20.68
CA GLN E 181 -23.08 7.46 20.08
C GLN E 181 -23.10 7.30 18.58
N TYR E 182 -24.25 7.59 17.96
CA TYR E 182 -24.41 7.45 16.52
C TYR E 182 -25.09 8.69 15.95
N TYR E 183 -24.91 8.86 14.65
CA TYR E 183 -25.39 10.03 13.93
C TYR E 183 -26.34 9.58 12.84
N PHE E 184 -27.46 10.31 12.69
CA PHE E 184 -28.47 9.99 11.70
C PHE E 184 -28.97 11.27 11.06
N GLY E 185 -29.57 11.12 9.88
CA GLY E 185 -30.15 12.23 9.17
C GLY E 185 -31.37 11.81 8.37
N ILE E 186 -32.42 12.63 8.40
CA ILE E 186 -33.68 12.31 7.76
C ILE E 186 -33.98 13.36 6.70
N ASP E 187 -34.25 12.90 5.48
CA ASP E 187 -34.74 13.77 4.41
C ASP E 187 -36.27 13.71 4.46
N ALA E 188 -36.87 14.63 5.22
CA ALA E 188 -38.30 14.56 5.48
C ALA E 188 -39.11 14.73 4.19
N THR E 189 -38.65 15.59 3.27
CA THR E 189 -39.38 15.80 2.03
C THR E 189 -39.39 14.53 1.17
N HIS E 190 -38.38 13.67 1.32
CA HIS E 190 -38.33 12.43 0.55
C HIS E 190 -39.38 11.42 0.97
N LEU E 191 -40.00 11.59 2.13
CA LEU E 191 -41.01 10.64 2.58
C LEU E 191 -42.25 10.71 1.69
N LYS E 192 -42.81 9.53 1.39
CA LYS E 192 -44.06 9.49 0.64
C LYS E 192 -45.19 10.13 1.44
N ASP E 193 -45.25 9.84 2.74
CA ASP E 193 -46.18 10.49 3.66
C ASP E 193 -45.37 11.31 4.64
N PHE E 194 -45.62 12.61 4.67
CA PHE E 194 -44.80 13.51 5.50
C PHE E 194 -45.00 13.25 6.98
N SER E 195 -46.15 12.67 7.37
CA SER E 195 -46.44 12.45 8.77
C SER E 195 -45.68 11.26 9.35
N ARG E 196 -45.01 10.46 8.52
CA ARG E 196 -44.31 9.28 9.02
C ARG E 196 -43.03 9.62 9.77
N ILE E 197 -42.60 10.88 9.78
CA ILE E 197 -41.41 11.26 10.54
C ILE E 197 -41.66 11.13 12.03
N LEU E 198 -42.88 11.44 12.49
CA LEU E 198 -43.18 11.38 13.92
C LEU E 198 -43.00 9.98 14.50
N PRO E 199 -43.55 8.90 13.89
CA PRO E 199 -43.25 7.56 14.42
C PRO E 199 -41.77 7.24 14.41
N MET E 200 -41.02 7.77 13.44
CA MET E 200 -39.57 7.53 13.40
C MET E 200 -38.88 8.18 14.60
N ILE E 201 -39.28 9.40 14.95
CA ILE E 201 -38.70 10.05 16.12
C ILE E 201 -39.09 9.29 17.39
N ASP E 202 -40.34 8.83 17.47
CA ASP E 202 -40.76 8.04 18.61
C ASP E 202 -39.93 6.76 18.73
N GLY E 203 -39.66 6.11 17.59
CA GLY E 203 -38.84 4.91 17.62
C GLY E 203 -37.41 5.18 18.02
N ILE E 204 -36.85 6.30 17.56
CA ILE E 204 -35.50 6.69 17.98
C ILE E 204 -35.47 6.90 19.49
N MET E 205 -36.56 7.47 20.03
CA MET E 205 -36.64 7.65 21.48
C MET E 205 -36.79 6.31 22.19
N ASN E 206 -37.84 5.56 21.87
CA ASN E 206 -38.10 4.26 22.49
C ASN E 206 -37.60 3.14 21.58
N LEU E 207 -36.28 3.10 21.41
CA LEU E 207 -35.69 2.09 20.54
C LEU E 207 -35.72 0.73 21.21
N PRO E 208 -36.15 -0.32 20.50
CA PRO E 208 -36.06 -1.67 21.06
C PRO E 208 -34.62 -2.13 21.17
N LYS E 209 -34.40 -3.38 21.59
CA LYS E 209 -33.05 -3.88 21.74
C LYS E 209 -32.33 -3.89 20.40
N VAL E 210 -31.09 -3.41 20.40
CA VAL E 210 -30.24 -3.44 19.22
C VAL E 210 -29.54 -4.79 19.18
N GLY E 211 -29.57 -5.45 18.02
CA GLY E 211 -29.13 -6.82 17.87
C GLY E 211 -27.85 -7.18 18.61
N GLY E 212 -27.96 -8.11 19.55
CA GLY E 212 -26.81 -8.51 20.34
C GLY E 212 -27.22 -9.49 21.41
N SER E 213 -26.21 -9.93 22.17
CA SER E 213 -26.42 -10.93 23.22
C SER E 213 -27.13 -10.27 24.39
N SER E 214 -28.44 -10.10 24.24
CA SER E 214 -29.25 -9.50 25.30
C SER E 214 -29.49 -10.46 26.45
N ASN E 215 -29.28 -11.76 26.24
CA ASN E 215 -29.49 -12.73 27.30
C ASN E 215 -28.52 -12.50 28.46
N ILE E 216 -27.26 -12.20 28.15
CA ILE E 216 -26.25 -12.01 29.18
C ILE E 216 -25.74 -10.58 29.25
N PHE E 217 -25.90 -9.78 28.19
CA PHE E 217 -25.50 -8.37 28.18
C PHE E 217 -26.68 -7.55 27.69
N ASN E 218 -27.57 -7.19 28.60
CA ASN E 218 -28.76 -6.41 28.25
C ASN E 218 -28.39 -4.93 28.25
N TYR E 219 -28.32 -4.34 27.07
CA TYR E 219 -27.90 -2.96 26.89
C TYR E 219 -29.03 -2.13 26.31
N PRO E 220 -29.71 -1.30 27.09
CA PRO E 220 -30.76 -0.44 26.53
C PRO E 220 -30.15 0.64 25.65
N PHE E 221 -30.68 0.78 24.44
CA PHE E 221 -30.18 1.74 23.47
C PHE E 221 -31.02 3.01 23.43
N CYS E 222 -31.89 3.21 24.40
CA CYS E 222 -32.65 4.45 24.46
C CYS E 222 -31.72 5.62 24.71
N PRO E 223 -31.93 6.76 24.06
CA PRO E 223 -31.03 7.89 24.21
C PRO E 223 -31.08 8.47 25.61
N ASP E 224 -29.92 8.99 26.04
CA ASP E 224 -29.85 9.77 27.27
C ASP E 224 -29.35 11.20 27.05
N SER E 225 -28.85 11.51 25.86
CA SER E 225 -28.49 12.87 25.48
C SER E 225 -28.75 13.03 24.00
N LEU E 226 -29.34 14.16 23.63
CA LEU E 226 -29.75 14.41 22.25
C LEU E 226 -29.20 15.75 21.77
N VAL E 227 -28.73 15.78 20.53
CA VAL E 227 -28.37 17.01 19.83
C VAL E 227 -29.04 16.91 18.46
N PHE E 228 -30.23 17.48 18.33
CA PHE E 228 -30.99 17.44 17.09
C PHE E 228 -30.95 18.80 16.40
N GLN E 229 -31.04 18.77 15.07
CA GLN E 229 -31.04 19.99 14.28
C GLN E 229 -32.09 19.85 13.18
N TRP E 230 -33.08 20.73 13.21
CA TRP E 230 -34.16 20.75 12.23
C TRP E 230 -33.95 21.97 11.35
N THR E 231 -33.22 21.79 10.26
CA THR E 231 -32.85 22.87 9.36
C THR E 231 -33.31 22.55 7.95
N ASN E 232 -33.11 23.52 7.05
CA ASN E 232 -33.51 23.39 5.65
C ASN E 232 -32.32 23.50 4.72
N HIS E 233 -31.14 23.06 5.16
CA HIS E 233 -29.97 22.98 4.30
C HIS E 233 -29.17 21.73 4.65
N PHE E 234 -28.31 21.33 3.73
CA PHE E 234 -27.67 20.02 3.80
C PHE E 234 -26.57 19.95 4.85
N ALA E 235 -25.91 21.07 5.15
CA ALA E 235 -24.82 21.05 6.12
C ALA E 235 -25.35 20.76 7.52
N SER E 236 -24.62 19.93 8.26
CA SER E 236 -25.02 19.50 9.59
C SER E 236 -24.07 20.00 10.68
N TYR E 237 -22.79 19.65 10.58
CA TYR E 237 -21.76 20.05 11.56
C TYR E 237 -22.05 19.52 12.97
N ILE E 238 -22.95 18.53 13.10
CA ILE E 238 -23.28 17.98 14.41
C ILE E 238 -23.11 16.47 14.39
N SER E 239 -22.20 15.98 13.56
CA SER E 239 -22.04 14.55 13.34
C SER E 239 -21.78 13.78 14.63
N TYR E 240 -20.65 14.04 15.29
CA TYR E 240 -20.29 13.38 16.55
C TYR E 240 -19.86 14.47 17.53
N CYS E 241 -20.83 15.03 18.24
CA CYS E 241 -20.58 16.16 19.13
C CYS E 241 -20.21 15.75 20.55
N PHE E 242 -20.29 14.47 20.89
CA PHE E 242 -20.00 14.01 22.23
C PHE E 242 -18.58 13.45 22.31
N GLU E 243 -17.84 13.88 23.33
CA GLU E 243 -16.50 13.38 23.57
C GLU E 243 -16.33 13.11 25.07
N TYR E 244 -15.39 12.23 25.38
CA TYR E 244 -15.22 11.74 26.74
C TYR E 244 -14.26 12.62 27.54
N CYS E 245 -14.21 12.37 28.84
CA CYS E 245 -13.18 12.88 29.72
C CYS E 245 -12.74 11.76 30.66
N ASP E 246 -11.44 11.66 30.91
CA ASP E 246 -10.88 10.61 31.75
C ASP E 246 -11.28 9.30 31.07
N PRO E 247 -10.56 8.90 30.02
CA PRO E 247 -11.09 7.94 29.03
C PRO E 247 -11.70 6.65 29.57
N LYS E 248 -11.55 6.36 30.86
CA LYS E 248 -12.09 5.13 31.43
C LYS E 248 -13.31 5.41 32.31
N SER E 249 -13.99 6.52 32.08
CA SER E 249 -15.11 6.93 32.91
C SER E 249 -16.41 6.98 32.09
N LYS E 250 -17.53 6.96 32.82
CA LYS E 250 -18.84 7.07 32.21
C LYS E 250 -19.22 8.50 31.89
N GLU E 251 -18.50 9.49 32.41
CA GLU E 251 -18.85 10.88 32.18
C GLU E 251 -18.72 11.24 30.71
N ALA E 252 -19.68 12.00 30.21
CA ALA E 252 -19.70 12.43 28.82
C ALA E 252 -19.94 13.92 28.76
N LYS E 253 -19.22 14.60 27.88
CA LYS E 253 -19.35 16.03 27.70
C LYS E 253 -19.46 16.35 26.22
N LEU E 254 -19.92 17.57 25.92
CA LEU E 254 -20.01 18.06 24.56
C LEU E 254 -18.63 18.46 24.08
N SER E 255 -18.27 18.05 22.87
CA SER E 255 -16.94 18.31 22.35
C SER E 255 -16.72 19.81 22.20
N GLN E 256 -15.48 20.25 22.48
CA GLN E 256 -15.16 21.65 22.39
C GLN E 256 -15.30 22.18 20.97
N GLU E 257 -15.09 21.32 19.97
CA GLU E 257 -15.26 21.73 18.58
C GLU E 257 -16.71 22.11 18.30
N PHE E 258 -17.67 21.33 18.82
CA PHE E 258 -19.07 21.65 18.62
C PHE E 258 -19.44 22.96 19.30
N ILE E 259 -18.93 23.19 20.51
CA ILE E 259 -19.22 24.43 21.22
C ILE E 259 -18.63 25.62 20.48
N ASP E 260 -17.41 25.46 19.95
CA ASP E 260 -16.81 26.53 19.16
C ASP E 260 -17.61 26.79 17.89
N GLU E 261 -18.13 25.73 17.27
CA GLU E 261 -18.97 25.90 16.09
C GLU E 261 -20.23 26.68 16.42
N VAL E 262 -20.84 26.40 17.58
CA VAL E 262 -22.04 27.12 17.98
C VAL E 262 -21.72 28.57 18.27
N GLU E 263 -20.62 28.83 18.99
CA GLU E 263 -20.33 30.19 19.43
C GLU E 263 -19.84 31.08 18.27
N CYS E 264 -19.11 30.50 17.31
CA CYS E 264 -18.52 31.32 16.26
C CYS E 264 -19.56 31.98 15.38
N GLY E 265 -20.76 31.41 15.31
CA GLY E 265 -21.81 31.96 14.49
C GLY E 265 -22.50 30.92 13.64
N GLN E 266 -21.76 29.87 13.28
CA GLN E 266 -22.34 28.76 12.55
C GLN E 266 -23.28 27.98 13.46
N ILE E 267 -24.13 27.15 12.84
CA ILE E 267 -25.15 26.38 13.56
C ILE E 267 -26.09 27.34 14.26
N ASP E 268 -27.16 27.73 13.58
CA ASP E 268 -28.13 28.66 14.14
C ASP E 268 -28.73 28.07 15.41
N PRO E 269 -28.62 28.76 16.56
CA PRO E 269 -29.17 28.19 17.80
C PRO E 269 -30.65 27.91 17.75
N SER E 270 -31.42 28.69 16.98
CA SER E 270 -32.86 28.45 16.90
C SER E 270 -33.19 27.11 16.27
N LYS E 271 -32.28 26.54 15.49
CA LYS E 271 -32.48 25.24 14.87
C LYS E 271 -31.89 24.10 15.68
N LEU E 272 -31.29 24.39 16.83
CA LEU E 272 -30.61 23.38 17.63
C LEU E 272 -31.50 22.92 18.77
N TRP E 273 -31.69 21.61 18.87
CA TRP E 273 -32.46 20.99 19.95
C TRP E 273 -31.51 20.10 20.76
N ILE E 274 -31.25 20.48 22.00
CA ILE E 274 -30.39 19.71 22.90
C ILE E 274 -31.22 19.24 24.07
N GLY E 275 -31.18 17.95 24.33
CA GLY E 275 -31.94 17.38 25.43
C GLY E 275 -31.24 16.17 26.01
N GLY E 276 -31.45 15.94 27.30
CA GLY E 276 -30.87 14.79 27.97
C GLY E 276 -30.06 15.16 29.19
N THR E 277 -29.22 14.23 29.67
CA THR E 277 -28.40 14.48 30.84
C THR E 277 -27.26 15.44 30.56
N ILE E 278 -26.94 15.70 29.30
CA ILE E 278 -25.92 16.70 28.97
C ILE E 278 -26.42 18.11 29.27
N VAL E 279 -27.73 18.27 29.47
CA VAL E 279 -28.29 19.59 29.76
C VAL E 279 -27.73 20.14 31.07
N LYS E 280 -27.62 19.28 32.09
CA LYS E 280 -27.08 19.71 33.37
C LYS E 280 -25.66 20.22 33.23
N ASP E 281 -24.81 19.47 32.50
CA ASP E 281 -23.44 19.88 32.30
C ASP E 281 -23.37 21.18 31.49
N LEU E 282 -24.24 21.33 30.49
CA LEU E 282 -24.26 22.56 29.71
C LEU E 282 -24.63 23.75 30.58
N GLN E 283 -25.65 23.59 31.43
CA GLN E 283 -26.07 24.69 32.29
C GLN E 283 -25.07 24.99 33.40
N GLN E 284 -24.25 24.02 33.79
CA GLN E 284 -23.22 24.27 34.79
C GLN E 284 -22.01 24.99 34.22
N LEU E 285 -21.93 25.18 32.90
CA LEU E 285 -20.81 25.87 32.31
C LEU E 285 -20.82 27.35 32.68
N ASP E 286 -19.62 27.91 32.82
CA ASP E 286 -19.49 29.33 33.13
C ASP E 286 -19.86 30.18 31.91
N ASN E 287 -20.42 31.36 32.19
CA ASN E 287 -20.88 32.29 31.15
C ASN E 287 -21.88 31.63 30.20
N PHE E 288 -22.67 30.69 30.72
CA PHE E 288 -23.65 30.01 29.88
C PHE E 288 -24.72 30.96 29.39
N GLU E 289 -25.18 31.87 30.25
CA GLU E 289 -26.22 32.81 29.86
C GLU E 289 -25.77 33.72 28.73
N SER E 290 -24.53 34.20 28.80
CA SER E 290 -24.00 35.06 27.74
C SER E 290 -23.63 34.28 26.48
N SER E 291 -23.46 32.96 26.60
CA SER E 291 -23.08 32.16 25.45
C SER E 291 -24.23 32.03 24.47
N PRO E 292 -23.94 31.97 23.17
CA PRO E 292 -25.01 31.73 22.18
C PRO E 292 -25.68 30.39 22.33
N LEU E 293 -25.05 29.43 22.99
CA LEU E 293 -25.66 28.13 23.22
C LEU E 293 -26.90 28.21 24.08
N ASN E 294 -27.05 29.26 24.88
CA ASN E 294 -28.23 29.41 25.73
C ASN E 294 -29.50 29.65 24.92
N LYS E 295 -29.37 30.18 23.70
CA LYS E 295 -30.54 30.47 22.88
C LYS E 295 -31.09 29.24 22.18
N ALA E 296 -30.42 28.10 22.26
CA ALA E 296 -30.92 26.87 21.67
C ALA E 296 -32.04 26.30 22.53
N HIS E 297 -32.80 25.38 21.93
CA HIS E 297 -33.91 24.73 22.63
C HIS E 297 -33.32 23.64 23.52
N ILE E 298 -33.13 23.96 24.79
CA ILE E 298 -32.49 23.07 25.75
C ILE E 298 -33.53 22.62 26.76
N TYR E 299 -33.78 21.31 26.80
CA TYR E 299 -34.74 20.71 27.72
C TYR E 299 -34.06 19.56 28.46
N ARG E 300 -34.12 19.58 29.79
CA ARG E 300 -33.57 18.46 30.55
C ARG E 300 -34.39 17.20 30.35
N ASN E 301 -35.71 17.34 30.28
CA ASN E 301 -36.58 16.20 30.03
C ASN E 301 -36.65 15.94 28.53
N ARG E 302 -36.35 14.70 28.13
CA ARG E 302 -36.33 14.37 26.71
C ARG E 302 -37.73 14.43 26.09
N ASN E 303 -38.76 14.08 26.86
CA ASN E 303 -40.11 14.09 26.34
C ASN E 303 -40.56 15.50 25.96
N GLU E 304 -40.23 16.48 26.79
CA GLU E 304 -40.59 17.87 26.46
C GLU E 304 -39.87 18.34 25.21
N MET E 305 -38.58 18.03 25.09
CA MET E 305 -37.83 18.41 23.89
C MET E 305 -38.41 17.76 22.64
N ILE E 306 -38.76 16.47 22.75
CA ILE E 306 -39.34 15.77 21.60
C ILE E 306 -40.69 16.38 21.23
N GLU E 307 -41.49 16.73 22.24
CA GLU E 307 -42.80 17.33 21.97
C GLU E 307 -42.64 18.67 21.26
N ALA E 308 -41.72 19.51 21.74
CA ALA E 308 -41.50 20.81 21.11
C ALA E 308 -40.97 20.64 19.68
N LEU E 309 -40.03 19.72 19.49
CA LEU E 309 -39.48 19.48 18.16
C LEU E 309 -40.56 18.98 17.21
N LYS E 310 -41.42 18.08 17.68
CA LYS E 310 -42.48 17.57 16.83
C LYS E 310 -43.52 18.65 16.53
N THR E 311 -43.78 19.55 17.47
CA THR E 311 -44.66 20.68 17.19
C THR E 311 -44.07 21.54 16.07
N VAL E 312 -42.77 21.84 16.16
CA VAL E 312 -42.12 22.63 15.11
C VAL E 312 -42.17 21.90 13.78
N ILE E 313 -41.92 20.58 13.79
CA ILE E 313 -41.92 19.80 12.56
C ILE E 313 -43.30 19.80 11.93
N LYS E 314 -44.35 19.61 12.75
CA LYS E 314 -45.72 19.62 12.22
C LYS E 314 -46.08 20.99 11.67
N ARG E 315 -45.63 22.06 12.33
CA ARG E 315 -45.89 23.40 11.80
C ARG E 315 -45.18 23.60 10.45
N ASP E 316 -43.94 23.14 10.34
CA ASP E 316 -43.17 23.37 9.12
C ASP E 316 -43.64 22.50 7.96
N LEU E 317 -44.05 21.27 8.23
CA LEU E 317 -44.43 20.33 7.20
C LEU E 317 -45.91 20.39 6.85
N GLY E 318 -46.68 21.27 7.49
CA GLY E 318 -48.09 21.39 7.20
C GLY E 318 -48.88 20.14 7.53
N LEU E 319 -48.64 19.56 8.69
CA LEU E 319 -49.34 18.36 9.11
C LEU E 319 -50.59 18.70 9.92
N PRO F 12 -11.20 40.95 -17.29
CA PRO F 12 -10.02 40.27 -16.78
C PRO F 12 -10.32 38.84 -16.36
N ASN F 13 -9.42 37.91 -16.68
CA ASN F 13 -9.62 36.52 -16.29
C ASN F 13 -9.54 36.39 -14.78
N TYR F 14 -10.53 35.70 -14.20
CA TYR F 14 -10.59 35.49 -12.76
C TYR F 14 -10.86 34.01 -12.50
N TYR F 15 -10.08 33.44 -11.57
CA TYR F 15 -10.21 32.03 -11.22
C TYR F 15 -10.32 31.91 -9.70
N LEU F 16 -11.17 30.98 -9.26
CA LEU F 16 -11.36 30.71 -7.84
C LEU F 16 -10.89 29.28 -7.58
N TYR F 17 -9.69 29.15 -7.05
CA TYR F 17 -9.15 27.86 -6.64
C TYR F 17 -9.42 27.66 -5.16
N GLY F 18 -9.66 26.41 -4.78
CA GLY F 18 -9.97 26.10 -3.39
C GLY F 18 -9.72 24.66 -3.07
N THR F 19 -9.29 24.42 -1.83
CA THR F 19 -9.16 23.08 -1.28
C THR F 19 -9.95 23.04 0.01
N VAL F 20 -10.91 22.11 0.09
CA VAL F 20 -11.78 22.02 1.25
C VAL F 20 -11.49 20.73 1.99
N LEU F 21 -11.80 20.73 3.29
CA LEU F 21 -11.61 19.58 4.16
C LEU F 21 -12.94 19.22 4.79
N THR F 22 -13.33 17.95 4.67
CA THR F 22 -14.59 17.50 5.21
C THR F 22 -14.45 17.15 6.69
N ARG F 23 -15.59 16.94 7.34
CA ARG F 23 -15.60 16.58 8.74
C ARG F 23 -15.20 15.11 8.92
N TYR F 24 -14.85 14.76 10.15
CA TYR F 24 -14.44 13.41 10.48
C TYR F 24 -15.66 12.50 10.60
N GLY F 25 -15.55 11.29 10.07
CA GLY F 25 -16.64 10.34 10.18
C GLY F 25 -16.43 9.07 9.38
N LEU F 26 -17.14 8.01 9.73
CA LEU F 26 -17.05 6.76 8.97
C LEU F 26 -17.56 7.02 7.57
N ALA F 27 -16.74 6.71 6.56
CA ALA F 27 -17.12 6.99 5.19
C ALA F 27 -17.00 5.78 4.29
N SER F 28 -18.01 5.54 3.46
CA SER F 28 -17.98 4.44 2.54
C SER F 28 -18.81 4.89 1.36
N LEU F 29 -18.21 5.69 0.48
CA LEU F 29 -19.01 6.27 -0.61
C LEU F 29 -18.60 5.91 -2.04
N ASN F 30 -17.36 5.49 -2.29
CA ASN F 30 -16.99 5.24 -3.68
C ASN F 30 -16.55 3.79 -3.90
N HIS F 31 -17.39 2.84 -3.51
CA HIS F 31 -17.18 1.43 -3.84
C HIS F 31 -16.66 1.27 -5.27
N ASP F 32 -15.60 0.50 -5.45
CA ASP F 32 -14.90 0.48 -6.73
C ASP F 32 -15.56 -0.45 -7.74
N ILE F 33 -15.47 -1.76 -7.53
CA ILE F 33 -15.97 -2.70 -8.52
C ILE F 33 -16.71 -3.86 -7.88
N ARG F 34 -16.55 -4.04 -6.57
CA ARG F 34 -16.98 -5.23 -5.84
C ARG F 34 -16.14 -6.44 -6.26
N ARG F 35 -15.46 -7.06 -5.30
CA ARG F 35 -14.62 -8.24 -5.55
C ARG F 35 -15.20 -9.40 -4.76
N GLY F 36 -16.04 -10.20 -5.42
CA GLY F 36 -16.64 -11.35 -4.78
C GLY F 36 -17.67 -10.97 -3.73
N ASN F 37 -17.32 -11.18 -2.47
CA ASN F 37 -18.23 -10.90 -1.36
C ASN F 37 -18.10 -9.49 -0.81
N LYS F 38 -17.11 -8.72 -1.25
CA LYS F 38 -16.76 -7.46 -0.63
C LYS F 38 -17.02 -6.30 -1.59
N THR F 39 -17.59 -5.22 -1.05
CA THR F 39 -17.70 -3.97 -1.78
C THR F 39 -16.40 -3.20 -1.56
N ILE F 40 -15.62 -3.04 -2.63
CA ILE F 40 -14.26 -2.53 -2.53
C ILE F 40 -14.32 -1.01 -2.55
N LEU F 41 -14.00 -0.40 -1.42
CA LEU F 41 -13.83 1.06 -1.38
C LEU F 41 -12.65 1.45 -2.26
N GLN F 42 -12.86 2.44 -3.12
CA GLN F 42 -11.83 2.83 -4.07
C GLN F 42 -10.65 3.45 -3.34
N LYS F 43 -9.44 2.96 -3.63
CA LYS F 43 -8.25 3.40 -2.91
C LYS F 43 -7.03 3.24 -3.79
N GLY F 44 -5.95 3.91 -3.39
CA GLY F 44 -4.71 3.82 -4.11
C GLY F 44 -3.59 4.46 -3.33
N TYR F 45 -2.40 4.47 -3.93
CA TYR F 45 -1.24 5.03 -3.26
C TYR F 45 -1.29 6.55 -3.30
N TRP F 46 -0.72 7.16 -2.26
CA TRP F 46 -0.79 8.61 -2.12
C TRP F 46 0.26 9.07 -1.11
N ASN F 47 0.91 10.19 -1.43
CA ASN F 47 1.80 10.90 -0.50
C ASN F 47 2.99 10.05 -0.04
N ASN F 48 2.76 9.18 0.93
CA ASN F 48 3.84 8.43 1.59
C ASN F 48 3.96 7.00 1.09
N GLY F 49 3.30 6.66 -0.01
CA GLY F 49 3.29 5.27 -0.46
C GLY F 49 2.33 4.40 0.32
N LYS F 50 1.39 5.00 1.04
CA LYS F 50 0.37 4.27 1.76
C LYS F 50 -0.94 4.30 0.97
N ILE F 51 -1.80 3.32 1.24
CA ILE F 51 -3.07 3.21 0.54
C ILE F 51 -4.04 4.22 1.13
N HIS F 52 -4.56 5.10 0.29
CA HIS F 52 -5.51 6.12 0.69
C HIS F 52 -6.80 5.94 -0.09
N SER F 53 -7.93 6.00 0.62
CA SER F 53 -9.23 5.89 -0.04
C SER F 53 -9.52 7.17 -0.83
N PHE F 54 -10.26 7.01 -1.92
CA PHE F 54 -10.54 8.11 -2.83
C PHE F 54 -12.04 8.27 -3.02
N VAL F 55 -12.45 9.50 -3.29
CA VAL F 55 -13.81 9.82 -3.73
C VAL F 55 -13.70 10.52 -5.06
N GLY F 56 -14.35 9.97 -6.09
CA GLY F 56 -14.20 10.50 -7.42
C GLY F 56 -14.79 11.90 -7.53
N SER F 57 -14.15 12.73 -8.36
CA SER F 57 -14.65 14.08 -8.58
C SER F 57 -16.01 14.08 -9.27
N SER F 58 -16.31 13.04 -10.04
CA SER F 58 -17.62 12.94 -10.67
C SER F 58 -18.73 12.85 -9.63
N ALA F 59 -18.45 12.22 -8.49
CA ALA F 59 -19.43 12.19 -7.41
C ALA F 59 -19.74 13.58 -6.89
N ILE F 60 -18.70 14.40 -6.71
CA ILE F 60 -18.90 15.76 -6.21
C ILE F 60 -19.61 16.61 -7.26
N ARG F 61 -19.30 16.41 -8.54
CA ARG F 61 -20.00 17.12 -9.59
C ARG F 61 -21.48 16.73 -9.62
N TRP F 62 -21.77 15.45 -9.42
CA TRP F 62 -23.15 15.01 -9.32
C TRP F 62 -23.85 15.64 -8.13
N ALA F 63 -23.15 15.75 -7.01
CA ALA F 63 -23.73 16.39 -5.83
C ALA F 63 -24.06 17.85 -6.10
N LEU F 64 -23.15 18.55 -6.79
CA LEU F 64 -23.41 19.96 -7.13
C LEU F 64 -24.58 20.07 -8.09
N ARG F 65 -24.67 19.15 -9.06
CA ARG F 65 -25.80 19.13 -9.98
C ARG F 65 -27.10 18.95 -9.22
N PHE F 66 -27.11 18.02 -8.26
CA PHE F 66 -28.30 17.81 -7.44
C PHE F 66 -28.64 19.03 -6.62
N TYR F 67 -27.63 19.72 -6.09
CA TYR F 67 -27.88 20.95 -5.34
C TYR F 67 -28.54 21.99 -6.22
N LEU F 68 -28.05 22.16 -7.45
CA LEU F 68 -28.68 23.11 -8.37
C LEU F 68 -30.11 22.70 -8.66
N GLN F 69 -30.35 21.42 -8.90
CA GLN F 69 -31.69 20.97 -9.25
C GLN F 69 -32.67 21.17 -8.10
N LYS F 70 -32.24 20.92 -6.87
CA LYS F 70 -33.15 20.95 -5.73
C LYS F 70 -33.64 22.35 -5.40
N GLN F 71 -32.97 23.41 -5.88
CA GLN F 71 -33.33 24.79 -5.55
C GLN F 71 -33.45 25.59 -6.85
N GLY F 72 -34.61 25.51 -7.49
CA GLY F 72 -34.81 26.23 -8.74
C GLY F 72 -33.72 25.89 -9.73
N TYR F 73 -33.09 26.94 -10.29
CA TYR F 73 -31.84 26.82 -11.03
C TYR F 73 -31.99 25.83 -12.20
N LEU F 74 -32.78 26.27 -13.18
CA LEU F 74 -33.06 25.49 -14.39
C LEU F 74 -31.83 24.73 -14.87
N VAL F 75 -32.00 23.42 -15.03
CA VAL F 75 -30.91 22.53 -15.42
C VAL F 75 -31.41 21.60 -16.52
N ASN F 76 -30.55 21.33 -17.49
CA ASN F 76 -30.91 20.43 -18.58
C ASN F 76 -31.14 19.01 -18.06
N ARG F 77 -30.23 18.51 -17.25
CA ARG F 77 -30.37 17.18 -16.67
C ARG F 77 -31.19 17.28 -15.39
N VAL F 78 -32.25 16.47 -15.30
CA VAL F 78 -33.13 16.44 -14.13
C VAL F 78 -33.05 15.03 -13.54
N TRP F 79 -32.63 14.95 -12.29
CA TRP F 79 -32.58 13.67 -11.57
C TRP F 79 -34.00 13.35 -11.09
N ASP F 80 -34.53 12.22 -11.55
CA ASP F 80 -35.92 11.89 -11.24
C ASP F 80 -36.14 11.68 -9.75
N GLU F 81 -35.18 11.05 -9.08
CA GLU F 81 -35.21 10.80 -7.65
C GLU F 81 -36.28 9.79 -7.25
N GLU F 82 -37.08 9.35 -8.23
CA GLU F 82 -38.07 8.31 -8.01
C GLU F 82 -37.85 7.11 -8.90
N GLU F 83 -37.66 7.34 -10.20
CA GLU F 83 -37.28 6.27 -11.12
C GLU F 83 -35.77 6.08 -11.20
N HIS F 84 -35.00 6.93 -10.53
CA HIS F 84 -33.54 6.87 -10.55
C HIS F 84 -33.00 6.90 -11.97
N ILE F 85 -33.48 7.86 -12.76
CA ILE F 85 -33.02 8.08 -14.13
C ILE F 85 -32.88 9.57 -14.36
N ASN F 86 -32.10 9.92 -15.38
CA ASN F 86 -31.87 11.30 -15.78
C ASN F 86 -32.72 11.63 -17.00
N ARG F 87 -33.38 12.78 -16.95
CA ARG F 87 -34.18 13.27 -18.07
C ARG F 87 -33.62 14.60 -18.55
N LEU F 88 -33.53 14.75 -19.87
CA LEU F 88 -33.04 15.98 -20.48
C LEU F 88 -34.22 16.83 -20.92
N THR F 89 -34.32 18.04 -20.38
CA THR F 89 -35.39 18.94 -20.78
C THR F 89 -35.27 19.32 -22.25
N SER F 90 -34.05 19.56 -22.72
CA SER F 90 -33.80 19.87 -24.12
C SER F 90 -32.66 19.00 -24.61
N GLU F 91 -32.90 18.24 -25.69
CA GLU F 91 -31.84 17.39 -26.24
C GLU F 91 -30.69 18.21 -26.79
N ASP F 92 -30.95 19.44 -27.20
CA ASP F 92 -29.91 20.35 -27.64
C ASP F 92 -29.42 21.16 -26.45
N PHE F 93 -28.17 20.91 -26.04
CA PHE F 93 -27.63 21.60 -24.87
C PHE F 93 -27.53 23.09 -25.14
N ASP F 94 -27.98 23.88 -24.16
CA ASP F 94 -28.00 25.35 -24.27
C ASP F 94 -27.37 25.93 -23.02
N PRO F 95 -26.05 26.18 -23.04
CA PRO F 95 -25.40 26.78 -21.86
C PRO F 95 -25.91 28.17 -21.52
N GLU F 96 -26.51 28.89 -22.47
CA GLU F 96 -26.99 30.23 -22.18
C GLU F 96 -28.20 30.24 -21.27
N LYS F 97 -28.95 29.15 -21.21
CA LYS F 97 -30.17 29.08 -20.41
C LYS F 97 -30.03 28.19 -19.18
N PHE F 98 -29.44 27.01 -19.33
CA PHE F 98 -29.36 26.06 -18.23
C PHE F 98 -28.06 26.25 -17.44
N TYR F 99 -28.19 26.19 -16.11
CA TYR F 99 -27.01 26.25 -15.25
C TYR F 99 -26.13 25.03 -15.46
N ASP F 100 -26.73 23.86 -15.65
CA ASP F 100 -25.98 22.63 -15.76
C ASP F 100 -25.07 22.65 -16.98
N ASP F 101 -25.63 22.94 -18.16
CA ASP F 101 -24.82 22.99 -19.37
C ASP F 101 -23.77 24.09 -19.31
N ASP F 102 -24.13 25.22 -18.71
CA ASP F 102 -23.19 26.34 -18.62
C ASP F 102 -21.99 25.98 -17.77
N ILE F 103 -22.22 25.32 -16.63
CA ILE F 103 -21.16 25.17 -15.64
C ILE F 103 -20.42 23.86 -15.81
N PHE F 104 -21.13 22.74 -15.90
CA PHE F 104 -20.47 21.44 -15.99
C PHE F 104 -20.15 21.03 -17.42
N GLY F 105 -20.60 21.77 -18.41
CA GLY F 105 -20.33 21.40 -19.79
C GLY F 105 -21.17 20.21 -20.22
N PHE F 106 -20.85 19.71 -21.43
CA PHE F 106 -21.57 18.58 -22.00
C PHE F 106 -20.75 18.01 -23.14
N ALA F 107 -21.28 16.95 -23.75
CA ALA F 107 -20.67 16.34 -24.94
C ALA F 107 -21.68 15.45 -25.63
N LEU F 108 -21.92 15.70 -26.93
CA LEU F 108 -22.98 14.97 -27.63
C LEU F 108 -22.50 13.62 -28.13
N LEU F 109 -21.48 13.61 -28.99
CA LEU F 109 -20.98 12.40 -29.63
C LEU F 109 -22.10 11.65 -30.36
N PRO F 133 -21.20 19.53 -32.77
CA PRO F 133 -21.96 20.31 -31.78
C PRO F 133 -21.12 21.46 -31.19
N ASN F 134 -21.24 21.67 -29.89
CA ASN F 134 -20.47 22.70 -29.20
C ASN F 134 -19.57 22.15 -28.11
N GLN F 135 -20.08 21.19 -27.33
CA GLN F 135 -19.30 20.41 -26.37
C GLN F 135 -18.81 21.24 -25.19
N ARG F 136 -19.00 22.56 -25.23
CA ARG F 136 -18.56 23.46 -24.18
C ARG F 136 -17.09 23.22 -23.80
N MET F 137 -16.70 23.67 -22.61
CA MET F 137 -15.45 23.23 -22.00
C MET F 137 -15.56 22.96 -20.51
N GLY F 138 -16.60 23.44 -19.84
CA GLY F 138 -16.75 23.24 -18.42
C GLY F 138 -16.11 24.35 -17.62
N ALA F 139 -16.93 25.11 -16.88
CA ALA F 139 -16.41 26.21 -16.07
C ALA F 139 -15.87 25.76 -14.73
N LEU F 140 -16.13 24.52 -14.32
CA LEU F 140 -15.69 24.00 -13.04
C LEU F 140 -14.75 22.82 -13.28
N GLY F 141 -13.55 22.89 -12.73
CA GLY F 141 -12.60 21.79 -12.77
C GLY F 141 -12.34 21.28 -11.37
N MET F 142 -12.40 19.97 -11.21
CA MET F 142 -12.32 19.36 -9.89
C MET F 142 -11.38 18.16 -9.94
N ASN F 143 -10.73 17.91 -8.80
CA ASN F 143 -9.87 16.75 -8.62
C ASN F 143 -10.50 15.78 -7.63
N MET F 144 -10.05 14.53 -7.70
CA MET F 144 -10.60 13.49 -6.85
C MET F 144 -10.32 13.78 -5.38
N ALA F 145 -11.31 13.52 -4.53
CA ALA F 145 -11.15 13.72 -3.10
C ALA F 145 -10.23 12.65 -2.53
N VAL F 146 -9.30 13.07 -1.67
CA VAL F 146 -8.29 12.18 -1.11
C VAL F 146 -8.45 12.13 0.40
N SER F 147 -8.46 10.91 0.93
CA SER F 147 -8.54 10.74 2.38
C SER F 147 -7.28 11.27 3.05
N LEU F 148 -7.46 12.02 4.13
CA LEU F 148 -6.35 12.60 4.85
C LEU F 148 -5.54 11.56 5.61
N THR F 149 -6.04 10.33 5.73
CA THR F 149 -5.43 9.28 6.52
C THR F 149 -5.33 8.00 5.70
N PRO F 150 -4.26 7.23 5.89
CA PRO F 150 -4.19 5.91 5.24
C PRO F 150 -5.29 4.98 5.73
N TYR F 151 -5.69 4.06 4.84
CA TYR F 151 -6.78 3.13 5.09
C TYR F 151 -6.19 1.80 5.55
N ASP F 152 -6.52 1.39 6.78
CA ASP F 152 -5.87 0.19 7.31
C ASP F 152 -6.55 -1.11 6.88
N GLY F 153 -7.71 -1.44 7.47
CA GLY F 153 -8.55 -2.46 6.86
C GLY F 153 -10.03 -2.13 6.81
N ALA F 154 -10.53 -1.48 7.86
CA ALA F 154 -11.88 -0.93 7.97
C ALA F 154 -12.96 -1.74 7.26
N VAL F 155 -13.14 -3.02 7.63
CA VAL F 155 -14.13 -3.89 7.03
C VAL F 155 -15.28 -4.08 8.01
N LYS F 156 -16.51 -3.97 7.51
CA LYS F 156 -17.72 -4.14 8.30
C LYS F 156 -18.52 -5.34 7.78
N LEU F 157 -18.92 -6.21 8.70
CA LEU F 157 -19.68 -7.40 8.35
C LEU F 157 -21.17 -7.07 8.16
N GLY F 158 -21.82 -7.83 7.28
CA GLY F 158 -23.24 -7.68 7.05
C GLY F 158 -23.96 -8.98 6.81
N ALA F 159 -25.04 -9.22 7.55
CA ALA F 159 -25.83 -10.43 7.43
C ALA F 159 -27.30 -10.07 7.32
N LYS F 160 -28.09 -10.98 6.76
CA LYS F 160 -29.50 -10.74 6.48
C LYS F 160 -30.37 -11.56 7.45
N SER F 161 -30.66 -10.96 8.60
CA SER F 161 -31.60 -11.50 9.60
C SER F 161 -31.20 -12.92 9.95
N GLY F 162 -32.07 -13.91 9.80
CA GLY F 162 -31.73 -15.28 10.15
C GLY F 162 -32.53 -16.27 9.34
N ARG F 163 -31.99 -17.49 9.26
CA ARG F 163 -32.60 -18.62 8.57
C ARG F 163 -32.76 -18.38 7.06
N GLU F 164 -33.13 -19.44 6.33
CA GLU F 164 -33.19 -19.46 4.87
C GLU F 164 -32.04 -18.68 4.24
N LYS F 165 -30.84 -18.94 4.74
CA LYS F 165 -29.66 -18.22 4.27
C LYS F 165 -29.30 -18.64 2.86
N ASP F 166 -29.02 -17.66 2.01
CA ASP F 166 -28.68 -17.90 0.61
C ASP F 166 -27.35 -17.24 0.27
N SER F 167 -27.02 -17.18 -1.03
CA SER F 167 -25.75 -16.60 -1.46
C SER F 167 -25.64 -15.12 -1.09
N THR F 168 -26.75 -14.43 -0.86
CA THR F 168 -26.74 -13.03 -0.51
C THR F 168 -26.82 -12.80 1.00
N SER F 169 -26.76 -13.86 1.79
CA SER F 169 -26.92 -13.70 3.24
C SER F 169 -25.72 -13.01 3.87
N LEU F 170 -24.51 -13.38 3.47
CA LEU F 170 -23.28 -12.84 4.05
C LEU F 170 -22.60 -11.91 3.06
N HIS F 171 -22.15 -10.76 3.54
CA HIS F 171 -21.41 -9.81 2.72
C HIS F 171 -20.61 -8.90 3.62
N PHE F 172 -19.62 -8.24 3.04
CA PHE F 172 -18.75 -7.31 3.75
C PHE F 172 -18.73 -5.97 3.03
N THR F 173 -18.52 -4.92 3.81
CA THR F 173 -18.47 -3.56 3.27
C THR F 173 -17.26 -2.84 3.86
N GLU F 174 -16.53 -2.13 3.00
CA GLU F 174 -15.38 -1.36 3.42
C GLU F 174 -15.80 0.07 3.75
N TYR F 175 -15.36 0.56 4.90
CA TYR F 175 -15.60 1.94 5.30
C TYR F 175 -14.27 2.63 5.54
N HIS F 176 -14.32 3.85 6.08
CA HIS F 176 -13.11 4.60 6.38
C HIS F 176 -13.43 5.76 7.32
N ALA F 177 -12.74 5.83 8.46
CA ALA F 177 -12.99 6.87 9.45
C ALA F 177 -11.90 7.93 9.34
N THR F 178 -12.05 8.81 8.34
CA THR F 178 -11.14 9.92 8.13
C THR F 178 -11.91 11.13 7.63
N ARG F 179 -11.17 12.18 7.32
CA ARG F 179 -11.69 13.36 6.62
C ARG F 179 -11.23 13.31 5.18
N TYR F 180 -12.10 13.72 4.27
CA TYR F 180 -11.78 13.76 2.85
C TYR F 180 -11.44 15.19 2.42
N GLN F 181 -10.53 15.29 1.45
CA GLN F 181 -10.00 16.57 1.00
C GLN F 181 -9.93 16.56 -0.52
N TYR F 182 -10.51 17.58 -1.14
CA TYR F 182 -10.49 17.68 -2.60
C TYR F 182 -10.15 19.11 -3.00
N TYR F 183 -9.66 19.25 -4.22
CA TYR F 183 -9.21 20.52 -4.77
C TYR F 183 -10.00 20.81 -6.04
N PHE F 184 -10.54 22.03 -6.14
CA PHE F 184 -11.35 22.44 -7.27
C PHE F 184 -10.89 23.81 -7.77
N GLY F 185 -11.23 24.09 -9.02
CA GLY F 185 -10.96 25.39 -9.61
C GLY F 185 -12.01 25.77 -10.63
N ILE F 186 -12.61 26.95 -10.48
CA ILE F 186 -13.69 27.39 -11.33
C ILE F 186 -13.24 28.65 -12.06
N ASP F 187 -13.36 28.64 -13.40
CA ASP F 187 -13.01 29.78 -14.23
C ASP F 187 -14.24 30.67 -14.34
N ALA F 188 -14.25 31.78 -13.62
CA ALA F 188 -15.41 32.65 -13.59
C ALA F 188 -15.67 33.27 -14.95
N THR F 189 -14.62 33.68 -15.66
CA THR F 189 -14.79 34.33 -16.95
C THR F 189 -15.40 33.40 -17.99
N HIS F 190 -15.10 32.10 -17.90
CA HIS F 190 -15.61 31.15 -18.87
C HIS F 190 -17.12 30.95 -18.76
N LEU F 191 -17.73 31.39 -17.67
CA LEU F 191 -19.16 31.22 -17.47
C LEU F 191 -19.94 32.05 -18.48
N LYS F 192 -21.00 31.45 -19.05
CA LYS F 192 -21.88 32.21 -19.94
C LYS F 192 -22.57 33.33 -19.19
N ASP F 193 -23.04 33.05 -17.97
CA ASP F 193 -23.58 34.06 -17.07
C ASP F 193 -22.67 34.17 -15.86
N PHE F 194 -22.14 35.37 -15.62
CA PHE F 194 -21.14 35.53 -14.58
C PHE F 194 -21.73 35.35 -13.18
N SER F 195 -23.03 35.62 -13.01
CA SER F 195 -23.66 35.48 -11.71
C SER F 195 -23.81 34.04 -11.26
N ARG F 196 -23.58 33.08 -12.15
CA ARG F 196 -23.75 31.67 -11.81
C ARG F 196 -22.65 31.12 -10.91
N ILE F 197 -21.58 31.90 -10.66
CA ILE F 197 -20.52 31.42 -9.79
C ILE F 197 -20.99 31.37 -8.34
N LEU F 198 -21.88 32.27 -7.94
CA LEU F 198 -22.38 32.29 -6.56
C LEU F 198 -23.11 30.99 -6.19
N PRO F 199 -24.01 30.45 -7.02
CA PRO F 199 -24.61 29.16 -6.66
C PRO F 199 -23.61 28.04 -6.49
N MET F 200 -22.50 28.04 -7.25
CA MET F 200 -21.45 27.04 -7.02
C MET F 200 -20.81 27.19 -5.65
N ILE F 201 -20.54 28.43 -5.22
CA ILE F 201 -20.00 28.61 -3.87
C ILE F 201 -20.99 28.12 -2.83
N ASP F 202 -22.27 28.48 -2.99
CA ASP F 202 -23.28 28.05 -2.03
C ASP F 202 -23.41 26.53 -2.00
N GLY F 203 -23.38 25.89 -3.16
CA GLY F 203 -23.48 24.44 -3.21
C GLY F 203 -22.27 23.74 -2.63
N ILE F 204 -21.08 24.28 -2.89
CA ILE F 204 -19.87 23.71 -2.32
C ILE F 204 -19.91 23.80 -0.80
N MET F 205 -20.44 24.91 -0.28
CA MET F 205 -20.57 25.03 1.16
C MET F 205 -21.80 24.32 1.72
N ASN F 206 -22.75 23.92 0.87
CA ASN F 206 -23.96 23.22 1.27
C ASN F 206 -24.14 21.96 0.44
N LEU F 207 -23.07 21.18 0.32
CA LEU F 207 -23.07 20.03 -0.59
C LEU F 207 -24.08 18.98 -0.14
N PRO F 208 -24.93 18.48 -1.03
CA PRO F 208 -25.85 17.40 -0.68
C PRO F 208 -25.12 16.08 -0.52
N LYS F 209 -25.87 14.99 -0.35
CA LYS F 209 -25.28 13.67 -0.22
C LYS F 209 -24.40 13.37 -1.42
N VAL F 210 -23.10 13.18 -1.16
CA VAL F 210 -22.18 12.72 -2.19
C VAL F 210 -22.35 11.22 -2.33
N GLY F 211 -22.55 10.75 -3.56
CA GLY F 211 -22.90 9.36 -3.84
C GLY F 211 -22.15 8.34 -3.02
N GLY F 212 -22.89 7.51 -2.30
CA GLY F 212 -22.28 6.51 -1.44
C GLY F 212 -23.34 5.82 -0.61
N SER F 213 -22.88 4.91 0.24
CA SER F 213 -23.77 4.12 1.09
C SER F 213 -24.30 5.01 2.21
N SER F 214 -25.22 5.90 1.83
CA SER F 214 -25.79 6.83 2.82
C SER F 214 -26.65 6.11 3.83
N ASN F 215 -27.29 5.00 3.44
CA ASN F 215 -28.16 4.27 4.36
C ASN F 215 -27.37 3.72 5.54
N ILE F 216 -26.18 3.18 5.29
CA ILE F 216 -25.39 2.53 6.32
C ILE F 216 -24.30 3.44 6.86
N PHE F 217 -23.60 4.16 5.99
CA PHE F 217 -22.56 5.10 6.37
C PHE F 217 -22.94 6.49 5.87
N ASN F 218 -23.72 7.21 6.67
CA ASN F 218 -24.15 8.56 6.31
C ASN F 218 -23.01 9.53 6.60
N TYR F 219 -22.36 10.02 5.55
CA TYR F 219 -21.20 10.88 5.69
C TYR F 219 -21.48 12.25 5.10
N PRO F 220 -21.64 13.30 5.91
CA PRO F 220 -21.84 14.64 5.36
C PRO F 220 -20.56 15.15 4.71
N PHE F 221 -20.70 15.70 3.51
CA PHE F 221 -19.56 16.19 2.75
C PHE F 221 -19.42 17.71 2.84
N CYS F 222 -20.17 18.35 3.74
CA CYS F 222 -19.96 19.77 3.97
C CYS F 222 -18.57 20.00 4.56
N PRO F 223 -17.91 21.10 4.21
CA PRO F 223 -16.53 21.32 4.65
C PRO F 223 -16.43 22.02 6.00
N ASP F 224 -15.41 21.62 6.77
CA ASP F 224 -15.11 22.27 8.03
C ASP F 224 -13.82 23.09 7.98
N SER F 225 -13.11 23.08 6.86
CA SER F 225 -11.89 23.87 6.70
C SER F 225 -11.73 24.20 5.22
N LEU F 226 -11.46 25.47 4.93
CA LEU F 226 -11.41 25.97 3.58
C LEU F 226 -10.15 26.80 3.35
N VAL F 227 -9.60 26.69 2.16
CA VAL F 227 -8.51 27.54 1.69
C VAL F 227 -8.88 27.96 0.27
N PHE F 228 -9.47 29.14 0.13
CA PHE F 228 -9.90 29.64 -1.17
C PHE F 228 -8.96 30.74 -1.65
N GLN F 229 -8.68 30.73 -2.95
CA GLN F 229 -7.85 31.74 -3.59
C GLN F 229 -8.63 32.36 -4.75
N TRP F 230 -8.88 33.65 -4.66
CA TRP F 230 -9.58 34.39 -5.70
C TRP F 230 -8.55 35.31 -6.35
N THR F 231 -7.87 34.80 -7.38
CA THR F 231 -6.79 35.50 -8.05
C THR F 231 -7.15 35.68 -9.51
N ASN F 232 -6.22 36.27 -10.28
CA ASN F 232 -6.45 36.58 -11.69
C ASN F 232 -5.33 36.03 -12.57
N HIS F 233 -4.72 34.92 -12.18
CA HIS F 233 -3.77 34.23 -13.05
C HIS F 233 -3.85 32.74 -12.78
N PHE F 234 -3.45 31.96 -13.79
CA PHE F 234 -3.58 30.52 -13.75
C PHE F 234 -2.42 29.86 -13.02
N ALA F 235 -2.19 30.24 -11.77
CA ALA F 235 -1.14 29.65 -10.94
C ALA F 235 -1.67 29.50 -9.54
N SER F 236 -1.94 28.26 -9.12
CA SER F 236 -2.47 27.97 -7.79
C SER F 236 -1.49 27.06 -7.06
N TYR F 237 -1.20 27.39 -5.80
CA TYR F 237 -0.31 26.60 -4.96
C TYR F 237 -1.01 26.15 -3.69
N ILE F 238 -2.35 26.06 -3.74
CA ILE F 238 -3.15 25.65 -2.60
C ILE F 238 -3.73 24.26 -2.80
N SER F 239 -3.36 23.56 -3.87
CA SER F 239 -3.92 22.25 -4.15
C SER F 239 -3.48 21.25 -3.08
N TYR F 240 -4.46 20.63 -2.42
CA TYR F 240 -4.23 19.64 -1.39
C TYR F 240 -3.30 20.18 -0.30
N CYS F 241 -3.60 21.40 0.15
CA CYS F 241 -2.80 22.02 1.20
C CYS F 241 -2.92 21.26 2.52
N PHE F 242 -4.13 20.82 2.85
CA PHE F 242 -4.34 20.16 4.14
C PHE F 242 -3.62 18.82 4.18
N GLU F 243 -2.88 18.58 5.25
CA GLU F 243 -2.19 17.32 5.45
C GLU F 243 -1.84 17.23 6.94
N TYR F 244 -2.05 16.05 7.51
CA TYR F 244 -1.69 15.85 8.91
C TYR F 244 -0.95 14.54 9.14
N CYS F 245 -1.17 13.57 8.25
CA CYS F 245 -0.69 12.21 8.43
C CYS F 245 -1.03 11.72 9.84
N ASP F 246 -0.03 11.71 10.73
CA ASP F 246 -0.16 11.28 12.12
C ASP F 246 -1.04 10.05 12.21
N PRO F 247 -0.78 9.03 11.37
CA PRO F 247 -1.81 8.06 10.98
C PRO F 247 -3.20 8.27 11.55
N LYS F 248 -3.64 7.36 12.41
CA LYS F 248 -5.02 7.33 12.88
C LYS F 248 -5.32 8.45 13.87
N SER F 249 -5.73 9.61 13.36
CA SER F 249 -6.10 10.75 14.18
C SER F 249 -6.99 11.67 13.35
N LYS F 250 -7.38 12.81 13.92
CA LYS F 250 -8.21 13.76 13.19
C LYS F 250 -7.82 15.22 13.44
N GLU F 251 -6.62 15.50 13.94
CA GLU F 251 -6.28 16.87 14.30
C GLU F 251 -6.23 17.77 13.08
N ALA F 252 -5.70 17.26 11.97
CA ALA F 252 -5.77 17.93 10.67
C ALA F 252 -5.12 19.32 10.71
N LYS F 253 -3.81 19.32 10.92
CA LYS F 253 -3.04 20.55 10.79
C LYS F 253 -3.01 20.98 9.33
N LEU F 254 -2.80 22.28 9.12
CA LEU F 254 -2.85 22.82 7.76
C LEU F 254 -1.78 22.23 6.86
N SER F 255 -0.51 22.59 7.12
CA SER F 255 0.61 22.12 6.30
C SER F 255 1.91 22.73 6.79
N GLN F 256 3.03 22.31 6.19
CA GLN F 256 4.29 23.02 6.30
C GLN F 256 4.76 23.59 4.97
N GLU F 257 4.45 22.91 3.85
CA GLU F 257 4.83 23.43 2.55
C GLU F 257 3.95 24.60 2.14
N PHE F 258 2.65 24.52 2.40
CA PHE F 258 1.76 25.65 2.11
C PHE F 258 2.09 26.86 2.97
N ILE F 259 2.37 26.63 4.25
CA ILE F 259 2.75 27.73 5.14
C ILE F 259 4.05 28.37 4.65
N ASP F 260 5.04 27.54 4.27
CA ASP F 260 6.29 28.08 3.75
C ASP F 260 6.07 28.84 2.46
N GLU F 261 5.14 28.37 1.62
CA GLU F 261 4.79 29.10 0.40
C GLU F 261 4.23 30.47 0.72
N VAL F 262 3.39 30.55 1.76
CA VAL F 262 2.85 31.84 2.17
C VAL F 262 3.95 32.75 2.69
N GLU F 263 4.86 32.20 3.52
CA GLU F 263 5.91 33.02 4.10
C GLU F 263 6.89 33.54 3.05
N CYS F 264 7.21 32.71 2.05
CA CYS F 264 8.28 33.05 1.12
C CYS F 264 7.99 34.30 0.32
N GLY F 265 6.72 34.60 0.07
CA GLY F 265 6.36 35.83 -0.62
C GLY F 265 5.27 35.66 -1.64
N GLN F 266 5.18 34.50 -2.28
CA GLN F 266 4.09 34.25 -3.20
C GLN F 266 2.84 33.86 -2.42
N ILE F 267 1.73 33.70 -3.15
CA ILE F 267 0.41 33.56 -2.56
C ILE F 267 0.18 34.74 -1.63
N ASP F 268 -0.04 35.92 -2.21
CA ASP F 268 -0.22 37.11 -1.41
C ASP F 268 -1.45 36.98 -0.52
N PRO F 269 -1.37 37.36 0.75
CA PRO F 269 -2.49 37.14 1.66
C PRO F 269 -3.76 37.86 1.26
N SER F 270 -3.66 38.94 0.48
CA SER F 270 -4.87 39.65 0.05
C SER F 270 -5.75 38.77 -0.84
N LYS F 271 -5.14 37.83 -1.57
CA LYS F 271 -5.90 36.94 -2.43
C LYS F 271 -6.22 35.60 -1.78
N LEU F 272 -5.84 35.41 -0.52
CA LEU F 272 -6.03 34.14 0.17
C LEU F 272 -7.19 34.23 1.15
N TRP F 273 -8.04 33.20 1.13
CA TRP F 273 -9.20 33.12 2.02
C TRP F 273 -9.15 31.80 2.75
N ILE F 274 -9.04 31.86 4.08
CA ILE F 274 -8.97 30.68 4.94
C ILE F 274 -10.13 30.74 5.92
N GLY F 275 -10.88 29.66 6.01
CA GLY F 275 -12.01 29.61 6.92
C GLY F 275 -12.23 28.19 7.43
N GLY F 276 -12.82 28.11 8.61
CA GLY F 276 -13.16 26.82 9.19
C GLY F 276 -12.49 26.53 10.51
N THR F 277 -12.50 25.26 10.93
CA THR F 277 -11.88 24.88 12.19
C THR F 277 -10.37 24.99 12.15
N ILE F 278 -9.77 25.05 10.95
CA ILE F 278 -8.33 25.26 10.85
C ILE F 278 -7.93 26.62 11.37
N VAL F 279 -8.86 27.56 11.47
CA VAL F 279 -8.56 28.90 11.94
C VAL F 279 -8.11 28.86 13.40
N LYS F 280 -8.75 28.02 14.21
CA LYS F 280 -8.37 27.92 15.62
C LYS F 280 -6.94 27.46 15.78
N ASP F 281 -6.52 26.47 15.00
CA ASP F 281 -5.13 26.01 15.04
C ASP F 281 -4.19 27.06 14.48
N LEU F 282 -4.59 27.76 13.41
CA LEU F 282 -3.74 28.78 12.81
C LEU F 282 -3.46 29.92 13.78
N GLN F 283 -4.50 30.39 14.49
CA GLN F 283 -4.34 31.51 15.40
C GLN F 283 -3.58 31.15 16.67
N GLN F 284 -3.43 29.87 16.97
CA GLN F 284 -2.68 29.44 18.16
C GLN F 284 -1.20 29.25 17.87
N LEU F 285 -0.77 29.39 16.62
CA LEU F 285 0.64 29.26 16.29
C LEU F 285 1.44 30.41 16.89
N ASP F 286 2.71 30.14 17.19
CA ASP F 286 3.62 31.18 17.63
C ASP F 286 3.88 32.16 16.50
N ASN F 287 4.27 33.38 16.88
CA ASN F 287 4.59 34.50 15.99
C ASN F 287 3.59 34.65 14.83
N PHE F 288 2.33 34.26 15.08
CA PHE F 288 1.31 34.38 14.04
C PHE F 288 1.00 35.83 13.71
N GLU F 289 1.03 36.70 14.72
CA GLU F 289 0.72 38.11 14.49
C GLU F 289 1.73 38.76 13.57
N SER F 290 2.99 38.32 13.60
CA SER F 290 4.03 38.84 12.74
C SER F 290 4.13 38.11 11.40
N SER F 291 3.52 36.95 11.28
CA SER F 291 3.61 36.18 10.04
C SER F 291 2.76 36.83 8.95
N PRO F 292 3.18 36.70 7.68
CA PRO F 292 2.34 37.18 6.59
C PRO F 292 1.00 36.46 6.49
N LEU F 293 0.88 35.25 7.06
CA LEU F 293 -0.40 34.56 7.06
C LEU F 293 -1.47 35.31 7.85
N ASN F 294 -1.05 36.23 8.73
CA ASN F 294 -2.02 36.97 9.53
C ASN F 294 -2.88 37.89 8.67
N LYS F 295 -2.28 38.56 7.69
CA LYS F 295 -3.01 39.54 6.89
C LYS F 295 -3.84 38.91 5.79
N ALA F 296 -4.07 37.59 5.84
CA ALA F 296 -4.99 36.94 4.93
C ALA F 296 -6.40 36.99 5.50
N HIS F 297 -7.38 36.83 4.61
CA HIS F 297 -8.78 36.85 5.03
C HIS F 297 -9.09 35.57 5.78
N ILE F 298 -8.98 35.62 7.11
CA ILE F 298 -9.15 34.45 7.96
C ILE F 298 -10.39 34.67 8.82
N TYR F 299 -11.38 33.81 8.65
CA TYR F 299 -12.62 33.85 9.42
C TYR F 299 -12.88 32.48 10.02
N ARG F 300 -13.14 32.42 11.32
CA ARG F 300 -13.52 31.15 11.92
C ARG F 300 -14.88 30.69 11.43
N ASN F 301 -15.83 31.61 11.29
CA ASN F 301 -17.14 31.29 10.77
C ASN F 301 -17.08 31.18 9.25
N ARG F 302 -17.52 30.03 8.73
CA ARG F 302 -17.46 29.80 7.29
C ARG F 302 -18.39 30.74 6.54
N ASN F 303 -19.58 31.00 7.10
CA ASN F 303 -20.56 31.84 6.42
C ASN F 303 -20.05 33.26 6.25
N GLU F 304 -19.37 33.80 7.27
CA GLU F 304 -18.84 35.15 7.17
C GLU F 304 -17.78 35.26 6.07
N MET F 305 -16.88 34.28 6.00
CA MET F 305 -15.86 34.32 4.96
C MET F 305 -16.50 34.17 3.59
N ILE F 306 -17.52 33.33 3.49
CA ILE F 306 -18.22 33.16 2.21
C ILE F 306 -18.90 34.46 1.80
N GLU F 307 -19.52 35.15 2.74
CA GLU F 307 -20.15 36.43 2.43
C GLU F 307 -19.13 37.45 1.96
N ALA F 308 -17.99 37.55 2.65
CA ALA F 308 -16.95 38.50 2.25
C ALA F 308 -16.38 38.15 0.87
N LEU F 309 -16.13 36.86 0.63
CA LEU F 309 -15.61 36.43 -0.67
C LEU F 309 -16.60 36.70 -1.79
N LYS F 310 -17.90 36.47 -1.52
CA LYS F 310 -18.91 36.75 -2.53
C LYS F 310 -19.03 38.24 -2.79
N THR F 311 -18.87 39.07 -1.76
CA THR F 311 -18.86 40.51 -1.97
C THR F 311 -17.68 40.91 -2.87
N VAL F 312 -16.50 40.35 -2.60
CA VAL F 312 -15.33 40.65 -3.43
C VAL F 312 -15.55 40.19 -4.86
N ILE F 313 -16.11 39.00 -5.03
CA ILE F 313 -16.34 38.44 -6.37
C ILE F 313 -17.36 39.30 -7.13
N LYS F 314 -18.44 39.71 -6.46
CA LYS F 314 -19.42 40.56 -7.11
C LYS F 314 -18.83 41.91 -7.50
N ARG F 315 -17.98 42.47 -6.64
CA ARG F 315 -17.32 43.72 -6.99
C ARG F 315 -16.40 43.54 -8.20
N ASP F 316 -15.64 42.44 -8.24
CA ASP F 316 -14.67 42.24 -9.31
C ASP F 316 -15.33 41.91 -10.64
N LEU F 317 -16.42 41.16 -10.62
CA LEU F 317 -17.09 40.70 -11.82
C LEU F 317 -18.16 41.66 -12.31
N GLY F 318 -18.40 42.75 -11.60
CA GLY F 318 -19.40 43.72 -12.03
C GLY F 318 -20.83 43.26 -11.88
N LEU F 319 -21.10 42.32 -10.99
CA LEU F 319 -22.46 41.84 -10.78
C LEU F 319 -23.29 42.88 -10.03
N PRO G 12 25.79 38.40 -28.77
CA PRO G 12 26.15 36.99 -28.53
C PRO G 12 24.97 36.05 -28.73
N ASN G 13 25.20 34.75 -28.51
CA ASN G 13 24.17 33.73 -28.65
C ASN G 13 23.81 33.24 -27.26
N TYR G 14 22.64 33.65 -26.77
CA TYR G 14 22.19 33.31 -25.42
C TYR G 14 21.06 32.30 -25.47
N TYR G 15 21.15 31.28 -24.62
CA TYR G 15 20.13 30.25 -24.51
C TYR G 15 19.64 30.16 -23.07
N LEU G 16 18.34 29.92 -22.92
CA LEU G 16 17.73 29.73 -21.61
C LEU G 16 17.25 28.29 -21.51
N TYR G 17 18.06 27.46 -20.87
CA TYR G 17 17.69 26.06 -20.60
C TYR G 17 17.05 25.97 -19.22
N GLY G 18 16.10 25.05 -19.09
CA GLY G 18 15.43 24.90 -17.83
C GLY G 18 14.69 23.59 -17.63
N THR G 19 14.81 23.02 -16.44
CA THR G 19 14.03 21.86 -16.02
C THR G 19 13.08 22.30 -14.92
N VAL G 20 11.79 22.09 -15.14
CA VAL G 20 10.75 22.58 -14.25
C VAL G 20 9.92 21.40 -13.77
N LEU G 21 9.69 21.35 -12.46
CA LEU G 21 8.93 20.29 -11.82
C LEU G 21 7.57 20.81 -11.38
N THR G 22 6.55 19.99 -11.55
CA THR G 22 5.19 20.35 -11.19
C THR G 22 4.83 19.85 -9.80
N ARG G 23 3.65 20.25 -9.33
CA ARG G 23 3.18 19.86 -8.02
C ARG G 23 2.67 18.42 -8.03
N TYR G 24 2.46 17.88 -6.83
CA TYR G 24 1.93 16.54 -6.68
C TYR G 24 0.41 16.55 -6.79
N GLY G 25 -0.12 15.61 -7.55
CA GLY G 25 -1.56 15.51 -7.72
C GLY G 25 -1.92 14.37 -8.63
N LEU G 26 -3.21 14.18 -8.81
CA LEU G 26 -3.74 13.14 -9.67
C LEU G 26 -3.89 13.67 -11.09
N ALA G 27 -3.33 12.95 -12.06
CA ALA G 27 -3.18 13.46 -13.41
C ALA G 27 -3.63 12.43 -14.44
N SER G 28 -4.38 12.89 -15.43
CA SER G 28 -4.80 12.07 -16.57
C SER G 28 -4.75 12.88 -17.86
N LEU G 29 -3.64 13.60 -18.07
CA LEU G 29 -3.57 14.56 -19.16
C LEU G 29 -3.10 13.97 -20.48
N ASN G 30 -2.82 12.67 -20.54
CA ASN G 30 -2.11 12.12 -21.69
C ASN G 30 -2.75 10.84 -22.20
N HIS G 31 -4.06 10.85 -22.40
CA HIS G 31 -4.74 9.69 -22.97
C HIS G 31 -4.23 9.42 -24.39
N ASP G 32 -3.94 8.15 -24.67
CA ASP G 32 -3.62 7.72 -26.02
C ASP G 32 -4.83 6.97 -26.60
N ILE G 33 -4.61 6.31 -27.74
CA ILE G 33 -5.68 5.52 -28.36
C ILE G 33 -6.22 4.51 -27.34
N ARG G 34 -7.50 4.63 -27.01
CA ARG G 34 -8.09 3.80 -25.98
C ARG G 34 -8.25 2.35 -26.46
N ARG G 35 -8.10 1.43 -25.51
CA ARG G 35 -8.27 0.01 -25.78
C ARG G 35 -9.63 -0.43 -25.24
N GLY G 36 -10.61 -0.55 -26.12
CA GLY G 36 -11.93 -0.99 -25.72
C GLY G 36 -12.65 -0.04 -24.79
N ASN G 37 -12.79 -0.44 -23.52
CA ASN G 37 -13.55 0.32 -22.54
C ASN G 37 -12.69 1.34 -21.80
N LYS G 38 -11.52 0.91 -21.33
CA LYS G 38 -10.70 1.75 -20.47
C LYS G 38 -9.87 2.74 -21.27
N THR G 39 -9.73 3.94 -20.74
CA THR G 39 -8.98 5.02 -21.38
C THR G 39 -7.54 4.94 -20.89
N ILE G 40 -6.63 4.58 -21.79
CA ILE G 40 -5.23 4.40 -21.45
C ILE G 40 -4.52 5.75 -21.55
N LEU G 41 -3.75 6.10 -20.52
CA LEU G 41 -2.91 7.28 -20.56
C LEU G 41 -1.54 6.93 -21.09
N GLN G 42 -0.93 7.87 -21.80
CA GLN G 42 0.34 7.61 -22.47
C GLN G 42 1.43 7.28 -21.46
N LYS G 43 2.17 6.21 -21.71
CA LYS G 43 3.21 5.77 -20.80
C LYS G 43 4.29 5.03 -21.59
N GLY G 44 5.44 4.85 -20.94
CA GLY G 44 6.54 4.14 -21.55
C GLY G 44 7.67 4.00 -20.55
N TYR G 45 8.75 3.37 -21.01
CA TYR G 45 9.88 3.07 -20.14
C TYR G 45 10.73 4.31 -19.90
N TRP G 46 11.35 4.35 -18.74
CA TRP G 46 12.13 5.49 -18.27
C TRP G 46 13.24 4.94 -17.38
N ASN G 47 13.79 5.80 -16.52
CA ASN G 47 14.84 5.45 -15.56
C ASN G 47 14.67 4.04 -15.01
N ASN G 48 15.77 3.27 -15.04
CA ASN G 48 15.91 1.96 -14.43
C ASN G 48 14.76 1.01 -14.74
N GLY G 49 14.15 1.14 -15.92
CA GLY G 49 13.32 0.09 -16.47
C GLY G 49 11.88 0.05 -16.03
N LYS G 50 11.40 1.03 -15.26
CA LYS G 50 10.01 1.07 -14.85
C LYS G 50 9.22 2.00 -15.76
N ILE G 51 7.92 1.72 -15.87
CA ILE G 51 7.06 2.45 -16.79
C ILE G 51 6.62 3.75 -16.15
N HIS G 52 6.84 4.86 -16.85
CA HIS G 52 6.44 6.19 -16.40
C HIS G 52 5.40 6.75 -17.37
N SER G 53 4.58 7.66 -16.86
CA SER G 53 3.55 8.32 -17.67
C SER G 53 4.12 9.61 -18.23
N PHE G 54 3.96 9.80 -19.53
CA PHE G 54 4.52 10.95 -20.23
C PHE G 54 3.41 11.90 -20.65
N VAL G 55 3.66 13.20 -20.50
CA VAL G 55 2.79 14.25 -21.02
C VAL G 55 3.51 14.87 -22.22
N GLY G 56 2.84 14.88 -23.36
CA GLY G 56 3.48 15.36 -24.58
C GLY G 56 3.88 16.81 -24.48
N SER G 57 5.00 17.14 -25.15
CA SER G 57 5.46 18.52 -25.17
C SER G 57 4.56 19.41 -26.00
N SER G 58 3.83 18.83 -26.96
CA SER G 58 2.87 19.61 -27.72
C SER G 58 1.77 20.15 -26.83
N ALA G 59 1.45 19.44 -25.74
CA ALA G 59 0.49 19.95 -24.77
C ALA G 59 1.00 21.24 -24.12
N ILE G 60 2.26 21.25 -23.71
CA ILE G 60 2.83 22.44 -23.07
C ILE G 60 2.95 23.57 -24.08
N ARG G 61 3.30 23.25 -25.33
CA ARG G 61 3.36 24.28 -26.36
C ARG G 61 1.98 24.89 -26.62
N TRP G 62 0.94 24.05 -26.66
CA TRP G 62 -0.42 24.57 -26.81
C TRP G 62 -0.81 25.43 -25.62
N ALA G 63 -0.42 25.03 -24.41
CA ALA G 63 -0.71 25.82 -23.22
C ALA G 63 -0.03 27.18 -23.29
N LEU G 64 1.22 27.21 -23.75
CA LEU G 64 1.93 28.48 -23.89
C LEU G 64 1.27 29.36 -24.95
N ARG G 65 0.84 28.75 -26.07
CA ARG G 65 0.13 29.50 -27.10
C ARG G 65 -1.16 30.10 -26.54
N PHE G 66 -1.89 29.32 -25.76
CA PHE G 66 -3.14 29.80 -25.16
C PHE G 66 -2.85 30.92 -24.17
N TYR G 67 -1.76 30.81 -23.40
CA TYR G 67 -1.38 31.89 -22.50
C TYR G 67 -1.12 33.18 -23.28
N LEU G 68 -0.37 33.07 -24.37
CA LEU G 68 -0.07 34.25 -25.18
C LEU G 68 -1.34 34.86 -25.74
N GLN G 69 -2.28 34.01 -26.17
CA GLN G 69 -3.54 34.51 -26.71
C GLN G 69 -4.36 35.21 -25.62
N LYS G 70 -4.43 34.61 -24.43
CA LYS G 70 -5.26 35.17 -23.36
C LYS G 70 -4.68 36.46 -22.82
N GLN G 71 -3.36 36.57 -22.74
CA GLN G 71 -2.74 37.77 -22.20
C GLN G 71 -2.89 38.98 -23.11
N GLY G 72 -3.34 38.80 -24.35
CA GLY G 72 -3.57 39.90 -25.26
C GLY G 72 -2.47 40.12 -26.29
N TYR G 73 -1.47 39.26 -26.34
CA TYR G 73 -0.41 39.41 -27.33
C TYR G 73 -0.94 39.03 -28.71
N LEU G 74 -0.33 39.62 -29.74
CA LEU G 74 -0.74 39.36 -31.10
C LEU G 74 -0.32 37.94 -31.49
N VAL G 75 -1.32 37.08 -31.74
CA VAL G 75 -1.08 35.67 -32.02
C VAL G 75 -1.79 35.32 -33.31
N ASN G 76 -1.08 34.66 -34.23
CA ASN G 76 -1.64 34.31 -35.53
C ASN G 76 -2.78 33.30 -35.38
N ARG G 77 -2.53 32.21 -34.65
CA ARG G 77 -3.50 31.12 -34.52
C ARG G 77 -4.38 31.40 -33.31
N VAL G 78 -5.59 31.87 -33.56
CA VAL G 78 -6.54 32.18 -32.49
C VAL G 78 -7.40 30.95 -32.24
N TRP G 79 -7.52 30.58 -30.97
CA TRP G 79 -8.27 29.40 -30.55
C TRP G 79 -9.63 29.84 -30.02
N ASP G 80 -10.69 29.38 -30.67
CA ASP G 80 -12.04 29.71 -30.25
C ASP G 80 -12.46 28.77 -29.13
N GLU G 81 -12.61 29.32 -27.92
CA GLU G 81 -12.99 28.49 -26.77
C GLU G 81 -14.40 27.95 -26.93
N GLU G 82 -15.32 28.76 -27.44
CA GLU G 82 -16.71 28.31 -27.58
C GLU G 82 -16.88 27.36 -28.75
N GLU G 83 -16.09 27.53 -29.81
CA GLU G 83 -16.22 26.69 -30.99
C GLU G 83 -15.25 25.52 -31.01
N HIS G 84 -14.21 25.55 -30.18
CA HIS G 84 -13.20 24.50 -30.14
C HIS G 84 -12.57 24.27 -31.51
N ILE G 85 -12.28 25.36 -32.21
CA ILE G 85 -11.63 25.32 -33.51
C ILE G 85 -10.49 26.33 -33.52
N ASN G 86 -9.58 26.16 -34.47
CA ASN G 86 -8.42 27.01 -34.61
C ASN G 86 -8.56 27.84 -35.89
N ARG G 87 -8.35 29.14 -35.77
CA ARG G 87 -8.46 30.06 -36.90
C ARG G 87 -7.18 30.87 -37.01
N LEU G 88 -6.78 31.12 -38.26
CA LEU G 88 -5.57 31.88 -38.56
C LEU G 88 -5.97 33.28 -39.00
N THR G 89 -5.45 34.30 -38.30
CA THR G 89 -5.72 35.67 -38.69
C THR G 89 -5.15 35.99 -40.06
N SER G 90 -3.93 35.51 -40.34
CA SER G 90 -3.29 35.69 -41.63
C SER G 90 -2.90 34.34 -42.18
N GLU G 91 -3.29 34.05 -43.42
CA GLU G 91 -2.94 32.77 -44.04
C GLU G 91 -1.44 32.65 -44.24
N ASP G 92 -0.76 33.77 -44.46
CA ASP G 92 0.69 33.78 -44.59
C ASP G 92 1.31 34.04 -43.22
N PHE G 93 2.14 33.10 -42.76
CA PHE G 93 2.76 33.24 -41.45
C PHE G 93 3.78 34.38 -41.48
N ASP G 94 3.70 35.26 -40.49
CA ASP G 94 4.58 36.42 -40.38
C ASP G 94 5.21 36.42 -39.00
N PRO G 95 6.40 35.81 -38.85
CA PRO G 95 7.05 35.79 -37.53
C PRO G 95 7.42 37.16 -37.01
N GLU G 96 7.52 38.17 -37.88
CA GLU G 96 7.87 39.50 -37.42
C GLU G 96 6.75 40.14 -36.61
N LYS G 97 5.50 39.82 -36.92
CA LYS G 97 4.36 40.46 -36.28
C LYS G 97 3.68 39.59 -35.24
N PHE G 98 3.60 38.29 -35.45
CA PHE G 98 2.86 37.39 -34.58
C PHE G 98 3.79 36.71 -33.59
N TYR G 99 3.40 36.68 -32.32
CA TYR G 99 4.21 36.05 -31.29
C TYR G 99 4.33 34.55 -31.51
N ASP G 100 3.21 33.89 -31.83
CA ASP G 100 3.23 32.43 -31.94
C ASP G 100 4.10 31.98 -33.11
N ASP G 101 4.02 32.66 -34.25
CA ASP G 101 4.86 32.30 -35.38
C ASP G 101 6.34 32.53 -35.08
N ASP G 102 6.65 33.62 -34.37
CA ASP G 102 8.03 33.90 -34.01
C ASP G 102 8.58 32.85 -33.05
N ILE G 103 7.77 32.42 -32.09
CA ILE G 103 8.24 31.57 -31.00
C ILE G 103 8.21 30.11 -31.40
N PHE G 104 7.04 29.59 -31.74
CA PHE G 104 6.85 28.18 -32.01
C PHE G 104 7.12 27.79 -33.46
N GLY G 105 7.35 28.75 -34.34
CA GLY G 105 7.57 28.42 -35.72
C GLY G 105 6.31 27.99 -36.44
N PHE G 106 6.50 27.53 -37.67
CA PHE G 106 5.39 27.10 -38.51
C PHE G 106 5.94 26.23 -39.63
N ALA G 107 5.02 25.54 -40.31
CA ALA G 107 5.39 24.71 -41.46
C ALA G 107 4.17 24.59 -42.35
N LEU G 108 4.17 25.33 -43.47
CA LEU G 108 3.06 25.30 -44.42
C LEU G 108 3.37 24.25 -45.48
N LEU G 109 2.68 23.12 -45.41
CA LEU G 109 2.90 21.99 -46.31
C LEU G 109 1.65 21.82 -47.17
N GLU G 110 1.68 22.43 -48.35
CA GLU G 110 0.58 22.34 -49.30
C GLU G 110 1.12 22.47 -50.71
N SER G 111 0.36 21.96 -51.67
CA SER G 111 0.77 21.98 -53.07
C SER G 111 0.76 23.40 -53.62
N SER G 131 7.78 34.23 -52.01
CA SER G 131 8.08 35.45 -51.27
C SER G 131 8.45 35.13 -49.82
N THR G 132 7.43 35.05 -48.96
CA THR G 132 7.66 34.74 -47.57
C THR G 132 8.09 33.29 -47.41
N PRO G 133 8.92 33.00 -46.41
CA PRO G 133 9.33 31.60 -46.17
C PRO G 133 8.15 30.74 -45.76
N ASN G 134 8.22 29.46 -46.12
CA ASN G 134 7.15 28.52 -45.84
C ASN G 134 7.30 27.81 -44.50
N GLN G 135 8.42 28.00 -43.80
CA GLN G 135 8.65 27.31 -42.54
C GLN G 135 9.61 28.11 -41.68
N ARG G 136 9.58 27.83 -40.38
CA ARG G 136 10.47 28.47 -39.42
C ARG G 136 10.85 27.45 -38.34
N MET G 137 12.09 27.55 -37.87
CA MET G 137 12.59 26.59 -36.90
C MET G 137 12.03 26.81 -35.50
N GLY G 138 11.62 28.02 -35.17
CA GLY G 138 11.03 28.27 -33.87
C GLY G 138 12.06 28.41 -32.78
N ALA G 139 11.95 29.47 -31.97
CA ALA G 139 12.93 29.70 -30.91
C ALA G 139 12.77 28.70 -29.78
N LEU G 140 11.55 28.34 -29.43
CA LEU G 140 11.30 27.47 -28.28
C LEU G 140 11.44 26.01 -28.65
N GLY G 141 12.28 25.30 -27.90
CA GLY G 141 12.41 23.87 -28.03
C GLY G 141 12.11 23.17 -26.72
N MET G 142 11.13 22.28 -26.72
CA MET G 142 10.64 21.66 -25.50
C MET G 142 10.69 20.14 -25.63
N ASN G 143 10.90 19.47 -24.51
CA ASN G 143 10.92 18.02 -24.45
C ASN G 143 9.70 17.50 -23.69
N MET G 144 9.47 16.21 -23.83
CA MET G 144 8.28 15.59 -23.25
C MET G 144 8.33 15.63 -21.72
N ALA G 145 7.17 15.79 -21.11
CA ALA G 145 7.05 15.84 -19.66
C ALA G 145 6.98 14.42 -19.11
N VAL G 146 7.83 14.14 -18.13
CA VAL G 146 7.97 12.79 -17.59
C VAL G 146 7.55 12.79 -16.14
N SER G 147 6.73 11.80 -15.77
CA SER G 147 6.33 11.63 -14.39
C SER G 147 7.54 11.27 -13.54
N LEU G 148 7.68 11.96 -12.40
CA LEU G 148 8.83 11.71 -11.53
C LEU G 148 8.76 10.32 -10.89
N THR G 149 7.55 9.81 -10.68
CA THR G 149 7.30 8.54 -10.03
C THR G 149 6.82 7.51 -11.03
N PRO G 150 7.31 6.27 -10.98
CA PRO G 150 6.85 5.25 -11.92
C PRO G 150 5.37 4.98 -11.77
N TYR G 151 4.72 4.63 -12.88
CA TYR G 151 3.28 4.43 -12.91
C TYR G 151 2.94 3.12 -12.23
N ASP G 152 2.14 3.18 -11.17
CA ASP G 152 1.79 1.98 -10.42
C ASP G 152 0.76 1.13 -11.15
N GLY G 153 -0.22 1.76 -11.78
CA GLY G 153 -1.28 1.04 -12.46
C GLY G 153 -2.66 1.37 -11.93
N ALA G 154 -2.78 2.55 -11.32
CA ALA G 154 -4.06 2.95 -10.75
C ALA G 154 -5.08 3.24 -11.85
N VAL G 155 -6.32 2.80 -11.60
CA VAL G 155 -7.43 3.05 -12.53
C VAL G 155 -8.63 3.52 -11.71
N LYS G 156 -9.52 4.25 -12.36
CA LYS G 156 -10.73 4.77 -11.72
C LYS G 156 -11.93 4.40 -12.57
N LEU G 157 -12.97 3.87 -11.92
CA LEU G 157 -14.20 3.49 -12.62
C LEU G 157 -15.15 4.67 -12.69
N GLY G 158 -15.70 4.90 -13.87
CA GLY G 158 -16.75 5.88 -14.07
C GLY G 158 -17.99 5.20 -14.61
N ALA G 159 -19.15 5.67 -14.16
CA ALA G 159 -20.42 5.06 -14.57
C ALA G 159 -21.51 6.12 -14.56
N LYS G 160 -22.31 6.14 -15.62
CA LYS G 160 -23.42 7.08 -15.70
C LYS G 160 -24.51 6.70 -14.71
N SER G 161 -25.00 7.68 -13.97
CA SER G 161 -26.06 7.42 -13.01
C SER G 161 -27.36 7.06 -13.72
N GLY G 162 -28.15 6.24 -13.05
CA GLY G 162 -29.42 5.82 -13.61
C GLY G 162 -29.45 4.32 -13.86
N ARG G 163 -30.60 3.71 -13.61
CA ARG G 163 -30.77 2.28 -13.85
C ARG G 163 -30.98 1.96 -15.32
N GLU G 164 -31.23 2.96 -16.16
CA GLU G 164 -31.30 2.76 -17.60
C GLU G 164 -29.87 2.75 -18.14
N LYS G 165 -29.31 1.56 -18.31
CA LYS G 165 -27.90 1.39 -18.64
C LYS G 165 -27.75 0.84 -20.04
N ASP G 166 -26.82 1.41 -20.80
CA ASP G 166 -26.56 0.99 -22.17
C ASP G 166 -25.09 0.69 -22.38
N SER G 167 -24.68 0.53 -23.65
CA SER G 167 -23.29 0.17 -23.94
C SER G 167 -22.31 1.20 -23.40
N THR G 168 -22.71 2.46 -23.31
CA THR G 168 -21.85 3.53 -22.83
C THR G 168 -22.13 3.89 -21.37
N SER G 169 -22.48 2.90 -20.54
CA SER G 169 -22.84 3.19 -19.15
C SER G 169 -21.61 3.35 -18.27
N LEU G 170 -20.80 2.30 -18.17
CA LEU G 170 -19.65 2.28 -17.28
C LEU G 170 -18.35 2.27 -18.07
N HIS G 171 -17.31 2.84 -17.48
CA HIS G 171 -16.02 2.98 -18.15
C HIS G 171 -14.93 3.13 -17.11
N PHE G 172 -13.69 3.03 -17.57
CA PHE G 172 -12.52 3.13 -16.71
C PHE G 172 -11.57 4.19 -17.26
N THR G 173 -10.97 4.96 -16.36
CA THR G 173 -10.00 5.99 -16.71
C THR G 173 -8.76 5.82 -15.85
N GLU G 174 -7.59 5.79 -16.48
CA GLU G 174 -6.33 5.64 -15.77
C GLU G 174 -5.84 7.00 -15.30
N TYR G 175 -5.42 7.07 -14.04
CA TYR G 175 -4.87 8.29 -13.47
C TYR G 175 -3.53 7.97 -12.82
N HIS G 176 -2.78 9.02 -12.50
CA HIS G 176 -1.45 8.86 -11.93
C HIS G 176 -1.22 9.95 -10.91
N ALA G 177 -0.84 9.56 -9.69
CA ALA G 177 -0.54 10.49 -8.61
C ALA G 177 0.98 10.70 -8.58
N THR G 178 1.44 11.76 -9.22
CA THR G 178 2.87 12.01 -9.34
C THR G 178 3.10 13.47 -9.67
N ARG G 179 4.38 13.82 -9.77
CA ARG G 179 4.81 15.12 -10.26
C ARG G 179 5.44 14.97 -11.62
N TYR G 180 5.13 15.88 -12.53
CA TYR G 180 5.66 15.85 -13.88
C TYR G 180 6.78 16.87 -14.04
N GLN G 181 7.88 16.43 -14.63
CA GLN G 181 9.01 17.30 -14.92
C GLN G 181 9.27 17.30 -16.41
N TYR G 182 9.62 18.46 -16.95
CA TYR G 182 9.89 18.58 -18.38
C TYR G 182 11.03 19.56 -18.60
N TYR G 183 11.67 19.42 -19.75
CA TYR G 183 12.88 20.16 -20.10
C TYR G 183 12.60 20.99 -21.35
N PHE G 184 12.98 22.27 -21.30
CA PHE G 184 12.76 23.17 -22.41
C PHE G 184 14.04 23.97 -22.66
N GLY G 185 14.16 24.45 -23.89
CA GLY G 185 15.30 25.28 -24.27
C GLY G 185 14.90 26.38 -25.23
N ILE G 186 15.40 27.58 -25.00
CA ILE G 186 15.06 28.75 -25.81
C ILE G 186 16.33 29.32 -26.43
N ASP G 187 16.29 29.54 -27.73
CA ASP G 187 17.36 30.22 -28.45
C ASP G 187 16.93 31.68 -28.58
N ALA G 188 17.40 32.50 -27.64
CA ALA G 188 16.95 33.89 -27.58
C ALA G 188 17.33 34.66 -28.83
N THR G 189 18.54 34.42 -29.36
CA THR G 189 18.97 35.14 -30.56
C THR G 189 18.13 34.74 -31.77
N HIS G 190 17.58 33.52 -31.78
CA HIS G 190 16.74 33.08 -32.89
C HIS G 190 15.43 33.85 -32.96
N LEU G 191 15.01 34.49 -31.87
CA LEU G 191 13.77 35.24 -31.87
C LEU G 191 13.86 36.43 -32.81
N LYS G 192 12.79 36.66 -33.58
CA LYS G 192 12.74 37.84 -34.43
C LYS G 192 12.73 39.11 -33.59
N ASP G 193 11.99 39.11 -32.49
CA ASP G 193 11.99 40.20 -31.52
C ASP G 193 12.52 39.65 -30.20
N PHE G 194 13.60 40.25 -29.69
CA PHE G 194 14.25 39.73 -28.50
C PHE G 194 13.37 39.90 -27.26
N SER G 195 12.51 40.91 -27.25
CA SER G 195 11.68 41.18 -26.08
C SER G 195 10.60 40.12 -25.86
N ARG G 196 10.37 39.23 -26.83
CA ARG G 196 9.33 38.22 -26.72
C ARG G 196 9.69 37.08 -25.78
N ILE G 197 10.93 37.02 -25.29
CA ILE G 197 11.30 35.94 -24.38
C ILE G 197 10.65 36.11 -23.01
N LEU G 198 10.45 37.35 -22.56
CA LEU G 198 9.84 37.58 -21.27
C LEU G 198 8.40 37.05 -21.18
N PRO G 199 7.52 37.29 -22.15
CA PRO G 199 6.19 36.65 -22.08
C PRO G 199 6.26 35.14 -22.04
N MET G 200 7.24 34.53 -22.70
CA MET G 200 7.37 33.08 -22.63
C MET G 200 7.71 32.61 -21.23
N ILE G 201 8.61 33.32 -20.55
CA ILE G 201 8.94 32.98 -19.16
C ILE G 201 7.71 33.15 -18.27
N ASP G 202 6.98 34.25 -18.46
CA ASP G 202 5.78 34.47 -17.67
C ASP G 202 4.76 33.36 -17.90
N GLY G 203 4.60 32.92 -19.15
CA GLY G 203 3.70 31.82 -19.44
C GLY G 203 4.16 30.51 -18.85
N ILE G 204 5.47 30.27 -18.84
CA ILE G 204 6.00 29.06 -18.20
C ILE G 204 5.67 29.07 -16.72
N MET G 205 5.81 30.22 -16.06
CA MET G 205 5.50 30.28 -14.64
C MET G 205 4.00 30.45 -14.38
N ASN G 206 3.23 30.82 -15.41
CA ASN G 206 1.78 30.95 -15.26
C ASN G 206 1.06 30.10 -16.31
N LEU G 207 1.47 28.85 -16.43
CA LEU G 207 0.95 28.00 -17.50
C LEU G 207 -0.54 27.76 -17.30
N PRO G 208 -1.36 27.96 -18.34
CA PRO G 208 -2.77 27.59 -18.24
C PRO G 208 -2.95 26.08 -18.19
N LYS G 209 -4.20 25.62 -18.22
CA LYS G 209 -4.44 24.18 -18.19
C LYS G 209 -3.71 23.50 -19.33
N VAL G 210 -2.96 22.45 -18.99
CA VAL G 210 -2.30 21.61 -19.98
C VAL G 210 -3.28 20.52 -20.39
N GLY G 211 -3.47 20.36 -21.69
CA GLY G 211 -4.49 19.49 -22.24
C GLY G 211 -4.64 18.16 -21.54
N GLY G 212 -5.81 17.92 -20.96
CA GLY G 212 -6.05 16.72 -20.20
C GLY G 212 -7.52 16.51 -19.89
N SER G 213 -7.82 15.98 -18.70
CA SER G 213 -9.20 15.81 -18.25
C SER G 213 -9.41 16.73 -17.05
N SER G 214 -9.72 18.00 -17.34
CA SER G 214 -9.88 18.97 -16.28
C SER G 214 -11.17 18.80 -15.50
N ASN G 215 -12.18 18.18 -16.11
CA ASN G 215 -13.46 18.00 -15.42
C ASN G 215 -13.33 17.13 -14.19
N ILE G 216 -12.56 16.04 -14.29
CA ILE G 216 -12.44 15.09 -13.20
C ILE G 216 -11.04 14.98 -12.64
N PHE G 217 -9.99 15.36 -13.38
CA PHE G 217 -8.61 15.35 -12.88
C PHE G 217 -8.00 16.71 -13.17
N ASN G 218 -8.24 17.67 -12.28
CA ASN G 218 -7.76 19.04 -12.46
C ASN G 218 -6.35 19.11 -11.91
N TYR G 219 -5.36 19.02 -12.80
CA TYR G 219 -3.96 18.99 -12.41
C TYR G 219 -3.30 20.32 -12.78
N PRO G 220 -2.98 21.18 -11.80
CA PRO G 220 -2.29 22.42 -12.12
C PRO G 220 -0.85 22.15 -12.55
N PHE G 221 -0.47 22.72 -13.69
CA PHE G 221 0.85 22.50 -14.26
C PHE G 221 1.81 23.64 -13.95
N CYS G 222 1.45 24.53 -13.03
CA CYS G 222 2.33 25.63 -12.66
C CYS G 222 3.59 25.09 -11.99
N PRO G 223 4.74 25.71 -12.23
CA PRO G 223 5.99 25.21 -11.66
C PRO G 223 6.02 25.33 -10.15
N ASP G 224 6.69 24.38 -9.51
CA ASP G 224 6.98 24.44 -8.09
C ASP G 224 8.44 24.18 -7.78
N SER G 225 9.28 23.91 -8.78
CA SER G 225 10.71 23.73 -8.59
C SER G 225 11.38 23.96 -9.93
N LEU G 226 12.31 24.91 -9.98
CA LEU G 226 12.96 25.29 -11.23
C LEU G 226 14.47 25.13 -11.13
N VAL G 227 15.07 24.76 -12.25
CA VAL G 227 16.51 24.82 -12.43
C VAL G 227 16.77 25.44 -13.80
N PHE G 228 17.04 26.74 -13.83
CA PHE G 228 17.24 27.46 -15.08
C PHE G 228 18.73 27.72 -15.31
N GLN G 229 19.08 27.92 -16.58
CA GLN G 229 20.45 28.21 -16.97
C GLN G 229 20.43 29.23 -18.08
N TRP G 230 20.98 30.42 -17.81
CA TRP G 230 21.08 31.50 -18.78
C TRP G 230 22.55 31.69 -19.12
N THR G 231 23.00 31.00 -20.17
CA THR G 231 24.41 30.99 -20.53
C THR G 231 24.55 31.18 -22.03
N ASN G 232 25.72 31.67 -22.43
CA ASN G 232 26.06 31.81 -23.84
C ASN G 232 26.68 30.56 -24.43
N HIS G 233 27.00 29.57 -23.62
CA HIS G 233 27.50 28.29 -24.10
C HIS G 233 26.33 27.39 -24.46
N PHE G 234 26.51 26.61 -25.52
CA PHE G 234 25.41 25.81 -26.05
C PHE G 234 25.12 24.57 -25.21
N ALA G 235 26.06 24.14 -24.38
CA ALA G 235 25.89 22.91 -23.61
C ALA G 235 24.99 23.14 -22.40
N SER G 236 24.13 22.15 -22.11
CA SER G 236 23.24 22.20 -20.96
C SER G 236 23.32 20.86 -20.24
N TYR G 237 23.44 20.92 -18.91
CA TYR G 237 23.55 19.72 -18.08
C TYR G 237 22.47 19.70 -17.00
N ILE G 238 21.30 20.26 -17.29
CA ILE G 238 20.22 20.38 -16.32
C ILE G 238 18.96 19.65 -16.76
N SER G 239 19.02 18.92 -17.87
CA SER G 239 17.83 18.23 -18.38
C SER G 239 17.45 17.09 -17.47
N TYR G 240 16.23 17.14 -16.93
CA TYR G 240 15.69 16.10 -16.05
C TYR G 240 16.61 15.86 -14.86
N CYS G 241 16.78 16.91 -14.05
CA CYS G 241 17.71 16.90 -12.94
C CYS G 241 17.03 16.58 -11.61
N PHE G 242 15.76 16.22 -11.61
CA PHE G 242 15.03 15.92 -10.39
C PHE G 242 14.84 14.41 -10.25
N GLU G 243 14.86 13.94 -9.01
CA GLU G 243 14.72 12.52 -8.72
C GLU G 243 13.80 12.35 -7.52
N TYR G 244 13.38 11.11 -7.29
CA TYR G 244 12.51 10.76 -6.18
C TYR G 244 13.31 10.07 -5.08
N CYS G 245 12.96 10.36 -3.83
CA CYS G 245 13.59 9.68 -2.70
C CYS G 245 13.05 8.28 -2.53
N ASP G 246 11.75 8.08 -2.78
CA ASP G 246 11.10 6.79 -2.67
C ASP G 246 10.29 6.53 -3.94
N PRO G 247 10.24 5.27 -4.39
CA PRO G 247 9.53 5.00 -5.66
C PRO G 247 8.07 5.42 -5.66
N LYS G 248 7.41 5.40 -4.50
CA LYS G 248 6.03 5.87 -4.38
C LYS G 248 5.99 6.89 -3.25
N SER G 249 6.29 8.15 -3.58
CA SER G 249 6.31 9.21 -2.58
C SER G 249 6.36 10.55 -3.28
N LYS G 250 5.92 11.58 -2.56
CA LYS G 250 6.01 12.97 -2.99
C LYS G 250 7.19 13.59 -2.24
N GLU G 251 8.39 13.40 -2.78
CA GLU G 251 9.60 13.94 -2.17
C GLU G 251 10.34 14.89 -3.08
N ALA G 252 10.71 14.45 -4.29
CA ALA G 252 11.26 15.32 -5.34
C ALA G 252 12.55 15.99 -4.88
N LYS G 253 13.58 15.17 -4.69
CA LYS G 253 14.91 15.67 -4.38
C LYS G 253 15.72 15.88 -5.66
N LEU G 254 16.72 16.75 -5.56
CA LEU G 254 17.62 16.98 -6.69
C LEU G 254 18.51 15.77 -6.91
N SER G 255 18.76 15.45 -8.18
CA SER G 255 19.55 14.27 -8.51
C SER G 255 20.99 14.44 -8.06
N GLN G 256 21.64 13.30 -7.77
CA GLN G 256 23.03 13.34 -7.32
C GLN G 256 23.98 13.71 -8.46
N GLU G 257 23.64 13.34 -9.70
CA GLU G 257 24.51 13.68 -10.82
C GLU G 257 24.58 15.19 -11.03
N PHE G 258 23.44 15.87 -10.94
CA PHE G 258 23.43 17.32 -11.08
C PHE G 258 24.24 18.00 -9.98
N ILE G 259 24.08 17.53 -8.74
CA ILE G 259 24.83 18.09 -7.63
C ILE G 259 26.32 17.87 -7.84
N ASP G 260 26.71 16.66 -8.27
CA ASP G 260 28.11 16.36 -8.50
C ASP G 260 28.69 17.23 -9.61
N GLU G 261 27.91 17.46 -10.68
CA GLU G 261 28.39 18.31 -11.76
C GLU G 261 28.51 19.76 -11.32
N VAL G 262 27.69 20.19 -10.35
CA VAL G 262 27.89 21.51 -9.78
C VAL G 262 29.16 21.54 -8.93
N GLU G 263 29.39 20.49 -8.14
CA GLU G 263 30.58 20.46 -7.27
C GLU G 263 31.86 20.48 -8.09
N CYS G 264 31.91 19.69 -9.16
CA CYS G 264 33.16 19.58 -9.93
C CYS G 264 33.50 20.86 -10.66
N GLY G 265 32.51 21.74 -10.86
CA GLY G 265 32.73 22.99 -11.58
C GLY G 265 32.28 22.97 -13.02
N GLN G 266 31.64 21.91 -13.50
CA GLN G 266 31.17 21.88 -14.88
C GLN G 266 30.12 22.96 -15.12
N ILE G 267 29.17 23.11 -14.20
CA ILE G 267 28.12 24.10 -14.31
C ILE G 267 28.54 25.33 -13.53
N ASP G 268 28.56 26.47 -14.21
CA ASP G 268 28.93 27.72 -13.56
C ASP G 268 27.83 28.14 -12.60
N PRO G 269 28.10 28.28 -11.30
CA PRO G 269 27.04 28.68 -10.37
C PRO G 269 26.45 30.04 -10.67
N SER G 270 27.21 30.95 -11.29
CA SER G 270 26.70 32.26 -11.61
C SER G 270 25.65 32.23 -12.72
N LYS G 271 25.54 31.13 -13.46
CA LYS G 271 24.54 30.99 -14.50
C LYS G 271 23.39 30.08 -14.08
N LEU G 272 23.38 29.63 -12.83
CA LEU G 272 22.36 28.71 -12.33
C LEU G 272 21.28 29.49 -11.59
N TRP G 273 20.02 29.14 -11.85
CA TRP G 273 18.87 29.77 -11.21
C TRP G 273 17.98 28.65 -10.67
N ILE G 274 17.95 28.51 -9.35
CA ILE G 274 17.18 27.47 -8.68
C ILE G 274 16.10 28.14 -7.85
N GLY G 275 14.86 27.75 -8.07
CA GLY G 275 13.75 28.32 -7.34
C GLY G 275 12.67 27.28 -7.11
N GLY G 276 11.90 27.48 -6.04
CA GLY G 276 10.81 26.58 -5.71
C GLY G 276 10.98 25.89 -4.37
N THR G 277 10.32 24.75 -4.21
CA THR G 277 10.38 24.02 -2.95
C THR G 277 11.68 23.23 -2.79
N ILE G 278 12.42 23.01 -3.87
CA ILE G 278 13.70 22.32 -3.77
C ILE G 278 14.73 23.20 -3.06
N VAL G 279 14.47 24.50 -2.94
CA VAL G 279 15.40 25.40 -2.27
C VAL G 279 15.57 25.02 -0.81
N LYS G 280 14.47 24.67 -0.14
CA LYS G 280 14.56 24.26 1.26
C LYS G 280 15.43 23.03 1.43
N ASP G 281 15.21 22.01 0.59
CA ASP G 281 16.02 20.80 0.67
C ASP G 281 17.48 21.08 0.38
N LEU G 282 17.75 21.96 -0.59
CA LEU G 282 19.14 22.34 -0.88
C LEU G 282 19.77 23.03 0.33
N GLN G 283 19.02 23.93 0.98
CA GLN G 283 19.56 24.67 2.11
C GLN G 283 19.75 23.80 3.34
N GLN G 284 18.99 22.72 3.48
CA GLN G 284 19.20 21.81 4.60
C GLN G 284 20.33 20.81 4.35
N LEU G 285 20.93 20.83 3.17
CA LEU G 285 22.03 19.92 2.88
C LEU G 285 23.24 20.25 3.75
N ASP G 286 23.99 19.21 4.11
CA ASP G 286 25.20 19.39 4.90
C ASP G 286 26.29 20.04 4.06
N ASN G 287 27.08 20.91 4.69
CA ASN G 287 28.17 21.63 4.02
C ASN G 287 27.66 22.45 2.84
N PHE G 288 26.43 22.94 2.94
CA PHE G 288 25.87 23.75 1.86
C PHE G 288 26.60 25.08 1.74
N GLU G 289 26.98 25.69 2.87
CA GLU G 289 27.65 26.97 2.84
C GLU G 289 29.03 26.91 2.20
N SER G 290 29.63 25.73 2.13
CA SER G 290 30.93 25.56 1.50
C SER G 290 30.87 25.01 0.09
N SER G 291 29.70 24.52 -0.34
CA SER G 291 29.58 23.96 -1.68
C SER G 291 29.47 25.07 -2.72
N PRO G 292 29.96 24.82 -3.93
CA PRO G 292 29.75 25.80 -5.02
C PRO G 292 28.29 26.02 -5.35
N LEU G 293 27.40 25.12 -4.96
CA LEU G 293 25.96 25.34 -5.16
C LEU G 293 25.46 26.54 -4.37
N ASN G 294 26.18 26.95 -3.32
CA ASN G 294 25.73 28.06 -2.49
C ASN G 294 25.75 29.37 -3.28
N LYS G 295 26.78 29.60 -4.08
CA LYS G 295 26.92 30.86 -4.80
C LYS G 295 26.08 30.94 -6.06
N ALA G 296 25.13 30.01 -6.23
CA ALA G 296 24.18 30.10 -7.32
C ALA G 296 22.98 30.93 -6.91
N HIS G 297 22.25 31.42 -7.91
CA HIS G 297 21.06 32.23 -7.67
C HIS G 297 19.95 31.33 -7.15
N ILE G 298 19.76 31.34 -5.83
CA ILE G 298 18.81 30.47 -5.15
C ILE G 298 17.76 31.35 -4.49
N TYR G 299 16.49 31.12 -4.83
CA TYR G 299 15.38 31.90 -4.29
C TYR G 299 14.25 30.96 -3.91
N ARG G 300 13.80 31.05 -2.65
CA ARG G 300 12.62 30.29 -2.25
C ARG G 300 11.38 30.77 -3.00
N ASN G 301 11.23 32.09 -3.14
CA ASN G 301 10.11 32.65 -3.88
C ASN G 301 10.42 32.60 -5.37
N ARG G 302 9.52 31.99 -6.14
CA ARG G 302 9.76 31.88 -7.58
C ARG G 302 9.60 33.21 -8.29
N ASN G 303 8.75 34.09 -7.75
CA ASN G 303 8.59 35.42 -8.37
C ASN G 303 9.87 36.23 -8.28
N GLU G 304 10.55 36.17 -7.14
CA GLU G 304 11.82 36.90 -7.00
C GLU G 304 12.88 36.34 -7.95
N MET G 305 12.96 35.01 -8.06
CA MET G 305 13.90 34.40 -8.98
C MET G 305 13.60 34.81 -10.42
N ILE G 306 12.32 34.82 -10.80
CA ILE G 306 11.93 35.22 -12.14
C ILE G 306 12.28 36.68 -12.39
N GLU G 307 12.05 37.55 -11.40
CA GLU G 307 12.38 38.96 -11.57
C GLU G 307 13.88 39.15 -11.76
N ALA G 308 14.69 38.48 -10.95
CA ALA G 308 16.14 38.60 -11.08
C ALA G 308 16.62 38.06 -12.42
N LEU G 309 16.10 36.90 -12.83
CA LEU G 309 16.50 36.33 -14.10
C LEU G 309 16.09 37.22 -15.27
N LYS G 310 14.90 37.82 -15.20
CA LYS G 310 14.46 38.71 -16.26
C LYS G 310 15.29 39.99 -16.30
N THR G 311 15.70 40.50 -15.13
CA THR G 311 16.61 41.63 -15.12
C THR G 311 17.94 41.28 -15.80
N VAL G 312 18.48 40.10 -15.49
CA VAL G 312 19.73 39.68 -16.11
C VAL G 312 19.55 39.51 -17.61
N ILE G 313 18.44 38.92 -18.04
CA ILE G 313 18.19 38.70 -19.46
C ILE G 313 18.04 40.03 -20.19
N LYS G 314 17.32 40.97 -19.60
CA LYS G 314 17.16 42.28 -20.23
C LYS G 314 18.49 43.01 -20.33
N ARG G 315 19.33 42.90 -19.30
CA ARG G 315 20.66 43.51 -19.37
C ARG G 315 21.50 42.86 -20.46
N ASP G 316 21.45 41.53 -20.57
CA ASP G 316 22.28 40.84 -21.54
C ASP G 316 21.83 41.09 -22.97
N LEU G 317 20.53 41.11 -23.21
CA LEU G 317 19.99 41.30 -24.55
C LEU G 317 19.81 42.77 -24.91
N GLY G 318 20.11 43.69 -23.99
CA GLY G 318 19.98 45.11 -24.29
C GLY G 318 18.56 45.56 -24.54
N LEU G 319 17.61 45.09 -23.74
CA LEU G 319 16.22 45.48 -23.89
C LEU G 319 15.91 46.75 -23.11
N PRO H 12 55.34 14.29 -38.99
CA PRO H 12 54.72 13.45 -37.96
C PRO H 12 53.21 13.70 -37.85
N ASN H 13 52.42 12.72 -38.25
CA ASN H 13 50.97 12.85 -38.19
C ASN H 13 50.50 12.92 -36.73
N TYR H 14 49.42 13.67 -36.52
CA TYR H 14 48.80 13.79 -35.20
C TYR H 14 47.30 13.67 -35.37
N TYR H 15 46.73 12.60 -34.80
CA TYR H 15 45.31 12.33 -34.90
C TYR H 15 44.66 12.52 -33.53
N LEU H 16 43.42 13.02 -33.53
CA LEU H 16 42.62 13.14 -32.32
C LEU H 16 41.37 12.27 -32.49
N TYR H 17 41.36 11.12 -31.84
CA TYR H 17 40.20 10.24 -31.83
C TYR H 17 39.43 10.42 -30.53
N GLY H 18 38.13 10.18 -30.60
CA GLY H 18 37.31 10.35 -29.42
C GLY H 18 35.95 9.68 -29.47
N THR H 19 35.56 9.07 -28.36
CA THR H 19 34.22 8.52 -28.19
C THR H 19 33.48 9.35 -27.16
N VAL H 20 32.32 9.87 -27.53
CA VAL H 20 31.57 10.80 -26.69
C VAL H 20 30.18 10.21 -26.45
N LEU H 21 29.76 10.24 -25.20
CA LEU H 21 28.45 9.76 -24.79
C LEU H 21 27.56 10.95 -24.44
N THR H 22 26.31 10.92 -24.87
CA THR H 22 25.38 12.00 -24.64
C THR H 22 24.53 11.73 -23.40
N ARG H 23 23.84 12.78 -22.95
CA ARG H 23 23.02 12.66 -21.76
C ARG H 23 21.77 11.82 -22.04
N TYR H 24 21.20 11.28 -20.98
CA TYR H 24 19.99 10.49 -21.09
C TYR H 24 18.78 11.39 -21.31
N GLY H 25 17.94 11.04 -22.27
CA GLY H 25 16.76 11.83 -22.55
C GLY H 25 15.96 11.19 -23.67
N LEU H 26 14.80 11.80 -23.94
CA LEU H 26 13.92 11.31 -24.98
C LEU H 26 14.36 11.89 -26.33
N ALA H 27 14.59 11.02 -27.31
CA ALA H 27 15.16 11.43 -28.58
C ALA H 27 14.36 10.87 -29.74
N SER H 28 14.12 11.71 -30.74
CA SER H 28 13.53 11.30 -32.01
C SER H 28 14.30 11.98 -33.14
N LEU H 29 15.62 11.84 -33.11
CA LEU H 29 16.49 12.75 -33.83
C LEU H 29 16.41 12.55 -35.35
N ASN H 30 16.86 11.41 -35.85
CA ASN H 30 17.13 11.35 -37.29
C ASN H 30 15.89 11.03 -38.12
N HIS H 31 15.12 10.02 -37.72
CA HIS H 31 13.91 9.61 -38.43
C HIS H 31 14.20 8.97 -39.78
N ASP H 32 13.23 8.23 -40.29
CA ASP H 32 13.34 7.54 -41.57
C ASP H 32 12.15 7.92 -42.44
N ILE H 33 11.96 7.24 -43.57
CA ILE H 33 10.82 7.50 -44.44
C ILE H 33 9.54 7.15 -43.70
N ARG H 34 8.56 8.04 -43.76
CA ARG H 34 7.32 7.87 -43.03
C ARG H 34 6.50 6.70 -43.58
N ARG H 35 5.66 6.14 -42.72
CA ARG H 35 4.77 5.02 -43.06
C ARG H 35 3.41 5.30 -42.43
N GLY H 36 2.51 5.90 -43.21
CA GLY H 36 1.22 6.28 -42.70
C GLY H 36 1.29 7.46 -41.77
N ASN H 37 0.80 7.32 -40.54
CA ASN H 37 1.00 8.35 -39.51
C ASN H 37 2.32 8.21 -38.78
N LYS H 38 3.05 7.13 -38.97
CA LYS H 38 4.25 6.87 -38.21
C LYS H 38 5.46 7.54 -38.85
N THR H 39 6.18 8.33 -38.08
CA THR H 39 7.50 8.83 -38.48
C THR H 39 8.53 7.88 -37.88
N ILE H 40 9.06 6.99 -38.71
CA ILE H 40 9.93 5.92 -38.22
C ILE H 40 11.28 6.48 -37.86
N LEU H 41 11.71 6.24 -36.62
CA LEU H 41 13.12 6.43 -36.28
C LEU H 41 13.96 5.45 -37.08
N GLN H 42 15.07 5.92 -37.62
CA GLN H 42 15.93 5.03 -38.39
C GLN H 42 16.76 4.19 -37.42
N LYS H 43 16.91 2.91 -37.73
CA LYS H 43 17.54 1.99 -36.80
C LYS H 43 18.15 0.84 -37.57
N GLY H 44 19.01 0.10 -36.89
CA GLY H 44 19.65 -1.05 -37.49
C GLY H 44 20.25 -1.93 -36.42
N TYR H 45 20.83 -3.03 -36.87
CA TYR H 45 21.39 -4.01 -35.94
C TYR H 45 22.69 -3.50 -35.35
N TRP H 46 23.01 -3.98 -34.16
CA TRP H 46 24.26 -3.65 -33.48
C TRP H 46 24.65 -4.85 -32.63
N ASN H 47 25.53 -4.62 -31.66
CA ASN H 47 26.05 -5.66 -30.77
C ASN H 47 24.96 -6.61 -30.31
N ASN H 48 25.26 -7.90 -30.39
CA ASN H 48 24.38 -9.01 -30.01
C ASN H 48 23.15 -9.12 -30.90
N GLY H 49 23.13 -8.44 -32.04
CA GLY H 49 22.03 -8.53 -32.97
C GLY H 49 20.81 -7.72 -32.61
N LYS H 50 20.84 -6.96 -31.53
CA LYS H 50 19.70 -6.14 -31.14
C LYS H 50 19.62 -4.90 -32.02
N ILE H 51 18.41 -4.34 -32.10
CA ILE H 51 18.15 -3.19 -32.95
C ILE H 51 18.33 -1.92 -32.12
N HIS H 52 19.23 -1.04 -32.57
CA HIS H 52 19.48 0.23 -31.92
C HIS H 52 19.14 1.36 -32.87
N SER H 53 18.69 2.48 -32.31
CA SER H 53 18.36 3.64 -33.11
C SER H 53 19.63 4.39 -33.47
N PHE H 54 19.72 4.80 -34.73
CA PHE H 54 20.92 5.43 -35.26
C PHE H 54 20.71 6.93 -35.47
N VAL H 55 21.82 7.64 -35.55
CA VAL H 55 21.86 9.03 -35.98
C VAL H 55 22.96 9.14 -37.04
N GLY H 56 22.58 9.55 -38.24
CA GLY H 56 23.53 9.53 -39.35
C GLY H 56 24.73 10.42 -39.10
N SER H 57 25.86 10.03 -39.69
CA SER H 57 27.07 10.82 -39.55
C SER H 57 26.91 12.20 -40.17
N SER H 58 26.18 12.27 -41.29
CA SER H 58 25.92 13.56 -41.92
C SER H 58 25.17 14.49 -40.98
N ALA H 59 24.34 13.95 -40.09
CA ALA H 59 23.65 14.79 -39.12
C ALA H 59 24.63 15.49 -38.19
N ILE H 60 25.59 14.75 -37.65
CA ILE H 60 26.55 15.33 -36.73
C ILE H 60 27.49 16.28 -37.46
N ARG H 61 27.87 15.95 -38.70
CA ARG H 61 28.69 16.86 -39.48
C ARG H 61 27.94 18.16 -39.77
N TRP H 62 26.64 18.07 -40.06
CA TRP H 62 25.83 19.26 -40.25
C TRP H 62 25.75 20.08 -38.96
N ALA H 63 25.62 19.41 -37.82
CA ALA H 63 25.59 20.12 -36.55
C ALA H 63 26.90 20.87 -36.30
N LEU H 64 28.03 20.25 -36.58
CA LEU H 64 29.32 20.93 -36.43
C LEU H 64 29.45 22.09 -37.42
N ARG H 65 28.99 21.88 -38.65
CA ARG H 65 29.01 22.96 -39.65
C ARG H 65 28.21 24.16 -39.15
N PHE H 66 27.02 23.90 -38.61
CA PHE H 66 26.18 24.98 -38.11
C PHE H 66 26.78 25.65 -36.89
N TYR H 67 27.45 24.89 -36.02
CA TYR H 67 28.14 25.49 -34.89
C TYR H 67 29.21 26.45 -35.38
N LEU H 68 30.02 26.00 -36.35
CA LEU H 68 31.07 26.87 -36.88
C LEU H 68 30.49 28.12 -37.52
N GLN H 69 29.39 27.97 -38.26
CA GLN H 69 28.76 29.13 -38.88
C GLN H 69 28.20 30.08 -37.84
N LYS H 70 27.66 29.55 -36.73
CA LYS H 70 26.96 30.38 -35.77
C LYS H 70 27.87 31.31 -34.98
N GLN H 71 29.17 30.99 -34.88
CA GLN H 71 30.12 31.82 -34.14
C GLN H 71 31.20 32.27 -35.10
N GLY H 72 30.93 33.35 -35.84
CA GLY H 72 31.86 33.85 -36.84
C GLY H 72 32.36 32.74 -37.72
N TYR H 73 33.69 32.56 -37.76
CA TYR H 73 34.32 31.39 -38.38
C TYR H 73 33.87 31.23 -39.83
N LEU H 74 34.32 32.19 -40.65
CA LEU H 74 33.96 32.27 -42.06
C LEU H 74 33.91 30.90 -42.72
N VAL H 75 32.75 30.56 -43.28
CA VAL H 75 32.49 29.25 -43.85
C VAL H 75 31.93 29.42 -45.25
N ASN H 76 32.32 28.51 -46.15
CA ASN H 76 31.85 28.57 -47.52
C ASN H 76 30.40 28.13 -47.63
N ARG H 77 30.01 27.10 -46.89
CA ARG H 77 28.65 26.54 -46.96
C ARG H 77 27.83 27.19 -45.86
N VAL H 78 27.13 28.26 -46.20
CA VAL H 78 26.31 29.00 -45.25
C VAL H 78 24.88 28.49 -45.32
N TRP H 79 24.31 28.17 -44.16
CA TRP H 79 22.95 27.66 -44.08
C TRP H 79 21.98 28.82 -43.88
N ASP H 80 21.11 29.04 -44.87
CA ASP H 80 20.13 30.12 -44.80
C ASP H 80 18.99 29.69 -43.89
N GLU H 81 18.92 30.27 -42.69
CA GLU H 81 17.89 29.88 -41.74
C GLU H 81 16.50 30.34 -42.19
N GLU H 82 16.41 31.47 -42.89
CA GLU H 82 15.12 31.96 -43.33
C GLU H 82 14.50 31.06 -44.40
N GLU H 83 15.28 30.71 -45.42
CA GLU H 83 14.79 29.91 -46.53
C GLU H 83 15.01 28.42 -46.35
N HIS H 84 15.66 28.01 -45.27
CA HIS H 84 15.95 26.59 -44.99
C HIS H 84 16.67 25.95 -46.17
N ILE H 85 17.65 26.66 -46.72
CA ILE H 85 18.44 26.19 -47.85
C ILE H 85 19.91 26.45 -47.57
N ASN H 86 20.76 25.71 -48.25
CA ASN H 86 22.21 25.84 -48.13
C ASN H 86 22.74 26.67 -49.28
N ARG H 87 23.55 27.68 -48.97
CA ARG H 87 24.11 28.57 -49.96
C ARG H 87 25.63 28.52 -49.92
N LEU H 88 26.24 28.72 -51.09
CA LEU H 88 27.68 28.65 -51.24
C LEU H 88 28.21 30.06 -51.52
N THR H 89 29.10 30.56 -50.67
CA THR H 89 29.65 31.88 -50.86
C THR H 89 30.58 31.93 -52.08
N SER H 90 31.40 30.90 -52.26
CA SER H 90 32.32 30.81 -53.37
C SER H 90 32.16 29.45 -54.03
N GLU H 91 31.91 29.45 -55.35
CA GLU H 91 31.78 28.18 -56.06
C GLU H 91 33.08 27.41 -56.08
N ASP H 92 34.22 28.10 -56.13
CA ASP H 92 35.52 27.46 -56.05
C ASP H 92 35.91 27.33 -54.58
N PHE H 93 35.84 26.11 -54.06
CA PHE H 93 36.14 25.88 -52.66
C PHE H 93 37.59 26.21 -52.36
N ASP H 94 37.81 26.92 -51.26
CA ASP H 94 39.15 27.37 -50.86
C ASP H 94 39.39 26.94 -49.42
N PRO H 95 40.00 25.76 -49.22
CA PRO H 95 40.25 25.31 -47.84
C PRO H 95 41.19 26.20 -47.06
N GLU H 96 42.04 26.99 -47.73
CA GLU H 96 42.96 27.87 -47.02
C GLU H 96 42.26 29.04 -46.35
N LYS H 97 41.04 29.36 -46.79
CA LYS H 97 40.31 30.50 -46.25
C LYS H 97 39.11 30.10 -45.40
N PHE H 98 38.36 29.08 -45.80
CA PHE H 98 37.12 28.72 -45.12
C PHE H 98 37.37 27.58 -44.15
N TYR H 99 36.83 27.71 -42.93
CA TYR H 99 36.90 26.62 -41.97
C TYR H 99 36.14 25.39 -42.46
N ASP H 100 34.99 25.62 -43.10
CA ASP H 100 34.14 24.52 -43.54
C ASP H 100 34.87 23.64 -44.55
N ASP H 101 35.45 24.25 -45.59
CA ASP H 101 36.16 23.47 -46.59
C ASP H 101 37.41 22.82 -46.02
N ASP H 102 38.09 23.51 -45.10
CA ASP H 102 39.31 22.97 -44.51
C ASP H 102 39.02 21.73 -43.68
N ILE H 103 37.93 21.74 -42.92
CA ILE H 103 37.65 20.65 -41.98
C ILE H 103 36.87 19.54 -42.66
N PHE H 104 35.73 19.88 -43.27
CA PHE H 104 34.83 18.87 -43.79
C PHE H 104 35.12 18.48 -45.24
N GLY H 105 36.03 19.18 -45.91
CA GLY H 105 36.33 18.83 -47.29
C GLY H 105 35.24 19.28 -48.25
N PHE H 106 35.44 18.92 -49.51
CA PHE H 106 34.50 19.29 -50.57
C PHE H 106 34.70 18.37 -51.76
N ALA H 107 33.72 18.39 -52.66
CA ALA H 107 33.77 17.65 -53.91
C ALA H 107 33.16 18.51 -55.01
N LEU H 108 33.85 18.60 -56.14
CA LEU H 108 33.42 19.43 -57.25
C LEU H 108 32.83 18.56 -58.35
N LEU H 109 32.29 19.24 -59.37
CA LEU H 109 31.67 18.53 -60.49
C LEU H 109 32.69 17.66 -61.23
N GLU H 110 33.89 18.20 -61.49
CA GLU H 110 34.90 17.45 -62.21
C GLU H 110 35.47 16.30 -61.39
N SER H 111 35.24 16.28 -60.08
CA SER H 111 35.74 15.21 -59.23
C SER H 111 35.08 13.87 -59.54
N ALA H 112 33.90 13.88 -60.14
CA ALA H 112 33.17 12.65 -60.44
C ALA H 112 33.43 12.12 -61.85
N GLU H 113 33.98 12.95 -62.74
CA GLU H 113 34.24 12.55 -64.11
C GLU H 113 35.73 12.38 -64.40
N THR H 114 36.52 12.08 -63.37
CA THR H 114 37.94 11.83 -63.54
C THR H 114 38.42 10.92 -62.43
N GLU H 115 39.57 10.29 -62.66
CA GLU H 115 40.13 9.36 -61.68
C GLU H 115 41.12 10.02 -60.74
N GLU H 116 41.88 11.00 -61.22
CA GLU H 116 42.85 11.69 -60.39
C GLU H 116 42.17 12.75 -59.53
N ASP H 117 42.92 13.27 -58.57
CA ASP H 117 42.41 14.28 -57.64
C ASP H 117 42.69 15.71 -58.10
N THR H 118 43.27 15.89 -59.27
CA THR H 118 43.57 17.20 -59.81
C THR H 118 43.11 17.29 -61.26
N SER H 119 42.69 18.48 -61.66
CA SER H 119 42.21 18.71 -63.02
C SER H 119 42.48 20.13 -63.47
N SER H 131 47.14 23.48 -61.78
CA SER H 131 45.75 23.04 -61.76
C SER H 131 45.18 23.07 -60.35
N THR H 132 43.99 23.66 -60.21
CA THR H 132 43.36 23.72 -58.89
C THR H 132 42.96 22.33 -58.44
N PRO H 133 43.01 22.05 -57.13
CA PRO H 133 42.58 20.73 -56.65
C PRO H 133 41.13 20.45 -57.02
N ASN H 134 40.86 19.20 -57.39
CA ASN H 134 39.53 18.79 -57.79
C ASN H 134 38.64 18.43 -56.60
N GLN H 135 39.25 18.16 -55.44
CA GLN H 135 38.51 17.70 -54.28
C GLN H 135 39.39 17.84 -53.05
N ARG H 136 38.83 17.49 -51.89
CA ARG H 136 39.61 17.43 -50.66
C ARG H 136 38.90 16.50 -49.69
N MET H 137 39.60 15.46 -49.26
CA MET H 137 39.07 14.58 -48.22
C MET H 137 39.04 15.34 -46.91
N GLY H 138 37.87 15.38 -46.26
CA GLY H 138 37.75 16.14 -45.02
C GLY H 138 38.67 15.58 -43.96
N ALA H 139 39.33 16.48 -43.24
CA ALA H 139 40.21 16.08 -42.15
C ALA H 139 39.47 15.47 -40.98
N LEU H 140 38.15 15.66 -40.89
CA LEU H 140 37.34 15.14 -39.81
C LEU H 140 36.41 14.05 -40.34
N GLY H 141 36.40 12.91 -39.67
CA GLY H 141 35.48 11.85 -39.99
C GLY H 141 34.84 11.28 -38.73
N MET H 142 33.51 11.20 -38.72
CA MET H 142 32.79 10.72 -37.54
C MET H 142 31.85 9.59 -37.94
N ASN H 143 31.89 8.51 -37.15
CA ASN H 143 30.93 7.43 -37.32
C ASN H 143 29.55 7.87 -36.85
N MET H 144 28.53 7.13 -37.28
CA MET H 144 27.16 7.45 -36.90
C MET H 144 26.94 7.17 -35.42
N ALA H 145 26.05 7.96 -34.82
CA ALA H 145 25.71 7.78 -33.42
C ALA H 145 24.68 6.67 -33.26
N VAL H 146 24.90 5.81 -32.26
CA VAL H 146 24.00 4.71 -31.97
C VAL H 146 23.53 4.83 -30.52
N SER H 147 22.33 4.32 -30.27
CA SER H 147 21.78 4.33 -28.92
C SER H 147 22.51 3.30 -28.06
N LEU H 148 22.84 3.70 -26.83
CA LEU H 148 23.52 2.78 -25.92
C LEU H 148 22.60 1.66 -25.46
N THR H 149 21.29 1.81 -25.64
CA THR H 149 20.31 0.84 -25.22
C THR H 149 19.46 0.39 -26.41
N PRO H 150 19.17 -0.91 -26.53
CA PRO H 150 18.38 -1.40 -27.66
C PRO H 150 17.01 -0.72 -27.71
N TYR H 151 16.53 -0.52 -28.93
CA TYR H 151 15.30 0.23 -29.14
C TYR H 151 14.07 -0.65 -28.96
N ASP H 152 13.14 -0.17 -28.14
CA ASP H 152 11.83 -0.79 -27.98
C ASP H 152 10.78 0.13 -28.58
N GLY H 153 9.80 -0.46 -29.27
CA GLY H 153 8.80 0.33 -29.96
C GLY H 153 8.04 1.29 -29.06
N ALA H 154 8.35 2.57 -29.18
CA ALA H 154 7.68 3.61 -28.40
C ALA H 154 7.22 4.70 -29.35
N VAL H 155 5.93 5.03 -29.31
CA VAL H 155 5.35 6.02 -30.20
C VAL H 155 4.55 7.02 -29.37
N LYS H 156 4.26 8.15 -30.00
CA LYS H 156 3.49 9.22 -29.38
C LYS H 156 2.31 9.61 -30.26
N LEU H 157 1.22 9.98 -29.60
CA LEU H 157 0.05 10.47 -30.32
C LEU H 157 0.25 11.91 -30.75
N GLY H 158 -0.38 12.28 -31.86
CA GLY H 158 -0.18 13.60 -32.43
C GLY H 158 -1.44 14.29 -32.93
N ALA H 159 -2.57 14.04 -32.28
CA ALA H 159 -3.80 14.69 -32.71
C ALA H 159 -3.74 16.19 -32.45
N LYS H 160 -4.03 16.98 -33.48
CA LYS H 160 -3.97 18.43 -33.39
C LYS H 160 -5.29 18.97 -32.86
N SER H 161 -5.21 20.06 -32.10
CA SER H 161 -6.39 20.62 -31.45
C SER H 161 -7.39 21.13 -32.49
N GLY H 162 -8.67 21.01 -32.16
CA GLY H 162 -9.71 21.50 -33.02
C GLY H 162 -10.82 20.50 -33.27
N ARG H 163 -12.06 20.98 -33.37
CA ARG H 163 -13.17 20.10 -33.68
C ARG H 163 -13.13 19.61 -35.12
N GLU H 164 -12.54 20.41 -36.02
CA GLU H 164 -12.44 20.06 -37.43
C GLU H 164 -11.35 19.02 -37.58
N LYS H 165 -11.74 17.76 -37.53
CA LYS H 165 -10.80 16.63 -37.60
C LYS H 165 -10.72 16.15 -39.04
N ASP H 166 -9.87 16.81 -39.83
CA ASP H 166 -9.59 16.40 -41.19
C ASP H 166 -8.38 15.48 -41.19
N SER H 167 -7.79 15.23 -42.36
CA SER H 167 -6.55 14.48 -42.43
C SER H 167 -5.40 15.35 -41.93
N THR H 168 -4.16 14.86 -42.07
CA THR H 168 -2.98 15.52 -41.53
C THR H 168 -3.10 15.71 -40.03
N SER H 169 -3.87 14.84 -39.39
CA SER H 169 -4.02 14.83 -37.93
C SER H 169 -3.90 13.39 -37.46
N LEU H 170 -3.72 13.23 -36.14
CA LEU H 170 -3.49 11.92 -35.52
C LEU H 170 -2.27 11.23 -36.13
N HIS H 171 -1.11 11.85 -35.95
CA HIS H 171 0.13 11.25 -36.40
C HIS H 171 0.84 10.56 -35.23
N PHE H 172 1.76 9.68 -35.58
CA PHE H 172 2.53 8.93 -34.59
C PHE H 172 4.01 9.23 -34.79
N THR H 173 4.68 9.57 -33.69
CA THR H 173 6.10 9.89 -33.70
C THR H 173 6.85 8.88 -32.84
N GLU H 174 7.84 8.21 -33.43
CA GLU H 174 8.65 7.26 -32.69
C GLU H 174 9.77 8.01 -31.96
N TYR H 175 9.92 7.72 -30.67
CA TYR H 175 10.96 8.33 -29.86
C TYR H 175 11.76 7.23 -29.17
N HIS H 176 12.86 7.64 -28.52
CA HIS H 176 13.75 6.69 -27.86
C HIS H 176 14.36 7.38 -26.66
N ALA H 177 14.11 6.86 -25.47
CA ALA H 177 14.60 7.47 -24.23
C ALA H 177 15.85 6.72 -23.77
N THR H 178 16.96 6.99 -24.45
CA THR H 178 18.27 6.44 -24.10
C THR H 178 19.33 7.50 -24.34
N ARG H 179 20.58 7.09 -24.24
CA ARG H 179 21.74 7.92 -24.54
C ARG H 179 22.34 7.49 -25.88
N TYR H 180 22.93 8.45 -26.59
CA TYR H 180 23.56 8.21 -27.87
C TYR H 180 25.06 8.38 -27.74
N GLN H 181 25.81 7.50 -28.40
CA GLN H 181 27.26 7.56 -28.42
C GLN H 181 27.73 7.53 -29.87
N TYR H 182 28.77 8.30 -30.16
CA TYR H 182 29.34 8.35 -31.51
C TYR H 182 30.86 8.48 -31.41
N TYR H 183 31.52 8.10 -32.48
CA TYR H 183 32.98 8.08 -32.56
C TYR H 183 33.44 8.97 -33.70
N PHE H 184 34.46 9.77 -33.45
CA PHE H 184 34.98 10.71 -34.43
C PHE H 184 36.50 10.63 -34.45
N GLY H 185 37.08 11.09 -35.55
CA GLY H 185 38.52 11.16 -35.67
C GLY H 185 38.95 12.26 -36.62
N ILE H 186 39.95 13.05 -36.23
CA ILE H 186 40.46 14.14 -37.05
C ILE H 186 41.96 13.97 -37.22
N ASP H 187 42.42 14.04 -38.46
CA ASP H 187 43.85 14.12 -38.74
C ASP H 187 44.25 15.58 -38.66
N ALA H 188 44.75 16.00 -37.49
CA ALA H 188 45.09 17.40 -37.27
C ALA H 188 46.15 17.89 -38.24
N THR H 189 47.06 17.01 -38.65
CA THR H 189 48.09 17.40 -39.61
C THR H 189 47.47 17.73 -40.97
N HIS H 190 46.43 17.00 -41.37
CA HIS H 190 45.78 17.24 -42.66
C HIS H 190 45.16 18.63 -42.77
N LEU H 191 44.92 19.29 -41.64
CA LEU H 191 44.29 20.62 -41.67
C LEU H 191 45.21 21.61 -42.36
N LYS H 192 44.62 22.45 -43.22
CA LYS H 192 45.38 23.52 -43.86
C LYS H 192 45.88 24.52 -42.83
N ASP H 193 45.04 24.87 -41.87
CA ASP H 193 45.42 25.71 -40.73
C ASP H 193 45.30 24.87 -39.47
N PHE H 194 46.44 24.64 -38.81
CA PHE H 194 46.46 23.73 -37.67
C PHE H 194 45.62 24.26 -36.51
N SER H 195 45.44 25.58 -36.41
CA SER H 195 44.70 26.16 -35.32
C SER H 195 43.20 25.90 -35.40
N ARG H 196 42.71 25.38 -36.53
CA ARG H 196 41.29 25.15 -36.69
C ARG H 196 40.76 23.96 -35.90
N ILE H 197 41.64 23.15 -35.31
CA ILE H 197 41.18 22.01 -34.54
C ILE H 197 40.52 22.44 -33.23
N LEU H 198 41.00 23.55 -32.64
CA LEU H 198 40.41 24.02 -31.38
C LEU H 198 38.95 24.40 -31.52
N PRO H 199 38.52 25.18 -32.51
CA PRO H 199 37.08 25.42 -32.66
C PRO H 199 36.28 24.16 -32.89
N MET H 200 36.85 23.15 -33.56
CA MET H 200 36.13 21.90 -33.76
C MET H 200 35.92 21.17 -32.44
N ILE H 201 36.93 21.18 -31.56
CA ILE H 201 36.76 20.59 -30.24
C ILE H 201 35.68 21.34 -29.46
N ASP H 202 35.73 22.68 -29.50
CA ASP H 202 34.71 23.47 -28.82
C ASP H 202 33.32 23.15 -29.34
N GLY H 203 33.20 22.95 -30.66
CA GLY H 203 31.92 22.57 -31.22
C GLY H 203 31.47 21.19 -30.81
N ILE H 204 32.41 20.25 -30.70
CA ILE H 204 32.05 18.90 -30.26
C ILE H 204 31.50 18.94 -28.84
N MET H 205 32.16 19.69 -27.94
CA MET H 205 31.63 19.79 -26.59
C MET H 205 30.38 20.65 -26.54
N ASN H 206 30.40 21.80 -27.22
CA ASN H 206 29.23 22.68 -27.27
C ASN H 206 28.43 22.45 -28.55
N LEU H 207 27.99 21.21 -28.74
CA LEU H 207 27.19 20.90 -29.92
C LEU H 207 25.79 21.47 -29.78
N PRO H 208 25.36 22.36 -30.68
CA PRO H 208 24.05 23.02 -30.49
C PRO H 208 22.89 22.04 -30.49
N LYS H 209 22.73 21.34 -31.60
CA LYS H 209 21.59 20.44 -31.79
C LYS H 209 21.82 19.55 -33.00
N VAL H 210 21.69 18.24 -32.82
CA VAL H 210 21.74 17.31 -33.94
C VAL H 210 20.35 17.22 -34.55
N GLY H 211 20.27 17.37 -35.86
CA GLY H 211 19.02 17.48 -36.58
C GLY H 211 17.91 16.54 -36.13
N GLY H 212 16.81 17.11 -35.66
CA GLY H 212 15.72 16.29 -35.16
C GLY H 212 14.58 17.15 -34.70
N SER H 213 13.53 16.48 -34.20
CA SER H 213 12.32 17.16 -33.77
C SER H 213 12.59 17.86 -32.44
N SER H 214 13.33 18.97 -32.53
CA SER H 214 13.64 19.75 -31.35
C SER H 214 12.41 20.44 -30.77
N ASN H 215 11.37 20.64 -31.59
CA ASN H 215 10.14 21.23 -31.08
C ASN H 215 9.44 20.30 -30.08
N ILE H 216 9.42 19.02 -30.37
CA ILE H 216 8.72 18.04 -29.54
C ILE H 216 9.67 17.28 -28.63
N PHE H 217 10.81 16.86 -29.16
CA PHE H 217 11.82 16.11 -28.40
C PHE H 217 13.13 16.90 -28.45
N ASN H 218 13.29 17.82 -27.52
CA ASN H 218 14.53 18.61 -27.41
C ASN H 218 15.57 17.74 -26.72
N TYR H 219 16.56 17.27 -27.49
CA TYR H 219 17.58 16.37 -26.98
C TYR H 219 18.94 17.03 -27.08
N PRO H 220 19.50 17.53 -25.99
CA PRO H 220 20.85 18.12 -26.07
C PRO H 220 21.89 17.05 -26.36
N PHE H 221 22.76 17.34 -27.32
CA PHE H 221 23.80 16.41 -27.73
C PHE H 221 25.15 16.73 -27.10
N CYS H 222 25.17 17.61 -26.10
CA CYS H 222 26.42 17.91 -25.42
C CYS H 222 26.94 16.67 -24.70
N PRO H 223 28.24 16.41 -24.75
CA PRO H 223 28.77 15.19 -24.14
C PRO H 223 28.69 15.20 -22.62
N ASP H 224 28.55 14.01 -22.05
CA ASP H 224 28.68 13.83 -20.61
C ASP H 224 29.68 12.76 -20.25
N SER H 225 30.40 12.20 -21.22
CA SER H 225 31.45 11.22 -20.96
C SER H 225 32.32 11.11 -22.21
N LEU H 226 33.62 11.30 -22.04
CA LEU H 226 34.56 11.29 -23.15
C LEU H 226 35.69 10.29 -22.91
N VAL H 227 36.15 9.69 -23.99
CA VAL H 227 37.42 8.96 -24.03
C VAL H 227 38.15 9.49 -25.26
N PHE H 228 39.00 10.50 -25.08
CA PHE H 228 39.75 11.07 -26.17
C PHE H 228 41.14 10.46 -26.23
N GLN H 229 41.76 10.54 -27.41
CA GLN H 229 43.10 9.98 -27.59
C GLN H 229 43.86 10.88 -28.56
N TRP H 230 44.87 11.58 -28.03
CA TRP H 230 45.76 12.41 -28.85
C TRP H 230 47.03 11.61 -29.07
N THR H 231 47.17 11.04 -30.27
CA THR H 231 48.27 10.15 -30.58
C THR H 231 48.70 10.34 -32.03
N ASN H 232 49.92 9.86 -32.33
CA ASN H 232 50.43 9.86 -33.68
C ASN H 232 50.19 8.54 -34.40
N HIS H 233 49.48 7.61 -33.76
CA HIS H 233 49.18 6.32 -34.37
C HIS H 233 47.96 6.43 -35.28
N PHE H 234 48.02 5.74 -36.42
CA PHE H 234 46.92 5.80 -37.38
C PHE H 234 45.70 5.05 -36.91
N ALA H 235 45.81 4.26 -35.84
CA ALA H 235 44.70 3.45 -35.35
C ALA H 235 44.44 3.76 -33.87
N SER H 236 43.17 3.74 -33.50
CA SER H 236 42.74 3.92 -32.12
C SER H 236 41.65 2.92 -31.80
N TYR H 237 41.92 2.03 -30.86
CA TYR H 237 40.98 0.97 -30.52
C TYR H 237 40.05 1.39 -29.38
N ILE H 238 39.45 2.58 -29.53
CA ILE H 238 38.60 3.16 -28.50
C ILE H 238 37.29 3.66 -29.09
N SER H 239 36.89 3.08 -30.22
CA SER H 239 35.79 3.66 -31.00
C SER H 239 34.48 3.68 -30.21
N TYR H 240 34.08 2.53 -29.66
CA TYR H 240 32.82 2.43 -28.92
C TYR H 240 33.11 1.73 -27.60
N CYS H 241 33.51 2.53 -26.60
CA CYS H 241 33.90 1.99 -25.30
C CYS H 241 32.79 2.07 -24.26
N PHE H 242 31.67 2.72 -24.57
CA PHE H 242 30.56 2.83 -23.63
C PHE H 242 29.47 1.84 -24.01
N GLU H 243 29.08 1.00 -23.04
CA GLU H 243 27.98 0.06 -23.23
C GLU H 243 27.55 -0.52 -21.89
N TYR H 244 26.24 -0.64 -21.69
CA TYR H 244 25.74 -1.33 -20.49
C TYR H 244 24.62 -2.28 -20.91
N CYS H 245 24.02 -2.01 -22.08
CA CYS H 245 22.95 -2.81 -22.65
C CYS H 245 21.79 -2.81 -21.66
N ASP H 246 21.38 -3.98 -21.12
CA ASP H 246 20.30 -4.19 -20.14
C ASP H 246 19.18 -3.16 -20.34
N PRO H 247 18.45 -3.26 -21.46
CA PRO H 247 17.61 -2.14 -21.93
C PRO H 247 16.74 -1.48 -20.89
N LYS H 248 16.37 -0.21 -21.16
CA LYS H 248 15.66 0.65 -20.22
C LYS H 248 16.51 0.90 -18.98
N SER H 249 17.69 1.49 -19.20
CA SER H 249 18.59 1.89 -18.13
C SER H 249 19.53 2.94 -18.68
N LYS H 250 20.27 3.59 -17.78
CA LYS H 250 21.18 4.65 -18.20
C LYS H 250 22.53 4.64 -17.49
N GLU H 251 22.91 3.53 -16.86
CA GLU H 251 24.17 3.52 -16.11
C GLU H 251 25.37 3.73 -17.02
N ALA H 252 25.39 3.04 -18.17
CA ALA H 252 26.39 3.26 -19.22
C ALA H 252 27.82 3.09 -18.69
N LYS H 253 28.14 1.87 -18.28
CA LYS H 253 29.47 1.55 -17.83
C LYS H 253 30.44 1.45 -19.01
N LEU H 254 31.73 1.50 -18.69
CA LEU H 254 32.76 1.30 -19.69
C LEU H 254 32.78 -0.16 -20.14
N SER H 255 32.97 -0.38 -21.44
CA SER H 255 32.96 -1.73 -21.97
C SER H 255 34.14 -2.53 -21.43
N GLN H 256 33.90 -3.82 -21.20
CA GLN H 256 34.93 -4.69 -20.65
C GLN H 256 36.09 -4.86 -21.63
N GLU H 257 35.79 -4.94 -22.93
CA GLU H 257 36.84 -5.15 -23.91
C GLU H 257 37.77 -3.95 -24.02
N PHE H 258 37.25 -2.73 -23.82
CA PHE H 258 38.11 -1.55 -23.82
C PHE H 258 39.10 -1.60 -22.67
N ILE H 259 38.63 -1.95 -21.47
CA ILE H 259 39.51 -2.07 -20.32
C ILE H 259 40.52 -3.19 -20.54
N ASP H 260 40.08 -4.30 -21.13
CA ASP H 260 40.99 -5.40 -21.40
C ASP H 260 42.09 -4.99 -22.37
N GLU H 261 41.73 -4.24 -23.41
CA GLU H 261 42.72 -3.76 -24.37
C GLU H 261 43.66 -2.75 -23.74
N VAL H 262 43.17 -1.94 -22.81
CA VAL H 262 44.05 -1.03 -22.08
C VAL H 262 45.05 -1.82 -21.24
N GLU H 263 44.57 -2.88 -20.56
CA GLU H 263 45.47 -3.69 -19.75
C GLU H 263 46.45 -4.49 -20.60
N CYS H 264 46.07 -4.83 -21.83
CA CYS H 264 46.91 -5.69 -22.65
C CYS H 264 48.25 -5.04 -22.96
N GLY H 265 48.26 -3.74 -23.24
CA GLY H 265 49.50 -3.06 -23.56
C GLY H 265 49.34 -2.05 -24.69
N GLN H 266 48.43 -2.34 -25.62
CA GLN H 266 48.10 -1.35 -26.63
C GLN H 266 47.17 -0.30 -26.03
N ILE H 267 46.96 0.78 -26.78
CA ILE H 267 46.30 1.98 -26.27
C ILE H 267 47.09 2.49 -25.08
N ASP H 268 48.12 3.28 -25.33
CA ASP H 268 48.97 3.78 -24.27
C ASP H 268 48.15 4.68 -23.34
N PRO H 269 48.09 4.39 -22.04
CA PRO H 269 47.26 5.21 -21.14
C PRO H 269 47.66 6.68 -21.12
N SER H 270 48.93 7.00 -21.34
CA SER H 270 49.36 8.39 -21.35
C SER H 270 48.75 9.17 -22.50
N LYS H 271 48.26 8.48 -23.54
CA LYS H 271 47.61 9.14 -24.66
C LYS H 271 46.10 9.23 -24.50
N LEU H 272 45.54 8.69 -23.43
CA LEU H 272 44.10 8.68 -23.22
C LEU H 272 43.66 9.87 -22.39
N TRP H 273 42.47 10.37 -22.70
CA TRP H 273 41.86 11.49 -21.97
C TRP H 273 40.42 11.12 -21.66
N ILE H 274 40.13 10.89 -20.38
CA ILE H 274 38.81 10.42 -19.94
C ILE H 274 38.19 11.50 -19.07
N GLY H 275 36.95 11.86 -19.37
CA GLY H 275 36.24 12.85 -18.60
C GLY H 275 34.74 12.63 -18.65
N GLY H 276 34.05 13.31 -17.75
CA GLY H 276 32.61 13.21 -17.64
C GLY H 276 32.18 12.47 -16.40
N THR H 277 30.94 11.97 -16.44
CA THR H 277 30.39 11.24 -15.31
C THR H 277 30.96 9.83 -15.20
N ILE H 278 31.60 9.32 -16.24
CA ILE H 278 32.23 8.00 -16.17
C ILE H 278 33.44 8.02 -15.26
N VAL H 279 33.98 9.21 -14.96
CA VAL H 279 35.14 9.32 -14.08
C VAL H 279 34.79 8.82 -12.68
N LYS H 280 33.59 9.15 -12.21
CA LYS H 280 33.17 8.69 -10.88
C LYS H 280 33.12 7.17 -10.81
N ASP H 281 32.55 6.54 -11.83
CA ASP H 281 32.48 5.08 -11.87
C ASP H 281 33.87 4.46 -11.97
N LEU H 282 34.74 5.07 -12.77
CA LEU H 282 36.11 4.57 -12.88
C LEU H 282 36.83 4.63 -11.54
N GLN H 283 36.68 5.75 -10.83
CA GLN H 283 37.34 5.90 -9.54
C GLN H 283 36.75 4.96 -8.49
N GLN H 284 35.45 4.71 -8.54
CA GLN H 284 34.82 3.82 -7.57
C GLN H 284 35.23 2.37 -7.77
N LEU H 285 35.84 2.02 -8.89
CA LEU H 285 36.29 0.64 -9.10
C LEU H 285 37.43 0.28 -8.17
N ASP H 286 37.42 -0.95 -7.68
CA ASP H 286 38.51 -1.45 -6.88
C ASP H 286 39.73 -1.73 -7.76
N ASN H 287 40.91 -1.68 -7.15
CA ASN H 287 42.21 -1.89 -7.80
C ASN H 287 42.52 -0.78 -8.80
N PHE H 288 41.64 0.22 -8.95
CA PHE H 288 41.84 1.27 -9.94
C PHE H 288 43.11 2.07 -9.65
N GLU H 289 43.52 2.17 -8.39
CA GLU H 289 44.74 2.89 -8.07
C GLU H 289 45.98 2.23 -8.64
N SER H 290 45.96 0.91 -8.84
CA SER H 290 47.07 0.18 -9.43
C SER H 290 46.80 -0.24 -10.87
N SER H 291 45.61 0.03 -11.39
CA SER H 291 45.28 -0.37 -12.75
C SER H 291 46.05 0.48 -13.76
N PRO H 292 46.37 -0.08 -14.93
CA PRO H 292 46.99 0.73 -15.99
C PRO H 292 46.12 1.89 -16.45
N LEU H 293 44.82 1.82 -16.26
CA LEU H 293 43.95 2.94 -16.60
C LEU H 293 44.16 4.15 -15.69
N ASN H 294 44.87 3.99 -14.58
CA ASN H 294 45.05 5.08 -13.63
C ASN H 294 45.96 6.17 -14.18
N LYS H 295 46.97 5.80 -14.96
CA LYS H 295 47.94 6.76 -15.48
C LYS H 295 47.42 7.52 -16.70
N ALA H 296 46.13 7.46 -16.97
CA ALA H 296 45.52 8.25 -18.02
C ALA H 296 45.03 9.58 -17.46
N HIS H 297 44.98 10.58 -18.33
CA HIS H 297 44.51 11.90 -17.92
C HIS H 297 43.01 11.84 -17.64
N ILE H 298 42.65 11.83 -16.37
CA ILE H 298 41.27 11.63 -15.94
C ILE H 298 40.83 12.88 -15.17
N TYR H 299 39.78 13.53 -15.65
CA TYR H 299 39.22 14.71 -15.02
C TYR H 299 37.71 14.57 -14.95
N ARG H 300 37.14 14.78 -13.76
CA ARG H 300 35.69 14.80 -13.64
C ARG H 300 35.10 15.97 -14.42
N ASN H 301 35.73 17.14 -14.34
CA ASN H 301 35.28 18.30 -15.07
C ASN H 301 35.72 18.20 -16.53
N ARG H 302 34.75 18.25 -17.45
CA ARG H 302 35.09 18.18 -18.86
C ARG H 302 35.87 19.39 -19.32
N ASN H 303 35.56 20.57 -18.75
CA ASN H 303 36.26 21.78 -19.13
C ASN H 303 37.74 21.70 -18.79
N GLU H 304 38.07 21.18 -17.60
CA GLU H 304 39.47 21.05 -17.21
C GLU H 304 40.21 20.09 -18.12
N MET H 305 39.60 18.95 -18.43
CA MET H 305 40.24 17.99 -19.33
C MET H 305 40.45 18.58 -20.71
N ILE H 306 39.46 19.33 -21.20
CA ILE H 306 39.57 19.93 -22.52
C ILE H 306 40.66 20.99 -22.53
N GLU H 307 40.77 21.77 -21.45
CA GLU H 307 41.84 22.76 -21.37
C GLU H 307 43.21 22.10 -21.38
N ALA H 308 43.38 21.03 -20.61
CA ALA H 308 44.67 20.32 -20.59
C ALA H 308 44.97 19.70 -21.94
N LEU H 309 43.96 19.08 -22.57
CA LEU H 309 44.16 18.46 -23.87
C LEU H 309 44.50 19.50 -24.93
N LYS H 310 43.86 20.67 -24.89
CA LYS H 310 44.16 21.71 -25.85
C LYS H 310 45.54 22.30 -25.60
N THR H 311 45.98 22.39 -24.34
CA THR H 311 47.35 22.79 -24.07
C THR H 311 48.34 21.81 -24.68
N VAL H 312 48.08 20.50 -24.52
CA VAL H 312 48.96 19.49 -25.10
C VAL H 312 48.95 19.59 -26.62
N ILE H 313 47.76 19.78 -27.21
CA ILE H 313 47.64 19.86 -28.66
C ILE H 313 48.39 21.07 -29.20
N LYS H 314 48.26 22.22 -28.53
CA LYS H 314 48.96 23.42 -28.97
C LYS H 314 50.46 23.26 -28.83
N ARG H 315 50.92 22.58 -27.77
CA ARG H 315 52.34 22.32 -27.63
C ARG H 315 52.86 21.40 -28.73
N ASP H 316 52.09 20.37 -29.08
CA ASP H 316 52.55 19.40 -30.05
C ASP H 316 52.51 19.95 -31.47
N LEU H 317 51.47 20.71 -31.81
CA LEU H 317 51.29 21.22 -33.16
C LEU H 317 51.99 22.54 -33.40
N GLY H 318 52.62 23.12 -32.38
CA GLY H 318 53.28 24.40 -32.55
C GLY H 318 52.35 25.58 -32.65
N LEU H 319 51.12 25.46 -32.16
CA LEU H 319 50.15 26.55 -32.23
C LEU H 319 50.48 27.71 -31.30
N GLU H 320 51.43 27.53 -30.39
CA GLU H 320 51.81 28.58 -29.45
C GLU H 320 52.39 29.79 -30.16
N THR I 13 31.23 -22.85 -87.01
CA THR I 13 32.38 -21.98 -87.09
C THR I 13 32.66 -21.31 -85.75
N GLN I 14 32.97 -20.02 -85.79
CA GLN I 14 33.24 -19.25 -84.59
C GLN I 14 31.99 -18.51 -84.17
N PRO I 15 31.47 -18.73 -82.96
CA PRO I 15 30.27 -18.00 -82.53
C PRO I 15 30.56 -16.51 -82.41
N LYS I 16 29.66 -15.70 -82.98
CA LYS I 16 29.85 -14.25 -82.92
C LYS I 16 29.47 -13.70 -81.55
N ILE I 17 28.56 -14.36 -80.84
CA ILE I 17 28.21 -13.99 -79.48
C ILE I 17 28.21 -15.26 -78.63
N SER I 18 28.99 -15.25 -77.56
CA SER I 18 29.07 -16.38 -76.64
C SER I 18 28.76 -15.91 -75.23
N LEU I 19 27.81 -16.58 -74.57
CA LEU I 19 27.39 -16.23 -73.23
C LEU I 19 27.40 -17.48 -72.37
N SER I 20 27.94 -17.38 -71.16
CA SER I 20 28.03 -18.50 -70.25
C SER I 20 27.71 -18.06 -68.83
N LEU I 21 27.13 -18.98 -68.05
CA LEU I 21 26.88 -18.71 -66.64
C LEU I 21 28.16 -18.75 -65.83
N HIS I 22 29.21 -19.39 -66.34
CA HIS I 22 30.46 -19.54 -65.60
C HIS I 22 31.38 -18.34 -65.73
N ALA I 23 31.03 -17.35 -66.55
CA ALA I 23 31.89 -16.19 -66.72
C ALA I 23 32.00 -15.41 -65.41
N ALA I 24 33.22 -15.03 -65.08
CA ALA I 24 33.49 -14.43 -63.77
C ALA I 24 33.03 -12.98 -63.66
N ASP I 25 32.84 -12.31 -64.79
CA ASP I 25 32.50 -10.89 -64.79
C ASP I 25 31.01 -10.62 -64.77
N THR I 26 30.17 -11.66 -64.68
CA THR I 26 28.74 -11.47 -64.73
C THR I 26 28.16 -11.27 -63.32
N THR I 27 27.07 -10.52 -63.26
CA THR I 27 26.29 -10.34 -62.04
C THR I 27 24.99 -11.14 -62.16
N ILE I 28 24.12 -10.98 -61.16
CA ILE I 28 22.86 -11.70 -61.15
C ILE I 28 21.99 -11.27 -62.32
N MET I 29 21.94 -9.95 -62.60
CA MET I 29 21.12 -9.46 -63.69
C MET I 29 21.60 -10.01 -65.03
N HIS I 30 22.92 -10.11 -65.22
CA HIS I 30 23.44 -10.69 -66.46
C HIS I 30 22.97 -12.12 -66.64
N ARG I 31 23.04 -12.93 -65.58
CA ARG I 31 22.62 -14.32 -65.68
C ARG I 31 21.12 -14.44 -65.94
N VAL I 32 20.31 -13.59 -65.29
CA VAL I 32 18.89 -13.58 -65.57
C VAL I 32 18.64 -13.21 -67.03
N GLY I 33 19.45 -12.29 -67.57
CA GLY I 33 19.32 -11.94 -68.97
C GLY I 33 19.66 -13.08 -69.90
N MET I 34 20.73 -13.82 -69.60
CA MET I 34 21.04 -14.98 -70.42
C MET I 34 19.93 -16.02 -70.33
N THR I 35 19.32 -16.18 -69.16
CA THR I 35 18.20 -17.11 -69.04
C THR I 35 17.02 -16.66 -69.91
N GLY I 36 16.71 -15.36 -69.90
CA GLY I 36 15.65 -14.86 -70.74
C GLY I 36 15.94 -15.05 -72.22
N LEU I 37 17.20 -14.81 -72.62
CA LEU I 37 17.60 -15.06 -74.00
C LEU I 37 17.48 -16.53 -74.34
N TYR I 38 17.83 -17.42 -73.41
CA TYR I 38 17.70 -18.85 -73.63
C TYR I 38 16.24 -19.24 -73.88
N MET I 39 15.33 -18.72 -73.04
CA MET I 39 13.91 -19.01 -73.22
C MET I 39 13.40 -18.47 -74.54
N THR I 40 13.80 -17.24 -74.89
CA THR I 40 13.36 -16.65 -76.14
C THR I 40 13.88 -17.43 -77.34
N LEU I 41 15.13 -17.89 -77.27
CA LEU I 41 15.70 -18.67 -78.36
C LEU I 41 15.01 -20.02 -78.50
N LYS I 42 14.67 -20.67 -77.37
CA LYS I 42 13.91 -21.91 -77.44
C LYS I 42 12.57 -21.70 -78.12
N ARG I 43 11.85 -20.64 -77.73
CA ARG I 43 10.55 -20.37 -78.32
C ARG I 43 10.67 -20.03 -79.81
N LEU I 44 11.69 -19.25 -80.18
CA LEU I 44 11.89 -18.90 -81.58
C LEU I 44 12.25 -20.13 -82.41
N GLU I 45 13.10 -21.01 -81.87
CA GLU I 45 13.45 -22.23 -82.58
C GLU I 45 12.22 -23.11 -82.78
N LYS I 46 11.32 -23.15 -81.79
CA LYS I 46 10.06 -23.83 -81.99
C LYS I 46 9.23 -23.14 -83.08
N GLN I 47 9.26 -21.82 -83.12
CA GLN I 47 8.49 -21.08 -84.12
C GLN I 47 9.12 -21.18 -85.50
N TYR I 48 10.45 -21.10 -85.58
CA TYR I 48 11.18 -21.13 -86.84
C TYR I 48 12.15 -22.31 -86.81
N PRO I 49 11.68 -23.51 -87.18
CA PRO I 49 12.57 -24.69 -87.12
C PRO I 49 13.80 -24.57 -88.00
N LEU I 50 13.70 -23.94 -89.16
CA LEU I 50 14.79 -23.87 -90.11
C LEU I 50 15.53 -22.54 -90.01
N SER I 51 16.86 -22.60 -90.06
CA SER I 51 17.66 -21.39 -89.95
C SER I 51 17.48 -20.48 -91.17
N ARG I 52 17.11 -21.05 -92.32
CA ARG I 52 16.90 -20.24 -93.51
C ARG I 52 15.69 -19.32 -93.34
N GLN I 53 14.69 -19.76 -92.58
CA GLN I 53 13.54 -18.90 -92.30
C GLN I 53 13.95 -17.65 -91.53
N ARG I 54 14.84 -17.81 -90.55
CA ARG I 54 15.27 -16.69 -89.74
C ARG I 54 16.14 -15.73 -90.55
N GLY I 55 15.92 -14.43 -90.34
CA GLY I 55 16.67 -13.41 -91.03
C GLY I 55 18.17 -13.47 -90.74
N GLY I 56 18.98 -13.40 -91.79
CA GLY I 56 20.41 -13.48 -91.63
C GLY I 56 20.95 -14.86 -91.35
N HIS I 57 20.12 -15.90 -91.47
CA HIS I 57 20.52 -17.28 -91.20
C HIS I 57 21.09 -17.42 -89.78
N ILE I 58 20.46 -16.73 -88.83
CA ILE I 58 20.92 -16.79 -87.45
C ILE I 58 20.58 -18.15 -86.86
N SER I 59 21.57 -18.78 -86.22
CA SER I 59 21.39 -20.06 -85.57
C SER I 59 22.08 -20.03 -84.21
N TRP I 60 21.60 -20.88 -83.31
CA TRP I 60 22.12 -20.90 -81.94
C TRP I 60 22.35 -22.33 -81.49
N PHE I 61 23.29 -22.48 -80.55
CA PHE I 61 23.56 -23.74 -79.89
C PHE I 61 23.40 -23.53 -78.39
N LEU I 62 22.34 -24.10 -77.81
CA LEU I 62 22.00 -23.89 -76.42
C LEU I 62 22.37 -25.11 -75.60
N THR I 63 23.09 -24.89 -74.51
CA THR I 63 23.44 -25.94 -73.56
C THR I 63 22.83 -25.60 -72.20
N ALA I 64 23.21 -26.36 -71.18
CA ALA I 64 22.69 -26.11 -69.84
C ALA I 64 23.12 -24.76 -69.32
N ASP I 65 24.35 -24.33 -69.61
CA ASP I 65 24.85 -23.08 -69.07
C ASP I 65 25.64 -22.25 -70.08
N THR I 66 25.38 -22.43 -71.37
CA THR I 66 26.10 -21.68 -72.40
C THR I 66 25.16 -21.36 -73.55
N ILE I 67 25.33 -20.17 -74.12
CA ILE I 67 24.57 -19.72 -75.29
C ILE I 67 25.55 -19.22 -76.33
N GLU I 68 25.47 -19.78 -77.54
CA GLU I 68 26.32 -19.37 -78.65
C GLU I 68 25.44 -19.03 -79.85
N LEU I 69 25.73 -17.90 -80.48
CA LEU I 69 24.95 -17.42 -81.61
C LEU I 69 25.81 -17.38 -82.86
N PHE I 70 25.31 -17.95 -83.95
CA PHE I 70 25.96 -17.90 -85.24
C PHE I 70 25.02 -17.26 -86.24
N TRP I 71 25.55 -16.34 -87.06
CA TRP I 71 24.78 -15.75 -88.14
C TRP I 71 25.72 -15.35 -89.28
N GLU I 72 25.14 -15.14 -90.44
CA GLU I 72 25.88 -14.80 -91.65
C GLU I 72 25.51 -13.39 -92.10
N GLY I 73 26.39 -12.78 -92.88
CA GLY I 73 26.13 -11.46 -93.41
C GLY I 73 26.33 -10.38 -92.35
N SER I 74 25.60 -9.27 -92.55
CA SER I 74 25.72 -8.13 -91.64
C SER I 74 25.19 -8.49 -90.26
N ASP I 75 25.92 -8.06 -89.23
CA ASP I 75 25.49 -8.29 -87.86
C ASP I 75 24.22 -7.52 -87.54
N PHE I 76 24.06 -6.32 -88.11
CA PHE I 76 22.90 -5.49 -87.80
C PHE I 76 21.60 -6.17 -88.23
N ILE I 77 21.59 -6.79 -89.41
CA ILE I 77 20.36 -7.41 -89.90
C ILE I 77 19.95 -8.57 -88.99
N ALA I 78 20.89 -9.45 -88.64
CA ALA I 78 20.58 -10.59 -87.80
C ALA I 78 20.14 -10.15 -86.41
N LEU I 79 20.86 -9.19 -85.82
CA LEU I 79 20.50 -8.71 -84.50
C LEU I 79 19.14 -8.03 -84.51
N SER I 80 18.85 -7.25 -85.55
CA SER I 80 17.55 -6.60 -85.66
C SER I 80 16.44 -7.63 -85.79
N TRP I 81 16.65 -8.66 -86.60
CA TRP I 81 15.64 -9.71 -86.72
C TRP I 81 15.39 -10.38 -85.38
N LEU I 82 16.46 -10.78 -84.69
CA LEU I 82 16.31 -11.47 -83.42
C LEU I 82 15.61 -10.59 -82.39
N ILE I 83 15.99 -9.32 -82.31
CA ILE I 83 15.41 -8.44 -81.30
C ILE I 83 13.96 -8.11 -81.63
N ASN I 84 13.66 -7.85 -82.91
CA ASN I 84 12.29 -7.55 -83.31
C ASN I 84 11.37 -8.74 -83.08
N GLU I 85 11.85 -9.95 -83.37
CA GLU I 85 11.04 -11.13 -83.10
C GLU I 85 10.90 -11.39 -81.61
N SER I 86 11.92 -11.04 -80.82
CA SER I 86 11.87 -11.29 -79.38
C SER I 86 10.86 -10.38 -78.69
N PHE I 87 10.90 -9.09 -78.99
CA PHE I 87 10.01 -8.10 -78.38
C PHE I 87 9.02 -7.62 -79.42
N GLN I 88 7.74 -7.85 -79.16
CA GLN I 88 6.68 -7.55 -80.12
C GLN I 88 5.53 -6.84 -79.42
N LEU I 89 4.61 -6.33 -80.23
CA LEU I 89 3.40 -5.68 -79.75
C LEU I 89 2.21 -6.26 -80.50
N ASP I 90 1.21 -6.72 -79.77
CA ASP I 90 0.02 -7.26 -80.41
C ASP I 90 -0.87 -6.13 -80.93
N ASP I 91 -2.05 -6.50 -81.43
CA ASP I 91 -2.97 -5.50 -81.96
C ASP I 91 -3.47 -4.58 -80.85
N THR I 92 -3.72 -5.13 -79.66
CA THR I 92 -4.22 -4.33 -78.55
C THR I 92 -3.16 -3.39 -77.98
N GLY I 93 -1.89 -3.54 -78.35
CA GLY I 93 -0.84 -2.68 -77.87
C GLY I 93 -0.12 -3.18 -76.63
N LEU I 94 -0.36 -4.42 -76.20
CA LEU I 94 0.32 -4.97 -75.04
C LEU I 94 1.71 -5.49 -75.43
N ILE I 95 2.61 -5.49 -74.46
CA ILE I 95 3.96 -6.01 -74.68
C ILE I 95 3.87 -7.52 -74.88
N HIS I 96 4.38 -8.00 -76.01
CA HIS I 96 4.30 -9.40 -76.39
C HIS I 96 5.71 -9.96 -76.42
N LEU I 97 6.11 -10.64 -75.34
CA LEU I 97 7.40 -11.29 -75.24
C LEU I 97 7.25 -12.73 -75.71
N VAL I 98 7.87 -13.07 -76.83
CA VAL I 98 7.76 -14.42 -77.36
C VAL I 98 8.49 -15.43 -76.50
N GLY I 99 9.35 -14.98 -75.58
CA GLY I 99 9.97 -15.89 -74.64
C GLY I 99 8.94 -16.58 -73.76
N LEU I 100 7.87 -15.88 -73.41
CA LEU I 100 6.77 -16.44 -72.66
C LEU I 100 5.75 -17.07 -73.62
N ASP I 101 5.12 -18.15 -73.15
CA ASP I 101 4.08 -18.83 -73.92
C ASP I 101 2.82 -17.97 -73.87
N ASN I 102 2.69 -17.08 -74.86
CA ASN I 102 1.61 -16.10 -74.83
C ASN I 102 0.25 -16.71 -75.18
N ASP I 103 0.22 -17.87 -75.85
CA ASP I 103 -1.05 -18.53 -76.11
C ASP I 103 -1.68 -19.02 -74.81
N ARG I 104 -0.87 -19.61 -73.93
CA ARG I 104 -1.38 -20.20 -72.71
C ARG I 104 -1.83 -19.14 -71.71
N ILE I 105 -1.12 -18.01 -71.64
CA ILE I 105 -1.45 -16.96 -70.67
C ILE I 105 -2.71 -16.24 -71.11
N ASP I 106 -3.54 -15.85 -70.14
CA ASP I 106 -4.78 -15.15 -70.43
C ASP I 106 -4.55 -13.65 -70.58
N LEU I 107 -5.62 -12.93 -70.92
CA LEU I 107 -5.50 -11.49 -71.17
C LEU I 107 -5.15 -10.73 -69.89
N ARG I 108 -5.75 -11.11 -68.76
CA ARG I 108 -5.52 -10.37 -67.53
C ARG I 108 -4.06 -10.47 -67.07
N GLN I 109 -3.48 -11.67 -67.14
CA GLN I 109 -2.09 -11.82 -66.73
C GLN I 109 -1.14 -11.14 -67.71
N LYS I 110 -1.50 -11.14 -69.00
CA LYS I 110 -0.71 -10.38 -69.97
C LYS I 110 -0.74 -8.90 -69.65
N ILE I 111 -1.91 -8.37 -69.30
CA ILE I 111 -2.01 -6.97 -68.90
C ILE I 111 -1.19 -6.70 -67.65
N HIS I 112 -1.21 -7.64 -66.70
CA HIS I 112 -0.43 -7.49 -65.48
C HIS I 112 1.06 -7.41 -65.80
N ILE I 113 1.55 -8.30 -66.65
CA ILE I 113 2.97 -8.30 -67.01
C ILE I 113 3.33 -7.03 -67.76
N HIS I 114 2.46 -6.60 -68.69
CA HIS I 114 2.73 -5.38 -69.44
C HIS I 114 2.80 -4.16 -68.52
N GLU I 115 1.87 -4.06 -67.58
CA GLU I 115 1.88 -2.94 -66.63
C GLU I 115 3.12 -2.99 -65.75
N GLY I 116 3.51 -4.17 -65.30
CA GLY I 116 4.71 -4.28 -64.48
C GLY I 116 5.96 -3.85 -65.24
N ILE I 117 6.08 -4.29 -66.49
CA ILE I 117 7.24 -3.90 -67.30
C ILE I 117 7.22 -2.39 -67.54
N CYS I 118 6.05 -1.82 -67.85
CA CYS I 118 5.97 -0.39 -68.10
C CYS I 118 6.24 0.43 -66.85
N GLY I 119 5.95 -0.12 -65.67
CA GLY I 119 6.13 0.62 -64.44
C GLY I 119 7.50 0.43 -63.80
N VAL I 120 8.22 -0.62 -64.20
CA VAL I 120 9.53 -0.93 -63.64
C VAL I 120 10.65 -0.63 -64.61
N PHE I 121 10.61 -1.24 -65.80
CA PHE I 121 11.68 -1.05 -66.77
C PHE I 121 11.48 0.20 -67.62
N LEU I 122 10.30 0.36 -68.20
CA LEU I 122 10.00 1.53 -69.04
C LEU I 122 9.36 2.66 -68.23
N ARG I 123 10.04 3.06 -67.16
CA ARG I 123 9.53 4.13 -66.31
C ARG I 123 9.47 5.46 -67.03
N LEU I 124 10.25 5.63 -68.10
CA LEU I 124 10.43 6.93 -68.73
C LEU I 124 9.83 6.95 -70.13
N ASN I 125 9.16 8.06 -70.44
CA ASN I 125 8.59 8.25 -71.77
C ASN I 125 9.66 8.33 -72.85
N LYS I 126 10.92 8.56 -72.48
CA LYS I 126 12.00 8.56 -73.46
C LYS I 126 12.28 7.18 -74.01
N PHE I 127 11.72 6.13 -73.42
CA PHE I 127 11.96 4.76 -73.88
C PHE I 127 10.69 4.06 -74.31
N TYR I 128 9.58 4.77 -74.46
CA TYR I 128 8.36 4.19 -75.00
C TYR I 128 7.47 5.31 -75.54
N GLN I 129 6.77 5.02 -76.63
CA GLN I 129 5.75 5.92 -77.18
C GLN I 129 4.39 5.32 -76.89
N ALA I 130 3.56 6.07 -76.17
CA ALA I 130 2.28 5.57 -75.71
C ALA I 130 1.19 5.80 -76.74
N GLY I 131 0.28 4.84 -76.87
CA GLY I 131 -0.88 4.96 -77.71
C GLY I 131 -2.08 5.45 -76.93
N GLU I 132 -3.27 5.01 -77.35
CA GLU I 132 -4.48 5.35 -76.65
C GLU I 132 -4.71 4.41 -75.47
N ILE I 133 -5.54 4.87 -74.53
CA ILE I 133 -5.89 4.07 -73.36
C ILE I 133 -6.98 3.09 -73.77
N ILE I 134 -6.59 1.85 -74.02
CA ILE I 134 -7.54 0.84 -74.48
C ILE I 134 -8.33 0.33 -73.28
N ASN I 135 -9.65 0.30 -73.42
CA ASN I 135 -10.55 -0.19 -72.38
C ASN I 135 -11.23 -1.47 -72.87
N THR I 136 -11.13 -2.53 -72.07
CA THR I 136 -11.75 -3.81 -72.38
C THR I 136 -12.59 -4.26 -71.19
N GLU I 137 -13.77 -4.80 -71.48
CA GLU I 137 -14.73 -5.22 -70.46
C GLU I 137 -14.87 -6.74 -70.54
N LEU I 138 -14.06 -7.44 -69.76
CA LEU I 138 -14.16 -8.89 -69.67
C LEU I 138 -15.09 -9.28 -68.54
N ARG I 139 -16.04 -10.17 -68.85
CA ARG I 139 -17.03 -10.59 -67.86
C ARG I 139 -16.40 -11.51 -66.82
N PHE I 140 -16.80 -11.32 -65.57
CA PHE I 140 -16.31 -12.15 -64.47
C PHE I 140 -17.42 -12.25 -63.43
N GLU I 141 -17.93 -13.47 -63.23
CA GLU I 141 -19.06 -13.72 -62.32
C GLU I 141 -20.26 -12.85 -62.68
N GLU I 142 -20.62 -12.88 -63.97
CA GLU I 142 -21.76 -12.12 -64.50
C GLU I 142 -21.59 -10.61 -64.27
N LYS I 143 -20.35 -10.13 -64.32
CA LYS I 143 -20.07 -8.70 -64.19
C LYS I 143 -18.93 -8.36 -65.14
N GLN I 144 -19.14 -7.32 -65.95
CA GLN I 144 -18.15 -6.88 -66.93
C GLN I 144 -17.35 -5.73 -66.32
N VAL I 145 -16.11 -6.02 -65.97
CA VAL I 145 -15.22 -5.02 -65.39
C VAL I 145 -14.31 -4.47 -66.48
N GLU I 146 -14.18 -3.14 -66.53
CA GLU I 146 -13.45 -2.48 -67.60
C GLU I 146 -12.00 -2.27 -67.16
N TYR I 147 -11.11 -3.10 -67.67
CA TYR I 147 -9.68 -2.87 -67.49
C TYR I 147 -9.22 -1.75 -68.42
N GLN I 148 -8.48 -0.79 -67.89
CA GLN I 148 -7.95 0.32 -68.68
C GLN I 148 -6.45 0.34 -68.52
N TYR I 149 -5.74 0.06 -69.62
CA TYR I 149 -4.28 0.06 -69.64
C TYR I 149 -3.79 0.95 -70.78
N LYS I 150 -2.55 1.41 -70.63
CA LYS I 150 -1.93 2.30 -71.61
C LYS I 150 -1.25 1.45 -72.67
N SER I 151 -1.84 1.42 -73.86
CA SER I 151 -1.24 0.69 -74.97
C SER I 151 0.00 1.41 -75.47
N LEU I 152 0.92 0.64 -76.06
CA LEU I 152 2.18 1.17 -76.55
C LEU I 152 2.27 1.02 -78.06
N THR I 153 3.12 1.86 -78.67
CA THR I 153 3.44 1.75 -80.08
C THR I 153 4.90 1.42 -80.34
N TRP I 154 5.78 1.63 -79.36
CA TRP I 154 7.21 1.34 -79.49
C TRP I 154 7.83 1.40 -78.10
N TYR I 155 8.85 0.57 -77.89
CA TYR I 155 9.67 0.64 -76.69
C TYR I 155 11.11 0.28 -77.04
N ALA I 156 12.04 0.78 -76.22
CA ALA I 156 13.46 0.75 -76.56
C ALA I 156 13.98 -0.67 -76.75
N HIS I 157 13.34 -1.65 -76.10
CA HIS I 157 13.75 -3.03 -76.28
C HIS I 157 13.65 -3.46 -77.73
N GLN I 158 12.66 -2.91 -78.45
CA GLN I 158 12.46 -3.28 -79.86
C GLN I 158 13.61 -2.81 -80.73
N THR I 159 14.10 -1.59 -80.51
CA THR I 159 15.06 -0.97 -81.41
C THR I 159 16.44 -0.79 -80.78
N PHE I 160 16.75 -1.53 -79.71
CA PHE I 160 18.11 -1.50 -79.17
C PHE I 160 19.14 -2.09 -80.12
N ALA I 161 18.70 -2.79 -81.18
CA ALA I 161 19.63 -3.34 -82.14
C ALA I 161 20.48 -2.26 -82.80
N GLU I 162 19.92 -1.07 -82.98
CA GLU I 162 20.70 0.04 -83.52
C GLU I 162 21.82 0.43 -82.56
N LYS I 163 21.53 0.45 -81.26
CA LYS I 163 22.56 0.77 -80.28
C LYS I 163 23.60 -0.35 -80.16
N LEU I 164 23.20 -1.59 -80.47
CA LEU I 164 24.14 -2.69 -80.36
C LEU I 164 25.19 -2.68 -81.46
N CYS I 165 24.87 -2.12 -82.63
CA CYS I 165 25.73 -2.16 -83.79
C CYS I 165 26.20 -0.76 -84.17
N GLU I 166 27.32 -0.73 -84.89
CA GLU I 166 27.87 0.54 -85.36
C GLU I 166 26.97 1.17 -86.40
N ALA I 167 26.99 2.50 -86.46
CA ALA I 167 26.12 3.22 -87.39
C ALA I 167 26.56 3.05 -88.83
N ASP I 168 27.87 3.12 -89.08
CA ASP I 168 28.37 3.12 -90.46
C ASP I 168 28.59 1.69 -90.97
N THR I 169 29.42 0.91 -90.28
CA THR I 169 29.76 -0.42 -90.75
C THR I 169 28.64 -1.44 -90.50
N GLN I 170 27.67 -1.10 -89.66
CA GLN I 170 26.55 -2.00 -89.34
C GLN I 170 27.06 -3.35 -88.81
N GLN I 171 28.02 -3.27 -87.89
CA GLN I 171 28.62 -4.45 -87.27
C GLN I 171 28.63 -4.28 -85.75
N LEU I 172 28.79 -5.40 -85.06
CA LEU I 172 28.81 -5.39 -83.60
C LEU I 172 29.96 -4.52 -83.09
N ARG I 173 29.65 -3.68 -82.12
CA ARG I 173 30.65 -2.77 -81.57
C ARG I 173 31.73 -3.54 -80.82
N HIS I 174 32.97 -3.07 -80.96
CA HIS I 174 34.12 -3.66 -80.28
C HIS I 174 34.45 -2.97 -78.97
N ASP I 175 33.67 -1.96 -78.58
CA ASP I 175 33.90 -1.21 -77.36
C ASP I 175 32.71 -1.38 -76.43
N TYR I 176 32.79 -0.78 -75.25
CA TYR I 176 31.72 -0.87 -74.27
C TYR I 176 30.56 0.02 -74.67
N ILE I 177 29.35 -0.42 -74.34
CA ILE I 177 28.13 0.31 -74.66
C ILE I 177 27.60 0.95 -73.38
N GLN I 178 27.37 2.26 -73.43
CA GLN I 178 26.81 2.97 -72.28
C GLN I 178 25.33 2.64 -72.15
N ILE I 179 24.96 2.09 -71.00
CA ILE I 179 23.58 1.66 -70.76
C ILE I 179 22.94 2.62 -69.76
N THR I 180 21.63 2.44 -69.56
CA THR I 180 20.85 3.31 -68.71
C THR I 180 20.02 2.44 -67.77
N SER I 181 19.22 3.10 -66.91
CA SER I 181 18.45 2.39 -65.90
C SER I 181 17.38 1.49 -66.47
N TRP I 182 16.95 1.71 -67.71
CA TRP I 182 15.94 0.83 -68.30
C TRP I 182 16.52 -0.53 -68.67
N LEU I 183 17.82 -0.60 -68.95
CA LEU I 183 18.46 -1.88 -69.20
C LEU I 183 18.83 -2.58 -67.90
N TYR I 184 19.69 -1.94 -67.10
CA TYR I 184 20.09 -2.44 -65.80
C TYR I 184 19.32 -1.69 -64.74
N LEU I 185 18.47 -2.41 -63.99
CA LEU I 185 17.71 -1.77 -62.92
C LEU I 185 18.66 -1.23 -61.87
N GLY I 186 18.46 0.04 -61.50
CA GLY I 186 19.33 0.71 -60.56
C GLY I 186 20.56 1.33 -61.19
N GLY I 187 20.77 1.15 -62.48
CA GLY I 187 21.89 1.76 -63.17
C GLY I 187 21.64 3.22 -63.48
N ILE I 188 21.45 4.01 -62.43
CA ILE I 188 21.08 5.41 -62.56
C ILE I 188 22.33 6.25 -62.76
N VAL I 189 22.20 7.36 -63.48
CA VAL I 189 23.26 8.35 -63.54
C VAL I 189 23.06 9.30 -62.36
N ARG I 190 23.89 9.18 -61.33
CA ARG I 190 23.71 9.95 -60.12
C ARG I 190 23.83 11.45 -60.38
N HIS I 191 24.84 11.85 -61.15
CA HIS I 191 25.09 13.25 -61.45
C HIS I 191 24.66 13.53 -62.88
N ALA I 192 23.57 14.28 -63.04
CA ALA I 192 23.03 14.54 -64.37
C ALA I 192 23.97 15.42 -65.19
N ARG I 193 24.80 16.22 -64.54
CA ARG I 193 25.73 17.09 -65.25
C ARG I 193 26.89 16.33 -65.88
N THR I 194 27.05 15.04 -65.56
CA THR I 194 28.08 14.19 -66.13
C THR I 194 27.47 13.04 -66.92
N GLN I 195 26.45 13.33 -67.72
CA GLN I 195 25.71 12.28 -68.41
C GLN I 195 26.57 11.56 -69.45
N ASN I 196 27.53 12.26 -70.06
CA ASN I 196 28.36 11.61 -71.08
C ASN I 196 29.30 10.58 -70.46
N THR I 197 29.94 10.92 -69.35
CA THR I 197 31.00 10.08 -68.80
C THR I 197 30.49 9.08 -67.76
N THR I 198 29.88 9.58 -66.70
CA THR I 198 29.46 8.73 -65.57
C THR I 198 28.22 7.94 -65.95
N LYS I 199 28.41 6.99 -66.86
CA LYS I 199 27.37 6.09 -67.30
C LYS I 199 27.88 4.67 -67.27
N LEU I 200 27.04 3.75 -66.79
CA LEU I 200 27.43 2.34 -66.74
C LEU I 200 27.66 1.81 -68.15
N GLU I 201 28.76 1.07 -68.33
CA GLU I 201 29.15 0.56 -69.63
C GLU I 201 29.27 -0.96 -69.57
N GLU I 202 28.75 -1.62 -70.60
CA GLU I 202 28.74 -3.07 -70.67
C GLU I 202 29.13 -3.51 -72.08
N LYS I 203 29.62 -4.74 -72.17
CA LYS I 203 29.92 -5.34 -73.46
C LYS I 203 28.63 -5.60 -74.23
N PRO I 204 28.70 -5.61 -75.57
CA PRO I 204 27.46 -5.79 -76.35
C PRO I 204 26.70 -7.07 -76.04
N GLU I 205 27.38 -8.18 -75.79
CA GLU I 205 26.68 -9.41 -75.44
C GLU I 205 25.95 -9.28 -74.11
N TYR I 206 26.61 -8.67 -73.12
CA TYR I 206 25.94 -8.43 -71.85
C TYR I 206 24.83 -7.40 -72.00
N ALA I 207 24.97 -6.47 -72.96
CA ALA I 207 23.88 -5.56 -73.26
C ALA I 207 22.67 -6.31 -73.79
N LEU I 208 22.90 -7.29 -74.67
CA LEU I 208 21.81 -8.12 -75.15
C LEU I 208 21.17 -8.92 -74.02
N ALA I 209 21.99 -9.44 -73.11
CA ALA I 209 21.47 -10.14 -71.93
C ALA I 209 20.57 -9.21 -71.11
N LEU I 210 21.06 -8.00 -70.83
CA LEU I 210 20.25 -7.04 -70.08
C LEU I 210 18.97 -6.68 -70.84
N LEU I 211 19.03 -6.70 -72.17
CA LEU I 211 17.81 -6.53 -72.97
C LEU I 211 16.81 -7.63 -72.69
N PHE I 212 17.28 -8.88 -72.61
CA PHE I 212 16.40 -10.02 -72.40
C PHE I 212 16.07 -10.26 -70.94
N VAL I 213 16.61 -9.44 -70.02
CA VAL I 213 16.32 -9.60 -68.60
C VAL I 213 14.82 -9.69 -68.28
N PRO I 214 13.95 -8.81 -68.79
CA PRO I 214 12.57 -8.77 -68.26
C PRO I 214 11.78 -10.05 -68.46
N VAL I 215 12.21 -10.96 -69.33
CA VAL I 215 11.42 -12.17 -69.60
C VAL I 215 11.36 -13.05 -68.36
N VAL I 216 12.49 -13.26 -67.68
CA VAL I 216 12.54 -14.20 -66.58
C VAL I 216 11.93 -13.60 -65.32
N CYS I 217 12.33 -12.39 -64.98
CA CYS I 217 11.88 -11.77 -63.73
C CYS I 217 10.37 -11.59 -63.72
N HIS I 218 9.78 -11.70 -62.54
CA HIS I 218 8.34 -11.64 -62.37
C HIS I 218 7.97 -10.47 -61.47
N TYR I 219 6.73 -10.01 -61.62
CA TYR I 219 6.27 -8.76 -61.03
C TYR I 219 5.10 -9.02 -60.09
N CYS I 220 5.18 -8.47 -58.87
CA CYS I 220 4.13 -8.61 -57.88
C CYS I 220 3.74 -7.23 -57.36
N LEU I 221 2.48 -7.10 -56.97
CA LEU I 221 1.96 -5.84 -56.44
C LEU I 221 1.93 -5.90 -54.92
N LEU I 222 2.46 -4.85 -54.29
CA LEU I 222 2.57 -4.78 -52.84
C LEU I 222 1.41 -3.95 -52.28
N HIS I 223 0.68 -4.53 -51.35
CA HIS I 223 -0.46 -3.86 -50.71
C HIS I 223 -0.05 -3.40 -49.32
N ILE I 224 -0.17 -2.09 -49.08
CA ILE I 224 0.08 -1.53 -47.75
C ILE I 224 -1.18 -1.72 -46.91
N PRO I 225 -1.09 -2.41 -45.77
CA PRO I 225 -2.30 -2.66 -44.98
C PRO I 225 -2.78 -1.47 -44.17
N SER I 226 -1.91 -0.47 -43.94
CA SER I 226 -2.35 0.72 -43.21
C SER I 226 -3.46 1.44 -43.96
N GLU I 227 -3.31 1.58 -45.28
CA GLU I 227 -4.37 2.14 -46.10
C GLU I 227 -5.34 1.05 -46.53
N ASP I 228 -6.62 1.40 -46.57
CA ASP I 228 -7.64 0.46 -47.00
C ASP I 228 -7.51 0.19 -48.50
N LEU I 229 -7.77 -1.05 -48.90
CA LEU I 229 -7.66 -1.42 -50.31
C LEU I 229 -8.64 -0.63 -51.16
N LYS I 230 -9.89 -0.50 -50.70
CA LYS I 230 -10.89 0.23 -51.45
C LYS I 230 -10.52 1.71 -51.59
N GLU I 231 -10.01 2.31 -50.52
CA GLU I 231 -9.75 3.74 -50.53
C GLU I 231 -8.59 4.14 -51.43
N ARG I 232 -7.69 3.21 -51.75
CA ARG I 232 -6.64 3.46 -52.73
C ARG I 232 -6.15 2.15 -53.30
N LYS I 233 -6.09 2.07 -54.63
CA LYS I 233 -5.56 0.90 -55.30
C LYS I 233 -4.04 0.83 -55.13
N PRO I 234 -3.45 -0.37 -55.17
CA PRO I 234 -2.00 -0.49 -54.98
C PRO I 234 -1.22 0.10 -56.15
N HIS I 235 -0.03 0.60 -55.84
CA HIS I 235 0.89 1.10 -56.86
C HIS I 235 2.32 0.64 -56.70
N ARG I 236 2.71 0.10 -55.55
CA ARG I 236 4.07 -0.39 -55.37
C ARG I 236 4.27 -1.69 -56.14
N TYR I 237 5.39 -1.78 -56.85
CA TYR I 237 5.71 -2.94 -57.68
C TYR I 237 6.91 -3.66 -57.09
N LEU I 238 6.79 -4.99 -56.97
CA LEU I 238 7.88 -5.84 -56.51
C LEU I 238 8.39 -6.67 -57.68
N VAL I 239 9.70 -6.62 -57.90
CA VAL I 239 10.34 -7.36 -58.98
C VAL I 239 11.13 -8.51 -58.36
N VAL I 240 10.75 -9.74 -58.73
CA VAL I 240 11.41 -10.93 -58.21
C VAL I 240 12.45 -11.36 -59.23
N ILE I 241 13.72 -11.15 -58.90
CA ILE I 241 14.84 -11.50 -59.76
C ILE I 241 15.49 -12.75 -59.18
N PRO I 242 15.36 -13.90 -59.83
CA PRO I 242 15.90 -15.14 -59.26
C PRO I 242 17.38 -15.29 -59.51
N GLU I 243 18.02 -16.09 -58.67
CA GLU I 243 19.42 -16.46 -58.87
C GLU I 243 19.48 -17.72 -59.71
N ILE I 244 20.13 -17.62 -60.87
CA ILE I 244 20.09 -18.69 -61.87
C ILE I 244 21.13 -19.74 -61.53
N LYS I 245 20.68 -20.99 -61.41
CA LYS I 245 21.57 -22.13 -61.27
C LYS I 245 21.74 -22.90 -62.57
N ASP I 246 20.72 -22.89 -63.43
CA ASP I 246 20.75 -23.60 -64.70
C ASP I 246 19.73 -22.96 -65.62
N PHE I 247 20.05 -22.90 -66.91
CA PHE I 247 19.11 -22.33 -67.87
C PHE I 247 17.82 -23.14 -67.93
N GLU I 248 17.94 -24.47 -68.01
CA GLU I 248 16.75 -25.31 -68.09
C GLU I 248 15.90 -25.21 -66.83
N ASP I 249 16.54 -25.20 -65.66
CA ASP I 249 15.80 -25.14 -64.41
C ASP I 249 15.00 -23.86 -64.30
N ALA I 250 15.64 -22.72 -64.56
CA ALA I 250 14.94 -21.44 -64.46
C ALA I 250 13.88 -21.30 -65.54
N SER I 251 14.15 -21.81 -66.75
CA SER I 251 13.15 -21.76 -67.81
C SER I 251 11.91 -22.56 -67.41
N GLN I 252 12.11 -23.77 -66.89
CA GLN I 252 10.98 -24.58 -66.44
C GLN I 252 10.25 -23.91 -65.29
N ARG I 253 10.99 -23.28 -64.38
CA ARG I 253 10.34 -22.59 -63.26
C ARG I 253 9.47 -21.44 -63.73
N ARG I 254 9.95 -20.65 -64.69
CA ARG I 254 9.15 -19.54 -65.20
C ARG I 254 7.92 -20.05 -65.96
N TRP I 255 8.12 -21.05 -66.82
CA TRP I 255 6.99 -21.57 -67.58
C TRP I 255 5.97 -22.27 -66.67
N ARG I 256 6.42 -22.78 -65.51
CA ARG I 256 5.48 -23.30 -64.53
C ARG I 256 4.77 -22.18 -63.78
N LEU I 257 5.50 -21.12 -63.43
CA LEU I 257 4.89 -19.96 -62.79
C LEU I 257 3.83 -19.34 -63.66
N GLN I 258 3.90 -19.55 -64.98
CA GLN I 258 2.83 -19.12 -65.87
C GLN I 258 1.46 -19.67 -65.48
N GLN I 259 1.41 -20.71 -64.63
CA GLN I 259 0.13 -21.27 -64.22
C GLN I 259 -0.62 -20.39 -63.22
N LEU I 260 0.09 -19.58 -62.45
CA LEU I 260 -0.51 -18.90 -61.30
C LEU I 260 -1.56 -17.90 -61.75
N GLU I 261 -2.60 -17.77 -60.92
CA GLU I 261 -3.66 -16.80 -61.17
C GLU I 261 -3.17 -15.39 -60.85
N THR I 262 -3.76 -14.41 -61.53
CA THR I 262 -3.33 -13.02 -61.36
C THR I 262 -3.56 -12.53 -59.94
N LYS I 263 -4.58 -13.06 -59.25
CA LYS I 263 -4.84 -12.62 -57.88
C LYS I 263 -3.77 -13.08 -56.90
N GLN I 264 -2.98 -14.10 -57.25
CA GLN I 264 -1.92 -14.55 -56.36
C GLN I 264 -0.71 -13.61 -56.38
N PHE I 265 -0.59 -12.75 -57.40
CA PHE I 265 0.57 -11.88 -57.50
C PHE I 265 0.45 -10.64 -56.63
N HIS I 266 -0.68 -10.45 -55.96
CA HIS I 266 -0.85 -9.34 -55.03
C HIS I 266 -0.47 -9.82 -53.63
N VAL I 267 0.55 -9.20 -53.05
CA VAL I 267 1.09 -9.60 -51.76
C VAL I 267 1.18 -8.38 -50.86
N SER I 268 1.45 -8.63 -49.58
CA SER I 268 1.63 -7.53 -48.65
C SER I 268 3.00 -7.68 -48.03
N SER I 269 3.71 -8.74 -48.41
CA SER I 269 5.05 -8.97 -47.88
C SER I 269 5.99 -9.46 -48.97
N LEU I 270 7.19 -8.87 -49.03
CA LEU I 270 8.17 -9.29 -50.02
C LEU I 270 8.42 -10.77 -49.87
N GLY I 271 8.51 -11.24 -48.63
CA GLY I 271 8.72 -12.66 -48.39
C GLY I 271 7.71 -13.47 -49.19
N GLU I 272 6.44 -13.14 -49.04
CA GLU I 272 5.40 -13.83 -49.80
C GLU I 272 5.76 -13.85 -51.27
N ALA I 273 5.87 -12.66 -51.87
CA ALA I 273 6.21 -12.56 -53.28
C ALA I 273 7.36 -13.50 -53.62
N GLY I 274 8.50 -13.33 -52.95
CA GLY I 274 9.64 -14.18 -53.20
C GLY I 274 9.24 -15.64 -53.15
N LEU I 275 8.72 -16.08 -52.02
CA LEU I 275 8.30 -17.46 -51.88
C LEU I 275 7.31 -17.87 -52.97
N LEU I 276 6.47 -16.93 -53.42
CA LEU I 276 5.49 -17.23 -54.46
C LEU I 276 6.18 -17.55 -55.77
N TYR I 277 7.31 -16.89 -56.05
CA TYR I 277 8.09 -17.24 -57.23
C TYR I 277 8.50 -18.71 -57.23
N TYR I 278 8.74 -19.27 -56.05
CA TYR I 278 9.19 -20.65 -55.91
C TYR I 278 8.11 -21.57 -55.34
N SER I 279 6.86 -21.09 -55.27
CA SER I 279 5.80 -21.87 -54.63
C SER I 279 5.52 -23.16 -55.39
N LEU I 280 5.50 -23.10 -56.72
CA LEU I 280 5.15 -24.25 -57.53
C LEU I 280 6.28 -25.28 -57.66
N ASP I 281 7.45 -24.99 -57.10
CA ASP I 281 8.59 -25.89 -57.23
C ASP I 281 8.29 -27.22 -56.55
N ASP I 282 8.70 -28.31 -57.20
CA ASP I 282 8.53 -29.64 -56.64
C ASP I 282 9.72 -29.98 -55.73
N ILE I 283 9.41 -30.43 -54.52
CA ILE I 283 10.44 -30.75 -53.53
C ILE I 283 10.82 -32.22 -53.68
N GLN I 284 12.10 -32.48 -53.86
CA GLN I 284 12.63 -33.84 -53.98
C GLN I 284 13.32 -34.23 -52.68
N PRO I 285 12.85 -35.25 -51.98
CA PRO I 285 13.48 -35.62 -50.71
C PRO I 285 14.95 -36.00 -50.85
N GLU I 286 15.34 -36.64 -51.95
CA GLU I 286 16.72 -37.07 -52.11
C GLU I 286 17.65 -35.93 -52.50
N VAL I 287 17.11 -34.86 -53.09
CA VAL I 287 17.92 -33.75 -53.55
C VAL I 287 17.86 -32.61 -52.54
N ALA I 288 19.01 -32.06 -52.19
CA ALA I 288 19.09 -30.93 -51.27
C ALA I 288 18.61 -29.68 -51.99
N TYR I 289 17.39 -29.25 -51.67
CA TYR I 289 16.81 -28.09 -52.32
C TYR I 289 17.39 -26.80 -51.75
N TYR I 290 17.80 -25.90 -52.64
CA TYR I 290 18.29 -24.58 -52.23
C TYR I 290 18.11 -23.62 -53.39
N GLN I 291 17.37 -22.53 -53.16
CA GLN I 291 17.18 -21.50 -54.17
C GLN I 291 17.28 -20.13 -53.51
N ALA I 292 17.68 -19.13 -54.30
CA ALA I 292 17.81 -17.77 -53.82
C ALA I 292 17.25 -16.82 -54.86
N CYS I 293 16.79 -15.65 -54.39
CA CYS I 293 16.24 -14.65 -55.27
C CYS I 293 16.32 -13.29 -54.58
N GLN I 294 16.16 -12.24 -55.38
CA GLN I 294 16.15 -10.87 -54.89
C GLN I 294 14.83 -10.21 -55.26
N VAL I 295 14.26 -9.49 -54.32
CA VAL I 295 13.00 -8.76 -54.52
C VAL I 295 13.30 -7.28 -54.48
N TRP I 296 12.97 -6.58 -55.57
CA TRP I 296 13.23 -5.16 -55.69
C TRP I 296 11.92 -4.40 -55.57
N LEU I 297 11.88 -3.42 -54.68
CA LEU I 297 10.68 -2.63 -54.41
C LEU I 297 10.75 -1.32 -55.17
N TYR I 298 9.75 -1.08 -56.01
CA TYR I 298 9.63 0.17 -56.76
C TYR I 298 8.39 0.92 -56.26
N GLU I 299 8.58 2.15 -55.81
CA GLU I 299 7.53 2.89 -55.15
C GLU I 299 7.69 4.38 -55.45
N LYS I 300 6.57 5.06 -55.66
CA LYS I 300 6.60 6.50 -55.88
C LYS I 300 6.95 7.22 -54.58
N THR I 301 7.91 8.14 -54.67
CA THR I 301 8.34 8.88 -53.47
C THR I 301 7.22 9.74 -52.92
N ASN I 302 6.48 10.43 -53.78
CA ASN I 302 5.36 11.27 -53.39
C ASN I 302 4.16 10.96 -54.27
N LYS I 303 3.03 11.60 -53.96
CA LYS I 303 1.81 11.35 -54.71
C LYS I 303 1.95 11.80 -56.16
N ALA I 304 2.59 12.94 -56.38
CA ALA I 304 2.74 13.50 -57.72
C ALA I 304 3.97 12.97 -58.44
N SER I 305 4.59 11.91 -57.95
CA SER I 305 5.78 11.36 -58.59
C SER I 305 5.43 10.85 -59.99
N ARG I 306 6.27 11.22 -60.96
CA ARG I 306 6.03 10.82 -62.35
C ARG I 306 6.41 9.37 -62.60
N GLN I 307 7.43 8.88 -61.91
CA GLN I 307 7.93 7.53 -62.13
C GLN I 307 8.27 6.89 -60.79
N ARG I 308 8.25 5.56 -60.77
CA ARG I 308 8.59 4.81 -59.57
C ARG I 308 10.09 4.85 -59.33
N THR I 309 10.47 4.67 -58.06
CA THR I 309 11.85 4.72 -57.65
C THR I 309 12.22 3.45 -56.88
N LEU I 310 13.43 2.95 -57.12
CA LEU I 310 13.91 1.79 -56.39
C LEU I 310 14.18 2.17 -54.94
N MET I 311 13.45 1.56 -54.01
CA MET I 311 13.54 1.92 -52.60
C MET I 311 14.32 0.91 -51.77
N SER I 312 14.10 -0.39 -51.98
CA SER I 312 14.79 -1.39 -51.19
C SER I 312 14.97 -2.65 -52.02
N ILE I 313 16.07 -3.36 -51.75
CA ILE I 313 16.36 -4.64 -52.37
C ILE I 313 16.54 -5.66 -51.24
N GLU I 314 15.78 -6.75 -51.30
CA GLU I 314 15.80 -7.77 -50.27
C GLU I 314 16.24 -9.09 -50.88
N GLU I 315 17.25 -9.72 -50.28
CA GLU I 315 17.74 -11.00 -50.73
C GLU I 315 17.08 -12.11 -49.92
N ILE I 316 16.50 -13.09 -50.61
CA ILE I 316 15.77 -14.17 -49.98
C ILE I 316 16.46 -15.49 -50.34
N LYS I 317 16.85 -16.25 -49.32
CA LYS I 317 17.38 -17.60 -49.50
C LYS I 317 16.41 -18.57 -48.85
N ILE I 318 15.95 -19.56 -49.61
CA ILE I 318 14.95 -20.50 -49.15
C ILE I 318 15.50 -21.92 -49.27
N ASP I 319 15.25 -22.73 -48.25
CA ASP I 319 15.64 -24.13 -48.21
C ASP I 319 14.40 -25.00 -48.30
N LYS I 320 14.60 -26.31 -48.13
CA LYS I 320 13.49 -27.26 -48.24
C LYS I 320 12.42 -27.00 -47.18
N ASN I 321 12.84 -26.74 -45.94
CA ASN I 321 11.87 -26.54 -44.86
C ASN I 321 11.03 -25.30 -45.10
N ILE I 322 11.66 -24.21 -45.53
CA ILE I 322 10.92 -22.97 -45.77
C ILE I 322 9.90 -23.16 -46.88
N LEU I 323 10.30 -23.83 -47.96
CA LEU I 323 9.38 -24.06 -49.07
C LEU I 323 8.22 -24.96 -48.65
N ILE I 324 8.51 -26.01 -47.88
CA ILE I 324 7.45 -26.90 -47.42
C ILE I 324 6.47 -26.15 -46.53
N THR I 325 6.98 -25.35 -45.60
CA THR I 325 6.11 -24.59 -44.71
C THR I 325 5.26 -23.60 -45.49
N TYR I 326 5.86 -22.91 -46.47
CA TYR I 326 5.09 -21.95 -47.25
C TYR I 326 4.04 -22.65 -48.10
N GLN I 327 4.36 -23.82 -48.64
CA GLN I 327 3.37 -24.56 -49.41
C GLN I 327 2.20 -25.00 -48.52
N GLN I 328 2.49 -25.45 -47.30
CA GLN I 328 1.41 -25.79 -46.38
C GLN I 328 0.57 -24.56 -46.05
N VAL I 329 1.22 -23.43 -45.82
CA VAL I 329 0.50 -22.19 -45.50
C VAL I 329 -0.41 -21.80 -46.66
N GLN I 330 0.09 -21.88 -47.89
CA GLN I 330 -0.72 -21.56 -49.05
C GLN I 330 -1.91 -22.52 -49.17
N LYS I 331 -1.66 -23.81 -48.93
CA LYS I 331 -2.72 -24.80 -49.07
C LYS I 331 -3.82 -24.60 -48.04
N TYR I 332 -3.47 -24.26 -46.80
CA TYR I 332 -4.43 -24.27 -45.71
C TYR I 332 -5.01 -22.90 -45.39
N PHE I 333 -4.22 -21.83 -45.49
CA PHE I 333 -4.75 -20.50 -45.20
C PHE I 333 -5.64 -20.02 -46.34
N LYS I 334 -6.50 -19.05 -46.02
CA LYS I 334 -7.44 -18.54 -47.00
C LYS I 334 -6.70 -17.86 -48.15
N THR I 335 -7.21 -18.09 -49.36
CA THR I 335 -6.62 -17.49 -50.55
C THR I 335 -7.03 -16.02 -50.66
N ASN I 336 -6.50 -15.34 -51.66
CA ASN I 336 -6.79 -13.93 -51.85
C ASN I 336 -8.22 -13.75 -52.34
N TYR I 337 -8.98 -12.89 -51.67
CA TYR I 337 -10.35 -12.61 -52.07
C TYR I 337 -10.36 -11.65 -53.24
N GLN I 338 -11.36 -11.81 -54.11
CA GLN I 338 -11.51 -10.96 -55.29
C GLN I 338 -12.80 -10.16 -55.15
N ILE I 339 -12.69 -9.03 -54.47
CA ILE I 339 -13.84 -8.12 -54.33
C ILE I 339 -13.98 -7.37 -55.65
N ILE I 340 -15.16 -7.43 -56.24
CA ILE I 340 -15.41 -6.87 -57.57
C ILE I 340 -16.46 -5.77 -57.44
N LYS I 341 -16.02 -4.52 -57.58
CA LYS I 341 -16.88 -3.35 -57.60
C LYS I 341 -16.93 -2.77 -59.02
N TYR I 342 -17.45 -1.55 -59.16
CA TYR I 342 -17.67 -0.99 -60.49
C TYR I 342 -16.38 -0.78 -61.29
N LYS I 343 -16.24 -1.57 -62.36
CA LYS I 343 -15.11 -1.49 -63.30
C LYS I 343 -13.76 -1.58 -62.60
N GLN I 344 -13.71 -2.21 -61.43
CA GLN I 344 -12.49 -2.32 -60.65
C GLN I 344 -12.48 -3.65 -59.91
N ILE I 345 -11.37 -4.37 -60.00
CA ILE I 345 -11.21 -5.65 -59.32
C ILE I 345 -10.27 -5.40 -58.14
N PHE I 346 -10.85 -5.17 -56.97
CA PHE I 346 -10.05 -4.99 -55.76
C PHE I 346 -9.71 -6.35 -55.17
N ILE I 347 -8.43 -6.72 -55.24
CA ILE I 347 -7.97 -8.03 -54.78
C ILE I 347 -7.54 -7.87 -53.33
N LYS I 348 -8.34 -8.42 -52.42
CA LYS I 348 -8.05 -8.33 -50.99
C LYS I 348 -7.06 -9.44 -50.61
N VAL I 349 -5.86 -9.04 -50.18
CA VAL I 349 -4.80 -9.99 -49.85
C VAL I 349 -5.04 -10.54 -48.45
N ASN I 350 -4.35 -11.62 -48.12
CA ASN I 350 -4.46 -12.22 -46.79
C ASN I 350 -3.29 -11.74 -45.94
N PRO I 351 -3.52 -10.89 -44.94
CA PRO I 351 -2.40 -10.40 -44.12
C PRO I 351 -1.68 -11.51 -43.36
N ILE I 352 -2.40 -12.55 -42.93
CA ILE I 352 -1.78 -13.62 -42.17
C ILE I 352 -0.75 -14.35 -43.03
N ARG I 353 -1.12 -14.65 -44.28
CA ARG I 353 -0.19 -15.33 -45.18
C ARG I 353 1.06 -14.49 -45.41
N SER I 354 0.88 -13.19 -45.64
CA SER I 354 2.03 -12.31 -45.86
C SER I 354 2.93 -12.26 -44.64
N LEU I 355 2.34 -12.13 -43.44
CA LEU I 355 3.14 -12.07 -42.23
C LEU I 355 3.90 -13.37 -42.01
N ILE I 356 3.25 -14.51 -42.21
CA ILE I 356 3.91 -15.80 -42.01
C ILE I 356 5.03 -15.98 -43.03
N ALA I 357 4.79 -15.60 -44.28
CA ALA I 357 5.83 -15.72 -45.30
C ALA I 357 7.03 -14.84 -44.97
N ASP I 358 6.78 -13.60 -44.53
CA ASP I 358 7.88 -12.72 -44.15
C ASP I 358 8.66 -13.30 -42.97
N ASN I 359 7.95 -13.83 -41.97
CA ASN I 359 8.63 -14.42 -40.81
C ASN I 359 9.47 -15.63 -41.23
N LEU I 360 8.93 -16.47 -42.12
CA LEU I 360 9.70 -17.61 -42.61
C LEU I 360 10.94 -17.16 -43.37
N VAL I 361 10.81 -16.12 -44.19
CA VAL I 361 11.96 -15.61 -44.95
C VAL I 361 13.02 -15.08 -44.00
N LYS I 362 12.62 -14.32 -42.98
CA LYS I 362 13.56 -13.74 -42.05
C LYS I 362 14.20 -14.77 -41.12
N GLY I 363 13.70 -16.00 -41.12
CA GLY I 363 14.26 -17.03 -40.25
C GLY I 363 13.83 -16.97 -38.81
N ILE I 364 12.77 -16.22 -38.51
CA ILE I 364 12.25 -16.10 -37.17
C ILE I 364 10.96 -16.89 -37.05
N HIS I 365 10.43 -16.97 -35.84
CA HIS I 365 9.17 -17.67 -35.61
C HIS I 365 8.08 -17.10 -36.50
N TRP I 366 7.18 -17.98 -36.96
CA TRP I 366 6.10 -17.57 -37.84
C TRP I 366 5.09 -16.66 -37.14
N TRP I 367 5.16 -16.54 -35.81
CA TRP I 367 4.28 -15.70 -35.02
C TRP I 367 5.00 -14.49 -34.44
N SER I 368 6.13 -14.11 -35.03
CA SER I 368 7.03 -13.16 -34.37
C SER I 368 6.39 -11.79 -34.18
N ASN I 369 5.67 -11.30 -35.19
CA ASN I 369 5.11 -9.96 -35.14
C ASN I 369 3.61 -9.98 -35.37
N PHE I 370 2.92 -10.92 -34.73
CA PHE I 370 1.49 -11.04 -34.96
C PHE I 370 0.70 -9.93 -34.28
N TRP I 371 1.08 -9.55 -33.06
CA TRP I 371 0.26 -8.64 -32.27
C TRP I 371 0.25 -7.23 -32.87
N GLU I 372 1.41 -6.57 -32.92
CA GLU I 372 1.42 -5.17 -33.35
C GLU I 372 1.09 -5.04 -34.84
N LYS I 373 1.07 -6.14 -35.58
CA LYS I 373 0.67 -6.11 -36.98
C LYS I 373 -0.76 -6.58 -37.22
N LEU I 374 -1.44 -7.13 -36.21
CA LEU I 374 -2.78 -7.67 -36.39
C LEU I 374 -3.82 -6.97 -35.52
N VAL I 375 -3.47 -6.61 -34.28
CA VAL I 375 -4.41 -5.96 -33.38
C VAL I 375 -4.15 -4.46 -33.28
N ILE I 376 -2.89 -4.08 -33.14
CA ILE I 376 -2.54 -2.66 -33.00
C ILE I 376 -2.88 -1.90 -34.27
N GLU I 377 -2.56 -2.46 -35.43
CA GLU I 377 -2.75 -1.80 -36.72
C GLU I 377 -4.04 -2.25 -37.40
N ASP I 378 -5.08 -2.51 -36.64
CA ASP I 378 -6.39 -2.90 -37.17
C ASP I 378 -7.38 -1.78 -36.91
N SER I 379 -8.06 -1.34 -37.97
CA SER I 379 -8.94 -0.17 -37.84
C SER I 379 -10.30 -0.55 -37.28
N LYS I 380 -11.05 -1.39 -37.99
CA LYS I 380 -12.42 -1.75 -37.63
C LYS I 380 -12.56 -3.27 -37.63
N GLU I 381 -11.61 -3.95 -36.97
CA GLU I 381 -11.57 -5.41 -36.91
C GLU I 381 -11.47 -6.03 -38.29
N TYR I 382 -10.92 -5.28 -39.25
CA TYR I 382 -10.74 -5.80 -40.60
C TYR I 382 -9.75 -6.95 -40.60
N LEU I 383 -8.60 -6.77 -39.93
CA LEU I 383 -7.63 -7.84 -39.81
C LEU I 383 -8.05 -8.87 -38.77
N PHE I 384 -8.75 -8.44 -37.71
CA PHE I 384 -9.14 -9.36 -36.65
C PHE I 384 -10.12 -10.42 -37.15
N ASN I 385 -11.06 -10.03 -38.02
CA ASN I 385 -12.06 -10.97 -38.49
C ASN I 385 -11.45 -12.09 -39.33
N GLN I 386 -10.32 -11.83 -39.99
CA GLN I 386 -9.69 -12.85 -40.82
C GLN I 386 -9.05 -13.96 -40.00
N LEU I 387 -8.83 -13.74 -38.70
CA LEU I 387 -8.25 -14.78 -37.86
C LEU I 387 -9.16 -16.00 -37.78
N PHE I 388 -10.46 -15.78 -37.61
CA PHE I 388 -11.39 -16.90 -37.51
C PHE I 388 -11.58 -17.59 -38.85
N SER I 389 -11.32 -16.90 -39.96
CA SER I 389 -11.34 -17.55 -41.27
C SER I 389 -10.08 -18.37 -41.50
N ASN I 390 -8.94 -17.92 -40.96
CA ASN I 390 -7.68 -18.65 -41.07
C ASN I 390 -7.42 -19.56 -39.87
N ARG I 391 -8.45 -19.79 -39.05
CA ARG I 391 -8.34 -20.72 -37.93
C ARG I 391 -7.76 -22.07 -38.33
N GLU I 392 -8.21 -22.63 -39.46
CA GLU I 392 -7.71 -23.94 -39.88
C GLU I 392 -6.22 -23.87 -40.20
N GLY I 393 -5.79 -22.82 -40.88
CA GLY I 393 -4.36 -22.65 -41.14
C GLY I 393 -3.57 -22.50 -39.85
N PHE I 394 -4.14 -21.79 -38.87
CA PHE I 394 -3.48 -21.67 -37.58
C PHE I 394 -3.31 -23.03 -36.91
N ILE I 395 -4.37 -23.84 -36.94
CA ILE I 395 -4.33 -25.16 -36.33
C ILE I 395 -3.27 -26.02 -37.02
N ILE I 396 -3.23 -25.97 -38.36
CA ILE I 396 -2.24 -26.76 -39.10
C ILE I 396 -0.84 -26.30 -38.76
N MET I 397 -0.61 -24.97 -38.71
CA MET I 397 0.72 -24.45 -38.42
C MET I 397 1.17 -24.85 -37.02
N ALA I 398 0.26 -24.77 -36.04
CA ALA I 398 0.61 -25.17 -34.68
C ALA I 398 0.91 -26.66 -34.60
N GLU I 399 0.08 -27.49 -35.24
CA GLU I 399 0.27 -28.93 -35.18
C GLU I 399 1.58 -29.35 -35.85
N ASN I 400 1.88 -28.77 -37.01
CA ASN I 400 3.09 -29.10 -37.76
C ASN I 400 4.26 -28.18 -37.42
N SER I 401 4.28 -27.62 -36.21
CA SER I 401 5.39 -26.76 -35.81
C SER I 401 6.69 -27.56 -35.74
N GLU I 402 7.77 -26.95 -36.22
CA GLU I 402 9.05 -27.63 -36.21
C GLU I 402 9.62 -27.82 -34.81
N GLU I 403 9.16 -27.04 -33.83
CA GLU I 403 9.64 -27.14 -32.46
C GLU I 403 8.65 -26.40 -31.56
N ASP I 404 8.96 -26.38 -30.27
CA ASP I 404 8.24 -25.60 -29.26
C ASP I 404 6.77 -26.05 -29.14
N LYS I 405 6.62 -27.30 -28.68
CA LYS I 405 5.30 -27.82 -28.35
C LYS I 405 4.81 -27.38 -26.98
N GLN I 406 5.70 -26.87 -26.12
CA GLN I 406 5.28 -26.35 -24.83
C GLN I 406 4.30 -25.20 -25.01
N TYR I 407 4.54 -24.36 -26.02
CA TYR I 407 3.64 -23.24 -26.22
C TYR I 407 2.31 -23.69 -26.82
N LEU I 408 2.29 -24.82 -27.52
CA LEU I 408 1.02 -25.43 -27.92
C LEU I 408 0.26 -25.94 -26.70
N ILE I 409 0.98 -26.52 -25.73
CA ILE I 409 0.33 -26.88 -24.47
C ILE I 409 -0.26 -25.64 -23.81
N PHE I 410 0.47 -24.53 -23.86
CA PHE I 410 -0.08 -23.27 -23.34
C PHE I 410 -1.31 -22.84 -24.13
N ILE I 411 -1.32 -23.07 -25.44
CA ILE I 411 -2.50 -22.78 -26.25
C ILE I 411 -3.69 -23.56 -25.73
N LYS I 412 -3.48 -24.85 -25.46
CA LYS I 412 -4.56 -25.68 -24.94
C LYS I 412 -5.06 -25.17 -23.59
N VAL I 413 -4.13 -24.79 -22.72
CA VAL I 413 -4.50 -24.26 -21.40
C VAL I 413 -5.33 -22.98 -21.56
N PHE I 414 -4.88 -22.07 -22.41
CA PHE I 414 -5.59 -20.81 -22.59
C PHE I 414 -6.94 -21.03 -23.25
N GLN I 415 -7.04 -21.99 -24.16
CA GLN I 415 -8.32 -22.29 -24.78
C GLN I 415 -9.30 -22.87 -23.78
N GLN I 416 -8.83 -23.72 -22.88
CA GLN I 416 -9.70 -24.23 -21.81
C GLN I 416 -10.16 -23.09 -20.91
N ALA I 417 -9.25 -22.18 -20.56
CA ALA I 417 -9.62 -21.05 -19.72
C ALA I 417 -10.65 -20.15 -20.43
N MET I 418 -10.46 -19.92 -21.73
CA MET I 418 -11.42 -19.14 -22.49
C MET I 418 -12.77 -19.83 -22.54
N LYS I 419 -12.77 -21.15 -22.71
CA LYS I 419 -14.02 -21.91 -22.67
C LYS I 419 -14.74 -21.70 -21.35
N GLY I 420 -14.02 -21.80 -20.24
CA GLY I 420 -14.64 -21.60 -18.94
C GLY I 420 -15.18 -20.19 -18.77
N ASN I 421 -14.37 -19.19 -19.11
CA ASN I 421 -14.79 -17.80 -18.96
C ASN I 421 -16.03 -17.50 -19.79
N PHE I 422 -16.04 -17.96 -21.04
CA PHE I 422 -17.18 -17.70 -21.91
C PHE I 422 -18.41 -18.47 -21.45
N ALA I 423 -18.23 -19.72 -21.01
CA ALA I 423 -19.36 -20.53 -20.57
C ALA I 423 -20.00 -19.97 -19.32
N LYS I 424 -19.23 -19.33 -18.45
CA LYS I 424 -19.82 -18.69 -17.27
C LYS I 424 -20.91 -17.71 -17.68
N ILE I 425 -20.56 -16.71 -18.50
CA ILE I 425 -21.53 -15.70 -18.91
C ILE I 425 -22.61 -16.31 -19.81
N TYR I 426 -22.24 -17.27 -20.66
CA TYR I 426 -23.23 -17.88 -21.54
C TYR I 426 -24.27 -18.67 -20.76
N ALA I 427 -23.90 -19.21 -19.60
CA ALA I 427 -24.88 -19.80 -18.70
C ALA I 427 -25.66 -18.71 -17.97
N LYS I 428 -25.00 -17.61 -17.64
CA LYS I 428 -25.70 -16.48 -17.02
C LYS I 428 -26.75 -15.89 -17.97
N THR I 429 -26.41 -15.78 -19.25
CA THR I 429 -27.31 -15.20 -20.24
C THR I 429 -28.16 -16.30 -20.86
N GLU I 430 -29.49 -16.13 -20.81
CA GLU I 430 -30.40 -17.12 -21.37
C GLU I 430 -30.50 -16.96 -22.89
N GLU I 431 -31.31 -17.81 -23.49
CA GLU I 431 -31.48 -17.79 -24.94
C GLU I 431 -32.02 -16.43 -25.39
N GLY I 432 -31.47 -15.93 -26.48
CA GLY I 432 -31.78 -14.57 -26.92
C GLY I 432 -30.89 -13.54 -26.26
N LYS I 433 -30.72 -13.64 -24.94
CA LYS I 433 -29.78 -12.77 -24.24
C LYS I 433 -28.34 -13.20 -24.43
N ASP I 434 -28.11 -14.39 -24.97
CA ASP I 434 -26.75 -14.88 -25.19
C ASP I 434 -26.07 -14.04 -26.27
N PRO I 435 -24.92 -13.44 -25.99
CA PRO I 435 -24.21 -12.68 -27.02
C PRO I 435 -23.38 -13.61 -27.88
N PRO I 436 -23.10 -13.23 -29.12
CA PRO I 436 -22.28 -14.09 -29.98
C PRO I 436 -20.83 -14.11 -29.51
N ILE I 437 -20.07 -15.03 -30.10
CA ILE I 437 -18.65 -15.17 -29.75
C ILE I 437 -17.89 -13.90 -30.09
N LYS I 438 -18.39 -13.11 -31.05
CA LYS I 438 -17.66 -11.96 -31.54
C LYS I 438 -17.47 -10.91 -30.44
N LYS I 439 -18.54 -10.59 -29.70
CA LYS I 439 -18.45 -9.54 -28.69
C LYS I 439 -17.53 -9.94 -27.55
N LYS I 440 -17.66 -11.18 -27.06
CA LYS I 440 -16.81 -11.64 -25.97
C LYS I 440 -15.35 -11.72 -26.40
N VAL I 441 -15.10 -12.18 -27.63
CA VAL I 441 -13.73 -12.26 -28.12
C VAL I 441 -13.15 -10.86 -28.28
N GLU I 442 -13.95 -9.89 -28.74
CA GLU I 442 -13.48 -8.52 -28.84
C GLU I 442 -13.15 -7.95 -27.48
N ARG I 443 -13.99 -8.21 -26.48
CA ARG I 443 -13.69 -7.73 -25.13
C ARG I 443 -12.42 -8.36 -24.60
N LEU I 444 -12.22 -9.66 -24.85
CA LEU I 444 -11.00 -10.32 -24.41
C LEU I 444 -9.78 -9.73 -25.10
N ARG I 445 -9.88 -9.44 -26.39
CA ARG I 445 -8.78 -8.83 -27.11
C ARG I 445 -8.46 -7.44 -26.56
N ALA I 446 -9.51 -6.65 -26.26
CA ALA I 446 -9.28 -5.34 -25.69
C ALA I 446 -8.60 -5.43 -24.32
N GLU I 447 -9.04 -6.36 -23.49
CA GLU I 447 -8.41 -6.53 -22.18
C GLU I 447 -6.96 -6.99 -22.31
N LEU I 448 -6.67 -7.86 -23.28
CA LEU I 448 -5.28 -8.23 -23.53
C LEU I 448 -4.47 -7.03 -24.01
N ASN I 449 -5.06 -6.19 -24.85
CA ASN I 449 -4.36 -4.99 -25.32
C ASN I 449 -4.15 -3.99 -24.19
N TYR I 450 -4.96 -4.05 -23.14
CA TYR I 450 -4.79 -3.14 -22.01
C TYR I 450 -3.42 -3.31 -21.36
N CYS I 451 -2.94 -4.54 -21.25
CA CYS I 451 -1.70 -4.82 -20.55
C CYS I 451 -0.54 -4.08 -21.20
N TYR I 452 0.30 -3.46 -20.36
CA TYR I 452 1.41 -2.65 -20.84
C TYR I 452 2.78 -3.13 -20.43
N ASP I 453 2.90 -3.90 -19.34
CA ASP I 453 4.18 -4.42 -18.90
C ASP I 453 4.01 -5.86 -18.46
N GLU I 454 5.11 -6.47 -18.01
CA GLU I 454 5.10 -7.88 -17.65
C GLU I 454 4.16 -8.14 -16.48
N LEU I 455 4.22 -7.30 -15.45
CA LEU I 455 3.45 -7.57 -14.23
C LEU I 455 1.96 -7.54 -14.50
N SER I 456 1.49 -6.49 -15.17
CA SER I 456 0.05 -6.36 -15.43
C SER I 456 -0.45 -7.48 -16.32
N PHE I 457 0.30 -7.80 -17.37
CA PHE I 457 -0.14 -8.85 -18.29
C PHE I 457 -0.18 -10.21 -17.60
N LYS I 458 0.85 -10.53 -16.82
CA LYS I 458 0.86 -11.81 -16.14
C LYS I 458 -0.23 -11.88 -15.08
N GLU I 459 -0.50 -10.78 -14.39
CA GLU I 459 -1.61 -10.75 -13.43
C GLU I 459 -2.93 -11.02 -14.12
N TYR I 460 -3.18 -10.33 -15.24
CA TYR I 460 -4.43 -10.53 -15.96
C TYR I 460 -4.56 -11.95 -16.49
N LEU I 461 -3.48 -12.48 -17.07
CA LEU I 461 -3.51 -13.83 -17.61
C LEU I 461 -3.77 -14.86 -16.52
N SER I 462 -3.10 -14.70 -15.37
CA SER I 462 -3.29 -15.62 -14.26
C SER I 462 -4.72 -15.56 -13.72
N ASP I 463 -5.27 -14.35 -13.58
CA ASP I 463 -6.64 -14.22 -13.12
C ASP I 463 -7.62 -14.83 -14.12
N PHE I 464 -7.35 -14.66 -15.41
CA PHE I 464 -8.18 -15.28 -16.45
C PHE I 464 -8.13 -16.80 -16.35
N LEU I 465 -6.92 -17.36 -16.15
CA LEU I 465 -6.79 -18.81 -16.01
C LEU I 465 -7.56 -19.31 -14.80
N VAL I 466 -7.48 -18.59 -13.68
CA VAL I 466 -8.23 -19.01 -12.50
C VAL I 466 -9.73 -18.91 -12.74
N ARG I 467 -10.21 -17.83 -13.35
CA ARG I 467 -11.63 -17.67 -13.63
C ARG I 467 -12.12 -18.70 -14.64
N GLY I 468 -11.22 -19.28 -15.42
CA GLY I 468 -11.60 -20.34 -16.33
C GLY I 468 -11.94 -21.67 -15.68
N GLY I 469 -11.85 -21.75 -14.36
CA GLY I 469 -12.19 -22.97 -13.67
C GLY I 469 -11.08 -24.01 -13.74
N LEU I 470 -11.47 -25.26 -13.54
CA LEU I 470 -10.51 -26.36 -13.58
C LEU I 470 -9.92 -26.47 -14.97
N ASN I 471 -8.59 -26.56 -15.04
CA ASN I 471 -7.86 -26.65 -16.30
C ASN I 471 -7.05 -27.93 -16.29
N LYS I 472 -7.55 -28.96 -16.97
CA LYS I 472 -6.89 -30.25 -17.00
C LYS I 472 -5.52 -30.17 -17.67
N TYR I 473 -5.41 -29.39 -18.74
CA TYR I 473 -4.14 -29.25 -19.44
C TYR I 473 -3.08 -28.62 -18.54
N PHE I 474 -3.47 -27.58 -17.78
CA PHE I 474 -2.55 -26.99 -16.81
C PHE I 474 -2.17 -28.00 -15.74
N ASN I 475 -3.13 -28.78 -15.27
CA ASN I 475 -2.86 -29.77 -14.23
C ASN I 475 -1.85 -30.81 -14.70
N GLU I 476 -2.02 -31.31 -15.93
CA GLU I 476 -1.11 -32.33 -16.45
C GLU I 476 0.27 -31.79 -16.73
N HIS I 477 0.42 -30.48 -16.89
CA HIS I 477 1.69 -29.84 -17.21
C HIS I 477 1.96 -28.68 -16.25
N GLN I 478 1.84 -28.95 -14.96
CA GLN I 478 2.02 -27.92 -13.94
C GLN I 478 3.38 -27.25 -14.08
N GLU I 479 4.46 -28.02 -13.93
CA GLU I 479 5.80 -27.45 -13.90
C GLU I 479 6.14 -26.76 -15.21
N GLU I 480 5.85 -27.41 -16.34
CA GLU I 480 6.24 -26.86 -17.63
C GLU I 480 5.52 -25.54 -17.92
N ILE I 481 4.19 -25.53 -17.76
CA ILE I 481 3.44 -24.32 -18.06
C ILE I 481 3.76 -23.22 -17.06
N ALA I 482 3.96 -23.58 -15.79
CA ALA I 482 4.32 -22.57 -14.79
C ALA I 482 5.64 -21.92 -15.12
N LEU I 483 6.66 -22.73 -15.46
CA LEU I 483 7.94 -22.18 -15.85
C LEU I 483 7.84 -21.35 -17.11
N LEU I 484 7.02 -21.80 -18.06
CA LEU I 484 6.86 -21.06 -19.31
C LEU I 484 6.25 -19.69 -19.06
N ILE I 485 5.22 -19.62 -18.21
CA ILE I 485 4.60 -18.35 -17.89
C ILE I 485 5.56 -17.46 -17.13
N LYS I 486 6.30 -18.02 -16.17
CA LYS I 486 7.19 -17.20 -15.35
C LYS I 486 8.36 -16.64 -16.15
N LYS I 487 8.92 -17.44 -17.07
CA LYS I 487 10.17 -17.07 -17.72
C LYS I 487 9.98 -16.33 -19.04
N SER I 488 9.00 -16.73 -19.84
CA SER I 488 8.89 -16.21 -21.20
C SER I 488 8.53 -14.73 -21.19
N PRO I 489 8.97 -13.96 -22.19
CA PRO I 489 8.56 -12.56 -22.30
C PRO I 489 7.05 -12.45 -22.47
N TRP I 490 6.48 -11.40 -21.87
CA TRP I 490 5.03 -11.26 -21.85
C TRP I 490 4.47 -10.96 -23.24
N GLN I 491 5.24 -10.34 -24.12
CA GLN I 491 4.77 -10.07 -25.47
C GLN I 491 4.54 -11.37 -26.25
N GLU I 492 5.46 -12.32 -26.11
CA GLU I 492 5.29 -13.61 -26.77
C GLU I 492 4.05 -14.34 -26.24
N ILE I 493 3.85 -14.28 -24.92
CA ILE I 493 2.67 -14.91 -24.34
C ILE I 493 1.39 -14.24 -24.85
N ARG I 494 1.42 -12.92 -25.01
CA ARG I 494 0.26 -12.21 -25.56
C ARG I 494 -0.01 -12.62 -26.99
N ILE I 495 1.05 -12.76 -27.80
CA ILE I 495 0.88 -13.17 -29.19
C ILE I 495 0.28 -14.57 -29.26
N TRP I 496 0.80 -15.48 -28.43
CA TRP I 496 0.28 -16.84 -28.44
C TRP I 496 -1.14 -16.92 -27.90
N SER I 497 -1.48 -16.06 -26.94
CA SER I 497 -2.87 -15.98 -26.50
C SER I 497 -3.77 -15.49 -27.62
N LEU I 498 -3.29 -14.52 -28.41
CA LEU I 498 -4.07 -14.03 -29.54
C LEU I 498 -4.31 -15.15 -30.55
N LEU I 499 -3.27 -15.90 -30.90
CA LEU I 499 -3.46 -16.95 -31.90
C LEU I 499 -4.16 -18.19 -31.33
N ALA I 500 -4.22 -18.33 -30.00
CA ALA I 500 -5.08 -19.35 -29.41
C ALA I 500 -6.54 -18.90 -29.43
N ILE I 501 -6.79 -17.60 -29.29
CA ILE I 501 -8.13 -17.06 -29.51
C ILE I 501 -8.55 -17.30 -30.95
N ALA I 502 -7.64 -17.08 -31.89
CA ALA I 502 -7.96 -17.26 -33.30
C ALA I 502 -8.35 -18.71 -33.61
N SER I 503 -7.62 -19.66 -33.04
CA SER I 503 -7.87 -21.09 -33.28
C SER I 503 -8.78 -21.71 -32.23
N TYR I 504 -9.65 -20.92 -31.61
CA TYR I 504 -10.55 -21.43 -30.58
C TYR I 504 -11.77 -22.07 -31.23
N LYS I 505 -12.04 -23.33 -30.87
CA LYS I 505 -13.18 -24.05 -31.41
C LYS I 505 -14.30 -24.05 -30.37
N PRO I 506 -15.41 -23.34 -30.60
CA PRO I 506 -16.55 -23.30 -29.67
C PRO I 506 -17.16 -24.67 -29.40
N ASN J 4 22.30 3.88 19.83
CA ASN J 4 21.52 4.65 18.88
C ASN J 4 20.06 4.77 19.31
N SER J 5 19.56 6.01 19.36
CA SER J 5 18.16 6.29 19.71
C SER J 5 17.81 5.73 21.09
N GLU J 6 18.45 6.32 22.10
CA GLU J 6 18.72 5.68 23.39
C GLU J 6 17.51 5.04 24.06
N GLU J 7 16.29 5.25 23.55
CA GLU J 7 15.15 4.51 24.09
C GLU J 7 15.41 3.00 24.08
N ASP J 8 16.03 2.47 23.03
CA ASP J 8 16.31 1.03 23.04
C ASP J 8 17.43 0.70 24.03
N LYS J 9 18.33 1.65 24.28
CA LYS J 9 19.33 1.42 25.32
C LYS J 9 18.67 1.25 26.68
N GLN J 10 17.69 2.11 26.99
CA GLN J 10 16.95 1.96 28.23
C GLN J 10 16.18 0.64 28.25
N TYR J 11 15.58 0.28 27.12
CA TYR J 11 14.87 -1.00 27.02
C TYR J 11 15.81 -2.17 27.30
N LEU J 12 17.02 -2.13 26.75
CA LEU J 12 17.96 -3.23 26.90
C LEU J 12 18.51 -3.32 28.31
N ILE J 13 18.87 -2.20 28.93
CA ILE J 13 19.43 -2.37 30.27
C ILE J 13 18.31 -2.63 31.27
N PHE J 14 17.06 -2.27 30.94
CA PHE J 14 15.93 -2.75 31.73
C PHE J 14 15.82 -4.26 31.64
N ILE J 15 15.98 -4.81 30.44
CA ILE J 15 15.95 -6.27 30.28
C ILE J 15 17.07 -6.90 31.09
N LYS J 16 18.27 -6.33 31.03
CA LYS J 16 19.40 -6.90 31.76
C LYS J 16 19.18 -6.86 33.27
N VAL J 17 18.69 -5.74 33.79
CA VAL J 17 18.44 -5.62 35.22
C VAL J 17 17.32 -6.57 35.65
N PHE J 18 16.30 -6.74 34.80
CA PHE J 18 15.28 -7.73 35.12
C PHE J 18 15.85 -9.14 35.17
N GLN J 19 16.73 -9.47 34.23
CA GLN J 19 17.34 -10.80 34.25
C GLN J 19 18.19 -11.00 35.50
N GLN J 20 18.95 -9.98 35.89
CA GLN J 20 19.76 -10.08 37.11
C GLN J 20 18.88 -10.22 38.35
N ALA J 21 17.80 -9.44 38.43
CA ALA J 21 16.91 -9.52 39.58
C ALA J 21 16.24 -10.87 39.67
N MET J 22 15.78 -11.41 38.53
CA MET J 22 15.18 -12.73 38.57
C MET J 22 16.20 -13.79 38.93
N LYS J 23 17.45 -13.65 38.46
CA LYS J 23 18.49 -14.59 38.84
C LYS J 23 18.73 -14.56 40.35
N GLY J 24 18.76 -13.36 40.93
CA GLY J 24 18.88 -13.25 42.38
C GLY J 24 17.71 -13.92 43.10
N ASN J 25 16.51 -13.78 42.54
CA ASN J 25 15.35 -14.42 43.16
C ASN J 25 15.42 -15.95 43.04
N PHE J 26 15.90 -16.47 41.89
CA PHE J 26 16.04 -17.92 41.80
C PHE J 26 17.11 -18.41 42.76
N ALA J 27 18.16 -17.63 42.97
CA ALA J 27 19.16 -17.98 43.98
C ALA J 27 18.56 -17.99 45.38
N LYS J 28 17.71 -17.01 45.68
CA LYS J 28 17.03 -16.99 46.98
C LYS J 28 16.14 -18.22 47.15
N ILE J 29 15.44 -18.62 46.09
CA ILE J 29 14.62 -19.83 46.17
C ILE J 29 15.48 -21.06 46.37
N TYR J 30 16.62 -21.12 45.67
CA TYR J 30 17.59 -22.19 45.90
C TYR J 30 18.00 -22.26 47.37
N ALA J 31 18.19 -21.09 47.98
CA ALA J 31 18.44 -21.05 49.42
C ALA J 31 17.23 -21.54 50.22
N LYS J 32 16.02 -21.28 49.72
CA LYS J 32 14.82 -21.67 50.46
C LYS J 32 14.69 -23.19 50.55
N THR J 33 14.90 -23.89 49.44
CA THR J 33 14.69 -25.34 49.42
C THR J 33 15.79 -26.05 50.20
N GLU J 34 15.54 -27.31 50.52
CA GLU J 34 16.44 -28.09 51.34
C GLU J 34 16.29 -29.57 51.01
N GLU J 35 17.29 -30.35 51.43
CA GLU J 35 17.29 -31.81 51.30
C GLU J 35 17.27 -32.19 49.82
N GLY J 36 17.16 -33.47 49.50
CA GLY J 36 17.39 -33.98 48.16
C GLY J 36 16.34 -33.69 47.11
N LYS J 37 15.24 -33.00 47.46
CA LYS J 37 14.29 -32.58 46.43
C LYS J 37 14.97 -31.67 45.42
N ASP J 38 14.74 -31.95 44.14
CA ASP J 38 15.32 -31.14 43.09
C ASP J 38 14.66 -29.76 43.08
N PRO J 39 15.41 -28.67 43.23
CA PRO J 39 14.81 -27.34 43.14
C PRO J 39 14.33 -27.08 41.73
N PRO J 40 13.03 -26.85 41.55
CA PRO J 40 12.51 -26.60 40.19
C PRO J 40 13.12 -25.35 39.59
N ILE J 41 13.27 -25.35 38.27
CA ILE J 41 13.81 -24.19 37.55
C ILE J 41 12.77 -23.69 36.56
N LYS J 42 12.23 -24.59 35.74
CA LYS J 42 11.17 -24.22 34.83
C LYS J 42 9.91 -23.80 35.58
N LYS J 43 9.60 -24.51 36.67
CA LYS J 43 8.43 -24.14 37.47
C LYS J 43 8.59 -22.76 38.10
N LYS J 44 9.82 -22.36 38.42
CA LYS J 44 10.05 -21.01 38.92
C LYS J 44 9.69 -19.96 37.87
N VAL J 45 10.09 -20.20 36.61
CA VAL J 45 9.74 -19.29 35.54
C VAL J 45 8.24 -19.26 35.32
N GLU J 46 7.59 -20.42 35.37
CA GLU J 46 6.14 -20.47 35.24
C GLU J 46 5.46 -19.69 36.35
N ARG J 47 5.96 -19.82 37.58
CA ARG J 47 5.40 -19.09 38.72
C ARG J 47 5.57 -17.58 38.53
N LEU J 48 6.74 -17.17 38.04
CA LEU J 48 6.97 -15.74 37.79
C LEU J 48 6.01 -15.21 36.73
N ARG J 49 5.83 -15.97 35.64
CA ARG J 49 4.89 -15.55 34.61
C ARG J 49 3.48 -15.45 35.15
N ALA J 50 3.05 -16.45 35.93
CA ALA J 50 1.70 -16.42 36.49
C ALA J 50 1.50 -15.23 37.41
N GLU J 51 2.50 -14.93 38.24
CA GLU J 51 2.37 -13.76 39.11
C GLU J 51 2.37 -12.46 38.33
N LEU J 52 3.14 -12.38 37.24
CA LEU J 52 3.11 -11.17 36.41
C LEU J 52 1.75 -10.99 35.75
N ASN J 53 1.14 -12.08 35.31
CA ASN J 53 -0.18 -12.01 34.71
C ASN J 53 -1.30 -11.80 35.73
N TYR J 54 -0.98 -11.84 37.02
CA TYR J 54 -2.00 -11.73 38.06
C TYR J 54 -2.46 -10.30 38.29
N CYS J 55 -1.77 -9.31 37.71
CA CYS J 55 -1.99 -7.92 38.08
C CYS J 55 -3.10 -7.29 37.26
N TYR J 56 -3.64 -6.18 37.79
CA TYR J 56 -4.79 -5.49 37.22
C TYR J 56 -4.55 -3.98 37.19
N ASP J 57 -3.39 -3.59 36.67
CA ASP J 57 -3.07 -2.22 36.25
C ASP J 57 -2.58 -1.33 37.37
N GLU J 58 -1.67 -0.41 37.04
CA GLU J 58 -1.18 0.63 37.93
C GLU J 58 -0.59 0.08 39.22
N LEU J 59 -1.28 0.26 40.34
CA LEU J 59 -0.74 -0.14 41.63
C LEU J 59 -0.25 -1.59 41.59
N SER J 60 -1.14 -2.48 41.17
CA SER J 60 -0.74 -3.84 40.86
C SER J 60 0.24 -3.84 39.69
N PHE J 61 1.25 -4.68 39.79
CA PHE J 61 2.39 -4.82 38.89
C PHE J 61 3.40 -3.69 39.03
N LYS J 62 3.01 -2.55 39.59
CA LYS J 62 4.04 -1.55 39.84
C LYS J 62 4.72 -1.78 41.18
N GLU J 63 3.94 -1.83 42.27
CA GLU J 63 4.54 -2.32 43.50
C GLU J 63 5.05 -3.74 43.36
N TYR J 64 4.40 -4.58 42.54
CA TYR J 64 4.92 -5.93 42.33
C TYR J 64 6.32 -5.91 41.73
N LEU J 65 6.51 -5.18 40.62
CA LEU J 65 7.79 -5.25 39.94
C LEU J 65 8.86 -4.48 40.70
N SER J 66 8.46 -3.42 41.41
CA SER J 66 9.41 -2.75 42.29
C SER J 66 9.90 -3.67 43.39
N ASP J 67 8.99 -4.42 44.02
CA ASP J 67 9.38 -5.39 45.03
C ASP J 67 10.24 -6.50 44.41
N PHE J 68 9.92 -6.90 43.18
CA PHE J 68 10.71 -7.91 42.50
C PHE J 68 12.15 -7.44 42.30
N LEU J 69 12.32 -6.20 41.83
CA LEU J 69 13.65 -5.66 41.64
C LEU J 69 14.38 -5.50 42.98
N VAL J 70 13.65 -5.12 44.03
CA VAL J 70 14.27 -4.94 45.34
C VAL J 70 14.78 -6.27 45.87
N ARG J 71 13.95 -7.32 45.81
CA ARG J 71 14.39 -8.65 46.20
C ARG J 71 15.38 -9.26 45.23
N GLY J 72 15.58 -8.65 44.06
CA GLY J 72 16.63 -9.10 43.17
C GLY J 72 18.02 -9.08 43.81
N GLY J 73 18.22 -8.24 44.81
CA GLY J 73 19.48 -8.21 45.53
C GLY J 73 20.42 -7.14 45.04
N LEU J 74 21.72 -7.38 45.17
CA LEU J 74 22.74 -6.45 44.71
C LEU J 74 22.81 -6.52 43.19
N ASN J 75 22.24 -5.52 42.52
CA ASN J 75 22.21 -5.48 41.06
C ASN J 75 23.10 -4.32 40.62
N LYS J 76 24.27 -4.66 40.05
CA LYS J 76 25.26 -3.65 39.71
C LYS J 76 24.71 -2.68 38.66
N TYR J 77 24.18 -3.20 37.57
CA TYR J 77 23.62 -2.34 36.53
C TYR J 77 22.47 -1.50 37.07
N PHE J 78 21.71 -2.03 38.03
CA PHE J 78 20.71 -1.20 38.68
C PHE J 78 21.38 -0.08 39.45
N ASN J 79 22.50 -0.37 40.13
CA ASN J 79 23.21 0.66 40.88
C ASN J 79 23.69 1.78 39.98
N GLU J 80 24.28 1.43 38.83
CA GLU J 80 24.62 2.47 37.85
C GLU J 80 23.40 3.03 37.12
N HIS J 81 22.26 2.35 37.18
CA HIS J 81 21.06 2.80 36.48
C HIS J 81 19.85 2.85 37.40
N GLN J 82 20.00 3.49 38.57
CA GLN J 82 18.85 3.70 39.44
C GLN J 82 17.87 4.70 38.83
N GLU J 83 18.35 5.88 38.45
CA GLU J 83 17.48 7.02 38.18
C GLU J 83 16.68 6.84 36.89
N GLU J 84 17.36 6.47 35.80
CA GLU J 84 16.66 6.36 34.52
C GLU J 84 15.76 5.13 34.49
N ILE J 85 16.14 4.05 35.16
CA ILE J 85 15.25 2.90 35.26
C ILE J 85 14.01 3.27 36.07
N ALA J 86 14.18 4.02 37.16
CA ALA J 86 13.03 4.46 37.93
C ALA J 86 12.13 5.37 37.12
N LEU J 87 12.73 6.27 36.33
CA LEU J 87 11.94 7.15 35.48
C LEU J 87 11.17 6.36 34.42
N LEU J 88 11.83 5.36 33.81
CA LEU J 88 11.14 4.51 32.84
C LEU J 88 10.00 3.73 33.50
N ILE J 89 10.19 3.32 34.75
CA ILE J 89 9.14 2.64 35.49
C ILE J 89 7.96 3.58 35.71
N LYS J 90 8.24 4.82 36.16
CA LYS J 90 7.17 5.76 36.46
C LYS J 90 6.41 6.15 35.19
N LYS J 91 7.11 6.37 34.10
CA LYS J 91 6.48 6.66 32.82
C LYS J 91 6.12 5.35 32.12
N SER J 92 5.63 5.46 30.87
CA SER J 92 5.28 4.35 29.99
C SER J 92 4.11 3.54 30.52
N PRO J 93 3.28 2.99 29.64
CA PRO J 93 2.16 2.14 30.10
C PRO J 93 2.68 0.90 30.80
N TRP J 94 1.90 0.43 31.78
CA TRP J 94 2.31 -0.72 32.56
C TRP J 94 2.31 -2.00 31.73
N GLN J 95 1.41 -2.13 30.76
CA GLN J 95 1.40 -3.32 29.93
C GLN J 95 2.66 -3.42 29.07
N GLU J 96 3.19 -2.29 28.63
CA GLU J 96 4.47 -2.29 27.92
C GLU J 96 5.58 -2.80 28.83
N ILE J 97 5.58 -2.37 30.08
CA ILE J 97 6.57 -2.86 31.05
C ILE J 97 6.43 -4.37 31.23
N ARG J 98 5.18 -4.86 31.29
CA ARG J 98 4.96 -6.29 31.42
C ARG J 98 5.47 -7.04 30.19
N ILE J 99 5.27 -6.47 28.99
CA ILE J 99 5.78 -7.10 27.78
C ILE J 99 7.29 -7.19 27.82
N TRP J 100 7.95 -6.10 28.23
CA TRP J 100 9.40 -6.10 28.31
C TRP J 100 9.89 -7.13 29.35
N SER J 101 9.19 -7.22 30.49
CA SER J 101 9.57 -8.18 31.52
C SER J 101 9.41 -9.61 31.01
N LEU J 102 8.33 -9.89 30.29
CA LEU J 102 8.13 -11.23 29.74
C LEU J 102 9.21 -11.56 28.71
N LEU J 103 9.58 -10.59 27.87
CA LEU J 103 10.67 -10.83 26.93
C LEU J 103 11.98 -11.11 27.67
N ALA J 104 12.23 -10.37 28.74
CA ALA J 104 13.43 -10.62 29.53
C ALA J 104 13.42 -12.01 30.13
N ILE J 105 12.26 -12.48 30.60
CA ILE J 105 12.15 -13.85 31.10
C ILE J 105 12.47 -14.84 29.98
N ALA J 106 11.89 -14.62 28.80
CA ALA J 106 12.10 -15.54 27.69
C ALA J 106 13.55 -15.54 27.22
N SER J 107 14.30 -14.48 27.46
CA SER J 107 15.69 -14.40 27.06
C SER J 107 16.67 -14.44 28.23
N TYR J 108 16.28 -15.00 29.37
CA TYR J 108 17.11 -14.93 30.57
C TYR J 108 18.13 -16.05 30.67
N LYS J 109 17.84 -17.23 30.10
CA LYS J 109 18.51 -18.46 30.53
C LYS J 109 20.03 -18.42 30.45
N PRO J 110 20.69 -18.01 29.36
CA PRO J 110 22.11 -18.36 29.19
C PRO J 110 23.03 -17.83 30.27
N LYS J 111 22.52 -17.05 31.23
CA LYS J 111 23.31 -16.73 32.42
C LYS J 111 23.62 -18.00 33.21
N ASP J 112 22.58 -18.77 33.53
CA ASP J 112 22.64 -20.11 34.10
C ASP J 112 21.39 -20.88 33.73
N ASN K 4 21.74 -14.37 3.96
CA ASN K 4 22.50 -13.12 4.02
C ASN K 4 21.62 -11.97 4.49
N SER K 5 22.23 -10.81 4.72
CA SER K 5 21.57 -9.59 5.19
C SER K 5 21.12 -9.75 6.63
N GLU K 6 21.38 -8.74 7.47
CA GLU K 6 21.12 -8.85 8.90
C GLU K 6 19.63 -9.03 9.18
N GLU K 7 18.78 -8.28 8.47
CA GLU K 7 17.35 -8.38 8.70
C GLU K 7 16.83 -9.78 8.38
N ASP K 8 17.31 -10.37 7.30
CA ASP K 8 16.87 -11.72 6.92
C ASP K 8 17.32 -12.75 7.94
N LYS K 9 18.56 -12.64 8.44
CA LYS K 9 19.02 -13.56 9.46
C LYS K 9 18.21 -13.43 10.73
N GLN K 10 17.91 -12.20 11.15
CA GLN K 10 17.09 -11.99 12.33
C GLN K 10 15.70 -12.58 12.14
N TYR K 11 15.12 -12.39 10.95
CA TYR K 11 13.80 -12.95 10.67
C TYR K 11 13.81 -14.47 10.72
N LEU K 12 14.83 -15.09 10.14
CA LEU K 12 14.92 -16.55 10.13
C LEU K 12 15.09 -17.10 11.55
N ILE K 13 15.97 -16.49 12.35
CA ILE K 13 16.17 -17.04 13.68
C ILE K 13 15.02 -16.66 14.62
N PHE K 14 14.26 -15.61 14.31
CA PHE K 14 13.01 -15.37 15.04
C PHE K 14 11.97 -16.44 14.69
N ILE K 15 11.93 -16.87 13.43
CA ILE K 15 11.08 -18.00 13.06
C ILE K 15 11.49 -19.24 13.86
N LYS K 16 12.81 -19.45 14.00
CA LYS K 16 13.28 -20.57 14.81
C LYS K 16 12.86 -20.43 16.26
N VAL K 17 12.94 -19.21 16.81
CA VAL K 17 12.51 -18.96 18.18
C VAL K 17 11.04 -19.32 18.36
N PHE K 18 10.20 -18.86 17.42
CA PHE K 18 8.77 -19.14 17.51
C PHE K 18 8.49 -20.63 17.39
N GLN K 19 9.21 -21.32 16.51
CA GLN K 19 9.02 -22.75 16.37
C GLN K 19 9.40 -23.49 17.64
N GLN K 20 10.50 -23.08 18.29
CA GLN K 20 10.87 -23.67 19.57
C GLN K 20 9.80 -23.39 20.63
N ALA K 21 9.23 -22.19 20.61
CA ALA K 21 8.17 -21.86 21.56
C ALA K 21 6.95 -22.75 21.36
N MET K 22 6.56 -22.97 20.10
CA MET K 22 5.43 -23.86 19.85
C MET K 22 5.76 -25.29 20.23
N LYS K 23 7.01 -25.73 20.04
CA LYS K 23 7.42 -27.04 20.51
C LYS K 23 7.22 -27.15 22.02
N GLY K 24 7.65 -26.13 22.76
CA GLY K 24 7.49 -26.16 24.21
C GLY K 24 6.03 -26.18 24.62
N ASN K 25 5.20 -25.35 23.99
CA ASN K 25 3.78 -25.32 24.32
C ASN K 25 3.11 -26.65 23.99
N PHE K 26 3.45 -27.25 22.86
CA PHE K 26 2.85 -28.53 22.49
C PHE K 26 3.31 -29.63 23.42
N ALA K 27 4.56 -29.59 23.88
CA ALA K 27 5.01 -30.55 24.88
C ALA K 27 4.26 -30.37 26.19
N LYS K 28 3.99 -29.12 26.58
CA LYS K 28 3.20 -28.87 27.78
C LYS K 28 1.80 -29.43 27.64
N ILE K 29 1.18 -29.24 26.47
CA ILE K 29 -0.16 -29.80 26.24
C ILE K 29 -0.11 -31.33 26.27
N TYR K 30 0.94 -31.92 25.69
CA TYR K 30 1.11 -33.37 25.73
C TYR K 30 1.20 -33.86 27.17
N ALA K 31 1.94 -33.15 28.02
CA ALA K 31 2.04 -33.53 29.42
C ALA K 31 0.71 -33.35 30.14
N LYS K 32 -0.06 -32.34 29.75
CA LYS K 32 -1.33 -32.08 30.42
C LYS K 32 -2.31 -33.22 30.24
N THR K 33 -2.45 -33.73 29.02
CA THR K 33 -3.41 -34.80 28.76
C THR K 33 -2.88 -36.14 29.29
N GLU K 34 -3.80 -37.03 29.62
CA GLU K 34 -3.48 -38.33 30.18
C GLU K 34 -4.50 -39.35 29.71
N GLU K 35 -4.41 -40.57 30.25
CA GLU K 35 -5.33 -41.66 29.94
C GLU K 35 -5.33 -41.99 28.46
N GLY K 36 -6.42 -42.59 27.98
CA GLY K 36 -6.54 -42.99 26.59
C GLY K 36 -6.99 -41.91 25.63
N LYS K 37 -7.24 -40.70 26.13
CA LYS K 37 -7.62 -39.60 25.25
C LYS K 37 -6.48 -39.26 24.29
N ASP K 38 -6.82 -39.04 23.04
CA ASP K 38 -5.81 -38.74 22.03
C ASP K 38 -5.29 -37.32 22.23
N PRO K 39 -3.99 -37.14 22.46
CA PRO K 39 -3.45 -35.79 22.61
C PRO K 39 -3.61 -34.99 21.32
N PRO K 40 -3.93 -33.70 21.42
CA PRO K 40 -4.12 -32.90 20.21
C PRO K 40 -2.82 -32.75 19.42
N ILE K 41 -2.96 -32.63 18.10
CA ILE K 41 -1.82 -32.26 17.26
C ILE K 41 -2.24 -31.11 16.34
N LYS K 42 -3.31 -31.31 15.57
CA LYS K 42 -3.73 -30.31 14.59
C LYS K 42 -4.65 -29.26 15.21
N LYS K 43 -5.56 -29.67 16.10
CA LYS K 43 -6.49 -28.71 16.68
C LYS K 43 -5.79 -27.72 17.59
N LYS K 44 -4.69 -28.11 18.23
CA LYS K 44 -3.94 -27.10 18.98
C LYS K 44 -3.32 -26.08 18.05
N VAL K 45 -2.91 -26.50 16.85
CA VAL K 45 -2.43 -25.55 15.85
C VAL K 45 -3.55 -24.62 15.43
N GLU K 46 -4.75 -25.16 15.25
CA GLU K 46 -5.90 -24.31 14.92
C GLU K 46 -6.21 -23.33 16.04
N ARG K 47 -6.09 -23.78 17.30
CA ARG K 47 -6.27 -22.89 18.44
C ARG K 47 -5.23 -21.78 18.44
N LEU K 48 -3.98 -22.12 18.15
CA LEU K 48 -2.92 -21.11 18.07
C LEU K 48 -3.21 -20.10 16.97
N ARG K 49 -3.69 -20.59 15.82
CA ARG K 49 -4.10 -19.69 14.74
C ARG K 49 -5.22 -18.77 15.17
N ALA K 50 -6.24 -19.31 15.84
CA ALA K 50 -7.38 -18.51 16.28
C ALA K 50 -6.94 -17.45 17.28
N GLU K 51 -6.04 -17.81 18.20
CA GLU K 51 -5.54 -16.85 19.17
C GLU K 51 -4.68 -15.78 18.50
N LEU K 52 -3.91 -16.17 17.48
CA LEU K 52 -3.09 -15.19 16.77
C LEU K 52 -3.95 -14.19 16.00
N ASN K 53 -4.97 -14.67 15.28
CA ASN K 53 -5.85 -13.75 14.57
C ASN K 53 -6.71 -12.92 15.51
N TYR K 54 -6.99 -13.46 16.70
CA TYR K 54 -7.65 -12.65 17.73
C TYR K 54 -6.63 -11.67 18.28
N CYS K 55 -6.41 -10.57 17.57
CA CYS K 55 -5.41 -9.60 18.00
C CYS K 55 -5.69 -8.24 17.38
N TYR K 56 -5.50 -7.17 18.15
CA TYR K 56 -5.76 -5.83 17.64
C TYR K 56 -4.79 -4.83 18.23
N ASP K 57 -4.44 -3.80 17.46
CA ASP K 57 -3.48 -2.80 17.94
C ASP K 57 -2.13 -3.42 18.25
N GLU K 58 -1.25 -2.68 18.89
CA GLU K 58 0.10 -3.19 19.14
C GLU K 58 0.18 -3.94 20.46
N LEU K 59 -0.60 -3.51 21.46
CA LEU K 59 -0.38 -3.99 22.82
C LEU K 59 -0.79 -5.44 22.98
N SER K 60 -1.99 -5.81 22.52
CA SER K 60 -2.52 -7.14 22.78
C SER K 60 -1.69 -8.22 22.10
N PHE K 61 -1.31 -7.98 20.84
CA PHE K 61 -0.53 -8.99 20.12
C PHE K 61 0.84 -9.18 20.77
N LYS K 62 1.50 -8.10 21.16
CA LYS K 62 2.81 -8.24 21.80
C LYS K 62 2.69 -8.92 23.15
N GLU K 63 1.63 -8.62 23.91
CA GLU K 63 1.40 -9.33 25.17
C GLU K 63 1.24 -10.82 24.93
N TYR K 64 0.42 -11.19 23.94
CA TYR K 64 0.19 -12.61 23.67
C TYR K 64 1.46 -13.29 23.18
N LEU K 65 2.23 -12.61 22.34
CA LEU K 65 3.48 -13.17 21.83
C LEU K 65 4.47 -13.41 22.96
N SER K 66 4.62 -12.43 23.86
CA SER K 66 5.53 -12.60 24.98
C SER K 66 5.08 -13.72 25.89
N ASP K 67 3.78 -13.81 26.16
CA ASP K 67 3.26 -14.90 26.98
C ASP K 67 3.53 -16.24 26.34
N PHE K 68 3.33 -16.34 25.03
CA PHE K 68 3.58 -17.59 24.32
C PHE K 68 5.06 -17.97 24.37
N LEU K 69 5.94 -16.99 24.18
CA LEU K 69 7.37 -17.26 24.22
C LEU K 69 7.80 -17.73 25.60
N VAL K 70 7.28 -17.11 26.66
CA VAL K 70 7.62 -17.54 28.01
C VAL K 70 7.06 -18.93 28.29
N ARG K 71 5.82 -19.18 27.87
CA ARG K 71 5.22 -20.50 28.08
C ARG K 71 5.97 -21.57 27.32
N GLY K 72 6.63 -21.21 26.22
CA GLY K 72 7.47 -22.17 25.52
C GLY K 72 8.62 -22.67 26.37
N GLY K 73 9.08 -21.86 27.32
CA GLY K 73 10.12 -22.29 28.24
C GLY K 73 11.52 -22.14 27.72
N LEU K 74 12.29 -23.21 27.78
CA LEU K 74 13.69 -23.16 27.36
C LEU K 74 13.79 -23.02 25.84
N ASN K 75 14.63 -22.10 25.39
CA ASN K 75 14.91 -21.94 23.97
C ASN K 75 16.28 -21.32 23.80
N LYS K 76 17.04 -21.85 22.83
CA LYS K 76 18.42 -21.44 22.62
C LYS K 76 18.58 -20.32 21.62
N TYR K 77 17.71 -20.25 20.61
CA TYR K 77 17.85 -19.22 19.59
C TYR K 77 17.63 -17.84 20.17
N PHE K 78 16.65 -17.69 21.07
CA PHE K 78 16.51 -16.46 21.83
C PHE K 78 17.63 -16.31 22.85
N ASN K 79 18.21 -17.42 23.31
CA ASN K 79 19.29 -17.35 24.28
C ASN K 79 20.51 -16.65 23.69
N GLU K 80 20.96 -17.08 22.51
CA GLU K 80 22.14 -16.49 21.90
C GLU K 80 21.89 -15.04 21.51
N HIS K 81 20.72 -14.75 20.95
CA HIS K 81 20.40 -13.42 20.43
C HIS K 81 19.38 -12.76 21.34
N GLN K 82 19.86 -11.97 22.30
CA GLN K 82 18.98 -11.20 23.17
C GLN K 82 18.62 -9.86 22.54
N GLU K 83 19.64 -9.04 22.23
CA GLU K 83 19.39 -7.69 21.76
C GLU K 83 18.64 -7.68 20.43
N GLU K 84 19.03 -8.57 19.51
CA GLU K 84 18.45 -8.55 18.17
C GLU K 84 16.95 -8.84 18.22
N ILE K 85 16.56 -9.93 18.87
CA ILE K 85 15.14 -10.28 18.93
C ILE K 85 14.36 -9.34 19.84
N ALA K 86 14.99 -8.87 20.93
CA ALA K 86 14.31 -7.89 21.77
C ALA K 86 13.95 -6.64 20.99
N LEU K 87 14.91 -6.12 20.20
CA LEU K 87 14.64 -4.96 19.37
C LEU K 87 13.63 -5.27 18.27
N LEU K 88 13.74 -6.45 17.65
CA LEU K 88 12.85 -6.81 16.56
C LEU K 88 11.40 -6.89 17.05
N ILE K 89 11.18 -7.50 18.22
CA ILE K 89 9.83 -7.59 18.76
C ILE K 89 9.34 -6.23 19.24
N LYS K 90 10.20 -5.49 19.95
CA LYS K 90 9.77 -4.17 20.44
C LYS K 90 9.48 -3.23 19.28
N LYS K 91 10.34 -3.20 18.28
CA LYS K 91 10.10 -2.42 17.08
C LYS K 91 9.26 -3.24 16.10
N SER K 92 9.15 -2.76 14.86
CA SER K 92 8.45 -3.41 13.75
C SER K 92 6.95 -3.40 13.98
N PRO K 93 6.16 -3.24 12.91
CA PRO K 93 4.69 -3.32 13.08
C PRO K 93 4.27 -4.69 13.57
N TRP K 94 3.24 -4.71 14.41
CA TRP K 94 2.78 -5.96 14.98
C TRP K 94 2.18 -6.88 13.92
N GLN K 95 1.63 -6.32 12.85
CA GLN K 95 1.09 -7.14 11.78
C GLN K 95 2.19 -7.91 11.07
N GLU K 96 3.34 -7.28 10.85
CA GLU K 96 4.47 -7.98 10.24
C GLU K 96 4.94 -9.12 11.13
N ILE K 97 5.00 -8.90 12.44
CA ILE K 97 5.42 -9.95 13.35
C ILE K 97 4.38 -11.07 13.37
N ARG K 98 3.09 -10.74 13.25
CA ARG K 98 2.07 -11.79 13.15
C ARG K 98 2.25 -12.60 11.87
N ILE K 99 2.59 -11.94 10.77
CA ILE K 99 2.86 -12.65 9.52
C ILE K 99 4.04 -13.60 9.70
N TRP K 100 5.11 -13.13 10.36
CA TRP K 100 6.26 -13.99 10.61
C TRP K 100 5.89 -15.17 11.50
N SER K 101 5.08 -14.92 12.52
CA SER K 101 4.66 -16.00 13.42
C SER K 101 3.84 -17.04 12.68
N LEU K 102 2.93 -16.60 11.82
CA LEU K 102 2.15 -17.55 11.03
C LEU K 102 3.04 -18.33 10.08
N LEU K 103 4.02 -17.66 9.46
CA LEU K 103 4.95 -18.37 8.58
C LEU K 103 5.74 -19.42 9.35
N ALA K 104 6.13 -19.10 10.58
CA ALA K 104 6.79 -20.09 11.44
C ALA K 104 5.86 -21.24 11.78
N ILE K 105 4.58 -20.94 12.02
CA ILE K 105 3.61 -21.98 12.34
C ILE K 105 3.48 -22.96 11.17
N ALA K 106 3.39 -22.43 9.95
CA ALA K 106 3.20 -23.27 8.78
C ALA K 106 4.42 -24.14 8.49
N SER K 107 5.57 -23.83 9.08
CA SER K 107 6.80 -24.57 8.82
C SER K 107 7.45 -25.10 10.10
N TYR K 108 6.71 -25.13 11.20
CA TYR K 108 7.25 -25.71 12.44
C TYR K 108 7.27 -27.23 12.37
N LYS K 109 6.28 -27.81 11.71
CA LYS K 109 5.98 -29.25 11.74
C LYS K 109 7.10 -30.21 11.32
N PRO K 110 8.12 -29.83 10.54
CA PRO K 110 9.18 -30.80 10.24
C PRO K 110 9.84 -31.35 11.49
N LYS K 111 9.91 -30.53 12.54
CA LYS K 111 10.43 -31.01 13.82
C LYS K 111 9.55 -32.13 14.37
N ASP K 112 8.25 -31.89 14.45
CA ASP K 112 7.29 -32.91 14.88
C ASP K 112 5.97 -32.76 14.13
N ASN L 4 17.16 -26.48 -13.94
CA ASN L 4 16.37 -25.44 -13.29
C ASN L 4 17.20 -24.62 -12.32
N SER L 5 17.07 -23.30 -12.40
CA SER L 5 17.77 -22.42 -11.48
C SER L 5 17.17 -22.51 -10.08
N GLU L 6 17.89 -21.96 -9.10
CA GLU L 6 17.41 -22.00 -7.73
C GLU L 6 16.12 -21.20 -7.56
N GLU L 7 16.01 -20.07 -8.28
CA GLU L 7 14.77 -19.30 -8.25
C GLU L 7 13.61 -20.12 -8.78
N ASP L 8 13.82 -20.86 -9.87
CA ASP L 8 12.78 -21.72 -10.41
C ASP L 8 12.40 -22.81 -9.41
N LYS L 9 13.39 -23.39 -8.74
CA LYS L 9 13.11 -24.42 -7.75
C LYS L 9 12.26 -23.88 -6.61
N GLN L 10 12.63 -22.70 -6.10
CA GLN L 10 11.85 -22.09 -5.01
C GLN L 10 10.45 -21.74 -5.48
N TYR L 11 10.31 -21.27 -6.72
CA TYR L 11 9.00 -20.95 -7.26
C TYR L 11 8.12 -22.19 -7.35
N LEU L 12 8.68 -23.31 -7.83
CA LEU L 12 7.92 -24.54 -7.89
C LEU L 12 7.56 -25.05 -6.50
N ILE L 13 8.49 -24.94 -5.54
CA ILE L 13 8.19 -25.38 -4.17
C ILE L 13 7.08 -24.53 -3.58
N PHE L 14 7.08 -23.22 -3.87
CA PHE L 14 6.01 -22.36 -3.39
C PHE L 14 4.67 -22.75 -4.02
N ILE L 15 4.68 -23.09 -5.31
CA ILE L 15 3.45 -23.53 -5.97
C ILE L 15 2.92 -24.78 -5.29
N LYS L 16 3.81 -25.74 -5.00
CA LYS L 16 3.38 -26.97 -4.33
C LYS L 16 2.89 -26.68 -2.91
N VAL L 17 3.53 -25.75 -2.21
CA VAL L 17 3.10 -25.37 -0.87
C VAL L 17 1.69 -24.81 -0.90
N PHE L 18 1.43 -23.91 -1.85
CA PHE L 18 0.10 -23.32 -1.96
C PHE L 18 -0.94 -24.37 -2.34
N GLN L 19 -0.57 -25.29 -3.23
CA GLN L 19 -1.50 -26.35 -3.61
C GLN L 19 -1.84 -27.25 -2.42
N GLN L 20 -0.85 -27.58 -1.60
CA GLN L 20 -1.12 -28.38 -0.41
C GLN L 20 -1.99 -27.61 0.58
N ALA L 21 -1.75 -26.31 0.72
CA ALA L 21 -2.59 -25.51 1.60
C ALA L 21 -4.04 -25.49 1.12
N MET L 22 -4.24 -25.37 -0.20
CA MET L 22 -5.59 -25.44 -0.74
C MET L 22 -6.20 -26.81 -0.52
N LYS L 23 -5.40 -27.87 -0.65
CA LYS L 23 -5.88 -29.21 -0.34
C LYS L 23 -6.41 -29.28 1.08
N GLY L 24 -5.64 -28.75 2.03
CA GLY L 24 -6.06 -28.77 3.43
C GLY L 24 -7.32 -27.97 3.67
N ASN L 25 -7.38 -26.76 3.10
CA ASN L 25 -8.57 -25.92 3.28
C ASN L 25 -9.81 -26.56 2.68
N PHE L 26 -9.67 -27.15 1.49
CA PHE L 26 -10.81 -27.79 0.86
C PHE L 26 -11.22 -29.06 1.60
N ALA L 27 -10.26 -29.78 2.18
CA ALA L 27 -10.62 -30.92 3.03
C ALA L 27 -11.38 -30.46 4.27
N LYS L 28 -10.95 -29.33 4.86
CA LYS L 28 -11.69 -28.79 6.00
C LYS L 28 -13.11 -28.42 5.61
N ILE L 29 -13.28 -27.79 4.46
CA ILE L 29 -14.62 -27.44 3.99
C ILE L 29 -15.45 -28.70 3.74
N TYR L 30 -14.84 -29.71 3.12
CA TYR L 30 -15.53 -30.98 2.88
C TYR L 30 -16.01 -31.59 4.19
N ALA L 31 -15.15 -31.63 5.20
CA ALA L 31 -15.53 -32.19 6.49
C ALA L 31 -16.64 -31.36 7.13
N LYS L 32 -16.56 -30.04 7.02
CA LYS L 32 -17.57 -29.19 7.62
C LYS L 32 -18.89 -29.23 6.86
N THR L 33 -18.83 -29.50 5.55
CA THR L 33 -20.03 -29.44 4.72
C THR L 33 -20.32 -30.80 4.07
N GLU L 34 -20.24 -31.88 4.87
CA GLU L 34 -20.57 -33.20 4.36
C GLU L 34 -22.04 -33.32 3.98
N GLU L 35 -22.91 -32.51 4.55
CA GLU L 35 -24.33 -32.58 4.24
C GLU L 35 -24.60 -32.14 2.81
N GLY L 36 -25.66 -32.69 2.23
CA GLY L 36 -26.03 -32.40 0.86
C GLY L 36 -25.51 -33.47 -0.10
N LYS L 37 -25.81 -33.26 -1.38
CA LYS L 37 -25.36 -34.18 -2.41
C LYS L 37 -23.84 -34.21 -2.49
N ASP L 38 -23.21 -33.04 -2.50
CA ASP L 38 -21.76 -32.93 -2.55
C ASP L 38 -21.35 -31.49 -2.23
N PRO L 39 -20.38 -31.28 -1.35
CA PRO L 39 -19.88 -29.91 -1.11
C PRO L 39 -19.35 -29.29 -2.39
N PRO L 40 -19.62 -28.01 -2.62
CA PRO L 40 -19.16 -27.37 -3.86
C PRO L 40 -17.63 -27.31 -3.92
N ILE L 41 -17.11 -27.39 -5.15
CA ILE L 41 -15.68 -27.30 -5.41
C ILE L 41 -15.35 -26.06 -6.23
N LYS L 42 -16.14 -25.80 -7.29
CA LYS L 42 -15.93 -24.60 -8.09
C LYS L 42 -16.17 -23.34 -7.27
N LYS L 43 -17.19 -23.38 -6.39
CA LYS L 43 -17.46 -22.22 -5.54
C LYS L 43 -16.30 -21.93 -4.60
N LYS L 44 -15.63 -22.98 -4.10
CA LYS L 44 -14.46 -22.77 -3.26
C LYS L 44 -13.34 -22.07 -4.03
N VAL L 45 -13.11 -22.49 -5.27
CA VAL L 45 -12.06 -21.86 -6.09
C VAL L 45 -12.42 -20.40 -6.37
N GLU L 46 -13.70 -20.13 -6.67
CA GLU L 46 -14.12 -18.75 -6.90
C GLU L 46 -13.96 -17.91 -5.65
N ARG L 47 -14.28 -18.46 -4.47
CA ARG L 47 -14.06 -17.76 -3.21
C ARG L 47 -12.59 -17.45 -3.01
N LEU L 48 -11.71 -18.42 -3.27
CA LEU L 48 -10.28 -18.20 -3.09
C LEU L 48 -9.77 -17.12 -4.04
N ARG L 49 -10.23 -17.15 -5.29
CA ARG L 49 -9.82 -16.14 -6.25
C ARG L 49 -10.30 -14.75 -5.83
N ALA L 50 -11.54 -14.64 -5.39
CA ALA L 50 -12.08 -13.35 -4.97
C ALA L 50 -11.32 -12.82 -3.76
N GLU L 51 -11.02 -13.69 -2.80
CA GLU L 51 -10.28 -13.26 -1.61
C GLU L 51 -8.85 -12.85 -1.94
N LEU L 52 -8.21 -13.56 -2.87
CA LEU L 52 -6.87 -13.17 -3.29
C LEU L 52 -6.89 -11.84 -4.02
N ASN L 53 -7.88 -11.61 -4.88
CA ASN L 53 -7.99 -10.35 -5.59
C ASN L 53 -8.41 -9.20 -4.68
N TYR L 54 -9.01 -9.51 -3.52
CA TYR L 54 -9.40 -8.46 -2.59
C TYR L 54 -8.19 -7.71 -2.05
N CYS L 55 -7.07 -8.40 -1.89
CA CYS L 55 -5.88 -7.79 -1.29
C CYS L 55 -5.42 -6.59 -2.12
N TYR L 56 -5.10 -5.50 -1.43
CA TYR L 56 -4.75 -4.24 -2.07
C TYR L 56 -3.32 -3.80 -1.85
N ASP L 57 -2.66 -4.29 -0.80
CA ASP L 57 -1.30 -3.88 -0.50
C ASP L 57 -0.51 -5.10 -0.02
N GLU L 58 0.78 -4.88 0.21
CA GLU L 58 1.67 -5.98 0.60
C GLU L 58 1.28 -6.59 1.94
N LEU L 59 0.98 -5.74 2.92
CA LEU L 59 0.71 -6.23 4.27
C LEU L 59 -0.54 -7.11 4.30
N SER L 60 -1.63 -6.63 3.72
CA SER L 60 -2.87 -7.39 3.73
C SER L 60 -2.73 -8.70 2.98
N PHE L 61 -2.10 -8.66 1.81
CA PHE L 61 -1.94 -9.88 1.02
C PHE L 61 -1.07 -10.90 1.74
N LYS L 62 0.03 -10.45 2.36
CA LYS L 62 0.89 -11.40 3.05
C LYS L 62 0.23 -11.94 4.31
N GLU L 63 -0.57 -11.12 5.00
CA GLU L 63 -1.33 -11.62 6.14
C GLU L 63 -2.30 -12.71 5.70
N TYR L 64 -3.03 -12.46 4.60
CA TYR L 64 -3.96 -13.47 4.10
C TYR L 64 -3.22 -14.73 3.66
N LEU L 65 -2.07 -14.56 3.00
CA LEU L 65 -1.31 -15.72 2.52
C LEU L 65 -0.82 -16.57 3.69
N SER L 66 -0.28 -15.95 4.72
CA SER L 66 0.17 -16.70 5.89
C SER L 66 -0.99 -17.39 6.58
N ASP L 67 -2.12 -16.70 6.72
CA ASP L 67 -3.30 -17.30 7.35
C ASP L 67 -3.76 -18.51 6.56
N PHE L 68 -3.83 -18.39 5.23
CA PHE L 68 -4.27 -19.50 4.39
C PHE L 68 -3.29 -20.67 4.47
N LEU L 69 -1.99 -20.36 4.42
CA LEU L 69 -0.98 -21.41 4.46
C LEU L 69 -1.06 -22.19 5.76
N VAL L 70 -1.26 -21.50 6.88
CA VAL L 70 -1.37 -22.19 8.15
C VAL L 70 -2.65 -23.00 8.21
N ARG L 71 -3.76 -22.42 7.73
CA ARG L 71 -5.01 -23.17 7.69
C ARG L 71 -4.91 -24.42 6.82
N GLY L 72 -3.96 -24.44 5.87
CA GLY L 72 -3.80 -25.62 5.04
C GLY L 72 -3.46 -26.87 5.85
N GLY L 73 -2.50 -26.75 6.76
CA GLY L 73 -2.15 -27.88 7.59
C GLY L 73 -0.66 -28.17 7.66
N LEU L 74 -0.29 -29.44 7.46
CA LEU L 74 1.10 -29.85 7.62
C LEU L 74 1.98 -29.19 6.55
N ASN L 75 1.58 -29.30 5.28
CA ASN L 75 2.28 -28.66 4.16
C ASN L 75 3.72 -29.15 4.06
N LYS L 76 3.85 -30.44 3.72
CA LYS L 76 5.15 -31.11 3.75
C LYS L 76 6.21 -30.37 2.95
N TYR L 77 5.81 -29.70 1.87
CA TYR L 77 6.78 -28.98 1.06
C TYR L 77 7.32 -27.77 1.82
N PHE L 78 6.53 -27.19 2.73
CA PHE L 78 7.03 -26.17 3.63
C PHE L 78 7.84 -26.76 4.78
N ASN L 79 7.50 -27.96 5.24
CA ASN L 79 8.36 -28.69 6.16
C ASN L 79 9.78 -28.81 5.63
N GLU L 80 9.92 -29.23 4.37
CA GLU L 80 11.26 -29.47 3.82
C GLU L 80 12.02 -28.19 3.50
N HIS L 81 11.35 -27.04 3.42
CA HIS L 81 12.01 -25.83 2.92
C HIS L 81 11.71 -24.57 3.75
N GLN L 82 11.92 -24.62 5.06
CA GLN L 82 11.70 -23.45 5.91
C GLN L 82 12.31 -22.18 5.35
N GLU L 83 13.64 -22.14 5.27
CA GLU L 83 14.35 -20.89 5.03
C GLU L 83 14.08 -20.36 3.63
N GLU L 84 14.15 -21.23 2.62
CA GLU L 84 13.99 -20.78 1.24
C GLU L 84 12.61 -20.17 1.01
N ILE L 85 11.56 -20.89 1.38
CA ILE L 85 10.21 -20.41 1.13
C ILE L 85 9.89 -19.21 2.02
N ALA L 86 10.37 -19.21 3.26
CA ALA L 86 10.13 -18.08 4.15
C ALA L 86 10.78 -16.81 3.59
N LEU L 87 12.03 -16.91 3.13
CA LEU L 87 12.71 -15.76 2.54
C LEU L 87 12.03 -15.34 1.25
N LEU L 88 11.57 -16.29 0.45
CA LEU L 88 10.88 -15.95 -0.80
C LEU L 88 9.60 -15.17 -0.51
N ILE L 89 8.84 -15.60 0.50
CA ILE L 89 7.60 -14.88 0.84
C ILE L 89 7.92 -13.50 1.40
N LYS L 90 8.93 -13.41 2.26
CA LYS L 90 9.24 -12.13 2.89
C LYS L 90 9.79 -11.12 1.88
N LYS L 91 10.61 -11.58 0.94
CA LYS L 91 11.34 -10.70 0.04
C LYS L 91 10.53 -10.28 -1.19
N SER L 92 9.92 -11.25 -1.87
CA SER L 92 9.36 -10.99 -3.18
C SER L 92 8.20 -9.98 -3.10
N PRO L 93 7.99 -9.19 -4.16
CA PRO L 93 6.83 -8.30 -4.19
C PRO L 93 5.53 -9.09 -4.12
N TRP L 94 4.54 -8.51 -3.43
CA TRP L 94 3.31 -9.24 -3.17
C TRP L 94 2.53 -9.53 -4.45
N GLN L 95 2.69 -8.70 -5.47
CA GLN L 95 1.99 -8.95 -6.73
C GLN L 95 2.49 -10.23 -7.39
N GLU L 96 3.81 -10.46 -7.39
CA GLU L 96 4.35 -11.69 -7.96
C GLU L 96 3.92 -12.91 -7.17
N ILE L 97 3.87 -12.79 -5.83
CA ILE L 97 3.41 -13.91 -5.02
C ILE L 97 1.94 -14.20 -5.29
N ARG L 98 1.13 -13.15 -5.51
CA ARG L 98 -0.26 -13.37 -5.89
C ARG L 98 -0.37 -14.06 -7.24
N ILE L 99 0.48 -13.68 -8.19
CA ILE L 99 0.48 -14.34 -9.49
C ILE L 99 0.81 -15.82 -9.33
N TRP L 100 1.83 -16.13 -8.52
CA TRP L 100 2.20 -17.53 -8.31
C TRP L 100 1.08 -18.30 -7.61
N SER L 101 0.43 -17.67 -6.63
CA SER L 101 -0.66 -18.32 -5.92
C SER L 101 -1.83 -18.62 -6.86
N LEU L 102 -2.17 -17.68 -7.73
CA LEU L 102 -3.24 -17.91 -8.67
C LEU L 102 -2.87 -18.96 -9.71
N LEU L 103 -1.60 -19.00 -10.12
CA LEU L 103 -1.14 -20.08 -11.00
C LEU L 103 -1.28 -21.43 -10.32
N ALA L 104 -0.94 -21.50 -9.03
CA ALA L 104 -1.12 -22.74 -8.28
C ALA L 104 -2.60 -23.11 -8.19
N ILE L 105 -3.47 -22.11 -8.03
CA ILE L 105 -4.90 -22.35 -8.00
C ILE L 105 -5.35 -22.97 -9.32
N ALA L 106 -4.90 -22.38 -10.43
CA ALA L 106 -5.31 -22.85 -11.74
C ALA L 106 -4.81 -24.25 -12.02
N SER L 107 -3.58 -24.56 -11.59
CA SER L 107 -2.96 -25.86 -11.85
C SER L 107 -3.25 -26.88 -10.75
N TYR L 108 -4.37 -26.74 -10.05
CA TYR L 108 -4.70 -27.62 -8.94
C TYR L 108 -5.53 -28.81 -9.41
N LYS L 109 -5.20 -29.99 -8.90
CA LYS L 109 -5.97 -31.19 -9.18
C LYS L 109 -6.69 -31.64 -7.91
N PRO L 110 -8.01 -31.58 -7.85
CA PRO L 110 -8.72 -32.14 -6.70
C PRO L 110 -8.48 -33.63 -6.59
N LYS L 111 -8.43 -34.11 -5.34
CA LYS L 111 -8.17 -35.53 -5.11
C LYS L 111 -9.35 -36.37 -5.58
N ASP L 112 -9.06 -37.42 -6.34
CA ASP L 112 -10.08 -38.31 -6.87
C ASP L 112 -10.55 -39.31 -5.83
#